data_2LMU
#
_entry.id   2LMU
#
loop_
_entity.id
_entity.type
_entity.pdbx_description
1 polymer 'Calmodulin-related protein 97A'
2 non-polymer 'CALCIUM ION'
#
_entity_poly.entity_id   1
_entity_poly.type   'polypeptide(L)'
_entity_poly.pdbx_seq_one_letter_code
;MSELTEEQIAEFKDAFVQFDKEGTGKIATRELGTLMRTLGQNPTEAELQDLIAEAENNNNGQLNFTEFCGIMAKQMRETD
TEEEMREAFKIFDRDGDGFISPAELRFVMINLGEKVTDEEIDEMIREADFDGDGMINYEEFVWMISQK
;
_entity_poly.pdbx_strand_id   A
#
loop_
_chem_comp.id
_chem_comp.type
_chem_comp.name
_chem_comp.formula
CA non-polymer 'CALCIUM ION' 'Ca 2'
#
# COMPACT_ATOMS: atom_id res chain seq x y z
N SER A 2 1.21 11.08 -1.87
CA SER A 2 1.37 10.50 -3.22
C SER A 2 2.77 10.76 -3.77
N GLU A 3 3.54 11.55 -3.03
CA GLU A 3 4.91 11.88 -3.44
C GLU A 3 5.67 12.52 -2.28
N LEU A 4 7.00 12.43 -2.33
CA LEU A 4 7.83 13.00 -1.27
C LEU A 4 8.04 14.50 -1.50
N THR A 5 6.94 15.25 -1.56
CA THR A 5 7.01 16.69 -1.77
C THR A 5 7.36 17.41 -0.46
N GLU A 6 7.88 18.64 -0.57
CA GLU A 6 8.26 19.42 0.60
C GLU A 6 7.28 19.28 1.77
N GLU A 7 5.99 19.46 1.48
CA GLU A 7 4.95 19.38 2.50
C GLU A 7 4.76 17.94 2.97
N GLN A 8 4.70 17.02 2.02
CA GLN A 8 4.53 15.60 2.33
C GLN A 8 5.64 15.13 3.25
N ILE A 9 6.88 15.45 2.89
CA ILE A 9 8.03 15.07 3.68
C ILE A 9 7.87 15.52 5.11
N ALA A 10 7.49 16.78 5.28
CA ALA A 10 7.28 17.35 6.61
C ALA A 10 6.06 16.73 7.29
N GLU A 11 5.15 16.18 6.49
CA GLU A 11 3.93 15.58 7.01
C GLU A 11 4.21 14.30 7.78
N PHE A 12 4.86 13.33 7.13
CA PHE A 12 5.15 12.06 7.79
C PHE A 12 6.38 12.18 8.69
N LYS A 13 7.28 13.10 8.36
CA LYS A 13 8.47 13.31 9.16
C LYS A 13 8.04 13.77 10.55
N ASP A 14 6.96 14.56 10.59
CA ASP A 14 6.41 15.04 11.85
C ASP A 14 5.77 13.88 12.60
N ALA A 15 4.90 13.14 11.93
CA ALA A 15 4.23 12.00 12.52
C ALA A 15 5.25 10.94 12.91
N PHE A 16 6.47 11.07 12.40
CA PHE A 16 7.54 10.13 12.69
C PHE A 16 8.17 10.42 14.05
N VAL A 17 8.46 11.69 14.29
CA VAL A 17 9.07 12.10 15.54
C VAL A 17 8.05 12.07 16.68
N GLN A 18 6.78 12.00 16.31
CA GLN A 18 5.70 11.95 17.30
C GLN A 18 5.61 10.58 17.97
N PHE A 19 6.16 9.56 17.31
CA PHE A 19 6.14 8.19 17.85
C PHE A 19 7.52 7.76 18.35
N ASP A 20 8.47 8.68 18.30
CA ASP A 20 9.82 8.39 18.76
C ASP A 20 9.84 8.08 20.25
N LYS A 21 9.92 6.80 20.59
CA LYS A 21 9.93 6.38 21.99
C LYS A 21 11.35 6.22 22.52
N GLU A 22 12.07 5.23 21.99
CA GLU A 22 13.44 4.96 22.42
C GLU A 22 14.29 6.22 22.44
N GLY A 23 14.20 7.02 21.38
CA GLY A 23 14.96 8.25 21.32
C GLY A 23 16.21 8.10 20.47
N THR A 24 16.42 6.90 19.94
CA THR A 24 17.58 6.61 19.11
C THR A 24 17.37 7.12 17.69
N GLY A 25 16.59 8.21 17.56
CA GLY A 25 16.32 8.75 16.24
C GLY A 25 15.49 7.79 15.42
N LYS A 26 14.92 6.80 16.10
CA LYS A 26 14.11 5.78 15.45
C LYS A 26 12.84 5.50 16.23
N ILE A 27 11.83 4.98 15.54
CA ILE A 27 10.55 4.66 16.18
C ILE A 27 10.29 3.16 16.14
N ALA A 28 9.67 2.65 17.19
CA ALA A 28 9.37 1.22 17.28
C ALA A 28 8.54 0.74 16.11
N THR A 29 8.88 -0.45 15.62
CA THR A 29 8.16 -1.07 14.50
C THR A 29 6.70 -1.31 14.83
N ARG A 30 6.41 -1.44 16.12
CA ARG A 30 5.04 -1.67 16.58
C ARG A 30 4.24 -0.38 16.45
N GLU A 31 4.85 0.64 15.88
CA GLU A 31 4.19 1.93 15.70
C GLU A 31 4.08 2.29 14.22
N LEU A 32 4.84 1.60 13.38
CA LEU A 32 4.81 1.87 11.94
C LEU A 32 3.40 1.75 11.39
N GLY A 33 2.79 0.58 11.61
CA GLY A 33 1.42 0.37 11.12
C GLY A 33 0.50 1.49 11.55
N THR A 34 0.51 1.81 12.84
CA THR A 34 -0.33 2.87 13.37
C THR A 34 0.00 4.19 12.66
N LEU A 35 1.27 4.31 12.28
CA LEU A 35 1.74 5.50 11.57
C LEU A 35 1.19 5.53 10.16
N MET A 36 0.98 4.34 9.60
CA MET A 36 0.44 4.22 8.24
C MET A 36 -1.08 4.41 8.25
N ARG A 37 -1.67 4.32 9.44
CA ARG A 37 -3.11 4.52 9.59
C ARG A 37 -3.44 6.01 9.59
N THR A 38 -2.73 6.76 10.43
CA THR A 38 -2.92 8.20 10.51
C THR A 38 -2.51 8.88 9.20
N LEU A 39 -1.82 8.11 8.36
CA LEU A 39 -1.35 8.59 7.07
C LEU A 39 -2.08 7.85 5.94
N GLY A 40 -2.14 8.49 4.77
CA GLY A 40 -2.82 7.89 3.63
C GLY A 40 -2.22 6.55 3.23
N GLN A 41 -1.15 6.15 3.91
CA GLN A 41 -0.48 4.88 3.63
C GLN A 41 -1.37 3.70 3.99
N ASN A 42 -1.05 2.53 3.43
CA ASN A 42 -1.82 1.32 3.68
C ASN A 42 -1.19 0.11 2.97
N PRO A 43 -0.12 -0.47 3.53
CA PRO A 43 0.54 -1.64 2.94
C PRO A 43 -0.27 -2.91 3.10
N THR A 44 0.37 -4.04 2.82
CA THR A 44 -0.29 -5.34 2.95
C THR A 44 0.02 -5.93 4.33
N GLU A 45 -0.96 -6.60 4.91
CA GLU A 45 -0.78 -7.21 6.23
C GLU A 45 0.58 -7.90 6.34
N ALA A 46 0.91 -8.69 5.33
CA ALA A 46 2.17 -9.42 5.31
C ALA A 46 3.38 -8.48 5.37
N GLU A 47 3.30 -7.38 4.62
CA GLU A 47 4.40 -6.41 4.58
C GLU A 47 4.70 -5.86 5.97
N LEU A 48 3.70 -5.31 6.63
CA LEU A 48 3.89 -4.74 7.97
C LEU A 48 4.35 -5.82 8.94
N GLN A 49 4.00 -7.06 8.65
CA GLN A 49 4.39 -8.19 9.48
C GLN A 49 5.83 -8.59 9.20
N ASP A 50 6.27 -8.34 7.98
CA ASP A 50 7.62 -8.66 7.55
C ASP A 50 8.63 -7.84 8.32
N LEU A 51 8.39 -6.53 8.40
CA LEU A 51 9.28 -5.64 9.11
C LEU A 51 9.24 -5.90 10.62
N ILE A 52 8.03 -6.00 11.18
CA ILE A 52 7.87 -6.23 12.61
C ILE A 52 8.47 -7.56 13.03
N ALA A 53 8.39 -8.56 12.16
CA ALA A 53 8.93 -9.88 12.46
C ALA A 53 10.45 -9.92 12.33
N GLU A 54 10.96 -9.27 11.28
CA GLU A 54 12.40 -9.23 11.05
C GLU A 54 13.09 -8.41 12.13
N ALA A 55 12.55 -7.23 12.40
CA ALA A 55 13.09 -6.34 13.42
C ALA A 55 12.66 -6.76 14.81
N GLU A 56 11.66 -7.65 14.87
CA GLU A 56 11.12 -8.14 16.13
C GLU A 56 12.21 -8.35 17.17
N ASN A 57 13.21 -9.14 16.81
CA ASN A 57 14.32 -9.44 17.71
C ASN A 57 15.66 -9.19 17.05
N ASN A 58 16.13 -7.94 17.12
CA ASN A 58 17.41 -7.55 16.53
C ASN A 58 17.84 -6.19 17.05
N ASN A 59 16.90 -5.26 17.10
CA ASN A 59 17.17 -3.91 17.59
C ASN A 59 15.91 -3.32 18.22
N ASN A 60 15.28 -4.10 19.09
CA ASN A 60 14.05 -3.70 19.79
C ASN A 60 12.99 -3.23 18.79
N GLY A 61 13.20 -3.55 17.52
CA GLY A 61 12.26 -3.15 16.49
C GLY A 61 12.19 -1.65 16.34
N GLN A 62 13.22 -1.07 15.73
CA GLN A 62 13.27 0.38 15.52
C GLN A 62 13.32 0.70 14.02
N LEU A 63 12.85 1.90 13.66
CA LEU A 63 12.82 2.32 12.26
C LEU A 63 13.48 3.67 12.06
N ASN A 64 14.04 3.87 10.87
CA ASN A 64 14.71 5.14 10.54
C ASN A 64 13.94 5.87 9.46
N PHE A 65 14.15 7.17 9.39
CA PHE A 65 13.48 8.00 8.39
C PHE A 65 13.54 7.35 7.02
N THR A 66 14.68 6.76 6.70
CA THR A 66 14.87 6.09 5.42
C THR A 66 14.01 4.83 5.31
N GLU A 67 13.83 4.14 6.43
CA GLU A 67 13.02 2.93 6.46
C GLU A 67 11.57 3.23 6.10
N PHE A 68 10.96 4.15 6.85
CA PHE A 68 9.58 4.53 6.61
C PHE A 68 9.42 5.21 5.26
N CYS A 69 10.18 6.27 5.03
CA CYS A 69 10.10 7.00 3.79
C CYS A 69 10.36 6.07 2.62
N GLY A 70 11.13 5.02 2.86
CA GLY A 70 11.43 4.06 1.83
C GLY A 70 10.18 3.40 1.33
N ILE A 71 9.40 2.86 2.26
CA ILE A 71 8.16 2.21 1.92
C ILE A 71 7.16 3.22 1.38
N MET A 72 7.23 4.43 1.89
CA MET A 72 6.33 5.48 1.46
C MET A 72 6.63 5.83 0.01
N ALA A 73 7.90 5.73 -0.33
CA ALA A 73 8.35 6.00 -1.68
C ALA A 73 7.71 5.01 -2.64
N LYS A 74 7.63 3.76 -2.21
CA LYS A 74 7.03 2.70 -3.03
C LYS A 74 5.53 2.93 -3.18
N GLN A 75 4.83 3.05 -2.05
CA GLN A 75 3.39 3.26 -2.07
C GLN A 75 3.02 4.53 -2.83
N MET A 76 3.69 5.64 -2.51
CA MET A 76 3.44 6.92 -3.18
C MET A 76 3.54 6.76 -4.70
N ARG A 77 4.52 5.97 -5.14
CA ARG A 77 4.74 5.72 -6.56
C ARG A 77 3.43 5.38 -7.26
N GLU A 78 2.51 4.76 -6.52
CA GLU A 78 1.21 4.39 -7.07
C GLU A 78 0.17 4.31 -5.96
N THR A 79 0.16 3.20 -5.24
CA THR A 79 -0.78 2.99 -4.15
C THR A 79 -0.28 1.91 -3.20
N ASP A 80 0.26 0.83 -3.77
CA ASP A 80 0.78 -0.28 -2.98
C ASP A 80 1.64 -1.20 -3.85
N THR A 81 1.56 -1.01 -5.16
CA THR A 81 2.33 -1.81 -6.12
C THR A 81 1.89 -3.28 -6.08
N GLU A 82 0.94 -3.60 -5.21
CA GLU A 82 0.44 -4.96 -5.09
C GLU A 82 -0.58 -5.28 -6.17
N GLU A 83 -1.32 -4.26 -6.61
CA GLU A 83 -2.34 -4.44 -7.63
C GLU A 83 -1.74 -4.93 -8.94
N GLU A 84 -0.48 -4.61 -9.17
CA GLU A 84 0.22 -5.02 -10.39
C GLU A 84 0.36 -6.54 -10.46
N MET A 85 0.61 -7.16 -9.32
CA MET A 85 0.79 -8.60 -9.26
C MET A 85 -0.55 -9.31 -9.38
N ARG A 86 -1.54 -8.80 -8.67
CA ARG A 86 -2.88 -9.38 -8.72
C ARG A 86 -3.42 -9.33 -10.15
N GLU A 87 -3.01 -8.30 -10.87
CA GLU A 87 -3.43 -8.12 -12.26
C GLU A 87 -2.84 -9.23 -13.12
N ALA A 88 -1.54 -9.46 -12.97
CA ALA A 88 -0.86 -10.51 -13.73
C ALA A 88 -1.46 -11.86 -13.41
N PHE A 89 -1.89 -12.05 -12.16
CA PHE A 89 -2.50 -13.30 -11.75
C PHE A 89 -3.74 -13.58 -12.59
N LYS A 90 -4.57 -12.57 -12.74
CA LYS A 90 -5.79 -12.68 -13.53
C LYS A 90 -5.44 -13.07 -14.97
N ILE A 91 -4.42 -12.42 -15.51
CA ILE A 91 -3.96 -12.71 -16.87
C ILE A 91 -3.52 -14.16 -16.99
N PHE A 92 -2.66 -14.57 -16.06
CA PHE A 92 -2.15 -15.93 -16.04
C PHE A 92 -3.27 -16.92 -15.80
N ASP A 93 -4.41 -16.42 -15.35
CA ASP A 93 -5.58 -17.27 -15.10
C ASP A 93 -6.61 -17.10 -16.21
N ARG A 94 -6.48 -17.91 -17.25
CA ARG A 94 -7.39 -17.86 -18.39
C ARG A 94 -8.83 -18.14 -17.97
N ASP A 95 -9.00 -18.79 -16.82
CA ASP A 95 -10.32 -19.12 -16.31
C ASP A 95 -10.70 -18.20 -15.14
N GLY A 96 -11.97 -18.23 -14.78
CA GLY A 96 -12.45 -17.41 -13.69
C GLY A 96 -12.63 -18.21 -12.41
N ASP A 97 -12.22 -19.48 -12.45
CA ASP A 97 -12.34 -20.37 -11.29
C ASP A 97 -11.65 -19.78 -10.08
N GLY A 98 -10.53 -19.10 -10.29
CA GLY A 98 -9.79 -18.50 -9.20
C GLY A 98 -8.42 -19.13 -9.01
N PHE A 99 -8.12 -20.13 -9.84
CA PHE A 99 -6.84 -20.81 -9.76
C PHE A 99 -6.25 -21.01 -11.16
N ILE A 100 -4.94 -21.16 -11.24
CA ILE A 100 -4.26 -21.33 -12.53
C ILE A 100 -3.67 -22.72 -12.68
N SER A 101 -3.66 -23.21 -13.92
CA SER A 101 -3.11 -24.52 -14.24
C SER A 101 -1.89 -24.39 -15.15
N PRO A 102 -0.99 -25.38 -15.14
CA PRO A 102 0.22 -25.35 -15.99
C PRO A 102 -0.07 -24.92 -17.43
N ALA A 103 -1.20 -25.38 -17.95
CA ALA A 103 -1.59 -25.04 -19.32
C ALA A 103 -1.78 -23.54 -19.48
N GLU A 104 -2.63 -22.97 -18.65
CA GLU A 104 -2.90 -21.54 -18.68
C GLU A 104 -1.60 -20.76 -18.54
N LEU A 105 -0.79 -21.19 -17.58
CA LEU A 105 0.49 -20.56 -17.31
C LEU A 105 1.38 -20.61 -18.55
N ARG A 106 1.27 -21.71 -19.28
CA ARG A 106 2.05 -21.93 -20.49
C ARG A 106 1.59 -21.03 -21.65
N PHE A 107 0.30 -20.73 -21.71
CA PHE A 107 -0.23 -19.89 -22.78
C PHE A 107 0.09 -18.42 -22.58
N VAL A 108 -0.04 -17.93 -21.35
CA VAL A 108 0.21 -16.54 -21.05
C VAL A 108 1.68 -16.14 -21.16
N MET A 109 2.57 -16.95 -20.58
CA MET A 109 4.00 -16.65 -20.63
C MET A 109 4.45 -16.42 -22.08
N ILE A 110 3.75 -17.03 -23.02
CA ILE A 110 4.04 -16.86 -24.43
C ILE A 110 3.55 -15.50 -24.91
N ASN A 111 2.40 -15.08 -24.37
CA ASN A 111 1.81 -13.80 -24.72
C ASN A 111 2.76 -12.66 -24.35
N LEU A 112 3.36 -12.78 -23.18
CA LEU A 112 4.30 -11.77 -22.69
C LEU A 112 5.57 -11.77 -23.53
N GLY A 113 6.12 -12.96 -23.74
CA GLY A 113 7.33 -13.09 -24.53
C GLY A 113 8.36 -13.98 -23.87
N GLU A 114 7.98 -14.58 -22.75
CA GLU A 114 8.89 -15.46 -22.01
C GLU A 114 8.61 -16.92 -22.34
N LYS A 115 9.21 -17.40 -23.43
CA LYS A 115 9.03 -18.77 -23.86
C LYS A 115 9.50 -19.74 -22.78
N VAL A 116 8.55 -20.49 -22.21
CA VAL A 116 8.87 -21.44 -21.16
C VAL A 116 8.37 -22.84 -21.50
N THR A 117 9.00 -23.83 -20.89
CA THR A 117 8.62 -25.22 -21.09
C THR A 117 7.66 -25.65 -19.99
N ASP A 118 6.67 -26.46 -20.36
CA ASP A 118 5.67 -26.92 -19.42
C ASP A 118 6.32 -27.50 -18.16
N GLU A 119 7.59 -27.88 -18.26
CA GLU A 119 8.30 -28.46 -17.13
C GLU A 119 8.80 -27.38 -16.16
N GLU A 120 9.56 -26.41 -16.67
CA GLU A 120 10.10 -25.35 -15.82
C GLU A 120 9.00 -24.63 -15.04
N ILE A 121 7.90 -24.31 -15.70
CA ILE A 121 6.81 -23.62 -15.05
C ILE A 121 6.05 -24.55 -14.10
N ASP A 122 5.87 -25.81 -14.52
CA ASP A 122 5.17 -26.78 -13.67
C ASP A 122 5.84 -26.87 -12.31
N GLU A 123 7.16 -26.74 -12.31
CA GLU A 123 7.94 -26.80 -11.08
C GLU A 123 7.70 -25.54 -10.26
N MET A 124 7.66 -24.39 -10.94
CA MET A 124 7.42 -23.12 -10.27
C MET A 124 6.04 -23.13 -9.60
N ILE A 125 5.14 -23.93 -10.15
CA ILE A 125 3.79 -24.04 -9.61
C ILE A 125 3.78 -24.87 -8.33
N ARG A 126 4.48 -26.01 -8.36
CA ARG A 126 4.54 -26.89 -7.21
C ARG A 126 5.22 -26.20 -6.03
N GLU A 127 6.27 -25.45 -6.31
CA GLU A 127 7.01 -24.74 -5.27
C GLU A 127 6.14 -23.64 -4.64
N ALA A 128 5.16 -23.15 -5.38
CA ALA A 128 4.26 -22.11 -4.88
C ALA A 128 2.97 -22.71 -4.34
N ASP A 129 2.69 -23.94 -4.72
CA ASP A 129 1.48 -24.62 -4.28
C ASP A 129 1.70 -25.28 -2.92
N PHE A 130 1.10 -24.71 -1.89
CA PHE A 130 1.23 -25.23 -0.53
C PHE A 130 0.10 -26.20 -0.20
N ASP A 131 -1.14 -25.76 -0.39
CA ASP A 131 -2.31 -26.59 -0.09
C ASP A 131 -2.20 -27.96 -0.75
N GLY A 132 -1.77 -27.99 -2.00
CA GLY A 132 -1.62 -29.26 -2.71
C GLY A 132 -2.79 -29.55 -3.65
N ASP A 133 -2.83 -28.85 -4.78
CA ASP A 133 -3.89 -29.05 -5.76
C ASP A 133 -3.39 -28.79 -7.18
N GLY A 134 -2.10 -28.50 -7.31
CA GLY A 134 -1.53 -28.24 -8.63
C GLY A 134 -2.06 -26.98 -9.27
N MET A 135 -2.73 -26.15 -8.48
CA MET A 135 -3.30 -24.90 -8.98
C MET A 135 -2.73 -23.71 -8.19
N ILE A 136 -2.74 -22.53 -8.82
CA ILE A 136 -2.22 -21.33 -8.18
C ILE A 136 -3.31 -20.30 -7.90
N ASN A 137 -3.27 -19.75 -6.69
CA ASN A 137 -4.22 -18.73 -6.27
C ASN A 137 -3.48 -17.41 -6.04
N TYR A 138 -4.19 -16.29 -6.09
CA TYR A 138 -3.56 -14.99 -5.88
C TYR A 138 -2.50 -15.04 -4.78
N GLU A 139 -2.67 -15.97 -3.84
CA GLU A 139 -1.71 -16.11 -2.75
C GLU A 139 -0.45 -16.84 -3.21
N GLU A 140 -0.64 -18.03 -3.78
CA GLU A 140 0.49 -18.82 -4.29
C GLU A 140 1.21 -18.05 -5.38
N PHE A 141 0.47 -17.19 -6.08
CA PHE A 141 1.02 -16.38 -7.15
C PHE A 141 1.99 -15.34 -6.59
N VAL A 142 1.50 -14.55 -5.64
CA VAL A 142 2.31 -13.51 -5.00
C VAL A 142 3.64 -14.07 -4.51
N TRP A 143 3.60 -15.29 -3.99
CA TRP A 143 4.81 -15.93 -3.48
C TRP A 143 5.84 -16.20 -4.57
N MET A 144 5.43 -16.91 -5.62
CA MET A 144 6.33 -17.27 -6.71
C MET A 144 6.79 -16.06 -7.51
N ILE A 145 5.89 -15.11 -7.73
CA ILE A 145 6.24 -13.93 -8.51
C ILE A 145 7.28 -13.07 -7.80
N SER A 146 7.21 -13.03 -6.49
CA SER A 146 8.15 -12.25 -5.69
C SER A 146 9.56 -12.83 -5.82
N GLN A 147 9.64 -14.05 -6.33
CA GLN A 147 10.91 -14.74 -6.52
C GLN A 147 11.61 -14.27 -7.79
N LYS A 148 10.89 -13.50 -8.61
CA LYS A 148 11.43 -12.99 -9.87
C LYS A 148 12.36 -11.82 -9.61
CA CA B . -7.91 -21.21 -14.30
CA CA C . -2.71 -24.38 -4.82
N SER A 2 1.23 12.68 -2.80
CA SER A 2 1.55 11.56 -3.70
C SER A 2 2.97 11.70 -4.26
N GLU A 3 3.84 12.33 -3.48
CA GLU A 3 5.22 12.54 -3.89
C GLU A 3 6.05 13.07 -2.73
N LEU A 4 7.37 13.07 -2.88
CA LEU A 4 8.27 13.56 -1.84
C LEU A 4 8.45 15.07 -1.94
N THR A 5 7.36 15.80 -1.83
CA THR A 5 7.40 17.26 -1.90
C THR A 5 7.77 17.84 -0.54
N GLU A 6 8.18 19.11 -0.52
CA GLU A 6 8.56 19.79 0.72
C GLU A 6 7.55 19.55 1.84
N GLU A 7 6.27 19.76 1.53
CA GLU A 7 5.21 19.59 2.51
C GLU A 7 4.98 18.12 2.85
N GLN A 8 4.99 17.28 1.83
CA GLN A 8 4.78 15.85 2.02
C GLN A 8 5.85 15.26 2.94
N ILE A 9 7.11 15.60 2.65
CA ILE A 9 8.23 15.12 3.45
C ILE A 9 8.04 15.49 4.91
N ALA A 10 7.72 16.76 5.15
CA ALA A 10 7.51 17.26 6.49
C ALA A 10 6.23 16.71 7.11
N GLU A 11 5.32 16.23 6.25
CA GLU A 11 4.05 15.69 6.70
C GLU A 11 4.22 14.37 7.43
N PHE A 12 4.84 13.39 6.77
CA PHE A 12 5.04 12.09 7.39
C PHE A 12 6.22 12.10 8.34
N LYS A 13 7.18 12.99 8.08
CA LYS A 13 8.35 13.11 8.96
C LYS A 13 7.89 13.55 10.34
N ASP A 14 6.88 14.44 10.36
CA ASP A 14 6.33 14.92 11.62
C ASP A 14 5.58 13.78 12.30
N ALA A 15 4.76 13.08 11.52
CA ALA A 15 4.00 11.96 12.04
C ALA A 15 4.94 10.83 12.49
N PHE A 16 6.18 10.90 12.03
CA PHE A 16 7.19 9.90 12.37
C PHE A 16 7.80 10.17 13.74
N VAL A 17 8.13 11.42 14.01
CA VAL A 17 8.71 11.80 15.27
C VAL A 17 7.70 11.69 16.40
N GLN A 18 6.42 11.73 16.03
CA GLN A 18 5.35 11.62 17.01
C GLN A 18 5.35 10.25 17.69
N PHE A 19 5.96 9.27 17.05
CA PHE A 19 6.02 7.92 17.60
C PHE A 19 7.44 7.56 18.06
N ASP A 20 8.34 8.52 18.04
CA ASP A 20 9.72 8.28 18.46
C ASP A 20 9.79 8.11 19.97
N LYS A 21 9.87 6.85 20.42
CA LYS A 21 9.93 6.55 21.84
C LYS A 21 11.35 6.25 22.32
N GLU A 22 11.97 5.23 21.73
CA GLU A 22 13.32 4.83 22.10
C GLU A 22 14.27 6.02 22.17
N GLY A 23 14.25 6.85 21.14
CA GLY A 23 15.12 8.01 21.10
C GLY A 23 16.31 7.83 20.19
N THR A 24 16.51 6.61 19.70
CA THR A 24 17.62 6.31 18.81
C THR A 24 17.33 6.80 17.39
N GLY A 25 16.59 7.90 17.28
CA GLY A 25 16.23 8.41 15.98
C GLY A 25 15.38 7.41 15.22
N LYS A 26 14.90 6.41 15.94
CA LYS A 26 14.08 5.35 15.37
C LYS A 26 12.82 5.14 16.21
N ILE A 27 11.78 4.61 15.57
CA ILE A 27 10.51 4.35 16.26
C ILE A 27 10.21 2.86 16.33
N ALA A 28 9.62 2.43 17.44
CA ALA A 28 9.29 1.03 17.62
C ALA A 28 8.43 0.53 16.45
N THR A 29 8.84 -0.59 15.86
CA THR A 29 8.12 -1.18 14.74
C THR A 29 6.68 -1.49 15.10
N ARG A 30 6.41 -1.62 16.41
CA ARG A 30 5.08 -1.91 16.90
C ARG A 30 4.17 -0.69 16.79
N GLU A 31 4.76 0.43 16.40
CA GLU A 31 4.01 1.68 16.25
C GLU A 31 3.93 2.09 14.78
N LEU A 32 4.83 1.56 13.97
CA LEU A 32 4.86 1.86 12.54
C LEU A 32 3.50 1.60 11.92
N GLY A 33 2.87 0.49 12.32
CA GLY A 33 1.55 0.16 11.79
C GLY A 33 0.57 1.28 12.02
N THR A 34 0.70 1.94 13.17
CA THR A 34 -0.16 3.07 13.50
C THR A 34 0.20 4.27 12.65
N LEU A 35 1.49 4.38 12.32
CA LEU A 35 1.98 5.47 11.50
C LEU A 35 1.35 5.39 10.12
N MET A 36 1.08 4.16 9.70
CA MET A 36 0.47 3.90 8.40
C MET A 36 -1.01 4.24 8.42
N ARG A 37 -1.65 3.95 9.56
CA ARG A 37 -3.07 4.22 9.73
C ARG A 37 -3.35 5.72 9.76
N THR A 38 -2.49 6.47 10.45
CA THR A 38 -2.66 7.92 10.56
C THR A 38 -2.35 8.62 9.24
N LEU A 39 -1.71 7.90 8.34
CA LEU A 39 -1.34 8.43 7.03
C LEU A 39 -2.08 7.69 5.92
N GLY A 40 -2.22 8.34 4.77
CA GLY A 40 -2.91 7.72 3.64
C GLY A 40 -2.29 6.39 3.23
N GLN A 41 -1.14 6.06 3.82
CA GLN A 41 -0.44 4.81 3.52
C GLN A 41 -1.29 3.60 3.92
N ASN A 42 -0.83 2.41 3.50
CA ASN A 42 -1.53 1.16 3.81
C ASN A 42 -0.74 -0.04 3.27
N PRO A 43 0.30 -0.48 4.00
CA PRO A 43 1.13 -1.62 3.59
C PRO A 43 0.37 -2.94 3.67
N THR A 44 1.04 -4.02 3.27
CA THR A 44 0.44 -5.35 3.31
C THR A 44 0.53 -5.94 4.71
N GLU A 45 -0.51 -6.64 5.14
CA GLU A 45 -0.53 -7.24 6.46
C GLU A 45 0.75 -8.02 6.73
N ALA A 46 1.07 -8.95 5.82
CA ALA A 46 2.26 -9.78 5.94
C ALA A 46 3.52 -8.93 5.99
N GLU A 47 3.55 -7.86 5.19
CA GLU A 47 4.72 -6.99 5.13
C GLU A 47 5.00 -6.37 6.49
N LEU A 48 3.97 -5.78 7.09
CA LEU A 48 4.09 -5.15 8.39
C LEU A 48 4.56 -6.17 9.42
N GLN A 49 4.19 -7.43 9.20
CA GLN A 49 4.57 -8.52 10.08
C GLN A 49 6.00 -8.94 9.83
N ASP A 50 6.45 -8.77 8.60
CA ASP A 50 7.82 -9.15 8.23
C ASP A 50 8.83 -8.30 8.98
N LEU A 51 8.61 -6.99 9.01
CA LEU A 51 9.50 -6.10 9.71
C LEU A 51 9.43 -6.31 11.22
N ILE A 52 8.21 -6.39 11.74
CA ILE A 52 8.01 -6.59 13.17
C ILE A 52 8.55 -7.95 13.63
N ALA A 53 8.57 -8.93 12.73
CA ALA A 53 9.07 -10.26 13.06
C ALA A 53 10.58 -10.27 13.16
N GLU A 54 11.24 -9.78 12.11
CA GLU A 54 12.69 -9.73 12.08
C GLU A 54 13.22 -8.78 13.15
N ALA A 55 12.56 -7.63 13.28
CA ALA A 55 12.94 -6.62 14.26
C ALA A 55 12.43 -6.97 15.66
N GLU A 56 11.51 -7.94 15.73
CA GLU A 56 10.91 -8.36 16.99
C GLU A 56 11.96 -8.49 18.10
N ASN A 57 12.99 -9.29 17.84
CA ASN A 57 14.04 -9.51 18.82
C ASN A 57 15.42 -9.50 18.17
N ASN A 58 15.95 -8.30 17.95
CA ASN A 58 17.26 -8.12 17.34
C ASN A 58 17.61 -6.64 17.26
N ASN A 59 16.70 -5.80 17.75
CA ASN A 59 16.88 -4.35 17.74
C ASN A 59 15.74 -3.66 18.49
N ASN A 60 14.95 -4.47 19.21
CA ASN A 60 13.81 -3.96 19.97
C ASN A 60 12.72 -3.47 19.03
N GLY A 61 12.96 -3.63 17.74
CA GLY A 61 12.01 -3.17 16.76
C GLY A 61 12.09 -1.67 16.60
N GLN A 62 12.79 -1.21 15.57
CA GLN A 62 12.96 0.21 15.34
C GLN A 62 12.81 0.55 13.86
N LEU A 63 12.45 1.80 13.60
CA LEU A 63 12.24 2.28 12.24
C LEU A 63 13.08 3.51 11.95
N ASN A 64 13.57 3.61 10.72
CA ASN A 64 14.40 4.73 10.31
C ASN A 64 13.67 5.60 9.30
N PHE A 65 13.93 6.90 9.34
CA PHE A 65 13.31 7.85 8.43
C PHE A 65 13.40 7.36 6.98
N THR A 66 14.59 6.94 6.60
CA THR A 66 14.83 6.45 5.24
C THR A 66 13.97 5.23 4.93
N GLU A 67 13.72 4.39 5.94
CA GLU A 67 12.91 3.20 5.75
C GLU A 67 11.46 3.56 5.46
N PHE A 68 10.85 4.33 6.36
CA PHE A 68 9.46 4.75 6.19
C PHE A 68 9.32 5.58 4.93
N CYS A 69 10.19 6.58 4.79
CA CYS A 69 10.18 7.46 3.62
C CYS A 69 10.34 6.64 2.35
N GLY A 70 11.12 5.56 2.46
CA GLY A 70 11.33 4.69 1.32
C GLY A 70 10.04 4.10 0.83
N ILE A 71 9.19 3.70 1.77
CA ILE A 71 7.91 3.12 1.44
C ILE A 71 6.93 4.21 1.07
N MET A 72 7.09 5.38 1.66
CA MET A 72 6.19 6.49 1.37
C MET A 72 6.33 6.85 -0.09
N ALA A 73 7.57 6.80 -0.54
CA ALA A 73 7.90 7.09 -1.92
C ALA A 73 7.27 6.05 -2.84
N LYS A 74 7.40 4.80 -2.44
CA LYS A 74 6.86 3.67 -3.20
C LYS A 74 5.33 3.76 -3.35
N GLN A 75 4.64 4.04 -2.24
CA GLN A 75 3.19 4.12 -2.26
C GLN A 75 2.69 5.45 -2.84
N MET A 76 3.15 6.56 -2.28
CA MET A 76 2.74 7.88 -2.75
C MET A 76 2.92 7.97 -4.26
N ARG A 77 3.85 7.19 -4.78
CA ARG A 77 4.12 7.16 -6.22
C ARG A 77 2.97 6.51 -6.96
N GLU A 78 2.62 5.28 -6.57
CA GLU A 78 1.54 4.53 -7.18
C GLU A 78 1.33 3.18 -6.50
N THR A 79 2.17 2.22 -6.87
CA THR A 79 2.08 0.87 -6.31
C THR A 79 2.23 0.88 -4.79
N ASP A 80 1.41 0.08 -4.12
CA ASP A 80 1.46 -0.01 -2.66
C ASP A 80 1.64 -1.45 -2.20
N THR A 81 1.90 -2.33 -3.18
CA THR A 81 2.11 -3.76 -2.94
C THR A 81 1.91 -4.56 -4.22
N GLU A 82 1.25 -3.94 -5.21
CA GLU A 82 1.00 -4.59 -6.49
C GLU A 82 2.27 -5.24 -7.06
N GLU A 83 3.40 -4.60 -6.81
CA GLU A 83 4.69 -5.12 -7.28
C GLU A 83 5.08 -6.38 -6.52
N GLU A 84 4.77 -6.38 -5.23
CA GLU A 84 5.07 -7.52 -4.37
C GLU A 84 4.12 -8.69 -4.68
N MET A 85 2.91 -8.35 -5.09
CA MET A 85 1.91 -9.35 -5.41
C MET A 85 2.23 -10.00 -6.75
N ARG A 86 2.71 -9.19 -7.69
CA ARG A 86 3.07 -9.70 -9.00
C ARG A 86 4.23 -10.67 -8.88
N GLU A 87 5.19 -10.32 -8.03
CA GLU A 87 6.35 -11.17 -7.78
C GLU A 87 5.90 -12.53 -7.30
N ALA A 88 4.96 -12.54 -6.36
CA ALA A 88 4.42 -13.78 -5.82
C ALA A 88 3.83 -14.63 -6.94
N PHE A 89 3.13 -13.96 -7.86
CA PHE A 89 2.51 -14.64 -8.99
C PHE A 89 3.57 -15.31 -9.85
N LYS A 90 4.72 -14.63 -9.98
CA LYS A 90 5.83 -15.14 -10.78
C LYS A 90 6.40 -16.41 -10.15
N ILE A 91 6.52 -16.42 -8.83
CA ILE A 91 7.06 -17.58 -8.11
C ILE A 91 6.19 -18.80 -8.33
N PHE A 92 4.87 -18.62 -8.27
CA PHE A 92 3.94 -19.73 -8.45
C PHE A 92 3.84 -20.12 -9.92
N ASP A 93 4.18 -19.19 -10.81
CA ASP A 93 4.14 -19.46 -12.25
C ASP A 93 5.45 -20.11 -12.69
N ARG A 94 5.44 -21.44 -12.78
CA ARG A 94 6.62 -22.20 -13.17
C ARG A 94 6.92 -22.07 -14.66
N ASP A 95 6.14 -21.26 -15.36
CA ASP A 95 6.35 -21.05 -16.78
C ASP A 95 6.28 -19.57 -17.14
N GLY A 96 6.71 -19.24 -18.35
CA GLY A 96 6.69 -17.86 -18.80
C GLY A 96 5.47 -17.56 -19.65
N ASP A 97 4.56 -18.54 -19.73
CA ASP A 97 3.35 -18.38 -20.52
C ASP A 97 2.55 -17.17 -20.04
N GLY A 98 2.64 -16.88 -18.75
CA GLY A 98 1.92 -15.75 -18.19
C GLY A 98 0.72 -16.18 -17.38
N PHE A 99 0.55 -17.49 -17.23
CA PHE A 99 -0.57 -18.04 -16.47
C PHE A 99 -0.10 -19.21 -15.61
N ILE A 100 -0.84 -19.50 -14.54
CA ILE A 100 -0.49 -20.58 -13.62
C ILE A 100 -1.51 -21.71 -13.68
N SER A 101 -1.03 -22.93 -13.52
CA SER A 101 -1.87 -24.12 -13.56
C SER A 101 -1.86 -24.82 -12.20
N PRO A 102 -2.92 -25.61 -11.89
CA PRO A 102 -3.01 -26.34 -10.62
C PRO A 102 -1.78 -27.21 -10.34
N ALA A 103 -1.14 -27.68 -11.40
CA ALA A 103 0.05 -28.53 -11.26
C ALA A 103 1.25 -27.73 -10.79
N GLU A 104 1.42 -26.54 -11.34
CA GLU A 104 2.53 -25.68 -10.99
C GLU A 104 2.24 -24.95 -9.70
N LEU A 105 0.95 -24.79 -9.41
CA LEU A 105 0.52 -24.13 -8.21
C LEU A 105 0.74 -25.03 -6.99
N ARG A 106 0.41 -26.30 -7.17
CA ARG A 106 0.56 -27.29 -6.10
C ARG A 106 2.03 -27.60 -5.83
N PHE A 107 2.84 -27.57 -6.88
CA PHE A 107 4.27 -27.86 -6.75
C PHE A 107 5.04 -26.72 -6.08
N VAL A 108 4.64 -25.48 -6.35
CA VAL A 108 5.33 -24.33 -5.77
C VAL A 108 4.92 -24.08 -4.32
N MET A 109 3.61 -24.02 -4.06
CA MET A 109 3.11 -23.77 -2.72
C MET A 109 3.78 -24.66 -1.68
N ILE A 110 4.17 -25.87 -2.10
CA ILE A 110 4.84 -26.81 -1.20
C ILE A 110 6.24 -26.32 -0.87
N ASN A 111 6.91 -25.74 -1.86
CA ASN A 111 8.26 -25.21 -1.69
C ASN A 111 8.27 -24.12 -0.62
N LEU A 112 7.23 -23.29 -0.62
CA LEU A 112 7.12 -22.20 0.35
C LEU A 112 6.88 -22.77 1.74
N GLY A 113 6.27 -23.94 1.80
CA GLY A 113 5.99 -24.59 3.07
C GLY A 113 4.54 -24.46 3.47
N GLU A 114 3.69 -24.11 2.52
CA GLU A 114 2.27 -23.94 2.78
C GLU A 114 1.55 -25.30 2.86
N LYS A 115 2.09 -26.28 2.13
CA LYS A 115 1.51 -27.62 2.13
C LYS A 115 0.02 -27.57 1.76
N VAL A 116 -0.26 -27.70 0.47
CA VAL A 116 -1.64 -27.68 -0.02
C VAL A 116 -1.93 -28.85 -0.94
N THR A 117 -3.21 -29.20 -1.03
CA THR A 117 -3.65 -30.30 -1.87
C THR A 117 -4.16 -29.77 -3.20
N ASP A 118 -4.02 -30.56 -4.26
CA ASP A 118 -4.46 -30.16 -5.58
C ASP A 118 -5.94 -29.77 -5.59
N GLU A 119 -6.66 -30.18 -4.55
CA GLU A 119 -8.08 -29.88 -4.44
C GLU A 119 -8.33 -28.45 -3.95
N GLU A 120 -7.75 -28.09 -2.81
CA GLU A 120 -7.94 -26.77 -2.23
C GLU A 120 -7.45 -25.67 -3.17
N ILE A 121 -6.33 -25.90 -3.85
CA ILE A 121 -5.78 -24.90 -4.75
C ILE A 121 -6.55 -24.85 -6.07
N ASP A 122 -6.97 -26.02 -6.56
CA ASP A 122 -7.72 -26.06 -7.81
C ASP A 122 -9.01 -25.28 -7.65
N GLU A 123 -9.54 -25.27 -6.42
CA GLU A 123 -10.75 -24.53 -6.12
C GLU A 123 -10.47 -23.04 -6.13
N MET A 124 -9.33 -22.65 -5.54
CA MET A 124 -8.94 -21.25 -5.51
C MET A 124 -8.75 -20.72 -6.92
N ILE A 125 -8.32 -21.61 -7.81
CA ILE A 125 -8.11 -21.25 -9.21
C ILE A 125 -9.44 -21.02 -9.92
N ARG A 126 -10.42 -21.86 -9.61
CA ARG A 126 -11.74 -21.75 -10.21
C ARG A 126 -12.44 -20.47 -9.75
N GLU A 127 -12.35 -20.19 -8.46
CA GLU A 127 -12.97 -18.99 -7.89
C GLU A 127 -12.32 -17.73 -8.44
N ALA A 128 -11.02 -17.81 -8.73
CA ALA A 128 -10.29 -16.68 -9.27
C ALA A 128 -10.40 -16.60 -10.79
N ASP A 129 -10.73 -17.73 -11.40
CA ASP A 129 -10.88 -17.79 -12.85
C ASP A 129 -12.23 -17.23 -13.30
N PHE A 130 -12.21 -16.04 -13.89
CA PHE A 130 -13.42 -15.40 -14.37
C PHE A 130 -13.63 -15.64 -15.87
N ASP A 131 -12.56 -15.94 -16.58
CA ASP A 131 -12.64 -16.18 -18.02
C ASP A 131 -13.01 -17.63 -18.31
N GLY A 132 -12.21 -18.56 -17.82
CA GLY A 132 -12.48 -19.97 -18.04
C GLY A 132 -11.45 -20.63 -18.94
N ASP A 133 -10.27 -20.92 -18.38
CA ASP A 133 -9.21 -21.57 -19.14
C ASP A 133 -8.35 -22.45 -18.23
N GLY A 134 -8.73 -22.54 -16.96
CA GLY A 134 -7.99 -23.36 -16.02
C GLY A 134 -6.60 -22.81 -15.73
N MET A 135 -6.45 -21.49 -15.89
CA MET A 135 -5.16 -20.85 -15.65
C MET A 135 -5.33 -19.54 -14.90
N ILE A 136 -4.28 -19.12 -14.19
CA ILE A 136 -4.33 -17.89 -13.41
C ILE A 136 -3.38 -16.83 -13.96
N ASN A 137 -3.90 -15.62 -14.14
CA ASN A 137 -3.12 -14.50 -14.63
C ASN A 137 -3.01 -13.44 -13.54
N TYR A 138 -2.00 -12.57 -13.63
CA TYR A 138 -1.79 -11.52 -12.63
C TYR A 138 -3.12 -10.92 -12.15
N GLU A 139 -4.15 -11.00 -12.99
CA GLU A 139 -5.46 -10.45 -12.62
C GLU A 139 -6.20 -11.39 -11.67
N GLU A 140 -6.36 -12.65 -12.07
CA GLU A 140 -7.03 -13.64 -11.23
C GLU A 140 -6.25 -13.83 -9.94
N PHE A 141 -4.93 -13.75 -10.04
CA PHE A 141 -4.05 -13.92 -8.88
C PHE A 141 -4.33 -12.83 -7.85
N VAL A 142 -4.23 -11.57 -8.28
CA VAL A 142 -4.46 -10.43 -7.40
C VAL A 142 -5.80 -10.56 -6.67
N TRP A 143 -6.80 -11.10 -7.36
CA TRP A 143 -8.12 -11.26 -6.78
C TRP A 143 -8.13 -12.29 -5.65
N MET A 144 -7.59 -13.47 -5.91
CA MET A 144 -7.58 -14.54 -4.91
C MET A 144 -6.62 -14.27 -3.76
N ILE A 145 -5.48 -13.65 -4.06
CA ILE A 145 -4.49 -13.35 -3.04
C ILE A 145 -5.00 -12.30 -2.06
N SER A 146 -5.81 -11.38 -2.57
CA SER A 146 -6.38 -10.31 -1.74
C SER A 146 -7.34 -10.89 -0.71
N GLN A 147 -7.74 -12.14 -0.93
CA GLN A 147 -8.66 -12.82 -0.04
C GLN A 147 -7.95 -13.37 1.20
N LYS A 148 -6.65 -13.62 1.06
CA LYS A 148 -5.85 -14.14 2.17
C LYS A 148 -5.74 -13.11 3.28
CA CA B . 2.63 -21.42 -16.07
CA CA C . -8.34 -18.03 -15.86
N SER A 2 0.28 11.50 -4.66
CA SER A 2 1.22 11.98 -3.63
C SER A 2 2.66 11.89 -4.12
N GLU A 3 3.57 12.58 -3.43
CA GLU A 3 4.97 12.58 -3.80
C GLU A 3 5.83 13.07 -2.64
N LEU A 4 7.13 12.86 -2.73
CA LEU A 4 8.05 13.29 -1.67
C LEU A 4 8.32 14.79 -1.79
N THR A 5 7.26 15.59 -1.72
CA THR A 5 7.37 17.04 -1.82
C THR A 5 7.67 17.65 -0.45
N GLU A 6 8.09 18.92 -0.43
CA GLU A 6 8.42 19.61 0.81
C GLU A 6 7.36 19.40 1.90
N GLU A 7 6.08 19.59 1.54
CA GLU A 7 4.99 19.44 2.48
C GLU A 7 4.81 17.99 2.89
N GLN A 8 4.72 17.10 1.91
CA GLN A 8 4.56 15.68 2.17
C GLN A 8 5.67 15.15 3.08
N ILE A 9 6.91 15.49 2.73
CA ILE A 9 8.05 15.07 3.51
C ILE A 9 7.90 15.46 4.97
N ALA A 10 7.43 16.68 5.19
CA ALA A 10 7.23 17.19 6.54
C ALA A 10 5.99 16.58 7.19
N GLU A 11 5.09 16.06 6.37
CA GLU A 11 3.86 15.46 6.86
C GLU A 11 4.13 14.16 7.61
N PHE A 12 4.79 13.21 6.95
CA PHE A 12 5.09 11.93 7.59
C PHE A 12 6.30 12.05 8.50
N LYS A 13 7.23 12.94 8.19
CA LYS A 13 8.41 13.14 9.02
C LYS A 13 7.98 13.62 10.40
N ASP A 14 6.91 14.42 10.43
CA ASP A 14 6.38 14.94 11.68
C ASP A 14 5.68 13.82 12.46
N ALA A 15 4.80 13.10 11.77
CA ALA A 15 4.08 11.99 12.39
C ALA A 15 5.05 10.89 12.78
N PHE A 16 6.27 10.97 12.25
CA PHE A 16 7.31 9.99 12.52
C PHE A 16 7.98 10.26 13.86
N VAL A 17 8.34 11.51 14.09
CA VAL A 17 8.99 11.90 15.33
C VAL A 17 8.01 11.83 16.50
N GLN A 18 6.72 11.86 16.17
CA GLN A 18 5.67 11.79 17.19
C GLN A 18 5.67 10.43 17.87
N PHE A 19 6.20 9.42 17.20
CA PHE A 19 6.24 8.07 17.74
C PHE A 19 7.63 7.72 18.26
N ASP A 20 8.57 8.64 18.12
CA ASP A 20 9.93 8.42 18.58
C ASP A 20 9.96 8.21 20.10
N LYS A 21 10.08 6.96 20.52
CA LYS A 21 10.10 6.63 21.94
C LYS A 21 11.52 6.44 22.45
N GLU A 22 12.22 5.46 21.90
CA GLU A 22 13.60 5.16 22.31
C GLU A 22 14.47 6.41 22.31
N GLY A 23 14.26 7.28 21.32
CA GLY A 23 15.05 8.49 21.24
C GLY A 23 16.29 8.34 20.39
N THR A 24 16.51 7.12 19.88
CA THR A 24 17.66 6.84 19.05
C THR A 24 17.41 7.24 17.60
N GLY A 25 16.65 8.31 17.41
CA GLY A 25 16.35 8.77 16.07
C GLY A 25 15.54 7.75 15.30
N LYS A 26 15.04 6.74 16.02
CA LYS A 26 14.25 5.68 15.41
C LYS A 26 12.98 5.44 16.21
N ILE A 27 11.96 4.90 15.54
CA ILE A 27 10.70 4.62 16.20
C ILE A 27 10.41 3.12 16.24
N ALA A 28 9.61 2.70 17.21
CA ALA A 28 9.28 1.29 17.37
C ALA A 28 8.34 0.82 16.26
N THR A 29 8.68 -0.30 15.64
CA THR A 29 7.88 -0.88 14.56
C THR A 29 6.46 -1.19 15.03
N ARG A 30 6.32 -1.51 16.32
CA ARG A 30 5.02 -1.84 16.88
C ARG A 30 4.09 -0.63 16.83
N GLU A 31 4.65 0.52 16.48
CA GLU A 31 3.88 1.76 16.39
C GLU A 31 3.73 2.20 14.94
N LEU A 32 4.54 1.60 14.06
CA LEU A 32 4.51 1.94 12.64
C LEU A 32 3.11 1.74 12.07
N GLY A 33 2.49 0.61 12.38
CA GLY A 33 1.14 0.34 11.88
C GLY A 33 0.21 1.50 12.15
N THR A 34 0.22 1.99 13.39
CA THR A 34 -0.62 3.12 13.76
C THR A 34 -0.23 4.34 12.96
N LEU A 35 1.06 4.42 12.62
CA LEU A 35 1.59 5.53 11.83
C LEU A 35 1.10 5.43 10.39
N MET A 36 0.78 4.20 9.96
CA MET A 36 0.28 3.98 8.61
C MET A 36 -1.20 4.32 8.54
N ARG A 37 -1.87 4.24 9.68
CA ARG A 37 -3.30 4.55 9.75
C ARG A 37 -3.53 6.06 9.72
N THR A 38 -2.80 6.79 10.56
CA THR A 38 -2.92 8.24 10.61
C THR A 38 -2.52 8.87 9.29
N LEU A 39 -1.87 8.08 8.44
CA LEU A 39 -1.45 8.52 7.12
C LEU A 39 -2.21 7.78 6.03
N GLY A 40 -2.31 8.39 4.85
CA GLY A 40 -3.00 7.77 3.75
C GLY A 40 -2.34 6.48 3.29
N GLN A 41 -1.23 6.13 3.94
CA GLN A 41 -0.50 4.92 3.59
C GLN A 41 -1.30 3.67 3.98
N ASN A 42 -0.91 2.53 3.40
CA ASN A 42 -1.58 1.27 3.69
C ASN A 42 -0.71 0.09 3.22
N PRO A 43 0.34 -0.23 4.00
CA PRO A 43 1.25 -1.33 3.68
C PRO A 43 0.55 -2.68 3.65
N THR A 44 1.00 -3.56 2.76
CA THR A 44 0.41 -4.89 2.64
C THR A 44 0.53 -5.65 3.96
N GLU A 45 -0.50 -6.42 4.29
CA GLU A 45 -0.51 -7.19 5.53
C GLU A 45 0.82 -7.91 5.75
N ALA A 46 1.24 -8.67 4.75
CA ALA A 46 2.49 -9.41 4.82
C ALA A 46 3.68 -8.49 5.03
N GLU A 47 3.67 -7.34 4.35
CA GLU A 47 4.76 -6.39 4.45
C GLU A 47 4.93 -5.89 5.88
N LEU A 48 3.83 -5.44 6.47
CA LEU A 48 3.85 -4.94 7.84
C LEU A 48 4.39 -6.01 8.79
N GLN A 49 4.09 -7.26 8.48
CA GLN A 49 4.53 -8.39 9.28
C GLN A 49 6.01 -8.69 9.02
N ASP A 50 6.46 -8.38 7.81
CA ASP A 50 7.85 -8.62 7.43
C ASP A 50 8.79 -7.75 8.24
N LEU A 51 8.47 -6.46 8.35
CA LEU A 51 9.30 -5.54 9.10
C LEU A 51 9.26 -5.87 10.59
N ILE A 52 8.07 -6.15 11.11
CA ILE A 52 7.90 -6.48 12.51
C ILE A 52 8.57 -7.81 12.85
N ALA A 53 8.64 -8.70 11.87
CA ALA A 53 9.26 -10.01 12.09
C ALA A 53 10.77 -9.91 12.12
N GLU A 54 11.33 -9.18 11.16
CA GLU A 54 12.78 -8.99 11.10
C GLU A 54 13.25 -8.12 12.25
N ALA A 55 12.48 -7.07 12.55
CA ALA A 55 12.81 -6.15 13.63
C ALA A 55 12.37 -6.72 14.97
N GLU A 56 11.54 -7.77 14.93
CA GLU A 56 11.03 -8.42 16.12
C GLU A 56 12.13 -8.62 17.17
N ASN A 57 13.21 -9.27 16.77
CA ASN A 57 14.32 -9.53 17.66
C ASN A 57 15.65 -9.21 16.98
N ASN A 58 16.06 -7.95 17.08
CA ASN A 58 17.31 -7.49 16.48
C ASN A 58 17.70 -6.12 17.03
N ASN A 59 16.70 -5.32 17.37
CA ASN A 59 16.93 -3.98 17.90
C ASN A 59 15.65 -3.40 18.49
N ASN A 60 15.00 -4.17 19.37
CA ASN A 60 13.76 -3.76 20.02
C ASN A 60 12.72 -3.28 19.00
N GLY A 61 12.93 -3.60 17.74
CA GLY A 61 12.00 -3.20 16.70
C GLY A 61 12.04 -1.70 16.45
N GLN A 62 13.16 -1.22 15.92
CA GLN A 62 13.32 0.21 15.62
C GLN A 62 13.54 0.43 14.13
N LEU A 63 13.20 1.63 13.65
CA LEU A 63 13.36 1.96 12.24
C LEU A 63 13.80 3.41 12.08
N ASN A 64 14.42 3.71 10.94
CA ASN A 64 14.90 5.05 10.65
C ASN A 64 14.07 5.70 9.55
N PHE A 65 14.10 7.03 9.51
CA PHE A 65 13.36 7.80 8.52
C PHE A 65 13.41 7.14 7.13
N THR A 66 14.53 6.50 6.82
CA THR A 66 14.70 5.85 5.53
C THR A 66 13.77 4.66 5.35
N GLU A 67 13.57 3.89 6.43
CA GLU A 67 12.70 2.72 6.36
C GLU A 67 11.27 3.13 6.00
N PHE A 68 10.71 4.06 6.76
CA PHE A 68 9.35 4.53 6.50
C PHE A 68 9.26 5.19 5.14
N CYS A 69 10.11 6.18 4.90
CA CYS A 69 10.12 6.90 3.64
C CYS A 69 10.36 5.95 2.48
N GLY A 70 11.02 4.84 2.77
CA GLY A 70 11.32 3.86 1.74
C GLY A 70 10.05 3.26 1.18
N ILE A 71 9.23 2.74 2.07
CA ILE A 71 7.97 2.15 1.67
C ILE A 71 7.02 3.23 1.18
N MET A 72 7.17 4.43 1.72
CA MET A 72 6.30 5.52 1.34
C MET A 72 6.53 5.84 -0.11
N ALA A 73 7.80 5.95 -0.46
CA ALA A 73 8.19 6.22 -1.83
C ALA A 73 7.55 5.20 -2.75
N LYS A 74 7.55 3.95 -2.27
CA LYS A 74 6.95 2.84 -2.99
C LYS A 74 5.45 3.05 -3.14
N GLN A 75 4.81 3.47 -2.05
CA GLN A 75 3.36 3.71 -2.05
C GLN A 75 3.01 4.96 -2.88
N MET A 76 3.96 5.87 -3.00
CA MET A 76 3.74 7.10 -3.77
C MET A 76 3.54 6.78 -5.24
N ARG A 77 4.43 5.96 -5.79
CA ARG A 77 4.34 5.57 -7.20
C ARG A 77 3.31 4.46 -7.41
N GLU A 78 2.94 3.78 -6.33
CA GLU A 78 1.97 2.69 -6.43
C GLU A 78 0.56 3.17 -6.11
N THR A 79 0.16 3.06 -4.84
CA THR A 79 -1.17 3.48 -4.41
C THR A 79 -1.08 4.38 -3.19
N ASP A 80 -1.86 5.46 -3.20
CA ASP A 80 -1.89 6.41 -2.10
C ASP A 80 -3.07 7.37 -2.26
N THR A 81 -4.06 6.95 -3.02
CA THR A 81 -5.25 7.77 -3.26
C THR A 81 -6.52 6.93 -3.17
N GLU A 82 -6.50 5.94 -2.28
CA GLU A 82 -7.65 5.06 -2.10
C GLU A 82 -8.91 5.85 -1.78
N GLU A 83 -8.73 7.08 -1.29
CA GLU A 83 -9.87 7.94 -0.95
C GLU A 83 -10.73 8.19 -2.18
N GLU A 84 -10.07 8.43 -3.32
CA GLU A 84 -10.77 8.67 -4.57
C GLU A 84 -11.54 7.43 -5.01
N MET A 85 -11.00 6.26 -4.68
CA MET A 85 -11.63 5.00 -5.03
C MET A 85 -12.91 4.82 -4.23
N ARG A 86 -12.87 5.33 -2.99
CA ARG A 86 -14.03 5.25 -2.12
C ARG A 86 -15.15 6.12 -2.68
N GLU A 87 -14.75 7.24 -3.28
CA GLU A 87 -15.71 8.17 -3.88
C GLU A 87 -16.49 7.46 -4.98
N ALA A 88 -15.77 6.79 -5.87
CA ALA A 88 -16.39 6.07 -6.97
C ALA A 88 -17.27 4.95 -6.43
N PHE A 89 -16.84 4.35 -5.31
CA PHE A 89 -17.59 3.29 -4.68
C PHE A 89 -18.98 3.80 -4.27
N LYS A 90 -19.01 5.01 -3.73
CA LYS A 90 -20.25 5.63 -3.30
C LYS A 90 -21.16 5.86 -4.50
N ILE A 91 -20.58 6.37 -5.58
CA ILE A 91 -21.33 6.61 -6.81
C ILE A 91 -21.94 5.31 -7.31
N PHE A 92 -21.10 4.29 -7.43
CA PHE A 92 -21.53 2.98 -7.89
C PHE A 92 -22.56 2.38 -6.93
N ASP A 93 -22.65 2.97 -5.74
CA ASP A 93 -23.60 2.52 -4.73
C ASP A 93 -24.73 3.53 -4.59
N ARG A 94 -25.74 3.41 -5.43
CA ARG A 94 -26.89 4.32 -5.40
C ARG A 94 -27.48 4.42 -4.00
N ASP A 95 -27.36 3.34 -3.24
CA ASP A 95 -27.89 3.31 -1.88
C ASP A 95 -26.81 3.65 -0.86
N GLY A 96 -27.23 3.96 0.37
CA GLY A 96 -26.30 4.30 1.42
C GLY A 96 -26.06 3.13 2.37
N ASP A 97 -26.64 1.99 2.04
CA ASP A 97 -26.50 0.78 2.86
C ASP A 97 -25.03 0.46 3.13
N GLY A 98 -24.21 0.50 2.07
CA GLY A 98 -22.80 0.21 2.22
C GLY A 98 -22.33 -0.86 1.26
N PHE A 99 -23.23 -1.35 0.43
CA PHE A 99 -22.90 -2.39 -0.54
C PHE A 99 -23.57 -2.09 -1.89
N ILE A 100 -22.99 -2.64 -2.96
CA ILE A 100 -23.50 -2.41 -4.31
C ILE A 100 -24.08 -3.68 -4.92
N SER A 101 -25.08 -3.51 -5.79
CA SER A 101 -25.73 -4.62 -6.46
C SER A 101 -25.57 -4.47 -7.98
N PRO A 102 -25.65 -5.59 -8.73
CA PRO A 102 -25.50 -5.56 -10.19
C PRO A 102 -26.31 -4.44 -10.84
N ALA A 103 -27.45 -4.10 -10.23
CA ALA A 103 -28.31 -3.05 -10.75
C ALA A 103 -27.63 -1.68 -10.64
N GLU A 104 -27.23 -1.33 -9.43
CA GLU A 104 -26.57 -0.06 -9.16
C GLU A 104 -25.30 0.06 -10.00
N LEU A 105 -24.62 -1.06 -10.17
CA LEU A 105 -23.37 -1.10 -10.92
C LEU A 105 -23.56 -0.69 -12.37
N ARG A 106 -24.60 -1.20 -13.03
CA ARG A 106 -24.85 -0.86 -14.44
C ARG A 106 -25.35 0.57 -14.61
N PHE A 107 -26.16 1.03 -13.66
CA PHE A 107 -26.72 2.37 -13.74
C PHE A 107 -25.63 3.42 -13.85
N VAL A 108 -24.62 3.30 -12.99
CA VAL A 108 -23.51 4.22 -12.98
C VAL A 108 -22.63 4.09 -14.22
N MET A 109 -22.26 2.85 -14.55
CA MET A 109 -21.42 2.58 -15.71
C MET A 109 -21.99 3.27 -16.95
N ILE A 110 -23.31 3.41 -16.99
CA ILE A 110 -23.96 4.07 -18.11
C ILE A 110 -23.82 5.57 -17.99
N ASN A 111 -23.73 6.05 -16.74
CA ASN A 111 -23.55 7.47 -16.46
C ASN A 111 -22.18 7.94 -16.94
N LEU A 112 -21.15 7.16 -16.59
CA LEU A 112 -19.79 7.47 -16.98
C LEU A 112 -19.63 7.37 -18.48
N GLY A 113 -20.26 6.35 -19.06
CA GLY A 113 -20.20 6.16 -20.49
C GLY A 113 -19.75 4.75 -20.86
N GLU A 114 -19.53 3.92 -19.86
CA GLU A 114 -19.09 2.55 -20.08
C GLU A 114 -20.28 1.60 -20.23
N LYS A 115 -20.75 1.46 -21.47
CA LYS A 115 -21.88 0.58 -21.76
C LYS A 115 -21.53 -0.87 -21.44
N VAL A 116 -22.15 -1.40 -20.38
CA VAL A 116 -21.90 -2.77 -19.96
C VAL A 116 -23.20 -3.55 -19.79
N THR A 117 -23.11 -4.86 -19.96
CA THR A 117 -24.26 -5.73 -19.80
C THR A 117 -24.29 -6.28 -18.38
N ASP A 118 -25.50 -6.49 -17.85
CA ASP A 118 -25.66 -6.99 -16.49
C ASP A 118 -24.88 -8.28 -16.28
N GLU A 119 -24.51 -8.94 -17.37
CA GLU A 119 -23.76 -10.19 -17.29
C GLU A 119 -22.27 -9.95 -17.03
N GLU A 120 -21.64 -9.16 -17.88
CA GLU A 120 -20.21 -8.87 -17.74
C GLU A 120 -19.89 -8.26 -16.37
N ILE A 121 -20.72 -7.32 -15.93
CA ILE A 121 -20.49 -6.68 -14.64
C ILE A 121 -20.81 -7.62 -13.49
N ASP A 122 -21.83 -8.45 -13.64
CA ASP A 122 -22.19 -9.41 -12.60
C ASP A 122 -20.98 -10.26 -12.26
N GLU A 123 -20.21 -10.61 -13.28
CA GLU A 123 -19.01 -11.41 -13.11
C GLU A 123 -17.97 -10.62 -12.34
N MET A 124 -17.79 -9.35 -12.72
CA MET A 124 -16.83 -8.48 -12.05
C MET A 124 -17.15 -8.38 -10.56
N ILE A 125 -18.42 -8.60 -10.22
CA ILE A 125 -18.86 -8.53 -8.84
C ILE A 125 -18.47 -9.81 -8.09
N ARG A 126 -18.58 -10.94 -8.78
CA ARG A 126 -18.24 -12.23 -8.17
C ARG A 126 -16.74 -12.31 -7.91
N GLU A 127 -15.95 -11.92 -8.91
CA GLU A 127 -14.50 -11.95 -8.80
C GLU A 127 -14.02 -11.02 -7.69
N ALA A 128 -14.81 -9.99 -7.40
CA ALA A 128 -14.48 -9.04 -6.36
C ALA A 128 -15.08 -9.45 -5.02
N ASP A 129 -16.11 -10.28 -5.09
CA ASP A 129 -16.79 -10.76 -3.89
C ASP A 129 -16.04 -11.94 -3.27
N PHE A 130 -15.38 -11.67 -2.14
CA PHE A 130 -14.61 -12.70 -1.45
C PHE A 130 -15.50 -13.48 -0.47
N ASP A 131 -16.37 -12.75 0.23
CA ASP A 131 -17.27 -13.37 1.21
C ASP A 131 -18.32 -14.24 0.51
N GLY A 132 -19.33 -13.60 -0.08
CA GLY A 132 -20.37 -14.33 -0.76
C GLY A 132 -21.76 -13.86 -0.38
N ASP A 133 -22.22 -12.78 -1.03
CA ASP A 133 -23.54 -12.24 -0.76
C ASP A 133 -24.09 -11.48 -1.97
N GLY A 134 -23.35 -11.53 -3.08
CA GLY A 134 -23.78 -10.85 -4.28
C GLY A 134 -23.78 -9.34 -4.14
N MET A 135 -22.95 -8.82 -3.24
CA MET A 135 -22.86 -7.38 -3.01
C MET A 135 -21.40 -6.94 -2.96
N ILE A 136 -21.16 -5.66 -3.26
CA ILE A 136 -19.80 -5.12 -3.24
C ILE A 136 -19.63 -4.07 -2.15
N ASN A 137 -18.53 -4.20 -1.41
CA ASN A 137 -18.20 -3.28 -0.34
C ASN A 137 -16.94 -2.50 -0.69
N TYR A 138 -16.74 -1.34 -0.06
CA TYR A 138 -15.57 -0.51 -0.34
C TYR A 138 -14.31 -1.35 -0.55
N GLU A 139 -14.27 -2.53 0.05
CA GLU A 139 -13.12 -3.42 -0.08
C GLU A 139 -13.17 -4.17 -1.41
N GLU A 140 -14.28 -4.86 -1.66
CA GLU A 140 -14.45 -5.61 -2.90
C GLU A 140 -14.33 -4.68 -4.11
N PHE A 141 -14.83 -3.46 -3.94
CA PHE A 141 -14.80 -2.46 -5.00
C PHE A 141 -13.36 -2.09 -5.35
N VAL A 142 -12.60 -1.66 -4.35
CA VAL A 142 -11.21 -1.27 -4.55
C VAL A 142 -10.43 -2.33 -5.32
N TRP A 143 -10.69 -3.60 -5.01
CA TRP A 143 -10.00 -4.70 -5.67
C TRP A 143 -10.29 -4.77 -7.16
N MET A 144 -11.58 -4.70 -7.53
CA MET A 144 -11.96 -4.80 -8.93
C MET A 144 -11.67 -3.52 -9.72
N ILE A 145 -11.85 -2.36 -9.08
CA ILE A 145 -11.61 -1.09 -9.75
C ILE A 145 -10.15 -0.95 -10.17
N SER A 146 -9.25 -1.49 -9.36
CA SER A 146 -7.82 -1.42 -9.67
C SER A 146 -7.52 -2.22 -10.94
N GLN A 147 -8.49 -3.02 -11.36
CA GLN A 147 -8.35 -3.85 -12.55
C GLN A 147 -9.01 -3.19 -13.77
N LYS A 148 -9.68 -2.07 -13.53
CA LYS A 148 -10.36 -1.33 -14.60
C LYS A 148 -9.40 -1.00 -15.73
CA CA B . -26.60 -0.31 -2.48
CA CA C . -19.57 -9.29 -1.21
N SER A 2 1.74 10.84 -2.59
CA SER A 2 1.70 12.23 -3.10
C SER A 2 3.10 12.75 -3.39
N GLU A 3 4.01 11.83 -3.70
CA GLU A 3 5.40 12.20 -4.00
C GLU A 3 6.09 12.78 -2.78
N LEU A 4 7.43 12.82 -2.82
CA LEU A 4 8.20 13.36 -1.71
C LEU A 4 8.34 14.88 -1.84
N THR A 5 7.20 15.56 -1.89
CA THR A 5 7.18 17.02 -2.00
C THR A 5 7.50 17.66 -0.66
N GLU A 6 7.99 18.89 -0.70
CA GLU A 6 8.35 19.63 0.51
C GLU A 6 7.34 19.42 1.64
N GLU A 7 6.06 19.57 1.33
CA GLU A 7 5.00 19.41 2.30
C GLU A 7 4.89 17.96 2.77
N GLN A 8 4.94 17.04 1.81
CA GLN A 8 4.85 15.62 2.12
C GLN A 8 5.99 15.18 3.02
N ILE A 9 7.20 15.57 2.67
CA ILE A 9 8.38 15.22 3.45
C ILE A 9 8.22 15.65 4.90
N ALA A 10 7.70 16.85 5.09
CA ALA A 10 7.49 17.40 6.42
C ALA A 10 6.27 16.77 7.09
N GLU A 11 5.37 16.22 6.28
CA GLU A 11 4.15 15.60 6.80
C GLU A 11 4.44 14.31 7.56
N PHE A 12 5.11 13.35 6.90
CA PHE A 12 5.42 12.09 7.54
C PHE A 12 6.60 12.23 8.50
N LYS A 13 7.47 13.19 8.22
CA LYS A 13 8.62 13.43 9.08
C LYS A 13 8.13 13.87 10.46
N ASP A 14 7.04 14.65 10.47
CA ASP A 14 6.45 15.11 11.72
C ASP A 14 5.83 13.93 12.46
N ALA A 15 4.99 13.18 11.77
CA ALA A 15 4.35 12.01 12.36
C ALA A 15 5.39 10.95 12.73
N PHE A 16 6.61 11.12 12.23
CA PHE A 16 7.69 10.19 12.49
C PHE A 16 8.29 10.44 13.88
N VAL A 17 8.55 11.71 14.18
CA VAL A 17 9.12 12.08 15.46
C VAL A 17 8.08 11.97 16.58
N GLN A 18 6.81 11.99 16.20
CA GLN A 18 5.72 11.89 17.16
C GLN A 18 5.65 10.48 17.77
N PHE A 19 6.01 9.48 16.97
CA PHE A 19 5.98 8.09 17.43
C PHE A 19 7.33 7.67 18.01
N ASP A 20 8.31 8.56 17.94
CA ASP A 20 9.64 8.28 18.47
C ASP A 20 9.58 8.08 19.98
N LYS A 21 9.64 6.81 20.41
CA LYS A 21 9.58 6.50 21.84
C LYS A 21 10.97 6.38 22.45
N GLU A 22 11.75 5.40 22.00
CA GLU A 22 13.09 5.17 22.52
C GLU A 22 13.92 6.46 22.52
N GLY A 23 13.83 7.22 21.43
CA GLY A 23 14.58 8.46 21.35
C GLY A 23 15.86 8.31 20.56
N THR A 24 16.07 7.11 20.02
CA THR A 24 17.27 6.83 19.23
C THR A 24 17.09 7.28 17.80
N GLY A 25 16.41 8.42 17.60
CA GLY A 25 16.18 8.92 16.26
C GLY A 25 15.48 7.88 15.41
N LYS A 26 14.88 6.91 16.08
CA LYS A 26 14.17 5.82 15.44
C LYS A 26 12.89 5.51 16.20
N ILE A 27 11.91 4.92 15.53
CA ILE A 27 10.63 4.59 16.16
C ILE A 27 10.35 3.09 16.13
N ALA A 28 9.86 2.57 17.24
CA ALA A 28 9.55 1.14 17.34
C ALA A 28 8.62 0.70 16.22
N THR A 29 9.02 -0.33 15.48
CA THR A 29 8.22 -0.88 14.38
C THR A 29 6.85 -1.32 14.86
N ARG A 30 6.74 -1.61 16.15
CA ARG A 30 5.48 -2.05 16.75
C ARG A 30 4.45 -0.93 16.69
N GLU A 31 4.89 0.25 16.28
CA GLU A 31 4.00 1.40 16.17
C GLU A 31 3.90 1.87 14.73
N LEU A 32 4.71 1.24 13.86
CA LEU A 32 4.71 1.59 12.44
C LEU A 32 3.32 1.51 11.84
N GLY A 33 2.67 0.36 12.01
CA GLY A 33 1.33 0.18 11.47
C GLY A 33 0.43 1.37 11.79
N THR A 34 0.36 1.73 13.07
CA THR A 34 -0.46 2.86 13.50
C THR A 34 -0.03 4.12 12.75
N LEU A 35 1.28 4.26 12.57
CA LEU A 35 1.84 5.41 11.86
C LEU A 35 1.34 5.44 10.42
N MET A 36 1.08 4.24 9.88
CA MET A 36 0.60 4.11 8.51
C MET A 36 -0.90 4.38 8.42
N ARG A 37 -1.59 4.27 9.55
CA ARG A 37 -3.04 4.50 9.57
C ARG A 37 -3.33 5.99 9.48
N THR A 38 -2.60 6.78 10.26
CA THR A 38 -2.77 8.22 10.27
C THR A 38 -2.33 8.85 8.94
N LEU A 39 -1.61 8.06 8.15
CA LEU A 39 -1.12 8.52 6.85
C LEU A 39 -1.78 7.73 5.72
N GLY A 40 -1.81 8.33 4.53
CA GLY A 40 -2.42 7.71 3.37
C GLY A 40 -1.94 6.29 3.09
N GLN A 41 -0.88 5.87 3.77
CA GLN A 41 -0.34 4.52 3.58
C GLN A 41 -1.42 3.46 3.77
N ASN A 42 -1.10 2.23 3.36
CA ASN A 42 -2.03 1.11 3.48
C ASN A 42 -1.40 -0.18 2.95
N PRO A 43 -0.45 -0.77 3.70
CA PRO A 43 0.23 -2.00 3.28
C PRO A 43 -0.60 -3.24 3.58
N THR A 44 0.00 -4.40 3.33
CA THR A 44 -0.66 -5.67 3.57
C THR A 44 -0.19 -6.25 4.91
N GLU A 45 -1.09 -6.91 5.62
CA GLU A 45 -0.75 -7.50 6.92
C GLU A 45 0.60 -8.21 6.87
N ALA A 46 0.82 -8.99 5.82
CA ALA A 46 2.07 -9.73 5.67
C ALA A 46 3.27 -8.79 5.61
N GLU A 47 3.13 -7.69 4.87
CA GLU A 47 4.22 -6.72 4.75
C GLU A 47 4.58 -6.12 6.10
N LEU A 48 3.56 -5.64 6.81
CA LEU A 48 3.75 -5.04 8.12
C LEU A 48 4.39 -6.05 9.06
N GLN A 49 4.08 -7.33 8.84
CA GLN A 49 4.63 -8.41 9.65
C GLN A 49 6.05 -8.74 9.21
N ASP A 50 6.35 -8.48 7.95
CA ASP A 50 7.68 -8.76 7.40
C ASP A 50 8.72 -7.91 8.11
N LEU A 51 8.42 -6.62 8.27
CA LEU A 51 9.34 -5.72 8.94
C LEU A 51 9.42 -6.05 10.43
N ILE A 52 8.27 -6.21 11.06
CA ILE A 52 8.23 -6.53 12.49
C ILE A 52 8.90 -7.88 12.77
N ALA A 53 8.94 -8.74 11.75
CA ALA A 53 9.54 -10.05 11.91
C ALA A 53 11.07 -9.95 11.96
N GLU A 54 11.65 -9.30 10.96
CA GLU A 54 13.09 -9.13 10.91
C GLU A 54 13.55 -8.20 12.03
N ALA A 55 12.76 -7.18 12.30
CA ALA A 55 13.08 -6.22 13.35
C ALA A 55 12.71 -6.76 14.73
N GLU A 56 11.91 -7.83 14.75
CA GLU A 56 11.46 -8.44 15.99
C GLU A 56 12.61 -8.61 16.97
N ASN A 57 13.66 -9.29 16.51
CA ASN A 57 14.84 -9.55 17.33
C ASN A 57 16.12 -9.19 16.59
N ASN A 58 16.39 -7.89 16.48
CA ASN A 58 17.58 -7.41 15.80
C ASN A 58 17.95 -6.02 16.29
N ASN A 59 16.95 -5.29 16.79
CA ASN A 59 17.17 -3.94 17.31
C ASN A 59 15.91 -3.43 18.01
N ASN A 60 15.44 -4.20 18.98
CA ASN A 60 14.24 -3.86 19.76
C ASN A 60 13.09 -3.43 18.85
N GLY A 61 13.14 -3.85 17.60
CA GLY A 61 12.10 -3.47 16.66
C GLY A 61 12.08 -1.98 16.44
N GLN A 62 13.12 -1.46 15.81
CA GLN A 62 13.21 -0.02 15.55
C GLN A 62 13.16 0.27 14.05
N LEU A 63 12.75 1.50 13.72
CA LEU A 63 12.66 1.93 12.34
C LEU A 63 13.40 3.25 12.14
N ASN A 64 13.88 3.48 10.93
CA ASN A 64 14.62 4.71 10.63
C ASN A 64 13.86 5.59 9.64
N PHE A 65 14.17 6.88 9.66
CA PHE A 65 13.52 7.83 8.77
C PHE A 65 13.51 7.34 7.33
N THR A 66 14.64 6.80 6.87
CA THR A 66 14.75 6.30 5.51
C THR A 66 13.86 5.08 5.28
N GLU A 67 13.69 4.27 6.32
CA GLU A 67 12.86 3.09 6.22
C GLU A 67 11.41 3.47 5.97
N PHE A 68 10.87 4.30 6.86
CA PHE A 68 9.49 4.76 6.72
C PHE A 68 9.30 5.51 5.41
N CYS A 69 10.15 6.51 5.20
CA CYS A 69 10.08 7.29 3.96
C CYS A 69 10.25 6.37 2.77
N GLY A 70 10.91 5.24 3.01
CA GLY A 70 11.11 4.26 1.96
C GLY A 70 9.80 3.73 1.43
N ILE A 71 8.96 3.25 2.36
CA ILE A 71 7.65 2.71 2.00
C ILE A 71 6.75 3.81 1.48
N MET A 72 6.87 4.98 2.07
CA MET A 72 6.05 6.12 1.66
C MET A 72 6.35 6.43 0.21
N ALA A 73 7.62 6.26 -0.13
CA ALA A 73 8.08 6.50 -1.49
C ALA A 73 7.39 5.55 -2.47
N LYS A 74 7.33 4.28 -2.11
CA LYS A 74 6.70 3.27 -2.95
C LYS A 74 5.21 3.54 -3.11
N GLN A 75 4.50 3.64 -1.98
CA GLN A 75 3.06 3.89 -1.98
C GLN A 75 2.70 5.22 -2.65
N MET A 76 3.41 6.29 -2.28
CA MET A 76 3.15 7.61 -2.85
C MET A 76 3.48 7.66 -4.34
N ARG A 77 4.31 6.73 -4.79
CA ARG A 77 4.71 6.67 -6.19
C ARG A 77 3.52 6.35 -7.10
N GLU A 78 2.70 5.38 -6.70
CA GLU A 78 1.53 4.99 -7.48
C GLU A 78 0.31 5.82 -7.10
N THR A 79 -0.67 5.19 -6.45
CA THR A 79 -1.89 5.88 -6.05
C THR A 79 -2.53 5.18 -4.84
N ASP A 80 -1.96 4.04 -4.46
CA ASP A 80 -2.45 3.25 -3.34
C ASP A 80 -3.96 3.10 -3.36
N THR A 81 -4.50 2.97 -4.58
CA THR A 81 -5.94 2.80 -4.77
C THR A 81 -6.74 3.78 -3.93
N GLU A 82 -6.26 5.02 -3.87
CA GLU A 82 -6.94 6.06 -3.10
C GLU A 82 -8.14 6.61 -3.87
N GLU A 83 -7.92 6.95 -5.13
CA GLU A 83 -8.98 7.47 -5.97
C GLU A 83 -10.11 6.46 -6.12
N GLU A 84 -9.76 5.18 -6.09
CA GLU A 84 -10.74 4.11 -6.20
C GLU A 84 -11.69 4.11 -5.01
N MET A 85 -11.21 4.65 -3.89
CA MET A 85 -12.00 4.70 -2.67
C MET A 85 -13.01 5.84 -2.74
N ARG A 86 -12.53 7.05 -3.04
CA ARG A 86 -13.41 8.19 -3.16
C ARG A 86 -14.46 7.96 -4.23
N GLU A 87 -14.05 7.35 -5.33
CA GLU A 87 -14.95 7.04 -6.43
C GLU A 87 -16.07 6.14 -5.96
N ALA A 88 -15.72 5.07 -5.25
CA ALA A 88 -16.71 4.14 -4.74
C ALA A 88 -17.66 4.83 -3.77
N PHE A 89 -17.14 5.80 -3.02
CA PHE A 89 -17.96 6.54 -2.07
C PHE A 89 -19.06 7.29 -2.80
N LYS A 90 -18.71 7.94 -3.90
CA LYS A 90 -19.66 8.69 -4.70
C LYS A 90 -20.69 7.76 -5.33
N ILE A 91 -20.22 6.63 -5.87
CA ILE A 91 -21.10 5.66 -6.50
C ILE A 91 -22.00 5.00 -5.46
N PHE A 92 -21.51 4.92 -4.23
CA PHE A 92 -22.26 4.33 -3.13
C PHE A 92 -23.32 5.29 -2.62
N ASP A 93 -23.19 6.55 -3.00
CA ASP A 93 -24.14 7.59 -2.58
C ASP A 93 -25.05 7.97 -3.75
N ARG A 94 -26.33 7.60 -3.64
CA ARG A 94 -27.30 7.90 -4.69
C ARG A 94 -27.77 9.35 -4.60
N ASP A 95 -27.36 10.04 -3.53
CA ASP A 95 -27.75 11.43 -3.33
C ASP A 95 -26.53 12.35 -3.37
N GLY A 96 -26.79 13.65 -3.42
CA GLY A 96 -25.72 14.62 -3.45
C GLY A 96 -25.48 15.23 -2.08
N ASP A 97 -26.18 14.71 -1.09
CA ASP A 97 -26.07 15.18 0.29
C ASP A 97 -24.63 15.13 0.79
N GLY A 98 -23.88 14.14 0.32
CA GLY A 98 -22.50 13.99 0.75
C GLY A 98 -22.34 12.87 1.75
N PHE A 99 -23.44 12.18 2.02
CA PHE A 99 -23.43 11.07 2.96
C PHE A 99 -24.24 9.90 2.41
N ILE A 100 -23.94 8.69 2.88
CA ILE A 100 -24.64 7.49 2.41
C ILE A 100 -25.46 6.84 3.50
N SER A 101 -26.52 6.15 3.09
CA SER A 101 -27.41 5.46 4.02
C SER A 101 -27.45 3.96 3.71
N PRO A 102 -27.79 3.12 4.70
CA PRO A 102 -27.84 1.66 4.49
C PRO A 102 -28.60 1.28 3.22
N ALA A 103 -29.58 2.11 2.85
CA ALA A 103 -30.38 1.86 1.65
C ALA A 103 -29.55 2.03 0.39
N GLU A 104 -28.93 3.21 0.25
CA GLU A 104 -28.11 3.52 -0.90
C GLU A 104 -26.92 2.56 -0.98
N LEU A 105 -26.46 2.11 0.18
CA LEU A 105 -25.32 1.21 0.27
C LEU A 105 -25.61 -0.13 -0.40
N ARG A 106 -26.70 -0.77 -0.01
CA ARG A 106 -27.06 -2.07 -0.58
C ARG A 106 -27.33 -1.94 -2.08
N PHE A 107 -27.91 -0.82 -2.47
CA PHE A 107 -28.24 -0.56 -3.87
C PHE A 107 -27.02 -0.72 -4.78
N VAL A 108 -25.96 0.02 -4.48
CA VAL A 108 -24.75 -0.02 -5.30
C VAL A 108 -24.08 -1.40 -5.26
N MET A 109 -24.00 -2.01 -4.07
CA MET A 109 -23.37 -3.31 -3.92
C MET A 109 -24.00 -4.34 -4.87
N ILE A 110 -25.26 -4.12 -5.21
CA ILE A 110 -25.97 -5.01 -6.12
C ILE A 110 -25.44 -4.83 -7.54
N ASN A 111 -25.07 -3.59 -7.86
CA ASN A 111 -24.52 -3.27 -9.17
C ASN A 111 -23.18 -3.94 -9.37
N LEU A 112 -22.51 -4.24 -8.25
CA LEU A 112 -21.21 -4.90 -8.29
C LEU A 112 -21.37 -6.41 -8.25
N GLY A 113 -22.59 -6.86 -7.99
CA GLY A 113 -22.86 -8.29 -7.94
C GLY A 113 -22.34 -8.93 -6.66
N GLU A 114 -22.16 -8.11 -5.62
CA GLU A 114 -21.67 -8.61 -4.35
C GLU A 114 -22.80 -9.18 -3.50
N LYS A 115 -23.97 -8.54 -3.58
CA LYS A 115 -25.14 -8.99 -2.82
C LYS A 115 -24.87 -8.93 -1.32
N VAL A 116 -25.46 -7.95 -0.65
CA VAL A 116 -25.29 -7.79 0.79
C VAL A 116 -26.62 -7.62 1.50
N THR A 117 -26.64 -7.95 2.78
CA THR A 117 -27.85 -7.82 3.58
C THR A 117 -27.81 -6.50 4.35
N ASP A 118 -28.95 -5.85 4.45
CA ASP A 118 -29.06 -4.57 5.14
C ASP A 118 -28.41 -4.63 6.52
N GLU A 119 -28.24 -5.83 7.05
CA GLU A 119 -27.64 -6.01 8.37
C GLU A 119 -26.11 -5.92 8.33
N GLU A 120 -25.48 -6.75 7.50
CA GLU A 120 -24.03 -6.77 7.40
C GLU A 120 -23.46 -5.39 7.04
N ILE A 121 -24.09 -4.73 6.08
CA ILE A 121 -23.62 -3.41 5.65
C ILE A 121 -23.94 -2.34 6.69
N ASP A 122 -25.13 -2.40 7.29
CA ASP A 122 -25.52 -1.44 8.31
C ASP A 122 -24.48 -1.43 9.42
N GLU A 123 -23.93 -2.61 9.70
CA GLU A 123 -22.92 -2.75 10.73
C GLU A 123 -21.65 -2.02 10.29
N MET A 124 -21.27 -2.20 9.03
CA MET A 124 -20.09 -1.55 8.50
C MET A 124 -20.25 -0.03 8.58
N ILE A 125 -21.51 0.42 8.59
CA ILE A 125 -21.81 1.84 8.67
C ILE A 125 -21.68 2.35 10.10
N ARG A 126 -22.10 1.53 11.05
CA ARG A 126 -22.03 1.89 12.47
C ARG A 126 -20.59 1.98 12.93
N GLU A 127 -19.78 1.03 12.47
CA GLU A 127 -18.36 1.00 12.83
C GLU A 127 -17.61 2.17 12.21
N ALA A 128 -18.03 2.56 11.01
CA ALA A 128 -17.40 3.67 10.30
C ALA A 128 -17.92 5.01 10.82
N ASP A 129 -19.16 5.00 11.30
CA ASP A 129 -19.77 6.22 11.84
C ASP A 129 -19.19 6.56 13.20
N PHE A 130 -18.37 7.62 13.24
CA PHE A 130 -17.75 8.06 14.48
C PHE A 130 -18.53 9.19 15.12
N ASP A 131 -19.37 9.87 14.32
CA ASP A 131 -20.16 10.98 14.84
C ASP A 131 -21.43 10.48 15.52
N GLY A 132 -22.27 9.79 14.76
CA GLY A 132 -23.51 9.26 15.31
C GLY A 132 -24.72 9.69 14.52
N ASP A 133 -24.55 9.88 13.22
CA ASP A 133 -25.62 10.31 12.34
C ASP A 133 -26.13 9.15 11.48
N GLY A 134 -25.47 7.99 11.60
CA GLY A 134 -25.87 6.84 10.82
C GLY A 134 -25.64 7.04 9.33
N MET A 135 -24.82 8.03 8.98
CA MET A 135 -24.51 8.33 7.61
C MET A 135 -23.01 8.14 7.35
N ILE A 136 -22.63 7.90 6.10
CA ILE A 136 -21.22 7.70 5.76
C ILE A 136 -20.68 8.81 4.88
N ASN A 137 -19.55 9.35 5.28
CA ASN A 137 -18.88 10.41 4.54
C ASN A 137 -17.54 9.91 4.04
N TYR A 138 -17.00 10.54 2.99
CA TYR A 138 -15.72 10.14 2.42
C TYR A 138 -14.70 9.77 3.50
N GLU A 139 -14.90 10.28 4.72
CA GLU A 139 -13.99 10.00 5.83
C GLU A 139 -14.28 8.62 6.42
N GLU A 140 -15.53 8.40 6.83
CA GLU A 140 -15.91 7.10 7.40
C GLU A 140 -15.74 6.01 6.37
N PHE A 141 -15.99 6.36 5.11
CA PHE A 141 -15.88 5.42 4.02
C PHE A 141 -14.43 4.93 3.90
N VAL A 142 -13.51 5.88 3.74
CA VAL A 142 -12.09 5.55 3.62
C VAL A 142 -11.64 4.58 4.71
N TRP A 143 -12.14 4.80 5.92
CA TRP A 143 -11.79 3.96 7.05
C TRP A 143 -12.35 2.54 6.92
N MET A 144 -13.62 2.43 6.53
CA MET A 144 -14.26 1.13 6.42
C MET A 144 -13.87 0.37 5.15
N ILE A 145 -13.43 1.08 4.12
CA ILE A 145 -13.03 0.43 2.87
C ILE A 145 -11.65 -0.21 3.01
N SER A 146 -10.77 0.46 3.76
CA SER A 146 -9.42 -0.05 3.98
C SER A 146 -9.48 -1.37 4.73
N GLN A 147 -10.65 -1.65 5.30
CA GLN A 147 -10.86 -2.87 6.06
C GLN A 147 -11.13 -4.05 5.13
N LYS A 148 -11.81 -3.78 4.02
CA LYS A 148 -12.14 -4.82 3.05
C LYS A 148 -10.87 -5.38 2.42
CA CA B . -27.19 9.95 0.39
CA CA C . -21.48 9.19 10.25
N SER A 2 0.91 13.68 -3.52
CA SER A 2 1.64 12.56 -4.18
C SER A 2 3.13 12.85 -4.27
N GLU A 3 3.93 11.80 -4.28
CA GLU A 3 5.40 11.93 -4.36
C GLU A 3 5.95 12.59 -3.11
N LEU A 4 7.28 12.63 -3.02
CA LEU A 4 7.96 13.23 -1.87
C LEU A 4 8.10 14.73 -2.04
N THR A 5 7.05 15.47 -1.67
CA THR A 5 7.05 16.93 -1.79
C THR A 5 7.34 17.57 -0.43
N GLU A 6 7.91 18.78 -0.46
CA GLU A 6 8.26 19.50 0.76
C GLU A 6 7.20 19.33 1.86
N GLU A 7 5.94 19.49 1.48
CA GLU A 7 4.83 19.37 2.42
C GLU A 7 4.67 17.95 2.94
N GLN A 8 4.56 17.01 2.02
CA GLN A 8 4.40 15.59 2.36
C GLN A 8 5.57 15.11 3.21
N ILE A 9 6.78 15.40 2.74
CA ILE A 9 7.99 14.99 3.45
C ILE A 9 7.92 15.41 4.91
N ALA A 10 7.50 16.65 5.14
CA ALA A 10 7.40 17.18 6.49
C ALA A 10 6.16 16.64 7.21
N GLU A 11 5.17 16.19 6.44
CA GLU A 11 3.94 15.67 7.01
C GLU A 11 4.16 14.33 7.71
N PHE A 12 4.71 13.35 6.98
CA PHE A 12 4.96 12.04 7.56
C PHE A 12 6.18 12.05 8.47
N LYS A 13 7.13 12.93 8.16
CA LYS A 13 8.33 13.05 8.97
C LYS A 13 7.95 13.47 10.38
N ASP A 14 6.93 14.32 10.48
CA ASP A 14 6.44 14.77 11.78
C ASP A 14 5.76 13.62 12.50
N ALA A 15 4.84 12.96 11.81
CA ALA A 15 4.13 11.83 12.38
C ALA A 15 5.08 10.70 12.74
N PHE A 16 6.31 10.80 12.22
CA PHE A 16 7.33 9.78 12.47
C PHE A 16 7.97 9.99 13.83
N VAL A 17 8.46 11.20 14.08
CA VAL A 17 9.10 11.53 15.35
C VAL A 17 8.11 11.37 16.50
N GLN A 18 6.83 11.52 16.19
CA GLN A 18 5.78 11.40 17.18
C GLN A 18 5.72 9.99 17.78
N PHE A 19 6.34 9.03 17.09
CA PHE A 19 6.36 7.65 17.57
C PHE A 19 7.76 7.24 18.02
N ASP A 20 8.64 8.22 18.14
CA ASP A 20 10.02 7.97 18.58
C ASP A 20 10.11 7.96 20.10
N LYS A 21 10.13 6.77 20.68
CA LYS A 21 10.22 6.62 22.13
C LYS A 21 11.64 6.36 22.60
N GLU A 22 12.33 5.46 21.90
CA GLU A 22 13.70 5.10 22.25
C GLU A 22 14.63 6.32 22.20
N GLY A 23 14.17 7.38 21.53
CA GLY A 23 14.97 8.58 21.42
C GLY A 23 16.23 8.38 20.61
N THR A 24 16.29 7.29 19.86
CA THR A 24 17.44 6.98 19.02
C THR A 24 17.18 7.34 17.57
N GLY A 25 16.32 8.32 17.35
CA GLY A 25 16.00 8.75 16.00
C GLY A 25 15.17 7.71 15.26
N LYS A 26 14.86 6.62 15.95
CA LYS A 26 14.07 5.54 15.37
C LYS A 26 12.82 5.27 16.20
N ILE A 27 11.80 4.69 15.57
CA ILE A 27 10.55 4.39 16.25
C ILE A 27 10.31 2.89 16.32
N ALA A 28 9.55 2.46 17.33
CA ALA A 28 9.25 1.05 17.51
C ALA A 28 8.38 0.53 16.36
N THR A 29 8.74 -0.64 15.85
CA THR A 29 8.00 -1.27 14.76
C THR A 29 6.55 -1.53 15.14
N ARG A 30 6.30 -1.61 16.45
CA ARG A 30 4.95 -1.84 16.95
C ARG A 30 4.13 -0.57 16.89
N GLU A 31 4.71 0.48 16.33
CA GLU A 31 4.03 1.77 16.21
C GLU A 31 3.87 2.17 14.75
N LEU A 32 4.70 1.58 13.88
CA LEU A 32 4.66 1.88 12.45
C LEU A 32 3.26 1.68 11.90
N GLY A 33 2.65 0.53 12.22
CA GLY A 33 1.31 0.24 11.74
C GLY A 33 0.34 1.35 12.07
N THR A 34 0.46 1.91 13.26
CA THR A 34 -0.40 3.01 13.69
C THR A 34 -0.06 4.26 12.89
N LEU A 35 1.23 4.45 12.63
CA LEU A 35 1.71 5.58 11.87
C LEU A 35 1.17 5.53 10.44
N MET A 36 0.79 4.34 10.02
CA MET A 36 0.26 4.14 8.67
C MET A 36 -1.21 4.54 8.58
N ARG A 37 -2.02 4.00 9.47
CA ARG A 37 -3.45 4.29 9.48
C ARG A 37 -3.73 5.80 9.56
N THR A 38 -2.93 6.51 10.35
CA THR A 38 -3.10 7.95 10.50
C THR A 38 -2.59 8.70 9.26
N LEU A 39 -1.84 8.00 8.41
CA LEU A 39 -1.29 8.60 7.19
C LEU A 39 -1.89 7.94 5.95
N GLY A 40 -1.85 8.67 4.84
CA GLY A 40 -2.40 8.16 3.59
C GLY A 40 -1.77 6.85 3.15
N GLN A 41 -0.73 6.41 3.85
CA GLN A 41 -0.06 5.16 3.53
C GLN A 41 -0.77 3.96 4.16
N ASN A 42 -0.82 2.86 3.42
CA ASN A 42 -1.47 1.64 3.90
C ASN A 42 -0.77 0.40 3.35
N PRO A 43 0.31 -0.06 4.01
CA PRO A 43 1.06 -1.25 3.59
C PRO A 43 0.23 -2.52 3.69
N THR A 44 0.66 -3.56 2.98
CA THR A 44 -0.02 -4.83 3.00
C THR A 44 0.25 -5.55 4.31
N GLU A 45 -0.75 -6.28 4.81
CA GLU A 45 -0.61 -7.00 6.08
C GLU A 45 0.74 -7.72 6.16
N ALA A 46 1.06 -8.48 5.12
CA ALA A 46 2.32 -9.22 5.08
C ALA A 46 3.52 -8.31 5.20
N GLU A 47 3.46 -7.15 4.55
CA GLU A 47 4.55 -6.19 4.58
C GLU A 47 4.79 -5.70 5.99
N LEU A 48 3.72 -5.17 6.59
CA LEU A 48 3.79 -4.67 7.95
C LEU A 48 4.31 -5.74 8.90
N GLN A 49 4.01 -6.99 8.56
CA GLN A 49 4.44 -8.13 9.35
C GLN A 49 5.90 -8.46 9.08
N ASP A 50 6.35 -8.16 7.87
CA ASP A 50 7.73 -8.43 7.47
C ASP A 50 8.70 -7.63 8.33
N LEU A 51 8.40 -6.35 8.51
CA LEU A 51 9.25 -5.48 9.32
C LEU A 51 9.16 -5.84 10.80
N ILE A 52 7.94 -6.01 11.30
CA ILE A 52 7.74 -6.35 12.70
C ILE A 52 8.35 -7.70 13.04
N ALA A 53 8.35 -8.63 12.08
CA ALA A 53 8.89 -9.96 12.32
C ALA A 53 10.42 -9.93 12.28
N GLU A 54 10.98 -9.26 11.29
CA GLU A 54 12.42 -9.17 11.15
C GLU A 54 13.02 -8.43 12.35
N ALA A 55 12.42 -7.29 12.69
CA ALA A 55 12.88 -6.48 13.81
C ALA A 55 12.36 -7.03 15.14
N GLU A 56 11.39 -7.93 15.07
CA GLU A 56 10.79 -8.54 16.26
C GLU A 56 11.83 -8.85 17.32
N ASN A 57 12.83 -9.63 16.94
CA ASN A 57 13.88 -10.04 17.86
C ASN A 57 15.09 -9.11 17.76
N ASN A 58 15.57 -8.90 16.54
CA ASN A 58 16.71 -8.03 16.30
C ASN A 58 16.43 -6.63 16.87
N ASN A 59 17.39 -6.12 17.64
CA ASN A 59 17.28 -4.79 18.26
C ASN A 59 15.92 -4.60 18.94
N ASN A 60 15.63 -3.37 19.33
CA ASN A 60 14.36 -3.05 19.99
C ASN A 60 13.25 -2.81 18.97
N GLY A 61 13.36 -3.45 17.82
CA GLY A 61 12.37 -3.26 16.79
C GLY A 61 12.21 -1.78 16.49
N GLN A 62 13.25 -1.19 15.91
CA GLN A 62 13.25 0.22 15.60
C GLN A 62 13.33 0.48 14.10
N LEU A 63 12.85 1.65 13.68
CA LEU A 63 12.86 2.02 12.26
C LEU A 63 13.42 3.42 12.05
N ASN A 64 13.96 3.68 10.87
CA ASN A 64 14.56 4.97 10.57
C ASN A 64 13.73 5.74 9.55
N PHE A 65 13.87 7.05 9.57
CA PHE A 65 13.16 7.92 8.65
C PHE A 65 13.28 7.42 7.21
N THR A 66 14.41 6.78 6.91
CA THR A 66 14.65 6.26 5.57
C THR A 66 13.82 5.01 5.30
N GLU A 67 13.62 4.19 6.34
CA GLU A 67 12.84 2.97 6.19
C GLU A 67 11.39 3.30 5.84
N PHE A 68 10.76 4.14 6.66
CA PHE A 68 9.38 4.53 6.40
C PHE A 68 9.27 5.28 5.09
N CYS A 69 10.06 6.34 4.95
CA CYS A 69 10.07 7.13 3.72
C CYS A 69 10.37 6.25 2.52
N GLY A 70 11.01 5.11 2.80
CA GLY A 70 11.34 4.18 1.74
C GLY A 70 10.10 3.55 1.17
N ILE A 71 9.30 2.95 2.05
CA ILE A 71 8.07 2.32 1.62
C ILE A 71 7.11 3.34 1.05
N MET A 72 7.15 4.54 1.60
CA MET A 72 6.29 5.60 1.13
C MET A 72 6.66 5.90 -0.30
N ALA A 73 7.96 6.05 -0.52
CA ALA A 73 8.48 6.32 -1.85
C ALA A 73 7.88 5.34 -2.86
N LYS A 74 7.73 4.08 -2.43
CA LYS A 74 7.18 3.04 -3.29
C LYS A 74 5.67 3.22 -3.51
N GLN A 75 4.92 3.27 -2.41
CA GLN A 75 3.47 3.43 -2.49
C GLN A 75 3.08 4.75 -3.16
N MET A 76 3.59 5.86 -2.62
CA MET A 76 3.31 7.18 -3.16
C MET A 76 3.62 7.25 -4.65
N ARG A 77 4.70 6.59 -5.06
CA ARG A 77 5.11 6.58 -6.47
C ARG A 77 4.00 6.04 -7.37
N GLU A 78 3.52 4.83 -7.07
CA GLU A 78 2.47 4.22 -7.86
C GLU A 78 1.08 4.68 -7.43
N THR A 79 0.50 4.02 -6.43
CA THR A 79 -0.81 4.39 -5.94
C THR A 79 -0.89 4.29 -4.42
N ASP A 80 -1.33 5.38 -3.79
CA ASP A 80 -1.46 5.42 -2.33
C ASP A 80 -2.89 5.78 -1.95
N THR A 81 -3.55 6.54 -2.81
CA THR A 81 -4.93 6.94 -2.58
C THR A 81 -5.62 7.29 -3.89
N GLU A 82 -5.13 6.70 -4.98
CA GLU A 82 -5.68 6.94 -6.31
C GLU A 82 -6.97 6.16 -6.53
N GLU A 83 -7.13 5.06 -5.80
CA GLU A 83 -8.33 4.22 -5.92
C GLU A 83 -9.58 5.03 -5.60
N GLU A 84 -9.51 5.85 -4.56
CA GLU A 84 -10.65 6.67 -4.16
C GLU A 84 -10.98 7.71 -5.22
N MET A 85 -9.94 8.21 -5.88
CA MET A 85 -10.11 9.21 -6.93
C MET A 85 -10.78 8.60 -8.15
N ARG A 86 -10.29 7.45 -8.59
CA ARG A 86 -10.85 6.77 -9.74
C ARG A 86 -12.31 6.47 -9.48
N GLU A 87 -12.62 6.09 -8.25
CA GLU A 87 -13.99 5.79 -7.85
C GLU A 87 -14.89 6.99 -8.14
N ALA A 88 -14.46 8.16 -7.71
CA ALA A 88 -15.22 9.38 -7.94
C ALA A 88 -15.34 9.64 -9.44
N PHE A 89 -14.28 9.35 -10.18
CA PHE A 89 -14.27 9.54 -11.61
C PHE A 89 -15.39 8.72 -12.26
N LYS A 90 -15.66 7.56 -11.67
CA LYS A 90 -16.71 6.68 -12.16
C LYS A 90 -18.09 7.25 -11.84
N ILE A 91 -18.23 7.76 -10.61
CA ILE A 91 -19.50 8.35 -10.17
C ILE A 91 -19.76 9.64 -10.94
N PHE A 92 -18.69 10.28 -11.39
CA PHE A 92 -18.81 11.52 -12.15
C PHE A 92 -19.15 11.20 -13.60
N ASP A 93 -18.97 9.93 -13.97
CA ASP A 93 -19.25 9.48 -15.33
C ASP A 93 -20.46 8.55 -15.34
N ARG A 94 -21.62 9.11 -15.68
CA ARG A 94 -22.87 8.34 -15.73
C ARG A 94 -22.87 7.38 -16.93
N ASP A 95 -21.80 7.41 -17.71
CA ASP A 95 -21.69 6.54 -18.87
C ASP A 95 -20.45 5.65 -18.77
N GLY A 96 -20.37 4.66 -19.65
CA GLY A 96 -19.24 3.76 -19.66
C GLY A 96 -18.23 4.12 -20.74
N ASP A 97 -18.49 5.25 -21.39
CA ASP A 97 -17.63 5.73 -22.47
C ASP A 97 -16.18 5.88 -21.99
N GLY A 98 -16.00 6.28 -20.74
CA GLY A 98 -14.67 6.44 -20.20
C GLY A 98 -14.31 7.90 -20.04
N PHE A 99 -15.26 8.79 -20.34
CA PHE A 99 -15.03 10.22 -20.23
C PHE A 99 -16.25 10.91 -19.62
N ILE A 100 -16.03 12.08 -19.02
CA ILE A 100 -17.09 12.83 -18.37
C ILE A 100 -17.39 14.15 -19.09
N SER A 101 -18.66 14.53 -19.09
CA SER A 101 -19.08 15.77 -19.73
C SER A 101 -19.63 16.75 -18.69
N PRO A 102 -19.60 18.06 -18.98
CA PRO A 102 -20.11 19.08 -18.05
C PRO A 102 -21.44 18.69 -17.43
N ALA A 103 -22.29 18.05 -18.24
CA ALA A 103 -23.61 17.63 -17.77
C ALA A 103 -23.50 16.59 -16.67
N GLU A 104 -22.71 15.54 -16.94
CA GLU A 104 -22.51 14.46 -15.98
C GLU A 104 -21.77 14.95 -14.75
N LEU A 105 -20.94 15.98 -14.94
CA LEU A 105 -20.15 16.53 -13.85
C LEU A 105 -21.01 17.29 -12.84
N ARG A 106 -21.83 18.21 -13.31
CA ARG A 106 -22.68 19.00 -12.44
C ARG A 106 -23.68 18.09 -11.73
N PHE A 107 -24.12 17.05 -12.43
CA PHE A 107 -25.08 16.11 -11.88
C PHE A 107 -24.55 15.42 -10.61
N VAL A 108 -23.37 14.81 -10.71
CA VAL A 108 -22.78 14.11 -9.58
C VAL A 108 -22.44 15.05 -8.41
N MET A 109 -21.87 16.21 -8.74
CA MET A 109 -21.47 17.17 -7.70
C MET A 109 -22.65 17.56 -6.81
N ILE A 110 -23.87 17.33 -7.31
CA ILE A 110 -25.06 17.66 -6.54
C ILE A 110 -25.33 16.57 -5.52
N ASN A 111 -24.92 15.34 -5.84
CA ASN A 111 -25.09 14.20 -4.96
C ASN A 111 -24.16 14.31 -3.75
N LEU A 112 -22.90 14.62 -4.03
CA LEU A 112 -21.89 14.77 -2.99
C LEU A 112 -22.26 15.89 -2.03
N GLY A 113 -22.88 16.93 -2.57
CA GLY A 113 -23.28 18.06 -1.76
C GLY A 113 -22.61 19.35 -2.18
N GLU A 114 -21.89 19.30 -3.28
CA GLU A 114 -21.18 20.48 -3.79
C GLU A 114 -21.93 21.08 -4.99
N LYS A 115 -22.80 22.04 -4.71
CA LYS A 115 -23.57 22.70 -5.76
C LYS A 115 -22.65 23.52 -6.65
N VAL A 116 -22.62 23.18 -7.94
CA VAL A 116 -21.78 23.87 -8.90
C VAL A 116 -22.55 24.26 -10.15
N THR A 117 -22.05 25.28 -10.84
CA THR A 117 -22.67 25.76 -12.06
C THR A 117 -21.94 25.21 -13.26
N ASP A 118 -22.68 24.91 -14.33
CA ASP A 118 -22.10 24.37 -15.54
C ASP A 118 -20.93 25.21 -16.03
N GLU A 119 -20.87 26.46 -15.57
CA GLU A 119 -19.80 27.37 -15.97
C GLU A 119 -18.50 27.12 -15.19
N GLU A 120 -18.59 27.15 -13.86
CA GLU A 120 -17.42 26.94 -13.03
C GLU A 120 -16.77 25.58 -13.28
N ILE A 121 -17.58 24.53 -13.41
CA ILE A 121 -17.05 23.21 -13.64
C ILE A 121 -16.54 23.05 -15.07
N ASP A 122 -17.22 23.68 -16.03
CA ASP A 122 -16.78 23.61 -17.42
C ASP A 122 -15.35 24.09 -17.53
N GLU A 123 -15.02 25.14 -16.77
CA GLU A 123 -13.67 25.67 -16.77
C GLU A 123 -12.71 24.66 -16.17
N MET A 124 -13.12 24.02 -15.08
CA MET A 124 -12.30 23.01 -14.43
C MET A 124 -12.06 21.84 -15.38
N ILE A 125 -12.96 21.67 -16.34
CA ILE A 125 -12.86 20.60 -17.32
C ILE A 125 -11.88 20.97 -18.43
N ARG A 126 -11.90 22.24 -18.84
CA ARG A 126 -11.01 22.73 -19.89
C ARG A 126 -9.57 22.75 -19.40
N GLU A 127 -9.37 23.21 -18.18
CA GLU A 127 -8.04 23.28 -17.60
C GLU A 127 -7.45 21.88 -17.40
N ALA A 128 -8.33 20.89 -17.35
CA ALA A 128 -7.90 19.50 -17.16
C ALA A 128 -7.87 18.76 -18.48
N ASP A 129 -8.61 19.26 -19.46
CA ASP A 129 -8.67 18.65 -20.79
C ASP A 129 -7.44 19.03 -21.60
N PHE A 130 -6.54 18.07 -21.79
CA PHE A 130 -5.31 18.29 -22.55
C PHE A 130 -5.52 18.02 -24.04
N ASP A 131 -6.01 16.83 -24.35
CA ASP A 131 -6.24 16.44 -25.74
C ASP A 131 -7.07 17.49 -26.49
N GLY A 132 -8.11 18.00 -25.83
CA GLY A 132 -8.96 19.00 -26.44
C GLY A 132 -10.19 18.40 -27.09
N ASP A 133 -11.19 18.04 -26.28
CA ASP A 133 -12.42 17.45 -26.80
C ASP A 133 -13.63 17.91 -25.97
N GLY A 134 -13.40 18.17 -24.69
CA GLY A 134 -14.48 18.61 -23.83
C GLY A 134 -14.95 17.52 -22.89
N MET A 135 -14.12 16.50 -22.69
CA MET A 135 -14.45 15.38 -21.82
C MET A 135 -13.30 15.11 -20.85
N ILE A 136 -13.62 14.48 -19.71
CA ILE A 136 -12.61 14.19 -18.70
C ILE A 136 -12.37 12.69 -18.55
N ASN A 137 -11.09 12.33 -18.50
CA ASN A 137 -10.68 10.94 -18.34
C ASN A 137 -9.97 10.77 -16.99
N TYR A 138 -9.92 9.54 -16.48
CA TYR A 138 -9.27 9.27 -15.20
C TYR A 138 -8.00 10.10 -15.01
N GLU A 139 -7.36 10.47 -16.13
CA GLU A 139 -6.14 11.26 -16.08
C GLU A 139 -6.47 12.74 -15.86
N GLU A 140 -7.32 13.29 -16.72
CA GLU A 140 -7.73 14.68 -16.60
C GLU A 140 -8.42 14.90 -15.26
N PHE A 141 -9.00 13.82 -14.74
CA PHE A 141 -9.70 13.86 -13.46
C PHE A 141 -8.71 14.06 -12.32
N VAL A 142 -7.72 13.17 -12.24
CA VAL A 142 -6.71 13.23 -11.20
C VAL A 142 -6.08 14.62 -11.12
N TRP A 143 -5.89 15.26 -12.27
CA TRP A 143 -5.29 16.58 -12.33
C TRP A 143 -6.19 17.65 -11.67
N MET A 144 -7.44 17.71 -12.10
CA MET A 144 -8.38 18.71 -11.57
C MET A 144 -8.75 18.46 -10.11
N ILE A 145 -8.94 17.20 -9.74
CA ILE A 145 -9.32 16.86 -8.38
C ILE A 145 -8.21 17.21 -7.38
N SER A 146 -6.97 17.06 -7.81
CA SER A 146 -5.82 17.35 -6.95
C SER A 146 -5.78 18.83 -6.61
N GLN A 147 -6.55 19.62 -7.35
CA GLN A 147 -6.60 21.06 -7.14
C GLN A 147 -7.57 21.40 -6.02
N LYS A 148 -8.55 20.52 -5.79
CA LYS A 148 -9.54 20.71 -4.75
C LYS A 148 -8.90 20.64 -3.36
CA CA B . -19.69 10.07 -20.03
CA CA C . -10.35 15.36 -22.56
N SER A 2 1.41 12.62 -5.17
CA SER A 2 1.87 11.50 -4.30
C SER A 2 3.37 11.30 -4.42
N GLU A 3 4.14 12.18 -3.79
CA GLU A 3 5.59 12.11 -3.81
C GLU A 3 6.19 12.69 -2.53
N LEU A 4 7.52 12.70 -2.46
CA LEU A 4 8.21 13.23 -1.29
C LEU A 4 8.49 14.73 -1.46
N THR A 5 7.42 15.53 -1.40
CA THR A 5 7.55 16.97 -1.54
C THR A 5 7.77 17.64 -0.17
N GLU A 6 8.24 18.88 -0.18
CA GLU A 6 8.50 19.62 1.06
C GLU A 6 7.37 19.42 2.08
N GLU A 7 6.13 19.46 1.61
CA GLU A 7 4.97 19.31 2.48
C GLU A 7 4.82 17.86 2.95
N GLN A 8 4.77 16.94 2.01
CA GLN A 8 4.64 15.53 2.32
C GLN A 8 5.75 15.07 3.27
N ILE A 9 6.98 15.39 2.90
CA ILE A 9 8.14 15.02 3.71
C ILE A 9 7.94 15.44 5.15
N ALA A 10 7.58 16.71 5.34
CA ALA A 10 7.35 17.24 6.68
C ALA A 10 6.10 16.64 7.32
N GLU A 11 5.22 16.09 6.50
CA GLU A 11 3.97 15.51 6.99
C GLU A 11 4.20 14.20 7.76
N PHE A 12 4.84 13.22 7.12
CA PHE A 12 5.10 11.94 7.77
C PHE A 12 6.32 12.02 8.67
N LYS A 13 7.23 12.95 8.38
CA LYS A 13 8.41 13.12 9.19
C LYS A 13 8.00 13.64 10.57
N ASP A 14 6.99 14.50 10.58
CA ASP A 14 6.47 15.05 11.82
C ASP A 14 5.73 13.94 12.58
N ALA A 15 4.93 13.18 11.84
CA ALA A 15 4.19 12.07 12.41
C ALA A 15 5.15 10.98 12.86
N PHE A 16 6.39 11.07 12.38
CA PHE A 16 7.42 10.10 12.72
C PHE A 16 7.98 10.37 14.11
N VAL A 17 8.37 11.61 14.35
CA VAL A 17 8.93 11.99 15.64
C VAL A 17 7.87 11.86 16.74
N GLN A 18 6.62 11.96 16.34
CA GLN A 18 5.51 11.85 17.28
C GLN A 18 5.50 10.47 17.94
N PHE A 19 6.01 9.47 17.24
CA PHE A 19 6.06 8.11 17.75
C PHE A 19 7.46 7.72 18.20
N ASP A 20 8.30 8.73 18.41
CA ASP A 20 9.68 8.49 18.86
C ASP A 20 9.72 8.25 20.36
N LYS A 21 9.86 6.98 20.76
CA LYS A 21 9.90 6.64 22.18
C LYS A 21 11.33 6.47 22.68
N GLU A 22 12.07 5.57 22.05
CA GLU A 22 13.45 5.31 22.44
C GLU A 22 14.29 6.59 22.43
N GLY A 23 14.15 7.37 21.38
CA GLY A 23 14.89 8.62 21.27
C GLY A 23 16.11 8.50 20.38
N THR A 24 16.33 7.31 19.83
CA THR A 24 17.47 7.07 18.96
C THR A 24 17.18 7.52 17.53
N GLY A 25 16.40 8.59 17.40
CA GLY A 25 16.04 9.09 16.08
C GLY A 25 15.28 8.05 15.28
N LYS A 26 14.79 7.04 15.98
CA LYS A 26 14.03 5.96 15.38
C LYS A 26 12.77 5.67 16.18
N ILE A 27 11.78 5.08 15.53
CA ILE A 27 10.52 4.76 16.19
C ILE A 27 10.27 3.26 16.21
N ALA A 28 9.47 2.80 17.16
CA ALA A 28 9.15 1.39 17.30
C ALA A 28 8.38 0.88 16.09
N THR A 29 8.80 -0.26 15.54
CA THR A 29 8.16 -0.87 14.38
C THR A 29 6.73 -1.27 14.69
N ARG A 30 6.47 -1.64 15.93
CA ARG A 30 5.14 -2.05 16.36
C ARG A 30 4.15 -0.89 16.28
N GLU A 31 4.69 0.32 16.08
CA GLU A 31 3.86 1.51 15.97
C GLU A 31 3.77 1.97 14.52
N LEU A 32 4.63 1.40 13.68
CA LEU A 32 4.65 1.76 12.26
C LEU A 32 3.25 1.65 11.65
N GLY A 33 2.51 0.64 12.08
CA GLY A 33 1.16 0.45 11.58
C GLY A 33 0.27 1.64 11.89
N THR A 34 0.37 2.13 13.11
CA THR A 34 -0.42 3.28 13.54
C THR A 34 -0.11 4.48 12.65
N LEU A 35 1.12 4.53 12.16
CA LEU A 35 1.56 5.61 11.29
C LEU A 35 0.93 5.47 9.90
N MET A 36 0.84 4.23 9.43
CA MET A 36 0.25 3.95 8.13
C MET A 36 -1.22 4.36 8.10
N ARG A 37 -1.85 4.31 9.26
CA ARG A 37 -3.27 4.68 9.37
C ARG A 37 -3.45 6.19 9.33
N THR A 38 -2.71 6.90 10.18
CA THR A 38 -2.80 8.36 10.24
C THR A 38 -2.25 9.01 8.97
N LEU A 39 -1.53 8.22 8.18
CA LEU A 39 -0.94 8.72 6.93
C LEU A 39 -1.57 8.03 5.73
N GLY A 40 -1.50 8.70 4.57
CA GLY A 40 -2.07 8.16 3.35
C GLY A 40 -1.58 6.76 2.98
N GLN A 41 -0.59 6.25 3.70
CA GLN A 41 -0.06 4.92 3.40
C GLN A 41 -1.07 3.84 3.76
N ASN A 42 -0.78 2.61 3.35
CA ASN A 42 -1.66 1.47 3.62
C ASN A 42 -1.02 0.17 3.15
N PRO A 43 0.00 -0.33 3.87
CA PRO A 43 0.68 -1.58 3.51
C PRO A 43 -0.21 -2.80 3.68
N THR A 44 0.32 -3.96 3.33
CA THR A 44 -0.44 -5.21 3.46
C THR A 44 -0.17 -5.86 4.81
N GLU A 45 -1.19 -6.52 5.37
CA GLU A 45 -1.05 -7.17 6.66
C GLU A 45 0.25 -7.97 6.74
N ALA A 46 0.51 -8.77 5.71
CA ALA A 46 1.71 -9.60 5.67
C ALA A 46 2.96 -8.75 5.49
N GLU A 47 2.82 -7.63 4.79
CA GLU A 47 3.95 -6.74 4.55
C GLU A 47 4.45 -6.14 5.86
N LEU A 48 3.52 -5.65 6.66
CA LEU A 48 3.85 -5.05 7.95
C LEU A 48 4.48 -6.10 8.87
N GLN A 49 3.97 -7.31 8.79
CA GLN A 49 4.46 -8.42 9.60
C GLN A 49 5.82 -8.89 9.10
N ASP A 50 6.08 -8.67 7.81
CA ASP A 50 7.33 -9.08 7.21
C ASP A 50 8.49 -8.24 7.72
N LEU A 51 8.35 -6.92 7.60
CA LEU A 51 9.40 -6.02 8.07
C LEU A 51 9.67 -6.23 9.55
N ILE A 52 8.60 -6.38 10.33
CA ILE A 52 8.74 -6.59 11.76
C ILE A 52 9.34 -7.95 12.06
N ALA A 53 9.03 -8.94 11.24
CA ALA A 53 9.56 -10.27 11.45
C ALA A 53 11.07 -10.29 11.34
N GLU A 54 11.60 -9.44 10.48
CA GLU A 54 13.04 -9.36 10.28
C GLU A 54 13.71 -8.51 11.36
N ALA A 55 13.12 -7.37 11.67
CA ALA A 55 13.66 -6.45 12.68
C ALA A 55 13.31 -6.89 14.10
N GLU A 56 12.36 -7.82 14.22
CA GLU A 56 11.92 -8.30 15.53
C GLU A 56 13.10 -8.82 16.35
N ASN A 57 14.02 -9.50 15.69
CA ASN A 57 15.19 -10.06 16.36
C ASN A 57 16.48 -9.43 15.85
N ASN A 58 16.78 -8.23 16.34
CA ASN A 58 17.98 -7.50 15.96
C ASN A 58 18.07 -6.19 16.74
N ASN A 59 16.89 -5.66 17.06
CA ASN A 59 16.79 -4.42 17.82
C ASN A 59 15.50 -4.42 18.64
N ASN A 60 15.33 -3.43 19.51
CA ASN A 60 14.13 -3.35 20.32
C ASN A 60 12.91 -3.13 19.42
N GLY A 61 13.19 -3.00 18.13
CA GLY A 61 12.13 -2.78 17.17
C GLY A 61 12.06 -1.32 16.76
N GLN A 62 13.19 -0.80 16.30
CA GLN A 62 13.28 0.60 15.87
C GLN A 62 13.56 0.70 14.38
N LEU A 63 13.17 1.83 13.79
CA LEU A 63 13.38 2.07 12.36
C LEU A 63 13.72 3.54 12.11
N ASN A 64 14.38 3.80 10.98
CA ASN A 64 14.82 5.15 10.63
C ASN A 64 14.02 5.72 9.48
N PHE A 65 14.01 7.04 9.41
CA PHE A 65 13.30 7.78 8.38
C PHE A 65 13.42 7.10 7.01
N THR A 66 14.58 6.51 6.73
CA THR A 66 14.81 5.83 5.47
C THR A 66 13.87 4.64 5.29
N GLU A 67 13.74 3.84 6.34
CA GLU A 67 12.88 2.66 6.30
C GLU A 67 11.43 3.04 5.99
N PHE A 68 10.87 3.94 6.79
CA PHE A 68 9.48 4.37 6.58
C PHE A 68 9.31 5.04 5.23
N CYS A 69 10.11 6.08 4.98
CA CYS A 69 10.03 6.81 3.72
C CYS A 69 10.22 5.88 2.54
N GLY A 70 10.97 4.80 2.75
CA GLY A 70 11.19 3.84 1.69
C GLY A 70 9.90 3.20 1.26
N ILE A 71 9.20 2.63 2.22
CA ILE A 71 7.93 2.00 1.95
C ILE A 71 6.92 3.03 1.50
N MET A 72 7.10 4.25 1.96
CA MET A 72 6.20 5.33 1.62
C MET A 72 6.35 5.64 0.15
N ALA A 73 7.60 5.70 -0.28
CA ALA A 73 7.91 5.95 -1.68
C ALA A 73 7.12 4.99 -2.56
N LYS A 74 7.08 3.73 -2.13
CA LYS A 74 6.33 2.71 -2.86
C LYS A 74 4.85 3.02 -2.79
N GLN A 75 4.35 3.23 -1.57
CA GLN A 75 2.93 3.54 -1.35
C GLN A 75 2.51 4.79 -2.13
N MET A 76 3.46 5.67 -2.43
CA MET A 76 3.17 6.88 -3.18
C MET A 76 2.87 6.54 -4.64
N ARG A 77 3.75 5.74 -5.23
CA ARG A 77 3.60 5.30 -6.61
C ARG A 77 2.41 4.36 -6.75
N GLU A 78 1.90 3.89 -5.60
CA GLU A 78 0.77 2.96 -5.55
C GLU A 78 1.22 1.54 -5.90
N THR A 79 1.47 0.74 -4.88
CA THR A 79 1.91 -0.64 -5.08
C THR A 79 0.89 -1.63 -4.53
N ASP A 80 -0.39 -1.26 -4.60
CA ASP A 80 -1.46 -2.13 -4.13
C ASP A 80 -1.52 -3.41 -4.96
N THR A 81 -1.03 -4.51 -4.40
CA THR A 81 -1.03 -5.79 -5.09
C THR A 81 -0.19 -5.70 -6.36
N GLU A 82 0.63 -4.66 -6.45
CA GLU A 82 1.49 -4.44 -7.60
C GLU A 82 2.69 -5.38 -7.56
N GLU A 83 3.10 -5.78 -6.36
CA GLU A 83 4.23 -6.68 -6.19
C GLU A 83 4.02 -7.98 -6.96
N GLU A 84 2.77 -8.41 -7.04
CA GLU A 84 2.43 -9.64 -7.74
C GLU A 84 2.36 -9.41 -9.24
N MET A 85 2.26 -8.14 -9.64
CA MET A 85 2.17 -7.79 -11.04
C MET A 85 3.56 -7.78 -11.66
N ARG A 86 4.47 -7.09 -10.99
CA ARG A 86 5.85 -7.02 -11.43
C ARG A 86 6.48 -8.41 -11.38
N GLU A 87 6.09 -9.18 -10.38
CA GLU A 87 6.61 -10.55 -10.23
C GLU A 87 6.17 -11.39 -11.41
N ALA A 88 4.90 -11.21 -11.81
CA ALA A 88 4.35 -11.93 -12.94
C ALA A 88 5.07 -11.53 -14.22
N PHE A 89 5.46 -10.25 -14.28
CA PHE A 89 6.18 -9.73 -15.43
C PHE A 89 7.49 -10.47 -15.62
N LYS A 90 8.18 -10.73 -14.50
CA LYS A 90 9.45 -11.45 -14.53
C LYS A 90 9.26 -12.84 -15.11
N ILE A 91 8.23 -13.53 -14.63
CA ILE A 91 7.93 -14.89 -15.08
C ILE A 91 7.78 -14.93 -16.61
N PHE A 92 7.01 -13.99 -17.15
CA PHE A 92 6.78 -13.94 -18.58
C PHE A 92 8.05 -13.51 -19.32
N ASP A 93 8.97 -12.89 -18.60
CA ASP A 93 10.22 -12.45 -19.20
C ASP A 93 11.26 -13.57 -19.10
N ARG A 94 11.30 -14.40 -20.13
CA ARG A 94 12.21 -15.54 -20.17
C ARG A 94 13.67 -15.09 -20.24
N ASP A 95 13.91 -13.78 -20.24
CA ASP A 95 15.26 -13.25 -20.29
C ASP A 95 15.47 -12.20 -19.22
N GLY A 96 16.72 -11.77 -19.07
CA GLY A 96 17.05 -10.75 -18.09
C GLY A 96 17.19 -9.38 -18.72
N ASP A 97 16.88 -9.31 -20.01
CA ASP A 97 16.97 -8.07 -20.76
C ASP A 97 16.14 -6.95 -20.11
N GLY A 98 14.99 -7.33 -19.57
CA GLY A 98 14.13 -6.35 -18.93
C GLY A 98 12.84 -6.12 -19.69
N PHE A 99 12.71 -6.80 -20.83
CA PHE A 99 11.52 -6.69 -21.67
C PHE A 99 11.09 -8.06 -22.19
N ILE A 100 9.82 -8.18 -22.54
CA ILE A 100 9.28 -9.45 -23.03
C ILE A 100 8.89 -9.37 -24.50
N SER A 101 9.11 -10.47 -25.23
CA SER A 101 8.78 -10.55 -26.64
C SER A 101 7.68 -11.59 -26.88
N PRO A 102 6.92 -11.46 -27.98
CA PRO A 102 5.84 -12.40 -28.31
C PRO A 102 6.26 -13.86 -28.13
N ALA A 103 7.47 -14.19 -28.56
CA ALA A 103 7.98 -15.55 -28.44
C ALA A 103 7.98 -16.00 -26.99
N GLU A 104 8.46 -15.12 -26.12
CA GLU A 104 8.52 -15.40 -24.70
C GLU A 104 7.11 -15.57 -24.14
N LEU A 105 6.29 -14.56 -24.38
CA LEU A 105 4.90 -14.57 -23.93
C LEU A 105 4.19 -15.82 -24.43
N ARG A 106 4.68 -16.36 -25.54
CA ARG A 106 4.10 -17.54 -26.16
C ARG A 106 4.32 -18.79 -25.32
N PHE A 107 5.58 -19.03 -24.94
CA PHE A 107 5.93 -20.19 -24.15
C PHE A 107 5.44 -20.09 -22.71
N VAL A 108 5.21 -18.87 -22.23
CA VAL A 108 4.76 -18.66 -20.87
C VAL A 108 3.25 -18.88 -20.72
N MET A 109 2.46 -18.31 -21.62
CA MET A 109 1.01 -18.47 -21.55
C MET A 109 0.64 -19.95 -21.56
N ILE A 110 1.50 -20.77 -22.16
CA ILE A 110 1.29 -22.20 -22.21
C ILE A 110 1.55 -22.82 -20.84
N ASN A 111 2.49 -22.23 -20.12
CA ASN A 111 2.85 -22.69 -18.78
C ASN A 111 1.66 -22.56 -17.83
N LEU A 112 0.84 -21.56 -18.08
CA LEU A 112 -0.33 -21.31 -17.25
C LEU A 112 -1.52 -22.14 -17.74
N GLY A 113 -1.38 -22.69 -18.93
CA GLY A 113 -2.43 -23.51 -19.51
C GLY A 113 -3.24 -22.76 -20.56
N GLU A 114 -2.85 -21.52 -20.82
CA GLU A 114 -3.54 -20.69 -21.82
C GLU A 114 -2.96 -20.92 -23.21
N LYS A 115 -3.74 -21.57 -24.08
CA LYS A 115 -3.30 -21.83 -25.44
C LYS A 115 -3.46 -20.60 -26.31
N VAL A 116 -2.34 -20.07 -26.80
CA VAL A 116 -2.35 -18.88 -27.65
C VAL A 116 -1.36 -18.99 -28.80
N THR A 117 -1.63 -18.24 -29.86
CA THR A 117 -0.77 -18.22 -31.02
C THR A 117 0.04 -16.93 -31.05
N ASP A 118 1.25 -17.00 -31.58
CA ASP A 118 2.13 -15.83 -31.65
C ASP A 118 1.42 -14.63 -32.26
N GLU A 119 0.32 -14.87 -32.98
CA GLU A 119 -0.41 -13.79 -33.63
C GLU A 119 -1.33 -13.05 -32.65
N GLU A 120 -2.22 -13.78 -31.98
CA GLU A 120 -3.15 -13.18 -31.04
C GLU A 120 -2.43 -12.44 -29.91
N ILE A 121 -1.39 -13.05 -29.37
CA ILE A 121 -0.65 -12.44 -28.28
C ILE A 121 0.21 -11.27 -28.77
N ASP A 122 0.80 -11.40 -29.95
CA ASP A 122 1.61 -10.32 -30.50
C ASP A 122 0.78 -9.06 -30.59
N GLU A 123 -0.51 -9.23 -30.87
CA GLU A 123 -1.43 -8.11 -30.97
C GLU A 123 -1.63 -7.47 -29.61
N MET A 124 -1.82 -8.30 -28.59
CA MET A 124 -2.00 -7.81 -27.23
C MET A 124 -0.74 -7.06 -26.79
N ILE A 125 0.40 -7.49 -27.33
CA ILE A 125 1.68 -6.88 -27.02
C ILE A 125 1.89 -5.59 -27.81
N ARG A 126 1.31 -5.54 -29.01
CA ARG A 126 1.43 -4.36 -29.88
C ARG A 126 0.57 -3.23 -29.33
N GLU A 127 -0.53 -3.62 -28.70
CA GLU A 127 -1.45 -2.66 -28.12
C GLU A 127 -0.91 -2.15 -26.79
N ALA A 128 -0.21 -3.01 -26.07
CA ALA A 128 0.37 -2.65 -24.78
C ALA A 128 1.74 -2.01 -24.95
N ASP A 129 2.33 -2.14 -26.13
CA ASP A 129 3.64 -1.57 -26.41
C ASP A 129 3.53 -0.13 -26.90
N PHE A 130 3.91 0.80 -26.03
CA PHE A 130 3.85 2.22 -26.36
C PHE A 130 5.19 2.70 -26.92
N ASP A 131 6.27 2.05 -26.51
CA ASP A 131 7.61 2.41 -26.96
C ASP A 131 7.74 2.26 -28.48
N GLY A 132 7.34 1.10 -28.98
CA GLY A 132 7.41 0.83 -30.41
C GLY A 132 8.53 -0.11 -30.76
N ASP A 133 8.80 -1.08 -29.89
CA ASP A 133 9.86 -2.06 -30.13
C ASP A 133 9.33 -3.48 -30.07
N GLY A 134 8.03 -3.63 -29.81
CA GLY A 134 7.43 -4.94 -29.73
C GLY A 134 7.84 -5.69 -28.49
N MET A 135 8.26 -4.95 -27.46
CA MET A 135 8.69 -5.56 -26.20
C MET A 135 7.86 -5.00 -25.05
N ILE A 136 7.76 -5.77 -23.96
CA ILE A 136 6.98 -5.35 -22.80
C ILE A 136 7.85 -5.11 -21.57
N ASN A 137 7.61 -4.00 -20.91
CA ASN A 137 8.34 -3.62 -19.69
C ASN A 137 7.36 -3.57 -18.52
N TYR A 138 7.86 -3.67 -17.30
CA TYR A 138 6.99 -3.64 -16.12
C TYR A 138 5.86 -2.61 -16.29
N GLU A 139 6.10 -1.59 -17.10
CA GLU A 139 5.09 -0.56 -17.35
C GLU A 139 4.06 -1.04 -18.37
N GLU A 140 4.56 -1.49 -19.52
CA GLU A 140 3.69 -1.98 -20.59
C GLU A 140 2.92 -3.20 -20.10
N PHE A 141 3.54 -3.97 -19.22
CA PHE A 141 2.94 -5.18 -18.67
C PHE A 141 1.75 -4.82 -17.77
N VAL A 142 2.01 -3.97 -16.78
CA VAL A 142 0.97 -3.53 -15.86
C VAL A 142 -0.24 -2.99 -16.60
N TRP A 143 0.00 -2.36 -17.73
CA TRP A 143 -1.07 -1.78 -18.53
C TRP A 143 -1.99 -2.86 -19.10
N MET A 144 -1.41 -3.87 -19.74
CA MET A 144 -2.20 -4.93 -20.36
C MET A 144 -2.78 -5.90 -19.33
N ILE A 145 -2.02 -6.23 -18.31
CA ILE A 145 -2.49 -7.17 -17.29
C ILE A 145 -3.68 -6.61 -16.52
N SER A 146 -3.71 -5.30 -16.35
CA SER A 146 -4.82 -4.65 -15.63
C SER A 146 -6.12 -4.79 -16.41
N GLN A 147 -5.99 -5.18 -17.69
CA GLN A 147 -7.15 -5.34 -18.55
C GLN A 147 -7.65 -6.78 -18.52
N LYS A 148 -6.83 -7.69 -18.00
CA LYS A 148 -7.19 -9.09 -17.91
C LYS A 148 -8.16 -9.34 -16.77
CA CA B . 13.08 -10.98 -22.55
CA CA C . 8.23 -1.80 -25.49
N SER A 2 0.93 13.00 -2.16
CA SER A 2 1.81 11.91 -2.65
C SER A 2 3.20 12.45 -2.99
N GLU A 3 4.08 11.55 -3.42
CA GLU A 3 5.45 11.92 -3.77
C GLU A 3 6.20 12.50 -2.58
N LEU A 4 7.47 12.83 -2.78
CA LEU A 4 8.29 13.40 -1.71
C LEU A 4 8.51 14.89 -1.91
N THR A 5 7.50 15.68 -1.59
CA THR A 5 7.58 17.13 -1.73
C THR A 5 7.89 17.79 -0.38
N GLU A 6 8.24 19.07 -0.39
CA GLU A 6 8.56 19.79 0.84
C GLU A 6 7.49 19.58 1.90
N GLU A 7 6.22 19.74 1.52
CA GLU A 7 5.11 19.58 2.45
C GLU A 7 4.93 18.12 2.85
N GLN A 8 4.95 17.23 1.86
CA GLN A 8 4.80 15.80 2.13
C GLN A 8 5.88 15.30 3.07
N ILE A 9 7.12 15.62 2.74
CA ILE A 9 8.26 15.22 3.55
C ILE A 9 8.07 15.62 5.01
N ALA A 10 7.62 16.86 5.22
CA ALA A 10 7.40 17.37 6.56
C ALA A 10 6.13 16.77 7.17
N GLU A 11 5.21 16.32 6.32
CA GLU A 11 3.95 15.75 6.79
C GLU A 11 4.17 14.42 7.52
N PHE A 12 4.81 13.47 6.84
CA PHE A 12 5.04 12.17 7.45
C PHE A 12 6.21 12.22 8.43
N LYS A 13 7.14 13.15 8.21
CA LYS A 13 8.27 13.30 9.10
C LYS A 13 7.77 13.72 10.48
N ASP A 14 6.68 14.48 10.50
CA ASP A 14 6.07 14.92 11.75
C ASP A 14 5.39 13.74 12.43
N ALA A 15 4.54 13.05 11.68
CA ALA A 15 3.83 11.89 12.21
C ALA A 15 4.81 10.80 12.60
N PHE A 16 6.03 10.90 12.08
CA PHE A 16 7.08 9.92 12.35
C PHE A 16 7.74 10.16 13.71
N VAL A 17 8.07 11.42 13.99
CA VAL A 17 8.70 11.77 15.25
C VAL A 17 7.73 11.63 16.41
N GLN A 18 6.44 11.64 16.09
CA GLN A 18 5.40 11.50 17.11
C GLN A 18 5.47 10.13 17.80
N PHE A 19 5.94 9.13 17.06
CA PHE A 19 6.04 7.77 17.60
C PHE A 19 7.43 7.48 18.12
N ASP A 20 8.32 8.46 18.04
CA ASP A 20 9.69 8.30 18.52
C ASP A 20 9.69 8.02 20.03
N LYS A 21 9.87 6.76 20.39
CA LYS A 21 9.87 6.36 21.81
C LYS A 21 11.28 6.27 22.37
N GLU A 22 12.06 5.32 21.84
CA GLU A 22 13.43 5.11 22.32
C GLU A 22 14.24 6.40 22.28
N GLY A 23 13.90 7.29 21.34
CA GLY A 23 14.62 8.54 21.22
C GLY A 23 15.96 8.38 20.50
N THR A 24 16.22 7.17 20.04
CA THR A 24 17.46 6.87 19.33
C THR A 24 17.36 7.26 17.86
N GLY A 25 16.51 8.25 17.58
CA GLY A 25 16.34 8.69 16.20
C GLY A 25 15.47 7.72 15.42
N LYS A 26 15.26 6.54 16.00
CA LYS A 26 14.44 5.51 15.37
C LYS A 26 13.20 5.22 16.22
N ILE A 27 12.16 4.70 15.58
CA ILE A 27 10.92 4.40 16.29
C ILE A 27 10.65 2.90 16.30
N ALA A 28 9.96 2.44 17.34
CA ALA A 28 9.64 1.04 17.48
C ALA A 28 8.68 0.58 16.39
N THR A 29 8.98 -0.56 15.78
CA THR A 29 8.14 -1.12 14.72
C THR A 29 6.72 -1.38 15.19
N ARG A 30 6.56 -1.47 16.51
CA ARG A 30 5.25 -1.71 17.11
C ARG A 30 4.40 -0.44 17.09
N GLU A 31 4.94 0.62 16.52
CA GLU A 31 4.23 1.90 16.45
C GLU A 31 4.03 2.35 15.01
N LEU A 32 4.91 1.93 14.11
CA LEU A 32 4.81 2.32 12.71
C LEU A 32 3.49 1.88 12.09
N GLY A 33 2.99 0.72 12.50
CA GLY A 33 1.73 0.24 11.95
C GLY A 33 0.64 1.29 12.04
N THR A 34 0.51 1.88 13.23
CA THR A 34 -0.49 2.92 13.45
C THR A 34 -0.09 4.21 12.72
N LEU A 35 1.20 4.31 12.39
CA LEU A 35 1.72 5.48 11.69
C LEU A 35 1.39 5.41 10.21
N MET A 36 1.36 4.19 9.66
CA MET A 36 1.05 4.00 8.27
C MET A 36 -0.44 4.05 8.02
N ARG A 37 -1.24 3.72 9.04
CA ARG A 37 -2.69 3.77 8.91
C ARG A 37 -3.19 5.21 8.98
N THR A 38 -2.57 6.01 9.83
CA THR A 38 -2.94 7.42 9.97
C THR A 38 -2.54 8.21 8.72
N LEU A 39 -1.70 7.58 7.90
CA LEU A 39 -1.22 8.17 6.66
C LEU A 39 -1.77 7.39 5.47
N GLY A 40 -1.83 8.04 4.31
CA GLY A 40 -2.36 7.42 3.11
C GLY A 40 -1.54 6.26 2.57
N GLN A 41 -0.78 5.57 3.42
CA GLN A 41 0.02 4.42 2.98
C GLN A 41 -0.83 3.16 2.96
N ASN A 42 -1.19 2.68 4.15
CA ASN A 42 -2.02 1.48 4.29
C ASN A 42 -1.33 0.25 3.67
N PRO A 43 -0.23 -0.22 4.26
CA PRO A 43 0.49 -1.40 3.77
C PRO A 43 -0.36 -2.66 3.88
N THR A 44 0.15 -3.76 3.32
CA THR A 44 -0.56 -5.03 3.38
C THR A 44 -0.35 -5.70 4.72
N GLU A 45 -1.40 -6.31 5.27
CA GLU A 45 -1.32 -6.98 6.57
C GLU A 45 -0.01 -7.77 6.70
N ALA A 46 0.27 -8.60 5.70
CA ALA A 46 1.48 -9.41 5.71
C ALA A 46 2.73 -8.54 5.69
N GLU A 47 2.75 -7.55 4.80
CA GLU A 47 3.89 -6.65 4.68
C GLU A 47 4.22 -5.99 6.02
N LEU A 48 3.19 -5.50 6.70
CA LEU A 48 3.35 -4.86 8.00
C LEU A 48 4.03 -5.81 8.98
N GLN A 49 3.51 -7.03 9.06
CA GLN A 49 4.05 -8.05 9.96
C GLN A 49 5.45 -8.48 9.54
N ASP A 50 5.72 -8.42 8.25
CA ASP A 50 7.02 -8.82 7.73
C ASP A 50 8.11 -7.88 8.22
N LEU A 51 7.85 -6.59 8.11
CA LEU A 51 8.80 -5.59 8.55
C LEU A 51 9.05 -5.72 10.05
N ILE A 52 7.99 -6.01 10.80
CA ILE A 52 8.09 -6.18 12.24
C ILE A 52 8.89 -7.44 12.57
N ALA A 53 8.85 -8.42 11.67
CA ALA A 53 9.55 -9.67 11.88
C ALA A 53 11.06 -9.51 11.75
N GLU A 54 11.50 -8.73 10.78
CA GLU A 54 12.93 -8.51 10.56
C GLU A 54 13.54 -7.77 11.75
N ALA A 55 12.92 -6.66 12.12
CA ALA A 55 13.40 -5.84 13.23
C ALA A 55 12.99 -6.44 14.58
N GLU A 56 12.06 -7.40 14.54
CA GLU A 56 11.56 -8.04 15.75
C GLU A 56 12.69 -8.35 16.74
N ASN A 57 13.68 -9.07 16.26
CA ASN A 57 14.81 -9.45 17.09
C ASN A 57 16.14 -9.06 16.43
N ASN A 58 16.41 -7.76 16.42
CA ASN A 58 17.64 -7.25 15.82
C ASN A 58 18.08 -5.95 16.50
N ASN A 59 17.11 -5.22 17.05
CA ASN A 59 17.39 -3.97 17.73
C ASN A 59 16.15 -3.44 18.46
N ASN A 60 15.48 -4.33 19.19
CA ASN A 60 14.27 -3.95 19.93
C ASN A 60 13.15 -3.58 18.94
N GLY A 61 13.45 -3.69 17.66
CA GLY A 61 12.47 -3.33 16.65
C GLY A 61 12.41 -1.85 16.45
N GLN A 62 13.39 -1.30 15.73
CA GLN A 62 13.45 0.13 15.49
C GLN A 62 13.49 0.43 13.98
N LEU A 63 13.07 1.64 13.60
CA LEU A 63 13.04 2.03 12.20
C LEU A 63 13.66 3.41 12.01
N ASN A 64 14.16 3.66 10.81
CA ASN A 64 14.79 4.94 10.50
C ASN A 64 13.96 5.72 9.50
N PHE A 65 14.14 7.04 9.50
CA PHE A 65 13.42 7.92 8.59
C PHE A 65 13.40 7.35 7.17
N THR A 66 14.55 6.88 6.70
CA THR A 66 14.66 6.32 5.37
C THR A 66 13.84 5.03 5.22
N GLU A 67 13.65 4.32 6.33
CA GLU A 67 12.87 3.09 6.32
C GLU A 67 11.40 3.38 6.02
N PHE A 68 10.80 4.25 6.85
CA PHE A 68 9.41 4.62 6.64
C PHE A 68 9.25 5.34 5.33
N CYS A 69 10.02 6.41 5.15
CA CYS A 69 9.98 7.19 3.93
C CYS A 69 10.20 6.28 2.73
N GLY A 70 11.00 5.24 2.94
CA GLY A 70 11.29 4.28 1.89
C GLY A 70 10.01 3.68 1.33
N ILE A 71 9.22 3.10 2.24
CA ILE A 71 7.94 2.49 1.86
C ILE A 71 6.95 3.56 1.44
N MET A 72 7.15 4.77 1.94
CA MET A 72 6.25 5.87 1.62
C MET A 72 6.46 6.27 0.18
N ALA A 73 7.68 6.08 -0.29
CA ALA A 73 8.02 6.39 -1.65
C ALA A 73 7.37 5.36 -2.56
N LYS A 74 7.41 4.11 -2.11
CA LYS A 74 6.83 2.99 -2.83
C LYS A 74 5.30 3.07 -2.83
N GLN A 75 4.74 3.49 -1.71
CA GLN A 75 3.29 3.61 -1.56
C GLN A 75 2.77 4.84 -2.28
N MET A 76 3.33 6.01 -1.97
CA MET A 76 2.90 7.26 -2.59
C MET A 76 3.03 7.19 -4.11
N ARG A 77 3.96 6.37 -4.60
CA ARG A 77 4.17 6.23 -6.04
C ARG A 77 2.94 5.61 -6.70
N GLU A 78 2.36 4.60 -6.04
CA GLU A 78 1.19 3.91 -6.57
C GLU A 78 0.06 4.89 -6.87
N THR A 79 -0.83 5.08 -5.91
CA THR A 79 -1.96 6.00 -6.08
C THR A 79 -2.55 6.40 -4.73
N ASP A 80 -3.09 5.41 -4.01
CA ASP A 80 -3.70 5.63 -2.70
C ASP A 80 -4.57 6.89 -2.69
N THR A 81 -5.55 6.94 -3.59
CA THR A 81 -6.44 8.08 -3.68
C THR A 81 -7.89 7.67 -3.43
N GLU A 82 -8.08 6.43 -2.99
CA GLU A 82 -9.42 5.91 -2.72
C GLU A 82 -10.09 6.70 -1.60
N GLU A 83 -9.30 7.44 -0.84
CA GLU A 83 -9.82 8.25 0.26
C GLU A 83 -10.71 9.37 -0.26
N GLU A 84 -10.37 9.91 -1.43
CA GLU A 84 -11.12 10.99 -2.04
C GLU A 84 -12.46 10.49 -2.59
N MET A 85 -12.51 9.21 -2.96
CA MET A 85 -13.72 8.63 -3.51
C MET A 85 -14.68 8.29 -2.39
N ARG A 86 -14.15 7.73 -1.31
CA ARG A 86 -14.97 7.39 -0.16
C ARG A 86 -15.56 8.65 0.45
N GLU A 87 -14.81 9.74 0.36
CA GLU A 87 -15.25 11.02 0.87
C GLU A 87 -16.46 11.51 0.08
N ALA A 88 -16.35 11.45 -1.24
CA ALA A 88 -17.44 11.87 -2.12
C ALA A 88 -18.69 11.05 -1.86
N PHE A 89 -18.50 9.76 -1.59
CA PHE A 89 -19.62 8.87 -1.30
C PHE A 89 -20.37 9.35 -0.07
N LYS A 90 -19.61 9.74 0.96
CA LYS A 90 -20.18 10.23 2.20
C LYS A 90 -20.98 11.52 1.98
N ILE A 91 -20.41 12.43 1.21
CA ILE A 91 -21.06 13.70 0.91
C ILE A 91 -22.32 13.47 0.08
N PHE A 92 -22.24 12.53 -0.85
CA PHE A 92 -23.37 12.20 -1.70
C PHE A 92 -24.45 11.49 -0.91
N ASP A 93 -24.09 11.04 0.29
CA ASP A 93 -25.03 10.35 1.17
C ASP A 93 -25.37 11.21 2.37
N ARG A 94 -26.38 12.04 2.21
CA ARG A 94 -26.83 12.93 3.27
C ARG A 94 -27.26 12.13 4.50
N ASP A 95 -27.51 10.83 4.31
CA ASP A 95 -27.92 9.97 5.41
C ASP A 95 -26.72 9.23 5.99
N GLY A 96 -26.90 8.71 7.21
CA GLY A 96 -25.85 7.97 7.88
C GLY A 96 -26.04 6.48 7.78
N ASP A 97 -27.06 6.06 7.02
CA ASP A 97 -27.36 4.64 6.85
C ASP A 97 -26.19 3.90 6.22
N GLY A 98 -25.57 4.51 5.21
CA GLY A 98 -24.45 3.89 4.55
C GLY A 98 -24.72 3.59 3.08
N PHE A 99 -25.84 4.09 2.57
CA PHE A 99 -26.21 3.88 1.17
C PHE A 99 -26.86 5.13 0.58
N ILE A 100 -26.79 5.28 -0.73
CA ILE A 100 -27.36 6.44 -1.41
C ILE A 100 -28.52 6.04 -2.32
N SER A 101 -29.54 6.89 -2.34
CA SER A 101 -30.72 6.64 -3.17
C SER A 101 -30.84 7.69 -4.26
N PRO A 102 -31.51 7.39 -5.39
CA PRO A 102 -31.68 8.33 -6.50
C PRO A 102 -32.04 9.73 -6.01
N ALA A 103 -32.84 9.79 -4.95
CA ALA A 103 -33.27 11.06 -4.38
C ALA A 103 -32.08 11.85 -3.84
N GLU A 104 -31.28 11.20 -3.00
CA GLU A 104 -30.11 11.83 -2.41
C GLU A 104 -29.06 12.15 -3.47
N LEU A 105 -28.90 11.25 -4.43
CA LEU A 105 -27.91 11.42 -5.48
C LEU A 105 -28.12 12.70 -6.26
N ARG A 106 -29.32 12.86 -6.81
CA ARG A 106 -29.66 14.04 -7.60
C ARG A 106 -29.52 15.30 -6.75
N PHE A 107 -29.93 15.20 -5.49
CA PHE A 107 -29.86 16.35 -4.59
C PHE A 107 -28.44 16.84 -4.42
N VAL A 108 -27.47 15.92 -4.41
CA VAL A 108 -26.07 16.29 -4.26
C VAL A 108 -25.46 16.79 -5.57
N MET A 109 -25.67 16.03 -6.64
CA MET A 109 -25.14 16.39 -7.95
C MET A 109 -25.58 17.80 -8.34
N ILE A 110 -26.69 18.25 -7.78
CA ILE A 110 -27.20 19.59 -8.05
C ILE A 110 -26.41 20.61 -7.23
N ASN A 111 -26.01 20.19 -6.03
CA ASN A 111 -25.25 21.06 -5.13
C ASN A 111 -23.89 21.41 -5.74
N LEU A 112 -23.38 20.51 -6.56
CA LEU A 112 -22.08 20.72 -7.20
C LEU A 112 -22.25 21.40 -8.55
N GLY A 113 -23.49 21.48 -9.03
CA GLY A 113 -23.75 22.12 -10.30
C GLY A 113 -23.81 21.15 -11.46
N GLU A 114 -23.75 19.85 -11.15
CA GLU A 114 -23.79 18.82 -12.18
C GLU A 114 -25.16 18.76 -12.85
N LYS A 115 -26.21 18.76 -12.03
CA LYS A 115 -27.58 18.71 -12.53
C LYS A 115 -27.81 17.43 -13.34
N VAL A 116 -28.56 16.49 -12.76
CA VAL A 116 -28.83 15.22 -13.43
C VAL A 116 -30.32 14.94 -13.53
N THR A 117 -30.67 14.10 -14.49
CA THR A 117 -32.04 13.68 -14.66
C THR A 117 -32.28 12.42 -13.84
N ASP A 118 -33.32 12.43 -13.01
CA ASP A 118 -33.64 11.28 -12.16
C ASP A 118 -33.43 9.95 -12.88
N GLU A 119 -33.63 9.95 -14.20
CA GLU A 119 -33.49 8.73 -14.99
C GLU A 119 -32.04 8.40 -15.31
N GLU A 120 -31.24 9.42 -15.65
CA GLU A 120 -29.84 9.18 -16.01
C GLU A 120 -29.04 8.57 -14.86
N ILE A 121 -29.17 9.14 -13.66
CA ILE A 121 -28.43 8.63 -12.52
C ILE A 121 -29.05 7.37 -11.96
N ASP A 122 -30.38 7.26 -12.01
CA ASP A 122 -31.04 6.06 -11.51
C ASP A 122 -30.49 4.83 -12.22
N GLU A 123 -30.21 4.99 -13.51
CA GLU A 123 -29.65 3.91 -14.32
C GLU A 123 -28.22 3.63 -13.88
N MET A 124 -27.45 4.70 -13.69
CA MET A 124 -26.07 4.57 -13.24
C MET A 124 -25.99 3.79 -11.93
N ILE A 125 -27.00 3.99 -11.09
CA ILE A 125 -27.06 3.31 -9.80
C ILE A 125 -27.27 1.82 -9.99
N ARG A 126 -28.18 1.47 -10.89
CA ARG A 126 -28.48 0.07 -11.17
C ARG A 126 -27.25 -0.65 -11.74
N GLU A 127 -26.61 -0.02 -12.72
CA GLU A 127 -25.43 -0.59 -13.35
C GLU A 127 -24.35 -0.85 -12.31
N ALA A 128 -24.36 -0.05 -11.24
CA ALA A 128 -23.38 -0.19 -10.17
C ALA A 128 -23.97 -1.01 -9.02
N ASP A 129 -25.28 -1.20 -9.05
CA ASP A 129 -25.96 -1.97 -8.01
C ASP A 129 -25.96 -3.46 -8.34
N PHE A 130 -25.16 -4.21 -7.59
CA PHE A 130 -25.05 -5.65 -7.80
C PHE A 130 -26.12 -6.41 -7.02
N ASP A 131 -26.19 -6.14 -5.71
CA ASP A 131 -27.15 -6.82 -4.84
C ASP A 131 -28.58 -6.61 -5.33
N GLY A 132 -28.84 -5.47 -5.96
CA GLY A 132 -30.18 -5.19 -6.45
C GLY A 132 -31.11 -4.73 -5.34
N ASP A 133 -31.25 -3.41 -5.19
CA ASP A 133 -32.11 -2.84 -4.15
C ASP A 133 -32.48 -1.40 -4.49
N GLY A 134 -31.53 -0.67 -5.08
CA GLY A 134 -31.79 0.71 -5.44
C GLY A 134 -30.96 1.69 -4.62
N MET A 135 -29.91 1.18 -3.98
CA MET A 135 -29.03 2.01 -3.15
C MET A 135 -27.57 1.78 -3.52
N ILE A 136 -26.73 2.78 -3.23
CA ILE A 136 -25.31 2.68 -3.53
C ILE A 136 -24.46 2.64 -2.26
N ASN A 137 -23.50 1.73 -2.24
CA ASN A 137 -22.59 1.57 -1.11
C ASN A 137 -21.17 1.93 -1.55
N TYR A 138 -20.30 2.28 -0.62
CA TYR A 138 -18.92 2.63 -0.95
C TYR A 138 -18.36 1.71 -2.05
N GLU A 139 -18.91 0.51 -2.15
CA GLU A 139 -18.46 -0.45 -3.16
C GLU A 139 -19.07 -0.12 -4.52
N GLU A 140 -20.40 -0.02 -4.57
CA GLU A 140 -21.10 0.29 -5.81
C GLU A 140 -20.68 1.69 -6.30
N PHE A 141 -20.30 2.53 -5.35
CA PHE A 141 -19.87 3.89 -5.64
C PHE A 141 -18.54 3.88 -6.38
N VAL A 142 -17.55 3.24 -5.76
CA VAL A 142 -16.21 3.13 -6.35
C VAL A 142 -16.26 2.66 -7.79
N TRP A 143 -17.14 1.71 -8.07
CA TRP A 143 -17.27 1.16 -9.42
C TRP A 143 -17.77 2.20 -10.42
N MET A 144 -18.90 2.83 -10.12
CA MET A 144 -19.51 3.81 -11.02
C MET A 144 -18.66 5.08 -11.17
N ILE A 145 -18.06 5.53 -10.07
CA ILE A 145 -17.24 6.74 -10.11
C ILE A 145 -16.00 6.55 -10.97
N SER A 146 -15.43 5.36 -10.93
CA SER A 146 -14.23 5.06 -11.70
C SER A 146 -14.53 5.17 -13.20
N GLN A 147 -15.81 5.20 -13.53
CA GLN A 147 -16.25 5.30 -14.92
C GLN A 147 -16.23 6.75 -15.40
N LYS A 148 -16.38 7.68 -14.45
CA LYS A 148 -16.38 9.10 -14.79
C LYS A 148 -15.05 9.52 -15.40
CA CA B . -28.80 7.50 2.43
CA CA C . -27.04 -1.58 -3.94
N SER A 2 1.01 10.98 -5.22
CA SER A 2 1.77 11.78 -4.23
C SER A 2 3.27 11.71 -4.49
N GLU A 3 4.01 12.67 -3.94
CA GLU A 3 5.47 12.71 -4.13
C GLU A 3 6.16 13.20 -2.86
N LEU A 4 7.49 13.19 -2.87
CA LEU A 4 8.27 13.64 -1.73
C LEU A 4 8.47 15.16 -1.77
N THR A 5 7.35 15.88 -1.83
CA THR A 5 7.38 17.34 -1.88
C THR A 5 7.75 17.91 -0.51
N GLU A 6 8.12 19.20 -0.48
CA GLU A 6 8.48 19.86 0.76
C GLU A 6 7.46 19.61 1.87
N GLU A 7 6.19 19.78 1.54
CA GLU A 7 5.10 19.59 2.50
C GLU A 7 4.91 18.11 2.82
N GLN A 8 4.94 17.28 1.80
CA GLN A 8 4.77 15.83 1.98
C GLN A 8 5.84 15.28 2.91
N ILE A 9 7.08 15.65 2.67
CA ILE A 9 8.20 15.20 3.49
C ILE A 9 7.97 15.58 4.95
N ALA A 10 7.67 16.84 5.18
CA ALA A 10 7.43 17.35 6.53
C ALA A 10 6.16 16.75 7.12
N GLU A 11 5.28 16.25 6.26
CA GLU A 11 4.02 15.67 6.70
C GLU A 11 4.22 14.35 7.44
N PHE A 12 4.87 13.39 6.77
CA PHE A 12 5.10 12.09 7.39
C PHE A 12 6.29 12.15 8.34
N LYS A 13 7.20 13.08 8.10
CA LYS A 13 8.36 13.24 8.96
C LYS A 13 7.90 13.68 10.34
N ASP A 14 6.85 14.50 10.37
CA ASP A 14 6.28 14.96 11.62
C ASP A 14 5.59 13.80 12.32
N ALA A 15 4.78 13.06 11.57
CA ALA A 15 4.09 11.90 12.11
C ALA A 15 5.08 10.81 12.49
N PHE A 16 6.32 10.95 12.02
CA PHE A 16 7.37 9.99 12.29
C PHE A 16 7.96 10.20 13.68
N VAL A 17 8.29 11.45 14.01
CA VAL A 17 8.86 11.77 15.30
C VAL A 17 7.83 11.58 16.41
N GLN A 18 6.56 11.67 16.03
CA GLN A 18 5.47 11.50 16.99
C GLN A 18 5.48 10.09 17.57
N PHE A 19 6.12 9.14 16.88
CA PHE A 19 6.18 7.76 17.34
C PHE A 19 7.58 7.39 17.83
N ASP A 20 8.42 8.41 18.04
CA ASP A 20 9.78 8.19 18.51
C ASP A 20 9.79 7.99 20.03
N LYS A 21 9.81 6.73 20.46
CA LYS A 21 9.80 6.40 21.87
C LYS A 21 11.22 6.34 22.45
N GLU A 22 12.04 5.44 21.89
CA GLU A 22 13.41 5.26 22.36
C GLU A 22 14.16 6.59 22.46
N GLY A 23 14.03 7.41 21.42
CA GLY A 23 14.72 8.70 21.42
C GLY A 23 15.94 8.69 20.53
N THR A 24 16.26 7.52 19.98
CA THR A 24 17.40 7.36 19.09
C THR A 24 17.06 7.80 17.67
N GLY A 25 16.14 8.75 17.56
CA GLY A 25 15.74 9.22 16.25
C GLY A 25 15.03 8.15 15.46
N LYS A 26 14.79 7.01 16.11
CA LYS A 26 14.11 5.89 15.48
C LYS A 26 12.84 5.53 16.24
N ILE A 27 11.90 4.91 15.55
CA ILE A 27 10.63 4.51 16.16
C ILE A 27 10.49 3.00 16.18
N ALA A 28 9.75 2.50 17.17
CA ALA A 28 9.55 1.06 17.31
C ALA A 28 8.63 0.54 16.22
N THR A 29 9.04 -0.57 15.58
CA THR A 29 8.25 -1.18 14.52
C THR A 29 6.87 -1.58 15.02
N ARG A 30 6.75 -1.80 16.32
CA ARG A 30 5.48 -2.17 16.93
C ARG A 30 4.48 -1.02 16.82
N GLU A 31 4.96 0.12 16.35
CA GLU A 31 4.13 1.30 16.20
C GLU A 31 4.07 1.74 14.74
N LEU A 32 4.96 1.18 13.92
CA LEU A 32 5.01 1.50 12.51
C LEU A 32 3.64 1.32 11.85
N GLY A 33 3.05 0.14 12.04
CA GLY A 33 1.75 -0.14 11.45
C GLY A 33 0.75 0.97 11.75
N THR A 34 0.70 1.42 13.00
CA THR A 34 -0.20 2.48 13.40
C THR A 34 0.16 3.77 12.66
N LEU A 35 1.44 3.94 12.40
CA LEU A 35 1.95 5.10 11.70
C LEU A 35 1.54 5.04 10.22
N MET A 36 1.23 3.84 9.76
CA MET A 36 0.82 3.62 8.37
C MET A 36 -0.65 3.95 8.17
N ARG A 37 -1.48 3.63 9.15
CA ARG A 37 -2.91 3.89 9.06
C ARG A 37 -3.21 5.38 9.15
N THR A 38 -2.45 6.08 10.00
CA THR A 38 -2.63 7.52 10.17
C THR A 38 -2.08 8.29 8.98
N LEU A 39 -1.29 7.61 8.16
CA LEU A 39 -0.69 8.23 6.98
C LEU A 39 -1.14 7.52 5.70
N GLY A 40 -1.04 8.23 4.57
CA GLY A 40 -1.44 7.66 3.29
C GLY A 40 -1.16 6.18 3.14
N GLN A 41 -0.06 5.70 3.73
CA GLN A 41 0.32 4.29 3.65
C GLN A 41 -0.87 3.37 3.92
N ASN A 42 -0.80 2.15 3.39
CA ASN A 42 -1.86 1.16 3.56
C ASN A 42 -1.43 -0.21 3.05
N PRO A 43 -0.41 -0.83 3.68
CA PRO A 43 0.09 -2.15 3.27
C PRO A 43 -0.89 -3.28 3.59
N THR A 44 -0.40 -4.50 3.54
CA THR A 44 -1.22 -5.67 3.84
C THR A 44 -0.86 -6.25 5.19
N GLU A 45 -1.81 -6.92 5.84
CA GLU A 45 -1.59 -7.51 7.16
C GLU A 45 -0.32 -8.35 7.18
N ALA A 46 -0.15 -9.19 6.17
CA ALA A 46 1.02 -10.07 6.09
C ALA A 46 2.32 -9.27 6.02
N GLU A 47 2.42 -8.37 5.03
CA GLU A 47 3.62 -7.56 4.86
C GLU A 47 3.94 -6.77 6.13
N LEU A 48 2.91 -6.19 6.73
CA LEU A 48 3.07 -5.40 7.95
C LEU A 48 3.64 -6.26 9.08
N GLN A 49 3.18 -7.51 9.15
CA GLN A 49 3.62 -8.44 10.17
C GLN A 49 5.02 -8.98 9.86
N ASP A 50 5.33 -9.10 8.57
CA ASP A 50 6.63 -9.61 8.15
C ASP A 50 7.75 -8.64 8.50
N LEU A 51 7.47 -7.35 8.34
CA LEU A 51 8.45 -6.32 8.63
C LEU A 51 8.67 -6.20 10.13
N ILE A 52 7.57 -6.22 10.89
CA ILE A 52 7.64 -6.09 12.34
C ILE A 52 8.25 -7.33 12.97
N ALA A 53 8.09 -8.48 12.31
CA ALA A 53 8.61 -9.74 12.81
C ALA A 53 10.14 -9.80 12.69
N GLU A 54 10.66 -9.35 11.55
CA GLU A 54 12.10 -9.36 11.33
C GLU A 54 12.80 -8.47 12.34
N ALA A 55 12.30 -7.25 12.51
CA ALA A 55 12.87 -6.30 13.45
C ALA A 55 12.40 -6.59 14.88
N GLU A 56 11.37 -7.43 15.00
CA GLU A 56 10.80 -7.79 16.31
C GLU A 56 11.89 -8.04 17.35
N ASN A 57 12.80 -8.95 17.04
CA ASN A 57 13.90 -9.29 17.95
C ASN A 57 15.19 -8.59 17.55
N ASN A 58 15.20 -8.01 16.35
CA ASN A 58 16.37 -7.31 15.85
C ASN A 58 16.32 -5.83 16.19
N ASN A 59 17.37 -5.36 16.87
CA ASN A 59 17.49 -3.95 17.27
C ASN A 59 16.19 -3.43 17.91
N ASN A 60 15.61 -4.25 18.79
CA ASN A 60 14.37 -3.91 19.50
C ASN A 60 13.28 -3.42 18.56
N GLY A 61 13.48 -3.60 17.26
CA GLY A 61 12.50 -3.16 16.30
C GLY A 61 12.45 -1.65 16.20
N GLN A 62 13.48 -1.06 15.64
CA GLN A 62 13.56 0.40 15.47
C GLN A 62 13.66 0.74 13.98
N LEU A 63 13.24 1.95 13.62
CA LEU A 63 13.27 2.38 12.22
C LEU A 63 13.80 3.81 12.08
N ASN A 64 14.39 4.10 10.94
CA ASN A 64 14.94 5.44 10.68
C ASN A 64 14.14 6.16 9.62
N PHE A 65 14.22 7.49 9.64
CA PHE A 65 13.51 8.32 8.67
C PHE A 65 13.66 7.77 7.25
N THR A 66 14.78 7.11 6.98
CA THR A 66 15.04 6.54 5.68
C THR A 66 14.12 5.36 5.39
N GLU A 67 14.03 4.44 6.34
CA GLU A 67 13.19 3.26 6.18
C GLU A 67 11.72 3.65 5.93
N PHE A 68 11.21 4.56 6.74
CA PHE A 68 9.84 5.00 6.60
C PHE A 68 9.65 5.75 5.28
N CYS A 69 10.52 6.73 5.04
CA CYS A 69 10.46 7.51 3.80
C CYS A 69 10.55 6.59 2.59
N GLY A 70 11.23 5.46 2.79
CA GLY A 70 11.38 4.48 1.74
C GLY A 70 10.05 3.90 1.33
N ILE A 71 9.31 3.41 2.31
CA ILE A 71 8.01 2.85 2.06
C ILE A 71 7.04 3.92 1.60
N MET A 72 7.19 5.10 2.18
CA MET A 72 6.33 6.21 1.85
C MET A 72 6.44 6.47 0.37
N ALA A 73 7.69 6.48 -0.09
CA ALA A 73 8.00 6.68 -1.49
C ALA A 73 7.20 5.72 -2.36
N LYS A 74 7.23 4.44 -2.00
CA LYS A 74 6.49 3.42 -2.75
C LYS A 74 5.03 3.81 -2.86
N GLN A 75 4.41 4.05 -1.71
CA GLN A 75 3.00 4.44 -1.67
C GLN A 75 2.76 5.74 -2.43
N MET A 76 3.75 6.62 -2.44
CA MET A 76 3.64 7.90 -3.14
C MET A 76 3.37 7.66 -4.62
N ARG A 77 3.99 6.61 -5.16
CA ARG A 77 3.82 6.26 -6.56
C ARG A 77 2.36 5.96 -6.86
N GLU A 78 1.67 5.33 -5.90
CA GLU A 78 0.27 5.00 -6.07
C GLU A 78 -0.32 4.36 -4.80
N THR A 79 -0.46 3.04 -4.83
CA THR A 79 -1.00 2.26 -3.71
C THR A 79 -1.25 0.82 -4.14
N ASP A 80 -2.03 0.67 -5.21
CA ASP A 80 -2.37 -0.63 -5.73
C ASP A 80 -1.21 -1.23 -6.51
N THR A 81 -0.01 -0.69 -6.29
CA THR A 81 1.19 -1.19 -6.95
C THR A 81 1.32 -2.70 -6.71
N GLU A 82 0.66 -3.17 -5.65
CA GLU A 82 0.68 -4.57 -5.30
C GLU A 82 0.18 -5.43 -6.46
N GLU A 83 -1.02 -5.13 -6.95
CA GLU A 83 -1.60 -5.85 -8.07
C GLU A 83 -0.77 -5.64 -9.32
N GLU A 84 -0.21 -4.44 -9.46
CA GLU A 84 0.62 -4.11 -10.61
C GLU A 84 1.81 -5.06 -10.71
N MET A 85 2.38 -5.40 -9.55
CA MET A 85 3.51 -6.31 -9.52
C MET A 85 3.09 -7.71 -9.95
N ARG A 86 1.88 -8.09 -9.54
CA ARG A 86 1.34 -9.40 -9.91
C ARG A 86 1.32 -9.53 -11.43
N GLU A 87 0.80 -8.49 -12.09
CA GLU A 87 0.74 -8.49 -13.55
C GLU A 87 2.13 -8.66 -14.15
N ALA A 88 3.12 -8.03 -13.50
CA ALA A 88 4.50 -8.12 -13.96
C ALA A 88 4.96 -9.57 -13.96
N PHE A 89 4.51 -10.32 -12.96
CA PHE A 89 4.86 -11.73 -12.84
C PHE A 89 4.36 -12.50 -14.06
N LYS A 90 3.10 -12.26 -14.43
CA LYS A 90 2.49 -12.89 -15.58
C LYS A 90 3.33 -12.68 -16.83
N ILE A 91 3.82 -11.46 -16.99
CA ILE A 91 4.63 -11.10 -18.16
C ILE A 91 5.89 -11.97 -18.25
N PHE A 92 6.62 -12.07 -17.15
CA PHE A 92 7.83 -12.87 -17.10
C PHE A 92 7.52 -14.36 -17.15
N ASP A 93 6.26 -14.70 -16.91
CA ASP A 93 5.83 -16.09 -16.94
C ASP A 93 5.21 -16.44 -18.29
N ARG A 94 6.01 -16.98 -19.19
CA ARG A 94 5.55 -17.35 -20.53
C ARG A 94 4.35 -18.29 -20.45
N ASP A 95 4.33 -19.14 -19.44
CA ASP A 95 3.24 -20.10 -19.26
C ASP A 95 2.30 -19.66 -18.13
N GLY A 96 1.15 -20.33 -18.04
CA GLY A 96 0.19 -20.01 -17.01
C GLY A 96 0.24 -21.00 -15.86
N ASP A 97 1.20 -21.92 -15.92
CA ASP A 97 1.35 -22.94 -14.88
C ASP A 97 1.39 -22.32 -13.49
N GLY A 98 2.12 -21.22 -13.35
CA GLY A 98 2.22 -20.55 -12.06
C GLY A 98 3.65 -20.30 -11.62
N PHE A 99 4.62 -20.74 -12.43
CA PHE A 99 6.02 -20.56 -12.09
C PHE A 99 6.83 -20.19 -13.34
N ILE A 100 7.96 -19.51 -13.12
CA ILE A 100 8.83 -19.09 -14.22
C ILE A 100 10.18 -19.80 -14.17
N SER A 101 10.69 -20.15 -15.35
CA SER A 101 11.98 -20.82 -15.47
C SER A 101 12.99 -19.93 -16.19
N PRO A 102 14.29 -20.14 -15.97
CA PRO A 102 15.35 -19.34 -16.62
C PRO A 102 15.07 -19.12 -18.11
N ALA A 103 14.57 -20.15 -18.77
CA ALA A 103 14.26 -20.07 -20.20
C ALA A 103 13.20 -19.00 -20.47
N GLU A 104 12.22 -18.93 -19.59
CA GLU A 104 11.13 -17.98 -19.72
C GLU A 104 11.59 -16.59 -19.30
N LEU A 105 12.15 -16.53 -18.11
CA LEU A 105 12.67 -15.28 -17.57
C LEU A 105 13.59 -14.62 -18.58
N ARG A 106 14.47 -15.42 -19.17
CA ARG A 106 15.43 -14.94 -20.15
C ARG A 106 14.73 -14.30 -21.35
N PHE A 107 13.81 -15.05 -21.95
CA PHE A 107 13.07 -14.56 -23.11
C PHE A 107 12.36 -13.23 -22.84
N VAL A 108 11.79 -13.10 -21.64
CA VAL A 108 11.05 -11.88 -21.28
C VAL A 108 11.98 -10.73 -20.91
N MET A 109 12.97 -10.99 -20.06
CA MET A 109 13.92 -9.96 -19.63
C MET A 109 14.49 -9.21 -20.83
N ILE A 110 14.42 -9.84 -22.00
CA ILE A 110 14.92 -9.24 -23.24
C ILE A 110 13.86 -8.34 -23.86
N ASN A 111 12.60 -8.77 -23.77
CA ASN A 111 11.48 -8.01 -24.33
C ASN A 111 11.43 -6.61 -23.72
N LEU A 112 11.49 -6.55 -22.40
CA LEU A 112 11.43 -5.28 -21.68
C LEU A 112 12.55 -4.35 -22.13
N GLY A 113 13.63 -4.93 -22.63
CA GLY A 113 14.75 -4.14 -23.10
C GLY A 113 15.98 -4.27 -22.22
N GLU A 114 15.90 -5.13 -21.21
CA GLU A 114 17.01 -5.34 -20.30
C GLU A 114 17.87 -6.53 -20.73
N LYS A 115 18.86 -6.26 -21.58
CA LYS A 115 19.75 -7.31 -22.07
C LYS A 115 20.39 -8.06 -20.91
N VAL A 116 20.23 -9.38 -20.91
CA VAL A 116 20.78 -10.21 -19.85
C VAL A 116 21.28 -11.55 -20.37
N THR A 117 22.22 -12.14 -19.63
CA THR A 117 22.77 -13.44 -19.98
C THR A 117 22.11 -14.53 -19.15
N ASP A 118 21.85 -15.67 -19.77
CA ASP A 118 21.20 -16.79 -19.09
C ASP A 118 21.85 -17.09 -17.74
N GLU A 119 23.09 -16.66 -17.57
CA GLU A 119 23.82 -16.90 -16.33
C GLU A 119 23.43 -15.90 -15.23
N GLU A 120 23.55 -14.62 -15.53
CA GLU A 120 23.22 -13.57 -14.55
C GLU A 120 21.78 -13.68 -14.08
N ILE A 121 20.86 -13.95 -15.00
CA ILE A 121 19.45 -14.06 -14.66
C ILE A 121 19.15 -15.34 -13.89
N ASP A 122 19.70 -16.46 -14.36
CA ASP A 122 19.47 -17.74 -13.70
C ASP A 122 19.80 -17.60 -12.21
N GLU A 123 20.79 -16.76 -11.92
CA GLU A 123 21.20 -16.51 -10.54
C GLU A 123 20.12 -15.73 -9.82
N MET A 124 19.62 -14.68 -10.47
CA MET A 124 18.56 -13.87 -9.88
C MET A 124 17.38 -14.74 -9.49
N ILE A 125 17.08 -15.72 -10.35
CA ILE A 125 15.99 -16.66 -10.10
C ILE A 125 16.27 -17.50 -8.87
N ARG A 126 17.53 -17.87 -8.69
CA ARG A 126 17.94 -18.69 -7.55
C ARG A 126 17.78 -17.90 -6.25
N GLU A 127 18.25 -16.67 -6.27
CA GLU A 127 18.17 -15.79 -5.10
C GLU A 127 16.72 -15.61 -4.67
N ALA A 128 15.81 -15.64 -5.63
CA ALA A 128 14.39 -15.48 -5.34
C ALA A 128 13.75 -16.81 -4.96
N ASP A 129 14.27 -17.89 -5.53
CA ASP A 129 13.76 -19.22 -5.25
C ASP A 129 14.19 -19.68 -3.86
N PHE A 130 13.24 -19.68 -2.92
CA PHE A 130 13.52 -20.09 -1.56
C PHE A 130 13.27 -21.59 -1.36
N ASP A 131 12.12 -22.06 -1.83
CA ASP A 131 11.76 -23.47 -1.69
C ASP A 131 12.82 -24.38 -2.31
N GLY A 132 13.23 -24.06 -3.53
CA GLY A 132 14.25 -24.86 -4.21
C GLY A 132 13.66 -25.72 -5.30
N ASP A 133 13.21 -25.09 -6.39
CA ASP A 133 12.63 -25.81 -7.50
C ASP A 133 13.11 -25.23 -8.84
N GLY A 134 13.87 -24.14 -8.77
CA GLY A 134 14.38 -23.51 -9.97
C GLY A 134 13.30 -22.76 -10.73
N MET A 135 12.22 -22.44 -10.04
CA MET A 135 11.10 -21.71 -10.64
C MET A 135 10.66 -20.56 -9.75
N ILE A 136 10.03 -19.54 -10.34
CA ILE A 136 9.58 -18.38 -9.59
C ILE A 136 8.06 -18.26 -9.56
N ASN A 137 7.54 -17.99 -8.38
CA ASN A 137 6.11 -17.83 -8.18
C ASN A 137 5.81 -16.39 -7.77
N TYR A 138 4.58 -15.93 -7.99
CA TYR A 138 4.19 -14.56 -7.64
C TYR A 138 4.80 -14.12 -6.30
N GLU A 139 5.09 -15.08 -5.44
CA GLU A 139 5.67 -14.78 -4.13
C GLU A 139 7.15 -14.44 -4.25
N GLU A 140 7.93 -15.35 -4.84
CA GLU A 140 9.35 -15.11 -5.02
C GLU A 140 9.56 -13.89 -5.89
N PHE A 141 8.66 -13.72 -6.87
CA PHE A 141 8.72 -12.60 -7.78
C PHE A 141 8.64 -11.29 -7.01
N VAL A 142 7.59 -11.14 -6.21
CA VAL A 142 7.38 -9.94 -5.41
C VAL A 142 8.65 -9.57 -4.63
N TRP A 143 9.31 -10.59 -4.10
CA TRP A 143 10.53 -10.37 -3.32
C TRP A 143 11.68 -9.86 -4.19
N MET A 144 11.90 -10.51 -5.32
CA MET A 144 13.01 -10.15 -6.21
C MET A 144 12.76 -8.87 -6.99
N ILE A 145 11.50 -8.50 -7.18
CA ILE A 145 11.19 -7.29 -7.92
C ILE A 145 11.34 -6.05 -7.04
N SER A 146 11.05 -6.21 -5.75
CA SER A 146 11.18 -5.11 -4.81
C SER A 146 12.65 -4.73 -4.65
N GLN A 147 13.52 -5.61 -5.12
CA GLN A 147 14.96 -5.39 -5.05
C GLN A 147 15.41 -4.34 -6.07
N LYS A 148 14.68 -4.28 -7.19
CA LYS A 148 15.00 -3.32 -8.24
C LYS A 148 14.91 -1.89 -7.73
CA CA B . 5.97 -20.84 -16.73
CA CA C . 10.70 -21.35 -6.35
N SER A 2 0.71 13.31 -2.56
CA SER A 2 1.50 12.15 -3.04
C SER A 2 2.95 12.53 -3.26
N GLU A 3 3.78 11.54 -3.58
CA GLU A 3 5.21 11.76 -3.82
C GLU A 3 5.90 12.32 -2.58
N LEU A 4 7.19 12.61 -2.71
CA LEU A 4 7.96 13.15 -1.60
C LEU A 4 8.22 14.64 -1.78
N THR A 5 7.16 15.43 -1.71
CA THR A 5 7.27 16.88 -1.85
C THR A 5 7.56 17.53 -0.51
N GLU A 6 8.04 18.76 -0.53
CA GLU A 6 8.37 19.49 0.71
C GLU A 6 7.32 19.27 1.79
N GLU A 7 6.05 19.36 1.42
CA GLU A 7 4.95 19.19 2.36
C GLU A 7 4.80 17.73 2.78
N GLN A 8 4.76 16.83 1.80
CA GLN A 8 4.62 15.40 2.07
C GLN A 8 5.72 14.91 2.99
N ILE A 9 6.95 15.26 2.68
CA ILE A 9 8.10 14.86 3.48
C ILE A 9 7.91 15.30 4.93
N ALA A 10 7.60 16.58 5.12
CA ALA A 10 7.39 17.13 6.45
C ALA A 10 6.13 16.56 7.09
N GLU A 11 5.25 16.00 6.27
CA GLU A 11 3.99 15.44 6.76
C GLU A 11 4.22 14.14 7.55
N PHE A 12 4.85 13.16 6.91
CA PHE A 12 5.10 11.89 7.57
C PHE A 12 6.30 11.99 8.50
N LYS A 13 7.20 12.92 8.20
CA LYS A 13 8.37 13.14 9.04
C LYS A 13 7.92 13.62 10.42
N ASP A 14 6.89 14.45 10.44
CA ASP A 14 6.33 14.96 11.68
C ASP A 14 5.67 13.83 12.44
N ALA A 15 4.79 13.10 11.76
CA ALA A 15 4.09 11.98 12.35
C ALA A 15 5.08 10.88 12.75
N PHE A 16 6.30 10.99 12.23
CA PHE A 16 7.34 10.01 12.52
C PHE A 16 8.00 10.27 13.87
N VAL A 17 8.35 11.53 14.13
CA VAL A 17 8.97 11.90 15.39
C VAL A 17 7.99 11.81 16.54
N GLN A 18 6.70 11.88 16.22
CA GLN A 18 5.66 11.79 17.23
C GLN A 18 5.65 10.42 17.92
N PHE A 19 6.17 9.40 17.22
CA PHE A 19 6.22 8.05 17.77
C PHE A 19 7.61 7.70 18.28
N ASP A 20 8.51 8.68 18.27
CA ASP A 20 9.88 8.47 18.74
C ASP A 20 9.88 8.15 20.24
N LYS A 21 9.94 6.85 20.56
CA LYS A 21 9.94 6.43 21.96
C LYS A 21 11.35 6.29 22.51
N GLU A 22 12.09 5.31 22.00
CA GLU A 22 13.45 5.05 22.46
C GLU A 22 14.34 6.28 22.30
N GLY A 23 13.99 7.15 21.36
CA GLY A 23 14.77 8.36 21.14
C GLY A 23 16.05 8.09 20.38
N THR A 24 16.22 6.86 19.91
CA THR A 24 17.41 6.48 19.16
C THR A 24 17.31 6.94 17.71
N GLY A 25 16.58 8.03 17.49
CA GLY A 25 16.40 8.52 16.13
C GLY A 25 15.54 7.57 15.33
N LYS A 26 14.96 6.60 16.02
CA LYS A 26 14.12 5.59 15.39
C LYS A 26 12.88 5.33 16.24
N ILE A 27 11.81 4.83 15.60
CA ILE A 27 10.57 4.55 16.31
C ILE A 27 10.26 3.06 16.30
N ALA A 28 9.49 2.61 17.28
CA ALA A 28 9.14 1.21 17.41
C ALA A 28 8.23 0.74 16.27
N THR A 29 8.51 -0.46 15.77
CA THR A 29 7.73 -1.06 14.67
C THR A 29 6.30 -1.35 15.12
N ARG A 30 6.14 -1.70 16.39
CA ARG A 30 4.82 -2.00 16.94
C ARG A 30 3.92 -0.77 16.84
N GLU A 31 4.52 0.37 16.49
CA GLU A 31 3.79 1.61 16.35
C GLU A 31 3.79 2.07 14.90
N LEU A 32 4.73 1.53 14.12
CA LEU A 32 4.86 1.88 12.72
C LEU A 32 3.53 1.73 11.98
N GLY A 33 2.88 0.59 12.19
CA GLY A 33 1.59 0.35 11.55
C GLY A 33 0.59 1.44 11.85
N THR A 34 0.49 1.81 13.11
CA THR A 34 -0.43 2.88 13.53
C THR A 34 -0.06 4.18 12.83
N LEU A 35 1.21 4.31 12.49
CA LEU A 35 1.72 5.49 11.82
C LEU A 35 1.33 5.47 10.35
N MET A 36 1.21 4.25 9.81
CA MET A 36 0.85 4.08 8.40
C MET A 36 -0.65 4.24 8.19
N ARG A 37 -1.44 3.97 9.23
CA ARG A 37 -2.89 4.11 9.12
C ARG A 37 -3.30 5.57 9.24
N THR A 38 -2.59 6.31 10.10
CA THR A 38 -2.87 7.73 10.28
C THR A 38 -2.41 8.52 9.06
N LEU A 39 -1.62 7.85 8.22
CA LEU A 39 -1.09 8.45 7.01
C LEU A 39 -1.70 7.77 5.77
N GLY A 40 -1.67 8.47 4.64
CA GLY A 40 -2.24 7.93 3.41
C GLY A 40 -1.42 6.80 2.80
N GLN A 41 -0.93 5.90 3.64
CA GLN A 41 -0.15 4.75 3.18
C GLN A 41 -1.00 3.48 3.19
N ASN A 42 -1.22 2.94 4.38
CA ASN A 42 -2.02 1.72 4.55
C ASN A 42 -1.47 0.58 3.71
N PRO A 43 -0.33 -0.01 4.12
CA PRO A 43 0.30 -1.13 3.40
C PRO A 43 -0.52 -2.42 3.52
N THR A 44 0.12 -3.53 3.17
CA THR A 44 -0.53 -4.83 3.26
C THR A 44 -0.12 -5.52 4.57
N GLU A 45 -1.06 -6.22 5.18
CA GLU A 45 -0.80 -6.91 6.44
C GLU A 45 0.56 -7.62 6.42
N ALA A 46 0.82 -8.36 5.34
CA ALA A 46 2.08 -9.09 5.20
C ALA A 46 3.28 -8.14 5.30
N GLU A 47 3.22 -7.03 4.58
CA GLU A 47 4.31 -6.06 4.59
C GLU A 47 4.60 -5.58 6.00
N LEU A 48 3.57 -5.08 6.68
CA LEU A 48 3.70 -4.60 8.05
C LEU A 48 4.33 -5.67 8.94
N GLN A 49 4.00 -6.92 8.67
CA GLN A 49 4.53 -8.05 9.43
C GLN A 49 5.98 -8.33 9.04
N ASP A 50 6.33 -8.02 7.79
CA ASP A 50 7.67 -8.25 7.29
C ASP A 50 8.68 -7.40 8.06
N LEU A 51 8.39 -6.11 8.18
CA LEU A 51 9.27 -5.21 8.90
C LEU A 51 9.36 -5.59 10.37
N ILE A 52 8.20 -5.81 11.00
CA ILE A 52 8.17 -6.17 12.41
C ILE A 52 8.97 -7.45 12.65
N ALA A 53 8.98 -8.34 11.66
CA ALA A 53 9.69 -9.61 11.79
C ALA A 53 11.20 -9.41 11.64
N GLU A 54 11.59 -8.61 10.65
CA GLU A 54 13.00 -8.35 10.41
C GLU A 54 13.61 -7.57 11.56
N ALA A 55 12.94 -6.50 11.97
CA ALA A 55 13.41 -5.67 13.06
C ALA A 55 13.07 -6.29 14.41
N GLU A 56 12.20 -7.30 14.40
CA GLU A 56 11.76 -7.99 15.61
C GLU A 56 12.90 -8.20 16.61
N ASN A 57 14.01 -8.76 16.13
CA ASN A 57 15.15 -9.04 17.00
C ASN A 57 16.45 -8.48 16.45
N ASN A 58 16.38 -7.80 15.31
CA ASN A 58 17.58 -7.20 14.71
C ASN A 58 18.03 -6.00 15.52
N ASN A 59 17.23 -5.66 16.53
CA ASN A 59 17.52 -4.53 17.40
C ASN A 59 16.49 -4.47 18.52
N ASN A 60 15.25 -4.13 18.16
CA ASN A 60 14.13 -4.06 19.09
C ASN A 60 12.90 -3.57 18.37
N GLY A 61 12.99 -3.56 17.04
CA GLY A 61 11.88 -3.08 16.24
C GLY A 61 11.89 -1.58 16.11
N GLN A 62 12.94 -1.05 15.50
CA GLN A 62 13.08 0.39 15.30
C GLN A 62 13.32 0.74 13.84
N LEU A 63 12.63 1.78 13.36
CA LEU A 63 12.79 2.22 11.97
C LEU A 63 13.38 3.62 11.93
N ASN A 64 14.00 3.95 10.82
CA ASN A 64 14.63 5.24 10.63
C ASN A 64 13.86 6.03 9.59
N PHE A 65 13.99 7.35 9.61
CA PHE A 65 13.32 8.19 8.63
C PHE A 65 13.41 7.58 7.23
N THR A 66 14.48 6.83 6.99
CA THR A 66 14.69 6.18 5.69
C THR A 66 13.86 4.91 5.55
N GLU A 67 13.72 4.16 6.65
CA GLU A 67 12.94 2.94 6.63
C GLU A 67 11.48 3.24 6.31
N PHE A 68 10.91 4.17 7.06
CA PHE A 68 9.52 4.55 6.85
C PHE A 68 9.35 5.23 5.50
N CYS A 69 10.12 6.30 5.28
CA CYS A 69 10.04 7.03 4.02
C CYS A 69 10.29 6.09 2.87
N GLY A 70 11.06 5.04 3.13
CA GLY A 70 11.36 4.06 2.11
C GLY A 70 10.09 3.43 1.57
N ILE A 71 9.30 2.88 2.50
CA ILE A 71 8.04 2.24 2.14
C ILE A 71 7.06 3.26 1.58
N MET A 72 7.11 4.47 2.09
CA MET A 72 6.21 5.52 1.66
C MET A 72 6.54 5.91 0.23
N ALA A 73 7.80 5.75 -0.11
CA ALA A 73 8.28 6.05 -1.43
C ALA A 73 7.72 5.03 -2.41
N LYS A 74 7.60 3.79 -1.94
CA LYS A 74 7.06 2.71 -2.76
C LYS A 74 5.56 2.89 -2.97
N GLN A 75 4.84 3.07 -1.87
CA GLN A 75 3.39 3.22 -1.91
C GLN A 75 2.97 4.51 -2.64
N MET A 76 3.49 5.64 -2.20
CA MET A 76 3.13 6.93 -2.77
C MET A 76 3.48 7.04 -4.26
N ARG A 77 4.64 6.51 -4.66
CA ARG A 77 5.06 6.58 -6.06
C ARG A 77 4.11 5.78 -6.96
N GLU A 78 3.54 4.72 -6.41
CA GLU A 78 2.62 3.87 -7.17
C GLU A 78 1.17 4.29 -6.93
N THR A 79 0.62 3.90 -5.78
CA THR A 79 -0.75 4.23 -5.43
C THR A 79 -1.06 3.85 -3.99
N ASP A 80 -2.18 4.33 -3.49
CA ASP A 80 -2.60 4.06 -2.12
C ASP A 80 -4.07 4.42 -1.91
N THR A 81 -4.94 3.85 -2.75
CA THR A 81 -6.38 4.10 -2.68
C THR A 81 -6.74 5.49 -3.20
N GLU A 82 -5.78 6.41 -3.16
CA GLU A 82 -6.00 7.77 -3.63
C GLU A 82 -6.19 7.81 -5.15
N GLU A 83 -5.84 6.71 -5.81
CA GLU A 83 -5.97 6.62 -7.26
C GLU A 83 -7.44 6.73 -7.69
N GLU A 84 -8.33 6.14 -6.89
CA GLU A 84 -9.76 6.18 -7.18
C GLU A 84 -10.33 7.55 -6.87
N MET A 85 -9.75 8.23 -5.89
CA MET A 85 -10.21 9.55 -5.49
C MET A 85 -9.81 10.59 -6.54
N ARG A 86 -8.62 10.42 -7.10
CA ARG A 86 -8.13 11.33 -8.12
C ARG A 86 -8.97 11.21 -9.38
N GLU A 87 -9.30 9.97 -9.75
CA GLU A 87 -10.13 9.72 -10.92
C GLU A 87 -11.45 10.45 -10.81
N ALA A 88 -12.07 10.36 -9.62
CA ALA A 88 -13.34 11.02 -9.36
C ALA A 88 -13.22 12.52 -9.60
N PHE A 89 -12.12 13.10 -9.14
CA PHE A 89 -11.86 14.52 -9.30
C PHE A 89 -11.85 14.90 -10.79
N LYS A 90 -11.29 14.01 -11.61
CA LYS A 90 -11.22 14.22 -13.04
C LYS A 90 -12.60 14.15 -13.69
N ILE A 91 -13.42 13.20 -13.22
CA ILE A 91 -14.77 13.02 -13.74
C ILE A 91 -15.58 14.32 -13.64
N PHE A 92 -15.51 14.96 -12.48
CA PHE A 92 -16.25 16.22 -12.27
C PHE A 92 -15.53 17.38 -12.95
N ASP A 93 -14.29 17.15 -13.34
CA ASP A 93 -13.50 18.18 -14.02
C ASP A 93 -13.32 17.84 -15.50
N ARG A 94 -14.23 18.31 -16.33
CA ARG A 94 -14.18 18.05 -17.76
C ARG A 94 -13.01 18.78 -18.43
N ASP A 95 -12.44 19.75 -17.72
CA ASP A 95 -11.32 20.52 -18.25
C ASP A 95 -9.99 19.98 -17.74
N GLY A 96 -8.92 20.35 -18.43
CA GLY A 96 -7.60 19.92 -18.03
C GLY A 96 -6.90 20.97 -17.18
N ASP A 97 -7.64 22.04 -16.86
CA ASP A 97 -7.13 23.13 -16.06
C ASP A 97 -6.57 22.64 -14.72
N GLY A 98 -7.23 21.64 -14.16
CA GLY A 98 -6.79 21.09 -12.88
C GLY A 98 -7.66 21.57 -11.73
N PHE A 99 -8.77 22.23 -12.06
CA PHE A 99 -9.68 22.73 -11.05
C PHE A 99 -11.14 22.59 -11.51
N ILE A 100 -12.06 22.51 -10.55
CA ILE A 100 -13.48 22.36 -10.86
C ILE A 100 -14.28 23.58 -10.43
N SER A 101 -15.34 23.87 -11.18
CA SER A 101 -16.21 25.00 -10.89
C SER A 101 -17.63 24.52 -10.62
N PRO A 102 -18.44 25.30 -9.87
CA PRO A 102 -19.82 24.91 -9.55
C PRO A 102 -20.58 24.42 -10.78
N ALA A 103 -20.30 25.03 -11.92
CA ALA A 103 -20.96 24.65 -13.18
C ALA A 103 -20.57 23.24 -13.59
N GLU A 104 -19.27 22.95 -13.56
CA GLU A 104 -18.75 21.64 -13.93
C GLU A 104 -19.19 20.57 -12.94
N LEU A 105 -19.26 20.96 -11.67
CA LEU A 105 -19.65 20.03 -10.61
C LEU A 105 -21.08 19.53 -10.80
N ARG A 106 -22.02 20.45 -10.95
CA ARG A 106 -23.42 20.07 -11.13
C ARG A 106 -23.64 19.36 -12.47
N PHE A 107 -23.04 19.89 -13.52
CA PHE A 107 -23.18 19.32 -14.86
C PHE A 107 -22.88 17.82 -14.85
N VAL A 108 -21.83 17.44 -14.13
CA VAL A 108 -21.44 16.03 -14.06
C VAL A 108 -22.31 15.28 -13.04
N MET A 109 -22.50 15.86 -11.86
CA MET A 109 -23.31 15.23 -10.82
C MET A 109 -24.64 14.74 -11.35
N ILE A 110 -25.24 15.53 -12.24
CA ILE A 110 -26.53 15.16 -12.83
C ILE A 110 -26.40 13.88 -13.65
N ASN A 111 -25.24 13.69 -14.26
CA ASN A 111 -24.98 12.50 -15.06
C ASN A 111 -24.95 11.26 -14.18
N LEU A 112 -24.31 11.39 -13.01
CA LEU A 112 -24.21 10.28 -12.07
C LEU A 112 -25.58 9.81 -11.65
N GLY A 113 -26.51 10.76 -11.57
CA GLY A 113 -27.87 10.44 -11.19
C GLY A 113 -28.22 10.91 -9.79
N GLU A 114 -27.38 11.80 -9.25
CA GLU A 114 -27.60 12.33 -7.91
C GLU A 114 -28.49 13.58 -7.95
N LYS A 115 -28.34 14.36 -9.01
CA LYS A 115 -29.13 15.58 -9.18
C LYS A 115 -28.93 16.53 -8.00
N VAL A 116 -28.07 17.52 -8.17
CA VAL A 116 -27.80 18.50 -7.12
C VAL A 116 -28.08 19.91 -7.59
N THR A 117 -28.38 20.79 -6.64
CA THR A 117 -28.63 22.19 -6.94
C THR A 117 -27.34 22.98 -6.86
N ASP A 118 -27.20 23.97 -7.73
CA ASP A 118 -26.00 24.80 -7.77
C ASP A 118 -25.71 25.41 -6.39
N GLU A 119 -26.71 25.41 -5.52
CA GLU A 119 -26.56 25.96 -4.18
C GLU A 119 -25.85 24.99 -3.23
N GLU A 120 -26.38 23.78 -3.12
CA GLU A 120 -25.80 22.78 -2.22
C GLU A 120 -24.34 22.48 -2.56
N ILE A 121 -24.05 22.34 -3.86
CA ILE A 121 -22.70 22.03 -4.28
C ILE A 121 -21.79 23.25 -4.16
N ASP A 122 -22.32 24.44 -4.44
CA ASP A 122 -21.54 25.66 -4.32
C ASP A 122 -21.02 25.79 -2.89
N GLU A 123 -21.82 25.34 -1.94
CA GLU A 123 -21.43 25.39 -0.54
C GLU A 123 -20.31 24.39 -0.25
N MET A 124 -20.44 23.19 -0.83
CA MET A 124 -19.42 22.17 -0.64
C MET A 124 -18.08 22.63 -1.21
N ILE A 125 -18.15 23.43 -2.28
CA ILE A 125 -16.95 23.95 -2.91
C ILE A 125 -16.31 25.04 -2.06
N ARG A 126 -17.15 25.87 -1.45
CA ARG A 126 -16.67 26.96 -0.60
C ARG A 126 -16.01 26.40 0.67
N GLU A 127 -16.59 25.34 1.22
CA GLU A 127 -16.06 24.72 2.42
C GLU A 127 -14.76 23.97 2.13
N ALA A 128 -14.62 23.49 0.88
CA ALA A 128 -13.43 22.75 0.48
C ALA A 128 -12.37 23.69 -0.08
N ASP A 129 -12.80 24.86 -0.54
CA ASP A 129 -11.88 25.84 -1.10
C ASP A 129 -11.26 26.70 0.00
N PHE A 130 -9.99 26.46 0.27
CA PHE A 130 -9.26 27.21 1.30
C PHE A 130 -8.63 28.47 0.70
N ASP A 131 -8.42 28.45 -0.60
CA ASP A 131 -7.82 29.59 -1.30
C ASP A 131 -8.79 30.77 -1.36
N GLY A 132 -10.07 30.45 -1.51
CA GLY A 132 -11.08 31.49 -1.60
C GLY A 132 -11.28 31.99 -3.01
N ASP A 133 -10.95 31.14 -3.98
CA ASP A 133 -11.10 31.50 -5.39
C ASP A 133 -12.44 31.05 -5.95
N GLY A 134 -12.84 29.83 -5.60
CA GLY A 134 -14.12 29.31 -6.07
C GLY A 134 -13.96 28.05 -6.91
N MET A 135 -12.75 27.51 -6.94
CA MET A 135 -12.47 26.30 -7.71
C MET A 135 -11.89 25.21 -6.81
N ILE A 136 -12.04 23.95 -7.24
CA ILE A 136 -11.55 22.81 -6.46
C ILE A 136 -10.41 22.11 -7.16
N ASN A 137 -9.36 21.81 -6.41
CA ASN A 137 -8.19 21.13 -6.92
C ASN A 137 -8.08 19.75 -6.26
N TYR A 138 -7.37 18.82 -6.89
CA TYR A 138 -7.22 17.47 -6.34
C TYR A 138 -7.03 17.50 -4.82
N GLU A 139 -6.51 18.60 -4.30
CA GLU A 139 -6.29 18.75 -2.87
C GLU A 139 -7.60 19.06 -2.16
N GLU A 140 -8.27 20.12 -2.61
CA GLU A 140 -9.54 20.52 -2.02
C GLU A 140 -10.58 19.41 -2.19
N PHE A 141 -10.45 18.67 -3.29
CA PHE A 141 -11.36 17.57 -3.59
C PHE A 141 -11.20 16.46 -2.56
N VAL A 142 -9.97 15.98 -2.40
CA VAL A 142 -9.67 14.91 -1.45
C VAL A 142 -10.22 15.24 -0.06
N TRP A 143 -10.15 16.51 0.31
CA TRP A 143 -10.63 16.96 1.61
C TRP A 143 -12.15 16.78 1.76
N MET A 144 -12.91 17.26 0.79
CA MET A 144 -14.37 17.18 0.86
C MET A 144 -14.90 15.77 0.61
N ILE A 145 -14.25 15.03 -0.29
CA ILE A 145 -14.69 13.66 -0.60
C ILE A 145 -14.57 12.75 0.62
N SER A 146 -13.52 12.96 1.41
CA SER A 146 -13.29 12.15 2.60
C SER A 146 -14.41 12.39 3.61
N GLN A 147 -15.18 13.45 3.38
CA GLN A 147 -16.28 13.80 4.26
C GLN A 147 -17.56 13.07 3.86
N LYS A 148 -17.76 12.89 2.56
CA LYS A 148 -18.96 12.21 2.05
C LYS A 148 -19.03 10.79 2.59
CA CA B . -12.32 22.73 -14.89
CA CA C . -9.55 26.47 -4.58
N SER A 2 1.46 12.53 -2.18
CA SER A 2 1.63 11.56 -3.29
C SER A 2 3.02 11.68 -3.90
N GLU A 3 3.93 12.31 -3.16
CA GLU A 3 5.30 12.50 -3.62
C GLU A 3 6.16 13.07 -2.50
N LEU A 4 7.49 12.97 -2.66
CA LEU A 4 8.41 13.48 -1.65
C LEU A 4 8.60 14.99 -1.79
N THR A 5 7.51 15.74 -1.59
CA THR A 5 7.56 17.20 -1.68
C THR A 5 7.89 17.80 -0.32
N GLU A 6 8.39 19.04 -0.32
CA GLU A 6 8.74 19.72 0.93
C GLU A 6 7.70 19.51 2.02
N GLU A 7 6.44 19.71 1.67
CA GLU A 7 5.33 19.56 2.62
C GLU A 7 5.13 18.09 3.01
N GLN A 8 5.09 17.22 2.03
CA GLN A 8 4.91 15.80 2.26
C GLN A 8 6.00 15.24 3.18
N ILE A 9 7.24 15.55 2.83
CA ILE A 9 8.39 15.10 3.61
C ILE A 9 8.23 15.47 5.07
N ALA A 10 7.88 16.73 5.31
CA ALA A 10 7.70 17.22 6.66
C ALA A 10 6.42 16.66 7.30
N GLU A 11 5.49 16.23 6.46
CA GLU A 11 4.22 15.68 6.93
C GLU A 11 4.39 14.34 7.62
N PHE A 12 4.98 13.37 6.92
CA PHE A 12 5.18 12.05 7.50
C PHE A 12 6.35 12.03 8.47
N LYS A 13 7.32 12.92 8.24
CA LYS A 13 8.48 13.01 9.12
C LYS A 13 8.01 13.42 10.52
N ASP A 14 6.99 14.28 10.55
CA ASP A 14 6.41 14.73 11.80
C ASP A 14 5.69 13.59 12.49
N ALA A 15 4.74 12.95 11.79
CA ALA A 15 4.00 11.83 12.36
C ALA A 15 4.96 10.75 12.83
N PHE A 16 6.09 10.63 12.15
CA PHE A 16 7.10 9.64 12.48
C PHE A 16 7.78 10.00 13.80
N VAL A 17 8.16 11.27 13.93
CA VAL A 17 8.83 11.75 15.13
C VAL A 17 7.90 11.63 16.34
N GLN A 18 6.61 11.73 16.09
CA GLN A 18 5.60 11.62 17.13
C GLN A 18 5.63 10.25 17.80
N PHE A 19 6.30 9.30 17.17
CA PHE A 19 6.39 7.94 17.71
C PHE A 19 7.79 7.65 18.24
N ASP A 20 8.73 8.57 18.01
CA ASP A 20 10.09 8.39 18.49
C ASP A 20 10.12 8.18 20.01
N LYS A 21 10.26 6.93 20.42
CA LYS A 21 10.29 6.59 21.85
C LYS A 21 11.71 6.49 22.39
N GLU A 22 12.47 5.53 21.87
CA GLU A 22 13.84 5.32 22.32
C GLU A 22 14.63 6.62 22.35
N GLY A 23 14.54 7.39 21.27
CA GLY A 23 15.26 8.65 21.20
C GLY A 23 16.39 8.60 20.20
N THR A 24 16.65 7.42 19.66
CA THR A 24 17.70 7.24 18.67
C THR A 24 17.24 7.66 17.29
N GLY A 25 16.35 8.65 17.24
CA GLY A 25 15.82 9.11 15.97
C GLY A 25 15.03 8.04 15.27
N LYS A 26 14.82 6.93 15.97
CA LYS A 26 14.08 5.79 15.44
C LYS A 26 12.83 5.52 16.26
N ILE A 27 11.84 4.88 15.62
CA ILE A 27 10.60 4.55 16.29
C ILE A 27 10.38 3.05 16.33
N ALA A 28 9.68 2.58 17.35
CA ALA A 28 9.42 1.15 17.49
C ALA A 28 8.51 0.64 16.37
N THR A 29 8.88 -0.51 15.81
CA THR A 29 8.12 -1.12 14.72
C THR A 29 6.68 -1.39 15.13
N ARG A 30 6.45 -1.49 16.44
CA ARG A 30 5.11 -1.74 16.97
C ARG A 30 4.24 -0.50 16.82
N GLU A 31 4.80 0.54 16.20
CA GLU A 31 4.08 1.79 15.99
C GLU A 31 3.96 2.10 14.50
N LEU A 32 4.74 1.41 13.67
CA LEU A 32 4.70 1.63 12.24
C LEU A 32 3.29 1.42 11.69
N GLY A 33 2.66 0.31 12.07
CA GLY A 33 1.30 0.05 11.62
C GLY A 33 0.38 1.22 11.90
N THR A 34 0.66 1.92 13.00
CA THR A 34 -0.13 3.08 13.39
C THR A 34 0.12 4.22 12.42
N LEU A 35 1.35 4.28 11.91
CA LEU A 35 1.74 5.31 10.95
C LEU A 35 1.09 5.03 9.61
N MET A 36 0.87 3.75 9.33
CA MET A 36 0.27 3.32 8.08
C MET A 36 -1.21 3.69 8.01
N ARG A 37 -1.89 3.57 9.15
CA ARG A 37 -3.32 3.89 9.21
C ARG A 37 -3.56 5.40 9.25
N THR A 38 -2.69 6.14 9.95
CA THR A 38 -2.86 7.58 10.06
C THR A 38 -2.38 8.30 8.79
N LEU A 39 -1.63 7.58 7.96
CA LEU A 39 -1.12 8.14 6.70
C LEU A 39 -1.74 7.40 5.51
N GLY A 40 -1.75 8.06 4.36
CA GLY A 40 -2.32 7.47 3.15
C GLY A 40 -1.77 6.09 2.82
N GLN A 41 -0.73 5.67 3.53
CA GLN A 41 -0.12 4.35 3.30
C GLN A 41 -1.17 3.25 3.38
N ASN A 42 -0.79 2.04 2.97
CA ASN A 42 -1.70 0.89 3.01
C ASN A 42 -0.96 -0.41 2.68
N PRO A 43 -0.10 -0.89 3.59
CA PRO A 43 0.66 -2.13 3.38
C PRO A 43 -0.20 -3.37 3.60
N THR A 44 0.25 -4.49 3.05
CA THR A 44 -0.47 -5.75 3.18
C THR A 44 -0.32 -6.30 4.60
N GLU A 45 -1.41 -6.83 5.15
CA GLU A 45 -1.40 -7.39 6.50
C GLU A 45 -0.15 -8.21 6.75
N ALA A 46 0.10 -9.19 5.89
CA ALA A 46 1.27 -10.06 6.01
C ALA A 46 2.55 -9.24 6.00
N GLU A 47 2.66 -8.31 5.04
CA GLU A 47 3.85 -7.48 4.92
C GLU A 47 4.14 -6.75 6.23
N LEU A 48 3.13 -6.08 6.78
CA LEU A 48 3.29 -5.35 8.04
C LEU A 48 3.88 -6.26 9.10
N GLN A 49 3.46 -7.52 9.09
CA GLN A 49 3.94 -8.51 10.06
C GLN A 49 5.35 -8.96 9.71
N ASP A 50 5.67 -8.97 8.42
CA ASP A 50 6.98 -9.39 7.95
C ASP A 50 8.06 -8.40 8.36
N LEU A 51 7.72 -7.11 8.27
CA LEU A 51 8.64 -6.05 8.62
C LEU A 51 8.85 -6.01 10.14
N ILE A 52 7.77 -6.18 10.88
CA ILE A 52 7.84 -6.15 12.33
C ILE A 52 8.58 -7.38 12.85
N ALA A 53 8.47 -8.48 12.13
CA ALA A 53 9.12 -9.73 12.51
C ALA A 53 10.63 -9.65 12.32
N GLU A 54 11.06 -8.94 11.29
CA GLU A 54 12.49 -8.80 11.00
C GLU A 54 13.18 -7.99 12.10
N ALA A 55 12.64 -6.80 12.37
CA ALA A 55 13.20 -5.92 13.40
C ALA A 55 12.76 -6.35 14.80
N GLU A 56 11.77 -7.25 14.85
CA GLU A 56 11.22 -7.73 16.12
C GLU A 56 12.31 -7.95 17.17
N ASN A 57 13.35 -8.70 16.81
CA ASN A 57 14.44 -8.98 17.74
C ASN A 57 15.80 -8.81 17.07
N ASN A 58 16.21 -7.55 16.92
CA ASN A 58 17.50 -7.24 16.31
C ASN A 58 17.99 -5.87 16.78
N ASN A 59 17.07 -5.06 17.29
CA ASN A 59 17.41 -3.73 17.79
C ASN A 59 16.20 -3.09 18.47
N ASN A 60 15.56 -3.86 19.36
CA ASN A 60 14.39 -3.36 20.08
C ASN A 60 13.25 -3.05 19.10
N GLY A 61 13.45 -3.41 17.84
CA GLY A 61 12.45 -3.15 16.83
C GLY A 61 12.33 -1.66 16.58
N GLN A 62 13.32 -1.09 15.90
CA GLN A 62 13.34 0.34 15.62
C GLN A 62 13.38 0.60 14.11
N LEU A 63 12.92 1.78 13.72
CA LEU A 63 12.88 2.18 12.32
C LEU A 63 13.52 3.54 12.14
N ASN A 64 14.09 3.77 10.96
CA ASN A 64 14.75 5.04 10.68
C ASN A 64 13.98 5.82 9.62
N PHE A 65 14.16 7.13 9.62
CA PHE A 65 13.48 8.01 8.67
C PHE A 65 13.53 7.44 7.26
N THR A 66 14.66 6.85 6.88
CA THR A 66 14.81 6.27 5.55
C THR A 66 13.89 5.08 5.35
N GLU A 67 13.72 4.28 6.40
CA GLU A 67 12.85 3.11 6.34
C GLU A 67 11.41 3.51 6.03
N PHE A 68 10.88 4.40 6.86
CA PHE A 68 9.50 4.87 6.70
C PHE A 68 9.35 5.67 5.41
N CYS A 69 10.24 6.63 5.20
CA CYS A 69 10.20 7.46 3.99
C CYS A 69 10.29 6.59 2.76
N GLY A 70 11.01 5.47 2.90
CA GLY A 70 11.17 4.55 1.80
C GLY A 70 9.84 4.01 1.35
N ILE A 71 9.09 3.47 2.29
CA ILE A 71 7.78 2.92 1.98
C ILE A 71 6.82 4.00 1.54
N MET A 72 7.01 5.20 2.09
CA MET A 72 6.15 6.31 1.74
C MET A 72 6.34 6.65 0.28
N ALA A 73 7.59 6.59 -0.13
CA ALA A 73 7.98 6.87 -1.50
C ALA A 73 7.24 5.95 -2.47
N LYS A 74 7.20 4.67 -2.12
CA LYS A 74 6.54 3.66 -2.95
C LYS A 74 5.02 3.84 -2.94
N GLN A 75 4.45 3.87 -1.75
CA GLN A 75 3.01 4.01 -1.58
C GLN A 75 2.47 5.31 -2.17
N MET A 76 3.15 6.41 -1.93
CA MET A 76 2.72 7.72 -2.42
C MET A 76 2.75 7.80 -3.94
N ARG A 77 3.80 7.29 -4.56
CA ARG A 77 3.92 7.34 -6.02
C ARG A 77 2.87 6.47 -6.70
N GLU A 78 2.79 5.20 -6.32
CA GLU A 78 1.81 4.28 -6.92
C GLU A 78 1.42 3.17 -5.93
N THR A 79 2.05 2.02 -6.07
CA THR A 79 1.76 0.87 -5.20
C THR A 79 0.28 0.51 -5.22
N ASP A 80 -0.10 -0.34 -6.18
CA ASP A 80 -1.48 -0.78 -6.32
C ASP A 80 -1.55 -2.31 -6.35
N THR A 81 -0.80 -2.90 -7.27
CA THR A 81 -0.76 -4.35 -7.40
C THR A 81 0.65 -4.79 -7.77
N GLU A 82 1.62 -3.89 -7.58
CA GLU A 82 3.00 -4.18 -7.90
C GLU A 82 3.56 -5.27 -6.98
N GLU A 83 3.07 -5.31 -5.75
CA GLU A 83 3.51 -6.30 -4.78
C GLU A 83 3.27 -7.71 -5.31
N GLU A 84 2.11 -7.91 -5.93
CA GLU A 84 1.74 -9.20 -6.49
C GLU A 84 2.65 -9.56 -7.66
N MET A 85 3.08 -8.54 -8.39
CA MET A 85 3.95 -8.73 -9.54
C MET A 85 5.37 -9.08 -9.09
N ARG A 86 5.79 -8.48 -7.98
CA ARG A 86 7.12 -8.73 -7.44
C ARG A 86 7.21 -10.17 -6.95
N GLU A 87 6.15 -10.65 -6.29
CA GLU A 87 6.11 -12.01 -5.80
C GLU A 87 6.28 -12.99 -6.95
N ALA A 88 5.54 -12.73 -8.04
CA ALA A 88 5.62 -13.58 -9.22
C ALA A 88 7.04 -13.61 -9.75
N PHE A 89 7.70 -12.46 -9.71
CA PHE A 89 9.09 -12.35 -10.18
C PHE A 89 9.98 -13.32 -9.41
N LYS A 90 9.80 -13.35 -8.09
CA LYS A 90 10.57 -14.22 -7.23
C LYS A 90 10.35 -15.69 -7.60
N ILE A 91 9.10 -16.03 -7.89
CA ILE A 91 8.75 -17.40 -8.27
C ILE A 91 9.48 -17.82 -9.53
N PHE A 92 9.65 -16.87 -10.46
CA PHE A 92 10.33 -17.16 -11.71
C PHE A 92 11.84 -17.25 -11.53
N ASP A 93 12.33 -16.81 -10.37
CA ASP A 93 13.76 -16.86 -10.10
C ASP A 93 14.07 -17.77 -8.91
N ARG A 94 14.71 -18.90 -9.19
CA ARG A 94 15.08 -19.87 -8.17
C ARG A 94 16.08 -19.27 -7.20
N ASP A 95 16.94 -18.37 -7.70
CA ASP A 95 17.95 -17.74 -6.86
C ASP A 95 17.43 -16.45 -6.24
N GLY A 96 18.11 -16.00 -5.19
CA GLY A 96 17.73 -14.77 -4.52
C GLY A 96 18.61 -13.61 -4.92
N ASP A 97 19.49 -13.85 -5.90
CA ASP A 97 20.41 -12.83 -6.38
C ASP A 97 19.67 -11.52 -6.69
N GLY A 98 18.52 -11.62 -7.35
CA GLY A 98 17.74 -10.44 -7.67
C GLY A 98 17.49 -10.28 -9.16
N PHE A 99 18.04 -11.21 -9.96
CA PHE A 99 17.86 -11.16 -11.40
C PHE A 99 17.60 -12.55 -11.98
N ILE A 100 16.95 -12.60 -13.14
CA ILE A 100 16.63 -13.87 -13.79
C ILE A 100 17.38 -14.04 -15.11
N SER A 101 17.74 -15.28 -15.42
CA SER A 101 18.45 -15.60 -16.65
C SER A 101 17.57 -16.47 -17.55
N PRO A 102 17.81 -16.49 -18.87
CA PRO A 102 17.00 -17.28 -19.80
C PRO A 102 16.91 -18.74 -19.38
N ALA A 103 18.03 -19.33 -19.00
CA ALA A 103 18.06 -20.71 -18.57
C ALA A 103 17.22 -20.89 -17.32
N GLU A 104 17.15 -19.84 -16.52
CA GLU A 104 16.38 -19.84 -15.28
C GLU A 104 14.90 -19.72 -15.60
N LEU A 105 14.60 -18.82 -16.52
CA LEU A 105 13.23 -18.57 -16.95
C LEU A 105 12.67 -19.79 -17.66
N ARG A 106 13.55 -20.55 -18.29
CA ARG A 106 13.17 -21.75 -19.02
C ARG A 106 12.71 -22.84 -18.05
N PHE A 107 13.55 -23.10 -17.05
CA PHE A 107 13.25 -24.13 -16.05
C PHE A 107 11.88 -23.91 -15.39
N VAL A 108 11.69 -22.71 -14.83
CA VAL A 108 10.44 -22.40 -14.15
C VAL A 108 9.21 -22.50 -15.05
N MET A 109 9.26 -21.87 -16.22
CA MET A 109 8.13 -21.89 -17.14
C MET A 109 7.62 -23.31 -17.38
N ILE A 110 8.53 -24.27 -17.38
CA ILE A 110 8.16 -25.67 -17.58
C ILE A 110 7.29 -26.16 -16.41
N ASN A 111 7.57 -25.63 -15.23
CA ASN A 111 6.82 -25.98 -14.03
C ASN A 111 5.36 -25.53 -14.15
N LEU A 112 5.18 -24.29 -14.57
CA LEU A 112 3.84 -23.72 -14.74
C LEU A 112 3.01 -24.56 -15.70
N GLY A 113 3.69 -25.16 -16.67
CA GLY A 113 3.00 -25.98 -17.65
C GLY A 113 2.79 -25.28 -18.97
N GLU A 114 3.51 -24.18 -19.18
CA GLU A 114 3.41 -23.42 -20.41
C GLU A 114 4.31 -23.99 -21.50
N LYS A 115 5.44 -24.56 -21.07
CA LYS A 115 6.41 -25.14 -22.00
C LYS A 115 6.85 -24.13 -23.04
N VAL A 116 7.98 -23.48 -22.79
CA VAL A 116 8.52 -22.47 -23.70
C VAL A 116 9.91 -22.83 -24.17
N THR A 117 10.29 -22.31 -25.32
CA THR A 117 11.61 -22.54 -25.88
C THR A 117 12.56 -21.45 -25.43
N ASP A 118 13.81 -21.82 -25.20
CA ASP A 118 14.82 -20.88 -24.75
C ASP A 118 14.87 -19.64 -25.64
N GLU A 119 14.33 -19.75 -26.84
CA GLU A 119 14.33 -18.64 -27.79
C GLU A 119 13.23 -17.62 -27.50
N GLU A 120 11.98 -18.09 -27.44
CA GLU A 120 10.85 -17.19 -27.19
C GLU A 120 11.02 -16.40 -25.90
N ILE A 121 11.46 -17.06 -24.83
CA ILE A 121 11.63 -16.38 -23.55
C ILE A 121 12.87 -15.50 -23.56
N ASP A 122 13.93 -15.95 -24.24
CA ASP A 122 15.16 -15.17 -24.33
C ASP A 122 14.86 -13.84 -25.01
N GLU A 123 13.82 -13.85 -25.86
CA GLU A 123 13.42 -12.65 -26.58
C GLU A 123 12.71 -11.69 -25.63
N MET A 124 11.79 -12.24 -24.82
CA MET A 124 11.06 -11.42 -23.87
C MET A 124 12.02 -10.75 -22.89
N ILE A 125 13.13 -11.43 -22.61
CA ILE A 125 14.14 -10.90 -21.70
C ILE A 125 14.94 -9.79 -22.35
N ARG A 126 15.33 -10.01 -23.61
CA ARG A 126 16.11 -9.02 -24.36
C ARG A 126 15.30 -7.75 -24.61
N GLU A 127 13.98 -7.90 -24.76
CA GLU A 127 13.10 -6.77 -25.01
C GLU A 127 12.81 -6.01 -23.72
N ALA A 128 12.99 -6.67 -22.59
CA ALA A 128 12.74 -6.06 -21.29
C ALA A 128 14.04 -5.70 -20.60
N ASP A 129 15.16 -6.11 -21.19
CA ASP A 129 16.47 -5.84 -20.61
C ASP A 129 17.02 -4.50 -21.10
N PHE A 130 17.04 -3.51 -20.21
CA PHE A 130 17.54 -2.19 -20.55
C PHE A 130 19.03 -2.07 -20.21
N ASP A 131 19.44 -2.78 -19.16
CA ASP A 131 20.83 -2.74 -18.71
C ASP A 131 21.77 -3.22 -19.82
N GLY A 132 21.55 -4.44 -20.30
CA GLY A 132 22.38 -4.99 -21.34
C GLY A 132 23.28 -6.10 -20.85
N ASP A 133 22.77 -6.90 -19.91
CA ASP A 133 23.54 -8.00 -19.34
C ASP A 133 22.84 -9.34 -19.58
N GLY A 134 21.57 -9.29 -19.95
CA GLY A 134 20.82 -10.50 -20.20
C GLY A 134 20.14 -11.05 -18.96
N MET A 135 19.83 -10.16 -18.02
CA MET A 135 19.16 -10.55 -16.78
C MET A 135 17.92 -9.70 -16.55
N ILE A 136 16.97 -10.23 -15.76
CA ILE A 136 15.74 -9.51 -15.46
C ILE A 136 15.65 -9.16 -13.99
N ASN A 137 15.36 -7.89 -13.73
CA ASN A 137 15.22 -7.39 -12.37
C ASN A 137 13.78 -6.96 -12.13
N TYR A 138 13.36 -6.89 -10.86
CA TYR A 138 11.98 -6.50 -10.55
C TYR A 138 11.47 -5.39 -11.47
N GLU A 139 12.40 -4.60 -12.01
CA GLU A 139 12.04 -3.51 -12.92
C GLU A 139 11.80 -4.07 -14.33
N GLU A 140 12.79 -4.78 -14.84
CA GLU A 140 12.70 -5.37 -16.17
C GLU A 140 11.53 -6.35 -16.22
N PHE A 141 11.22 -6.94 -15.07
CA PHE A 141 10.12 -7.89 -14.96
C PHE A 141 8.78 -7.19 -15.10
N VAL A 142 8.55 -6.18 -14.27
CA VAL A 142 7.32 -5.42 -14.29
C VAL A 142 6.96 -4.97 -15.70
N TRP A 143 7.98 -4.61 -16.49
CA TRP A 143 7.75 -4.16 -17.86
C TRP A 143 7.23 -5.29 -18.76
N MET A 144 7.98 -6.39 -18.81
CA MET A 144 7.61 -7.52 -19.67
C MET A 144 6.28 -8.15 -19.24
N ILE A 145 6.02 -8.19 -17.94
CA ILE A 145 4.80 -8.77 -17.42
C ILE A 145 3.61 -7.83 -17.65
N SER A 146 3.93 -6.53 -17.82
CA SER A 146 2.90 -5.53 -18.05
C SER A 146 2.24 -5.73 -19.41
N GLN A 147 2.90 -6.53 -20.25
CA GLN A 147 2.42 -6.82 -21.59
C GLN A 147 1.55 -8.08 -21.60
N LYS A 148 1.29 -8.62 -20.42
CA LYS A 148 0.49 -9.83 -20.29
C LYS A 148 -0.90 -9.49 -19.73
CA CA B . 18.40 -15.74 -10.53
CA CA C . 19.20 -6.74 -17.01
N SER A 2 2.58 12.46 -6.44
CA SER A 2 2.79 11.73 -5.16
C SER A 2 4.27 11.42 -4.95
N GLU A 3 4.96 12.31 -4.25
CA GLU A 3 6.38 12.14 -3.98
C GLU A 3 6.78 12.79 -2.66
N LEU A 4 8.06 12.71 -2.34
CA LEU A 4 8.59 13.31 -1.11
C LEU A 4 8.78 14.81 -1.31
N THR A 5 7.70 15.56 -1.21
CA THR A 5 7.75 17.01 -1.38
C THR A 5 7.77 17.70 -0.01
N GLU A 6 8.24 18.94 0.02
CA GLU A 6 8.31 19.70 1.28
C GLU A 6 7.09 19.46 2.17
N GLU A 7 5.92 19.38 1.56
CA GLU A 7 4.68 19.16 2.28
C GLU A 7 4.57 17.73 2.80
N GLN A 8 4.69 16.77 1.89
CA GLN A 8 4.60 15.36 2.25
C GLN A 8 5.70 15.00 3.24
N ILE A 9 6.94 15.36 2.89
CA ILE A 9 8.09 15.10 3.73
C ILE A 9 7.81 15.50 5.17
N ALA A 10 7.42 16.75 5.36
CA ALA A 10 7.14 17.28 6.68
C ALA A 10 5.91 16.60 7.31
N GLU A 11 5.02 16.09 6.47
CA GLU A 11 3.80 15.44 6.97
C GLU A 11 4.11 14.14 7.71
N PHE A 12 4.78 13.20 7.04
CA PHE A 12 5.10 11.92 7.65
C PHE A 12 6.32 12.04 8.57
N LYS A 13 7.20 13.01 8.28
CA LYS A 13 8.38 13.22 9.12
C LYS A 13 7.94 13.65 10.51
N ASP A 14 6.83 14.39 10.57
CA ASP A 14 6.27 14.85 11.82
C ASP A 14 5.64 13.67 12.56
N ALA A 15 4.77 12.95 11.86
CA ALA A 15 4.10 11.78 12.44
C ALA A 15 5.13 10.71 12.79
N PHE A 16 6.34 10.87 12.25
CA PHE A 16 7.41 9.92 12.50
C PHE A 16 8.07 10.17 13.85
N VAL A 17 8.42 11.42 14.11
CA VAL A 17 9.04 11.80 15.37
C VAL A 17 8.05 11.71 16.52
N GLN A 18 6.77 11.67 16.18
CA GLN A 18 5.71 11.59 17.19
C GLN A 18 5.72 10.22 17.88
N PHE A 19 6.17 9.20 17.16
CA PHE A 19 6.21 7.84 17.72
C PHE A 19 7.62 7.49 18.19
N ASP A 20 8.54 8.44 18.08
CA ASP A 20 9.93 8.22 18.52
C ASP A 20 9.99 8.14 20.04
N LYS A 21 10.13 6.93 20.57
CA LYS A 21 10.19 6.72 22.00
C LYS A 21 11.63 6.57 22.50
N GLU A 22 12.39 5.66 21.89
CA GLU A 22 13.77 5.41 22.27
C GLU A 22 14.61 6.69 22.21
N GLY A 23 14.21 7.61 21.34
CA GLY A 23 14.95 8.86 21.21
C GLY A 23 16.16 8.72 20.31
N THR A 24 16.33 7.53 19.74
CA THR A 24 17.44 7.25 18.84
C THR A 24 17.11 7.64 17.41
N GLY A 25 16.31 8.70 17.26
CA GLY A 25 15.92 9.14 15.93
C GLY A 25 15.20 8.05 15.17
N LYS A 26 14.76 7.03 15.90
CA LYS A 26 14.06 5.90 15.31
C LYS A 26 12.80 5.58 16.10
N ILE A 27 11.83 4.93 15.44
CA ILE A 27 10.57 4.57 16.10
C ILE A 27 10.41 3.06 16.21
N ALA A 28 9.80 2.62 17.29
CA ALA A 28 9.57 1.20 17.51
C ALA A 28 8.60 0.65 16.48
N THR A 29 8.90 -0.55 15.97
CA THR A 29 8.06 -1.20 14.97
C THR A 29 6.62 -1.37 15.46
N ARG A 30 6.45 -1.41 16.78
CA ARG A 30 5.13 -1.57 17.36
C ARG A 30 4.31 -0.29 17.22
N GLU A 31 4.91 0.73 16.62
CA GLU A 31 4.25 2.01 16.43
C GLU A 31 4.13 2.34 14.94
N LEU A 32 4.80 1.54 14.11
CA LEU A 32 4.79 1.74 12.67
C LEU A 32 3.38 1.61 12.09
N GLY A 33 2.71 0.50 12.42
CA GLY A 33 1.37 0.29 11.90
C GLY A 33 0.45 1.46 12.19
N THR A 34 0.50 1.97 13.42
CA THR A 34 -0.31 3.12 13.81
C THR A 34 0.02 4.32 12.93
N LEU A 35 1.25 4.36 12.46
CA LEU A 35 1.72 5.43 11.59
C LEU A 35 1.12 5.28 10.20
N MET A 36 0.86 4.04 9.81
CA MET A 36 0.31 3.74 8.50
C MET A 36 -1.18 4.08 8.44
N ARG A 37 -1.87 3.99 9.57
CA ARG A 37 -3.30 4.29 9.60
C ARG A 37 -3.55 5.80 9.63
N THR A 38 -2.71 6.53 10.37
CA THR A 38 -2.86 7.97 10.46
C THR A 38 -2.46 8.64 9.15
N LEU A 39 -1.77 7.90 8.29
CA LEU A 39 -1.33 8.40 7.00
C LEU A 39 -2.03 7.63 5.87
N GLY A 40 -2.13 8.26 4.70
CA GLY A 40 -2.77 7.63 3.57
C GLY A 40 -2.09 6.33 3.14
N GLN A 41 -0.98 6.00 3.78
CA GLN A 41 -0.25 4.77 3.46
C GLN A 41 -1.04 3.54 3.88
N ASN A 42 -0.98 2.49 3.07
CA ASN A 42 -1.70 1.27 3.37
C ASN A 42 -0.87 0.03 3.01
N PRO A 43 0.14 -0.29 3.82
CA PRO A 43 1.00 -1.45 3.59
C PRO A 43 0.23 -2.76 3.66
N THR A 44 0.42 -3.61 2.65
CA THR A 44 -0.27 -4.90 2.63
C THR A 44 -0.09 -5.62 3.95
N GLU A 45 -1.16 -6.22 4.46
CA GLU A 45 -1.11 -6.92 5.74
C GLU A 45 0.19 -7.73 5.87
N ALA A 46 0.49 -8.51 4.86
CA ALA A 46 1.70 -9.34 4.86
C ALA A 46 2.95 -8.46 4.97
N GLU A 47 2.99 -7.39 4.17
CA GLU A 47 4.12 -6.48 4.16
C GLU A 47 4.40 -5.94 5.57
N LEU A 48 3.38 -5.34 6.17
CA LEU A 48 3.51 -4.78 7.51
C LEU A 48 4.00 -5.83 8.51
N GLN A 49 3.51 -7.06 8.34
CA GLN A 49 3.90 -8.15 9.23
C GLN A 49 5.35 -8.59 8.98
N ASP A 50 5.78 -8.48 7.73
CA ASP A 50 7.15 -8.87 7.36
C ASP A 50 8.17 -7.87 7.89
N LEU A 51 7.86 -6.58 7.76
CA LEU A 51 8.76 -5.54 8.22
C LEU A 51 8.92 -5.59 9.74
N ILE A 52 7.81 -5.76 10.44
CA ILE A 52 7.84 -5.81 11.89
C ILE A 52 8.60 -7.03 12.36
N ALA A 53 8.36 -8.16 11.70
CA ALA A 53 9.02 -9.40 12.06
C ALA A 53 10.53 -9.32 11.86
N GLU A 54 10.96 -8.48 10.92
CA GLU A 54 12.38 -8.32 10.65
C GLU A 54 13.08 -7.64 11.82
N ALA A 55 12.60 -6.47 12.20
CA ALA A 55 13.18 -5.71 13.31
C ALA A 55 12.68 -6.22 14.66
N GLU A 56 11.62 -7.04 14.61
CA GLU A 56 11.01 -7.59 15.83
C GLU A 56 12.06 -8.11 16.81
N ASN A 57 12.91 -9.02 16.33
CA ASN A 57 13.95 -9.60 17.16
C ASN A 57 15.31 -9.01 16.85
N ASN A 58 15.39 -7.67 16.84
CA ASN A 58 16.64 -6.99 16.56
C ASN A 58 16.50 -5.49 16.81
N ASN A 59 17.53 -4.90 17.42
CA ASN A 59 17.56 -3.47 17.73
C ASN A 59 16.23 -2.98 18.33
N ASN A 60 15.75 -3.74 19.32
CA ASN A 60 14.49 -3.41 20.02
C ASN A 60 13.38 -3.02 19.05
N GLY A 61 13.46 -3.52 17.83
CA GLY A 61 12.45 -3.22 16.83
C GLY A 61 12.35 -1.73 16.57
N GLN A 62 13.37 -1.17 15.93
CA GLN A 62 13.39 0.25 15.61
C GLN A 62 13.40 0.48 14.10
N LEU A 63 12.93 1.65 13.69
CA LEU A 63 12.87 2.01 12.28
C LEU A 63 13.49 3.37 12.05
N ASN A 64 13.99 3.61 10.85
CA ASN A 64 14.63 4.88 10.53
C ASN A 64 13.81 5.67 9.52
N PHE A 65 14.00 6.98 9.51
CA PHE A 65 13.28 7.86 8.59
C PHE A 65 13.35 7.30 7.17
N THR A 66 14.48 6.69 6.82
CA THR A 66 14.67 6.12 5.49
C THR A 66 13.87 4.84 5.32
N GLU A 67 13.69 4.10 6.41
CA GLU A 67 12.94 2.86 6.38
C GLU A 67 11.47 3.13 6.06
N PHE A 68 10.86 4.02 6.83
CA PHE A 68 9.46 4.39 6.61
C PHE A 68 9.30 5.07 5.26
N CYS A 69 10.09 6.11 5.04
CA CYS A 69 10.04 6.84 3.78
C CYS A 69 10.31 5.90 2.62
N GLY A 70 11.06 4.83 2.90
CA GLY A 70 11.35 3.85 1.88
C GLY A 70 10.09 3.22 1.35
N ILE A 71 9.31 2.65 2.27
CA ILE A 71 8.05 2.02 1.92
C ILE A 71 7.08 3.05 1.38
N MET A 72 7.14 4.25 1.93
CA MET A 72 6.26 5.32 1.51
C MET A 72 6.50 5.58 0.04
N ALA A 73 7.78 5.68 -0.31
CA ALA A 73 8.19 5.89 -1.67
C ALA A 73 7.51 4.91 -2.59
N LYS A 74 7.48 3.64 -2.17
CA LYS A 74 6.83 2.59 -2.94
C LYS A 74 5.36 2.93 -3.13
N GLN A 75 4.66 3.18 -2.02
CA GLN A 75 3.24 3.54 -2.06
C GLN A 75 3.01 4.79 -2.90
N MET A 76 3.98 5.69 -2.92
CA MET A 76 3.89 6.92 -3.68
C MET A 76 3.74 6.62 -5.17
N ARG A 77 4.51 5.64 -5.64
CA ARG A 77 4.47 5.23 -7.04
C ARG A 77 3.15 4.56 -7.37
N GLU A 78 2.41 4.17 -6.33
CA GLU A 78 1.12 3.51 -6.50
C GLU A 78 1.28 2.17 -7.21
N THR A 79 1.30 1.10 -6.42
CA THR A 79 1.45 -0.25 -6.97
C THR A 79 0.72 -1.28 -6.11
N ASP A 80 -0.40 -0.87 -5.52
CA ASP A 80 -1.19 -1.75 -4.67
C ASP A 80 -2.04 -2.71 -5.49
N THR A 81 -2.03 -2.51 -6.81
CA THR A 81 -2.80 -3.37 -7.71
C THR A 81 -2.11 -3.49 -9.07
N GLU A 82 -0.79 -3.60 -9.02
CA GLU A 82 0.00 -3.73 -10.25
C GLU A 82 -0.43 -4.94 -11.07
N GLU A 83 -1.21 -5.83 -10.45
CA GLU A 83 -1.69 -7.02 -11.14
C GLU A 83 -2.59 -6.63 -12.32
N GLU A 84 -3.55 -5.75 -12.05
CA GLU A 84 -4.48 -5.29 -13.08
C GLU A 84 -3.78 -4.36 -14.08
N MET A 85 -2.81 -3.60 -13.60
CA MET A 85 -2.07 -2.68 -14.44
C MET A 85 -1.27 -3.42 -15.49
N ARG A 86 -0.52 -4.43 -15.05
CA ARG A 86 0.29 -5.22 -15.97
C ARG A 86 -0.60 -5.90 -17.01
N GLU A 87 -1.72 -6.46 -16.55
CA GLU A 87 -2.65 -7.12 -17.44
C GLU A 87 -3.18 -6.14 -18.47
N ALA A 88 -3.47 -4.91 -18.02
CA ALA A 88 -3.96 -3.88 -18.92
C ALA A 88 -2.93 -3.55 -19.98
N PHE A 89 -1.65 -3.61 -19.58
CA PHE A 89 -0.55 -3.35 -20.50
C PHE A 89 -0.55 -4.37 -21.63
N LYS A 90 -0.92 -5.60 -21.28
CA LYS A 90 -0.96 -6.69 -22.25
C LYS A 90 -2.14 -6.51 -23.20
N ILE A 91 -3.27 -6.07 -22.66
CA ILE A 91 -4.47 -5.86 -23.46
C ILE A 91 -4.19 -4.89 -24.61
N PHE A 92 -3.50 -3.80 -24.31
CA PHE A 92 -3.17 -2.80 -25.32
C PHE A 92 -2.02 -3.28 -26.21
N ASP A 93 -1.32 -4.32 -25.75
CA ASP A 93 -0.20 -4.88 -26.50
C ASP A 93 -0.61 -6.18 -27.19
N ARG A 94 -0.95 -6.10 -28.47
CA ARG A 94 -1.37 -7.27 -29.23
C ARG A 94 -0.20 -8.19 -29.56
N ASP A 95 1.00 -7.79 -29.12
CA ASP A 95 2.19 -8.59 -29.37
C ASP A 95 2.79 -9.10 -28.06
N GLY A 96 3.64 -10.11 -28.17
CA GLY A 96 4.28 -10.67 -26.99
C GLY A 96 5.70 -10.16 -26.84
N ASP A 97 6.09 -9.24 -27.71
CA ASP A 97 7.44 -8.67 -27.68
C ASP A 97 7.73 -8.00 -26.33
N GLY A 98 6.78 -7.22 -25.85
CA GLY A 98 6.96 -6.54 -24.58
C GLY A 98 6.82 -5.04 -24.67
N PHE A 99 6.48 -4.55 -25.85
CA PHE A 99 6.31 -3.11 -26.06
C PHE A 99 5.09 -2.83 -26.93
N ILE A 100 4.52 -1.63 -26.79
CA ILE A 100 3.34 -1.24 -27.54
C ILE A 100 3.65 -0.10 -28.51
N SER A 101 2.98 -0.13 -29.66
CA SER A 101 3.16 0.91 -30.68
C SER A 101 1.85 1.65 -30.90
N PRO A 102 1.91 2.94 -31.32
CA PRO A 102 0.70 3.73 -31.58
C PRO A 102 -0.36 2.96 -32.36
N ALA A 103 0.09 2.00 -33.16
CA ALA A 103 -0.81 1.17 -33.95
C ALA A 103 -1.56 0.17 -33.09
N GLU A 104 -0.85 -0.43 -32.15
CA GLU A 104 -1.43 -1.43 -31.26
C GLU A 104 -2.26 -0.76 -30.18
N LEU A 105 -1.72 0.34 -29.65
CA LEU A 105 -2.38 1.09 -28.62
C LEU A 105 -3.78 1.47 -29.04
N ARG A 106 -3.88 2.11 -30.19
CA ARG A 106 -5.17 2.55 -30.71
C ARG A 106 -6.08 1.38 -31.04
N PHE A 107 -5.59 0.46 -31.85
CA PHE A 107 -6.37 -0.72 -32.26
C PHE A 107 -7.14 -1.32 -31.10
N VAL A 108 -6.55 -1.29 -29.90
CA VAL A 108 -7.20 -1.87 -28.73
C VAL A 108 -8.24 -0.94 -28.10
N MET A 109 -7.90 0.34 -27.90
CA MET A 109 -8.88 1.26 -27.31
C MET A 109 -10.17 1.25 -28.10
N ILE A 110 -10.04 1.19 -29.43
CA ILE A 110 -11.20 1.16 -30.31
C ILE A 110 -12.07 -0.05 -29.98
N ASN A 111 -11.44 -1.13 -29.55
CA ASN A 111 -12.15 -2.35 -29.18
C ASN A 111 -13.01 -2.09 -27.96
N LEU A 112 -12.54 -1.22 -27.08
CA LEU A 112 -13.26 -0.87 -25.87
C LEU A 112 -14.40 0.08 -26.19
N GLY A 113 -14.20 0.88 -27.23
CA GLY A 113 -15.21 1.83 -27.65
C GLY A 113 -14.88 3.26 -27.21
N GLU A 114 -13.60 3.51 -26.98
CA GLU A 114 -13.15 4.84 -26.56
C GLU A 114 -13.09 5.80 -27.73
N LYS A 115 -12.61 5.32 -28.88
CA LYS A 115 -12.49 6.14 -30.07
C LYS A 115 -11.66 7.40 -29.80
N VAL A 116 -10.36 7.30 -30.06
CA VAL A 116 -9.44 8.42 -29.83
C VAL A 116 -8.66 8.76 -31.09
N THR A 117 -8.18 9.99 -31.16
CA THR A 117 -7.38 10.43 -32.29
C THR A 117 -5.96 9.87 -32.15
N ASP A 118 -5.47 9.25 -33.22
CA ASP A 118 -4.12 8.67 -33.21
C ASP A 118 -3.09 9.63 -32.62
N GLU A 119 -3.44 10.92 -32.60
CA GLU A 119 -2.55 11.94 -32.09
C GLU A 119 -2.52 11.98 -30.57
N GLU A 120 -3.69 12.03 -29.94
CA GLU A 120 -3.74 12.11 -28.47
C GLU A 120 -2.99 10.95 -27.81
N ILE A 121 -3.22 9.72 -28.27
CA ILE A 121 -2.54 8.56 -27.69
C ILE A 121 -1.07 8.52 -28.10
N ASP A 122 -0.77 8.94 -29.32
CA ASP A 122 0.61 8.96 -29.80
C ASP A 122 1.47 9.79 -28.85
N GLU A 123 0.92 10.92 -28.42
CA GLU A 123 1.62 11.80 -27.49
C GLU A 123 1.77 11.12 -26.14
N MET A 124 0.71 10.42 -25.72
CA MET A 124 0.72 9.71 -24.45
C MET A 124 1.90 8.73 -24.41
N ILE A 125 2.27 8.23 -25.58
CA ILE A 125 3.38 7.29 -25.70
C ILE A 125 4.72 8.01 -25.57
N ARG A 126 4.81 9.18 -26.19
CA ARG A 126 6.04 9.97 -26.15
C ARG A 126 6.32 10.49 -24.74
N GLU A 127 5.26 10.84 -24.02
CA GLU A 127 5.39 11.35 -22.67
C GLU A 127 5.84 10.25 -21.70
N ALA A 128 5.44 9.02 -21.98
CA ALA A 128 5.81 7.89 -21.14
C ALA A 128 7.10 7.23 -21.63
N ASP A 129 7.44 7.48 -22.89
CA ASP A 129 8.64 6.90 -23.48
C ASP A 129 9.89 7.69 -23.07
N PHE A 130 10.69 7.08 -22.21
CA PHE A 130 11.92 7.71 -21.72
C PHE A 130 13.14 7.23 -22.50
N ASP A 131 13.22 5.92 -22.73
CA ASP A 131 14.33 5.34 -23.46
C ASP A 131 14.47 5.94 -24.86
N GLY A 132 13.34 6.31 -25.44
CA GLY A 132 13.36 6.89 -26.77
C GLY A 132 13.38 5.85 -27.88
N ASP A 133 12.27 5.13 -28.05
CA ASP A 133 12.18 4.10 -29.08
C ASP A 133 10.81 4.11 -29.74
N GLY A 134 9.89 4.89 -29.19
CA GLY A 134 8.54 4.97 -29.74
C GLY A 134 7.68 3.78 -29.35
N MET A 135 8.06 3.12 -28.26
CA MET A 135 7.32 1.95 -27.77
C MET A 135 7.10 2.05 -26.26
N ILE A 136 6.06 1.38 -25.78
CA ILE A 136 5.73 1.42 -24.35
C ILE A 136 5.90 0.05 -23.70
N ASN A 137 6.60 0.03 -22.58
CA ASN A 137 6.83 -1.19 -21.81
C ASN A 137 6.16 -1.08 -20.44
N TYR A 138 5.90 -2.22 -19.80
CA TYR A 138 5.24 -2.24 -18.49
C TYR A 138 5.67 -1.08 -17.59
N GLU A 139 6.88 -0.55 -17.79
CA GLU A 139 7.36 0.55 -16.97
C GLU A 139 6.74 1.86 -17.44
N GLU A 140 6.92 2.17 -18.73
CA GLU A 140 6.36 3.39 -19.29
C GLU A 140 4.84 3.38 -19.15
N PHE A 141 4.29 2.17 -19.09
CA PHE A 141 2.85 1.99 -18.95
C PHE A 141 2.38 2.39 -17.55
N VAL A 142 2.98 1.77 -16.54
CA VAL A 142 2.64 2.05 -15.15
C VAL A 142 2.69 3.55 -14.85
N TRP A 143 3.64 4.24 -15.47
CA TRP A 143 3.80 5.67 -15.25
C TRP A 143 2.62 6.47 -15.82
N MET A 144 2.35 6.28 -17.11
CA MET A 144 1.26 7.00 -17.78
C MET A 144 -0.11 6.62 -17.24
N ILE A 145 -0.31 5.35 -16.94
CA ILE A 145 -1.60 4.89 -16.43
C ILE A 145 -1.91 5.52 -15.07
N SER A 146 -0.87 5.73 -14.27
CA SER A 146 -1.03 6.33 -12.95
C SER A 146 -1.54 7.76 -13.08
N GLN A 147 -1.43 8.30 -14.29
CA GLN A 147 -1.86 9.67 -14.56
C GLN A 147 -3.30 9.69 -15.06
N LYS A 148 -3.75 8.55 -15.59
CA LYS A 148 -5.11 8.45 -16.10
C LYS A 148 -6.13 8.59 -14.99
CA CA B . 3.72 -5.06 -29.40
CA CA C . 9.98 3.29 -24.72
N SER A 2 7.02 8.57 -7.57
CA SER A 2 6.71 8.88 -6.16
C SER A 2 6.77 10.39 -5.92
N GLU A 3 6.12 10.86 -4.86
CA GLU A 3 6.12 12.28 -4.55
C GLU A 3 6.60 12.55 -3.14
N LEU A 4 7.82 13.07 -3.06
CA LEU A 4 8.44 13.42 -1.78
C LEU A 4 8.68 14.92 -1.74
N THR A 5 7.59 15.69 -1.87
CA THR A 5 7.67 17.14 -1.86
C THR A 5 7.92 17.69 -0.46
N GLU A 6 8.47 18.89 -0.39
CA GLU A 6 8.78 19.54 0.89
C GLU A 6 7.67 19.31 1.93
N GLU A 7 6.43 19.52 1.52
CA GLU A 7 5.28 19.37 2.42
C GLU A 7 5.07 17.90 2.76
N GLN A 8 5.14 17.04 1.76
CA GLN A 8 4.96 15.61 1.95
C GLN A 8 6.00 15.05 2.90
N ILE A 9 7.26 15.38 2.65
CA ILE A 9 8.37 14.92 3.48
C ILE A 9 8.17 15.33 4.92
N ALA A 10 7.82 16.61 5.13
CA ALA A 10 7.62 17.13 6.47
C ALA A 10 6.33 16.61 7.08
N GLU A 11 5.44 16.10 6.24
CA GLU A 11 4.15 15.59 6.69
C GLU A 11 4.32 14.28 7.47
N PHE A 12 4.93 13.27 6.84
CA PHE A 12 5.13 11.99 7.50
C PHE A 12 6.31 12.05 8.45
N LYS A 13 7.25 12.97 8.16
CA LYS A 13 8.40 13.15 9.01
C LYS A 13 7.95 13.62 10.38
N ASP A 14 6.89 14.43 10.39
CA ASP A 14 6.34 14.95 11.63
C ASP A 14 5.66 13.81 12.39
N ALA A 15 4.77 13.11 11.70
CA ALA A 15 4.06 11.98 12.29
C ALA A 15 5.05 10.89 12.68
N PHE A 16 6.27 10.99 12.19
CA PHE A 16 7.31 10.01 12.47
C PHE A 16 7.94 10.25 13.84
N VAL A 17 8.30 11.50 14.12
CA VAL A 17 8.90 11.86 15.40
C VAL A 17 7.90 11.73 16.53
N GLN A 18 6.62 11.80 16.18
CA GLN A 18 5.55 11.69 17.16
C GLN A 18 5.55 10.32 17.85
N PHE A 19 6.07 9.31 17.16
CA PHE A 19 6.12 7.95 17.71
C PHE A 19 7.51 7.60 18.20
N ASP A 20 8.40 8.59 18.26
CA ASP A 20 9.76 8.38 18.73
C ASP A 20 9.76 8.00 20.21
N LYS A 21 9.92 6.71 20.50
CA LYS A 21 9.91 6.24 21.88
C LYS A 21 11.33 6.10 22.46
N GLU A 22 12.10 5.17 21.91
CA GLU A 22 13.46 4.94 22.37
C GLU A 22 14.29 6.22 22.35
N GLY A 23 13.92 7.16 21.50
CA GLY A 23 14.65 8.41 21.39
C GLY A 23 15.95 8.27 20.61
N THR A 24 16.17 7.08 20.06
CA THR A 24 17.38 6.82 19.29
C THR A 24 17.21 7.25 17.84
N GLY A 25 16.47 8.35 17.64
CA GLY A 25 16.24 8.84 16.29
C GLY A 25 15.47 7.83 15.46
N LYS A 26 14.95 6.81 16.13
CA LYS A 26 14.21 5.76 15.47
C LYS A 26 12.93 5.42 16.26
N ILE A 27 11.94 4.87 15.57
CA ILE A 27 10.68 4.53 16.22
C ILE A 27 10.39 3.04 16.16
N ALA A 28 9.59 2.55 17.10
CA ALA A 28 9.26 1.14 17.16
C ALA A 28 8.37 0.71 15.99
N THR A 29 8.74 -0.42 15.38
CA THR A 29 8.00 -0.97 14.25
C THR A 29 6.56 -1.31 14.66
N ARG A 30 6.38 -1.64 15.92
CA ARG A 30 5.06 -1.98 16.44
C ARG A 30 4.12 -0.79 16.35
N GLU A 31 4.71 0.40 16.18
CA GLU A 31 3.92 1.62 16.07
C GLU A 31 3.77 2.03 14.61
N LEU A 32 4.57 1.42 13.75
CA LEU A 32 4.54 1.71 12.32
C LEU A 32 3.11 1.54 11.77
N GLY A 33 2.43 0.50 12.24
CA GLY A 33 1.07 0.26 11.81
C GLY A 33 0.17 1.43 12.12
N THR A 34 0.42 2.07 13.27
CA THR A 34 -0.36 3.22 13.68
C THR A 34 -0.01 4.43 12.82
N LEU A 35 1.20 4.42 12.28
CA LEU A 35 1.67 5.49 11.42
C LEU A 35 1.04 5.36 10.03
N MET A 36 0.71 4.12 9.67
CA MET A 36 0.11 3.84 8.38
C MET A 36 -1.37 4.19 8.36
N ARG A 37 -2.03 3.99 9.50
CA ARG A 37 -3.46 4.29 9.61
C ARG A 37 -3.70 5.79 9.67
N THR A 38 -2.85 6.51 10.39
CA THR A 38 -2.97 7.96 10.53
C THR A 38 -2.58 8.67 9.24
N LEU A 39 -1.91 7.94 8.36
CA LEU A 39 -1.48 8.47 7.07
C LEU A 39 -2.22 7.76 5.94
N GLY A 40 -2.30 8.42 4.78
CA GLY A 40 -2.98 7.84 3.65
C GLY A 40 -2.43 6.47 3.26
N GLN A 41 -1.30 6.11 3.86
CA GLN A 41 -0.66 4.82 3.59
C GLN A 41 -1.58 3.66 3.97
N ASN A 42 -1.19 2.46 3.56
CA ASN A 42 -1.96 1.26 3.85
C ASN A 42 -1.25 0.01 3.34
N PRO A 43 -0.23 -0.49 4.08
CA PRO A 43 0.53 -1.67 3.69
C PRO A 43 -0.27 -2.96 3.87
N THR A 44 0.27 -4.05 3.37
CA THR A 44 -0.39 -5.35 3.50
C THR A 44 -0.08 -5.99 4.85
N GLU A 45 -1.04 -6.73 5.38
CA GLU A 45 -0.86 -7.39 6.67
C GLU A 45 0.48 -8.11 6.74
N ALA A 46 0.76 -8.92 5.73
CA ALA A 46 2.01 -9.68 5.67
C ALA A 46 3.22 -8.75 5.63
N GLU A 47 3.09 -7.66 4.88
CA GLU A 47 4.20 -6.70 4.77
C GLU A 47 4.57 -6.15 6.14
N LEU A 48 3.57 -5.63 6.84
CA LEU A 48 3.80 -5.07 8.17
C LEU A 48 4.43 -6.10 9.08
N GLN A 49 4.07 -7.36 8.86
CA GLN A 49 4.59 -8.47 9.66
C GLN A 49 6.03 -8.81 9.25
N ASP A 50 6.35 -8.54 7.98
CA ASP A 50 7.67 -8.83 7.46
C ASP A 50 8.72 -7.97 8.15
N LEU A 51 8.47 -6.66 8.22
CA LEU A 51 9.40 -5.75 8.87
C LEU A 51 9.50 -6.04 10.36
N ILE A 52 8.35 -6.17 11.02
CA ILE A 52 8.34 -6.44 12.45
C ILE A 52 9.02 -7.76 12.78
N ALA A 53 8.94 -8.72 11.87
CA ALA A 53 9.55 -10.03 12.09
C ALA A 53 11.06 -9.96 11.92
N GLU A 54 11.51 -9.17 10.95
CA GLU A 54 12.94 -9.02 10.70
C GLU A 54 13.57 -8.19 11.80
N ALA A 55 12.90 -7.12 12.19
CA ALA A 55 13.38 -6.24 13.25
C ALA A 55 13.06 -6.82 14.63
N GLU A 56 12.19 -7.83 14.65
CA GLU A 56 11.77 -8.48 15.88
C GLU A 56 12.95 -8.76 16.81
N ASN A 57 13.94 -9.47 16.30
CA ASN A 57 15.12 -9.83 17.08
C ASN A 57 16.35 -9.05 16.65
N ASN A 58 16.37 -8.60 15.40
CA ASN A 58 17.49 -7.84 14.88
C ASN A 58 17.82 -6.64 15.78
N ASN A 59 16.81 -6.15 16.47
CA ASN A 59 16.99 -5.01 17.37
C ASN A 59 15.71 -4.77 18.19
N ASN A 60 15.69 -3.67 18.94
CA ASN A 60 14.53 -3.33 19.76
C ASN A 60 13.28 -3.17 18.88
N GLY A 61 13.49 -3.22 17.57
CA GLY A 61 12.39 -3.05 16.65
C GLY A 61 12.22 -1.59 16.30
N GLN A 62 13.31 -0.97 15.88
CA GLN A 62 13.30 0.45 15.54
C GLN A 62 13.56 0.66 14.05
N LEU A 63 13.10 1.79 13.54
CA LEU A 63 13.27 2.14 12.14
C LEU A 63 13.72 3.58 12.00
N ASN A 64 14.33 3.90 10.87
CA ASN A 64 14.82 5.25 10.63
C ASN A 64 13.98 5.93 9.57
N PHE A 65 14.03 7.25 9.56
CA PHE A 65 13.28 8.05 8.58
C PHE A 65 13.33 7.41 7.20
N THR A 66 14.46 6.79 6.86
CA THR A 66 14.63 6.15 5.57
C THR A 66 13.73 4.92 5.41
N GLU A 67 13.57 4.17 6.49
CA GLU A 67 12.73 2.97 6.45
C GLU A 67 11.29 3.34 6.11
N PHE A 68 10.71 4.24 6.88
CA PHE A 68 9.34 4.68 6.65
C PHE A 68 9.24 5.41 5.31
N CYS A 69 10.05 6.45 5.15
CA CYS A 69 10.05 7.22 3.91
C CYS A 69 10.25 6.30 2.72
N GLY A 70 10.95 5.19 2.97
CA GLY A 70 11.20 4.21 1.93
C GLY A 70 9.90 3.64 1.41
N ILE A 71 9.09 3.10 2.31
CA ILE A 71 7.81 2.53 1.95
C ILE A 71 6.87 3.61 1.45
N MET A 72 7.01 4.81 2.00
CA MET A 72 6.16 5.91 1.60
C MET A 72 6.33 6.13 0.11
N ALA A 73 7.58 6.33 -0.28
CA ALA A 73 7.95 6.54 -1.65
C ALA A 73 7.27 5.51 -2.56
N LYS A 74 7.38 4.24 -2.17
CA LYS A 74 6.76 3.16 -2.95
C LYS A 74 5.27 3.41 -3.12
N GLN A 75 4.58 3.62 -2.00
CA GLN A 75 3.15 3.86 -2.02
C GLN A 75 2.79 5.18 -2.70
N MET A 76 3.76 6.07 -2.84
CA MET A 76 3.53 7.36 -3.49
C MET A 76 3.31 7.17 -4.99
N ARG A 77 4.18 6.35 -5.60
CA ARG A 77 4.10 6.09 -7.03
C ARG A 77 3.03 5.03 -7.34
N GLU A 78 3.00 3.97 -6.55
CA GLU A 78 2.03 2.90 -6.76
C GLU A 78 0.63 3.32 -6.32
N THR A 79 0.26 2.97 -5.10
CA THR A 79 -1.05 3.31 -4.56
C THR A 79 -1.00 3.50 -3.05
N ASP A 80 -2.14 3.89 -2.47
CA ASP A 80 -2.22 4.10 -1.03
C ASP A 80 -3.68 4.08 -0.59
N THR A 81 -4.59 4.03 -1.54
CA THR A 81 -6.02 4.00 -1.25
C THR A 81 -6.75 3.06 -2.20
N GLU A 82 -6.50 1.76 -2.04
CA GLU A 82 -7.13 0.75 -2.88
C GLU A 82 -8.58 0.50 -2.43
N GLU A 83 -8.90 0.94 -1.21
CA GLU A 83 -10.24 0.76 -0.66
C GLU A 83 -11.24 1.64 -1.42
N GLU A 84 -10.88 2.89 -1.65
CA GLU A 84 -11.74 3.82 -2.35
C GLU A 84 -11.90 3.42 -3.81
N MET A 85 -10.96 2.62 -4.30
CA MET A 85 -11.00 2.17 -5.68
C MET A 85 -11.98 1.01 -5.84
N ARG A 86 -12.03 0.15 -4.83
CA ARG A 86 -12.92 -0.99 -4.86
C ARG A 86 -14.36 -0.54 -4.69
N GLU A 87 -14.59 0.36 -3.73
CA GLU A 87 -15.94 0.87 -3.48
C GLU A 87 -16.45 1.59 -4.72
N ALA A 88 -15.57 2.32 -5.39
CA ALA A 88 -15.95 3.04 -6.61
C ALA A 88 -16.44 2.07 -7.65
N PHE A 89 -15.76 0.92 -7.75
CA PHE A 89 -16.15 -0.12 -8.70
C PHE A 89 -17.58 -0.57 -8.41
N LYS A 90 -17.91 -0.65 -7.13
CA LYS A 90 -19.25 -1.07 -6.71
C LYS A 90 -20.30 -0.10 -7.24
N ILE A 91 -20.07 1.20 -7.04
CA ILE A 91 -21.00 2.21 -7.49
C ILE A 91 -21.16 2.18 -9.00
N PHE A 92 -20.03 2.04 -9.69
CA PHE A 92 -20.04 1.99 -11.15
C PHE A 92 -20.71 0.70 -11.63
N ASP A 93 -20.88 -0.24 -10.71
CA ASP A 93 -21.51 -1.52 -11.03
C ASP A 93 -22.86 -1.63 -10.32
N ARG A 94 -23.91 -1.11 -10.98
CA ARG A 94 -25.25 -1.14 -10.40
C ARG A 94 -25.77 -2.57 -10.27
N ASP A 95 -25.03 -3.53 -10.82
CA ASP A 95 -25.43 -4.93 -10.75
C ASP A 95 -24.55 -5.70 -9.77
N GLY A 96 -25.02 -6.87 -9.36
CA GLY A 96 -24.26 -7.69 -8.43
C GLY A 96 -23.52 -8.80 -9.14
N ASP A 97 -23.58 -8.80 -10.46
CA ASP A 97 -22.92 -9.82 -11.26
C ASP A 97 -21.42 -9.85 -11.00
N GLY A 98 -20.84 -8.67 -10.78
CA GLY A 98 -19.42 -8.59 -10.51
C GLY A 98 -18.66 -7.94 -11.65
N PHE A 99 -19.38 -7.58 -12.70
CA PHE A 99 -18.78 -6.94 -13.87
C PHE A 99 -19.59 -5.72 -14.28
N ILE A 100 -18.93 -4.78 -14.97
CA ILE A 100 -19.61 -3.55 -15.41
C ILE A 100 -19.76 -3.49 -16.92
N SER A 101 -20.85 -2.87 -17.36
CA SER A 101 -21.12 -2.72 -18.79
C SER A 101 -21.09 -1.23 -19.17
N PRO A 102 -20.79 -0.90 -20.45
CA PRO A 102 -20.73 0.49 -20.89
C PRO A 102 -21.99 1.28 -20.53
N ALA A 103 -23.13 0.59 -20.53
CA ALA A 103 -24.41 1.21 -20.19
C ALA A 103 -24.42 1.63 -18.72
N GLU A 104 -23.78 0.82 -17.89
CA GLU A 104 -23.71 1.07 -16.46
C GLU A 104 -22.71 2.17 -16.19
N LEU A 105 -21.54 2.00 -16.79
CA LEU A 105 -20.46 2.95 -16.67
C LEU A 105 -20.94 4.35 -17.02
N ARG A 106 -21.56 4.45 -18.17
CA ARG A 106 -22.07 5.71 -18.69
C ARG A 106 -23.02 6.38 -17.70
N PHE A 107 -24.05 5.66 -17.27
CA PHE A 107 -25.03 6.20 -16.34
C PHE A 107 -24.40 6.65 -15.02
N VAL A 108 -23.29 6.01 -14.63
CA VAL A 108 -22.64 6.35 -13.36
C VAL A 108 -21.78 7.61 -13.44
N MET A 109 -20.86 7.65 -14.39
CA MET A 109 -19.99 8.82 -14.54
C MET A 109 -20.80 10.11 -14.57
N ILE A 110 -22.02 10.03 -15.08
CA ILE A 110 -22.89 11.19 -15.14
C ILE A 110 -23.28 11.65 -13.73
N ASN A 111 -23.39 10.67 -12.82
CA ASN A 111 -23.73 10.96 -11.43
C ASN A 111 -22.62 11.77 -10.77
N LEU A 112 -21.39 11.28 -10.90
CA LEU A 112 -20.23 11.95 -10.31
C LEU A 112 -20.02 13.33 -10.94
N GLY A 113 -20.46 13.47 -12.19
CA GLY A 113 -20.32 14.75 -12.87
C GLY A 113 -19.37 14.67 -14.06
N GLU A 114 -18.88 13.47 -14.34
CA GLU A 114 -17.95 13.27 -15.45
C GLU A 114 -18.71 12.99 -16.75
N LYS A 115 -18.95 14.05 -17.52
CA LYS A 115 -19.66 13.91 -18.80
C LYS A 115 -18.84 13.06 -19.77
N VAL A 116 -19.46 12.04 -20.33
CA VAL A 116 -18.79 11.16 -21.27
C VAL A 116 -19.75 10.57 -22.29
N THR A 117 -19.20 10.18 -23.44
CA THR A 117 -19.97 9.58 -24.50
C THR A 117 -19.77 8.07 -24.50
N ASP A 118 -20.82 7.33 -24.84
CA ASP A 118 -20.76 5.88 -24.87
C ASP A 118 -19.56 5.37 -25.67
N GLU A 119 -19.05 6.21 -26.57
CA GLU A 119 -17.92 5.83 -27.40
C GLU A 119 -16.59 5.96 -26.66
N GLU A 120 -16.31 7.14 -26.12
CA GLU A 120 -15.05 7.38 -25.41
C GLU A 120 -14.87 6.41 -24.24
N ILE A 121 -15.93 6.17 -23.48
CA ILE A 121 -15.84 5.27 -22.35
C ILE A 121 -15.80 3.80 -22.78
N ASP A 122 -16.51 3.49 -23.87
CA ASP A 122 -16.51 2.11 -24.38
C ASP A 122 -15.09 1.70 -24.72
N GLU A 123 -14.32 2.65 -25.24
CA GLU A 123 -12.93 2.40 -25.60
C GLU A 123 -12.08 2.22 -24.34
N MET A 124 -12.36 3.04 -23.33
CA MET A 124 -11.64 2.94 -22.07
C MET A 124 -11.84 1.58 -21.44
N ILE A 125 -13.02 1.00 -21.67
CA ILE A 125 -13.35 -0.31 -21.14
C ILE A 125 -12.54 -1.40 -21.84
N ARG A 126 -12.45 -1.29 -23.16
CA ARG A 126 -11.70 -2.26 -23.95
C ARG A 126 -10.21 -2.21 -23.61
N GLU A 127 -9.71 -0.99 -23.43
CA GLU A 127 -8.30 -0.80 -23.10
C GLU A 127 -7.97 -1.40 -21.73
N ALA A 128 -8.96 -1.43 -20.85
CA ALA A 128 -8.79 -1.99 -19.52
C ALA A 128 -9.23 -3.44 -19.48
N ASP A 129 -9.95 -3.86 -20.52
CA ASP A 129 -10.46 -5.23 -20.62
C ASP A 129 -9.41 -6.12 -21.28
N PHE A 130 -8.72 -6.91 -20.46
CA PHE A 130 -7.68 -7.81 -20.94
C PHE A 130 -8.26 -9.14 -21.41
N ASP A 131 -9.04 -9.79 -20.56
CA ASP A 131 -9.65 -11.07 -20.89
C ASP A 131 -10.47 -10.99 -22.19
N GLY A 132 -10.97 -9.80 -22.48
CA GLY A 132 -11.76 -9.62 -23.70
C GLY A 132 -13.13 -10.24 -23.58
N ASP A 133 -14.12 -9.43 -23.20
CA ASP A 133 -15.49 -9.90 -23.06
C ASP A 133 -16.48 -8.74 -23.14
N GLY A 134 -16.04 -7.56 -22.75
CA GLY A 134 -16.90 -6.39 -22.79
C GLY A 134 -17.40 -6.00 -21.42
N MET A 135 -16.78 -6.55 -20.38
CA MET A 135 -17.17 -6.26 -19.01
C MET A 135 -15.94 -5.88 -18.18
N ILE A 136 -16.17 -5.14 -17.10
CA ILE A 136 -15.08 -4.70 -16.23
C ILE A 136 -15.16 -5.33 -14.85
N ASN A 137 -14.02 -5.81 -14.37
CA ASN A 137 -13.92 -6.44 -13.06
C ASN A 137 -13.04 -5.58 -12.16
N TYR A 138 -13.18 -5.72 -10.84
CA TYR A 138 -12.38 -4.94 -9.90
C TYR A 138 -10.92 -4.79 -10.37
N GLU A 139 -10.46 -5.76 -11.17
CA GLU A 139 -9.10 -5.71 -11.69
C GLU A 139 -8.99 -4.73 -12.84
N GLU A 140 -9.83 -4.91 -13.87
CA GLU A 140 -9.83 -4.04 -15.03
C GLU A 140 -10.15 -2.61 -14.59
N PHE A 141 -10.99 -2.50 -13.58
CA PHE A 141 -11.40 -1.21 -13.04
C PHE A 141 -10.20 -0.49 -12.44
N VAL A 142 -9.53 -1.15 -11.50
CA VAL A 142 -8.35 -0.58 -10.84
C VAL A 142 -7.36 0.00 -11.85
N TRP A 143 -7.18 -0.68 -12.97
CA TRP A 143 -6.25 -0.23 -14.00
C TRP A 143 -6.67 1.10 -14.62
N MET A 144 -7.90 1.15 -15.13
CA MET A 144 -8.41 2.35 -15.79
C MET A 144 -8.59 3.52 -14.83
N ILE A 145 -9.06 3.24 -13.62
CA ILE A 145 -9.29 4.29 -12.63
C ILE A 145 -7.99 4.94 -12.19
N SER A 146 -6.92 4.17 -12.16
CA SER A 146 -5.61 4.69 -11.75
C SER A 146 -5.12 5.71 -12.76
N GLN A 147 -5.75 5.74 -13.93
CA GLN A 147 -5.39 6.65 -15.00
C GLN A 147 -6.01 8.03 -14.78
N LYS A 148 -7.32 8.04 -14.52
CA LYS A 148 -8.03 9.30 -14.29
C LYS A 148 -8.08 9.64 -12.81
CA CA B . -23.06 -5.01 -13.81
CA CA C . -13.27 -8.01 -18.78
N SER A 2 0.70 12.26 -4.88
CA SER A 2 1.43 11.87 -3.66
C SER A 2 2.90 11.61 -3.96
N GLU A 3 3.76 12.57 -3.61
CA GLU A 3 5.19 12.46 -3.86
C GLU A 3 5.98 12.98 -2.66
N LEU A 4 7.30 12.83 -2.73
CA LEU A 4 8.18 13.28 -1.65
C LEU A 4 8.49 14.77 -1.80
N THR A 5 7.50 15.62 -1.54
CA THR A 5 7.66 17.06 -1.64
C THR A 5 7.85 17.68 -0.25
N GLU A 6 8.41 18.89 -0.21
CA GLU A 6 8.65 19.58 1.05
C GLU A 6 7.50 19.41 2.04
N GLU A 7 6.27 19.49 1.53
CA GLU A 7 5.08 19.36 2.36
C GLU A 7 4.87 17.91 2.81
N GLN A 8 4.81 16.99 1.85
CA GLN A 8 4.61 15.58 2.16
C GLN A 8 5.72 15.06 3.06
N ILE A 9 6.95 15.31 2.65
CA ILE A 9 8.13 14.87 3.42
C ILE A 9 8.01 15.29 4.86
N ALA A 10 7.72 16.56 5.10
CA ALA A 10 7.58 17.10 6.45
C ALA A 10 6.29 16.62 7.11
N GLU A 11 5.35 16.16 6.30
CA GLU A 11 4.06 15.70 6.82
C GLU A 11 4.19 14.35 7.54
N PHE A 12 4.72 13.34 6.85
CA PHE A 12 4.86 12.02 7.46
C PHE A 12 6.08 12.00 8.38
N LYS A 13 7.05 12.87 8.12
CA LYS A 13 8.23 12.95 8.96
C LYS A 13 7.82 13.41 10.35
N ASP A 14 6.87 14.34 10.41
CA ASP A 14 6.37 14.83 11.67
C ASP A 14 5.64 13.71 12.39
N ALA A 15 4.79 13.00 11.64
CA ALA A 15 4.04 11.89 12.19
C ALA A 15 4.99 10.76 12.59
N PHE A 16 6.21 10.81 12.06
CA PHE A 16 7.22 9.80 12.35
C PHE A 16 7.87 10.05 13.71
N VAL A 17 8.29 11.29 13.93
CA VAL A 17 8.94 11.66 15.19
C VAL A 17 7.96 11.55 16.35
N GLN A 18 6.67 11.62 16.02
CA GLN A 18 5.62 11.52 17.03
C GLN A 18 5.64 10.17 17.74
N PHE A 19 6.17 9.15 17.06
CA PHE A 19 6.25 7.82 17.64
C PHE A 19 7.64 7.52 18.21
N ASP A 20 8.57 8.46 18.01
CA ASP A 20 9.93 8.29 18.50
C ASP A 20 9.94 8.21 20.02
N LYS A 21 9.92 6.98 20.54
CA LYS A 21 9.92 6.76 21.97
C LYS A 21 11.33 6.53 22.51
N GLU A 22 12.04 5.57 21.92
CA GLU A 22 13.40 5.25 22.35
C GLU A 22 14.30 6.47 22.33
N GLY A 23 14.14 7.30 21.30
CA GLY A 23 14.96 8.50 21.19
C GLY A 23 16.21 8.27 20.36
N THR A 24 16.37 7.05 19.87
CA THR A 24 17.54 6.70 19.06
C THR A 24 17.33 7.12 17.61
N GLY A 25 16.55 8.18 17.40
CA GLY A 25 16.29 8.64 16.05
C GLY A 25 15.46 7.62 15.28
N LYS A 26 14.82 6.74 16.02
CA LYS A 26 14.00 5.69 15.43
C LYS A 26 12.74 5.43 16.24
N ILE A 27 11.74 4.86 15.58
CA ILE A 27 10.48 4.55 16.24
C ILE A 27 10.26 3.05 16.30
N ALA A 28 9.58 2.60 17.36
CA ALA A 28 9.31 1.19 17.56
C ALA A 28 8.42 0.63 16.46
N THR A 29 8.81 -0.54 15.93
CA THR A 29 8.05 -1.20 14.87
C THR A 29 6.63 -1.49 15.33
N ARG A 30 6.44 -1.58 16.64
CA ARG A 30 5.14 -1.83 17.23
C ARG A 30 4.22 -0.63 17.07
N GLU A 31 4.75 0.43 16.44
CA GLU A 31 3.99 1.65 16.22
C GLU A 31 3.89 1.96 14.73
N LEU A 32 4.68 1.25 13.94
CA LEU A 32 4.71 1.45 12.49
C LEU A 32 3.30 1.29 11.90
N GLY A 33 2.63 0.20 12.27
CA GLY A 33 1.29 -0.05 11.77
C GLY A 33 0.35 1.10 12.07
N THR A 34 0.49 1.69 13.25
CA THR A 34 -0.33 2.83 13.65
C THR A 34 0.04 4.06 12.85
N LEU A 35 1.33 4.19 12.53
CA LEU A 35 1.83 5.32 11.76
C LEU A 35 1.33 5.23 10.32
N MET A 36 0.96 4.03 9.90
CA MET A 36 0.46 3.80 8.55
C MET A 36 -1.01 4.19 8.44
N ARG A 37 -1.83 3.63 9.32
CA ARG A 37 -3.26 3.91 9.32
C ARG A 37 -3.54 5.40 9.47
N THR A 38 -2.69 6.10 10.22
CA THR A 38 -2.87 7.53 10.43
C THR A 38 -2.43 8.33 9.21
N LEU A 39 -1.70 7.68 8.31
CA LEU A 39 -1.22 8.31 7.09
C LEU A 39 -1.86 7.69 5.85
N GLY A 40 -1.88 8.44 4.76
CA GLY A 40 -2.47 7.96 3.52
C GLY A 40 -1.96 6.59 3.11
N GLN A 41 -0.86 6.14 3.70
CA GLN A 41 -0.28 4.84 3.39
C GLN A 41 -1.23 3.71 3.76
N ASN A 42 -0.92 2.51 3.30
CA ASN A 42 -1.75 1.34 3.58
C ASN A 42 -1.03 0.05 3.16
N PRO A 43 -0.04 -0.39 3.95
CA PRO A 43 0.71 -1.62 3.66
C PRO A 43 -0.13 -2.87 3.86
N THR A 44 0.11 -3.89 3.04
CA THR A 44 -0.63 -5.13 3.14
C THR A 44 -0.40 -5.78 4.50
N GLU A 45 -1.44 -6.42 5.04
CA GLU A 45 -1.35 -7.07 6.34
C GLU A 45 -0.04 -7.84 6.49
N ALA A 46 0.26 -8.70 5.53
CA ALA A 46 1.48 -9.50 5.55
C ALA A 46 2.71 -8.61 5.56
N GLU A 47 2.74 -7.61 4.69
CA GLU A 47 3.86 -6.69 4.60
C GLU A 47 4.15 -6.05 5.96
N LEU A 48 3.11 -5.52 6.58
CA LEU A 48 3.23 -4.89 7.89
C LEU A 48 3.90 -5.84 8.88
N GLN A 49 3.46 -7.10 8.86
CA GLN A 49 4.00 -8.13 9.75
C GLN A 49 5.44 -8.48 9.37
N ASP A 50 5.74 -8.38 8.09
CA ASP A 50 7.08 -8.70 7.59
C ASP A 50 8.10 -7.68 8.08
N LEU A 51 7.69 -6.42 8.15
CA LEU A 51 8.58 -5.36 8.58
C LEU A 51 8.86 -5.49 10.07
N ILE A 52 7.82 -5.79 10.86
CA ILE A 52 7.98 -5.93 12.30
C ILE A 52 8.87 -7.11 12.62
N ALA A 53 8.65 -8.22 11.94
CA ALA A 53 9.43 -9.44 12.16
C ALA A 53 10.89 -9.25 11.75
N GLU A 54 11.13 -8.39 10.77
CA GLU A 54 12.48 -8.13 10.31
C GLU A 54 13.31 -7.49 11.41
N ALA A 55 12.83 -6.36 11.93
CA ALA A 55 13.52 -5.65 13.00
C ALA A 55 13.24 -6.28 14.36
N GLU A 56 12.23 -7.14 14.40
CA GLU A 56 11.81 -7.81 15.63
C GLU A 56 13.00 -8.31 16.45
N ASN A 57 13.86 -9.10 15.80
CA ASN A 57 15.03 -9.67 16.47
C ASN A 57 16.31 -8.91 16.11
N ASN A 58 16.40 -8.43 14.86
CA ASN A 58 17.57 -7.70 14.40
C ASN A 58 17.80 -6.46 15.26
N ASN A 59 16.80 -6.12 16.06
CA ASN A 59 16.88 -4.95 16.94
C ASN A 59 15.64 -4.91 17.83
N ASN A 60 15.55 -3.92 18.71
CA ASN A 60 14.39 -3.79 19.58
C ASN A 60 13.17 -3.40 18.76
N GLY A 61 13.36 -3.34 17.45
CA GLY A 61 12.28 -2.97 16.56
C GLY A 61 12.23 -1.46 16.37
N GLN A 62 13.25 -0.93 15.72
CA GLN A 62 13.34 0.52 15.48
C GLN A 62 13.57 0.82 13.99
N LEU A 63 12.96 1.91 13.51
CA LEU A 63 13.11 2.32 12.12
C LEU A 63 13.60 3.76 12.03
N ASN A 64 14.25 4.07 10.92
CA ASN A 64 14.78 5.41 10.69
C ASN A 64 13.99 6.09 9.59
N PHE A 65 14.05 7.41 9.58
CA PHE A 65 13.35 8.20 8.57
C PHE A 65 13.46 7.55 7.18
N THR A 66 14.58 6.88 6.94
CA THR A 66 14.81 6.22 5.66
C THR A 66 13.95 4.97 5.52
N GLU A 67 13.78 4.23 6.61
CA GLU A 67 12.96 3.02 6.59
C GLU A 67 11.53 3.36 6.19
N PHE A 68 10.94 4.31 6.90
CA PHE A 68 9.57 4.73 6.62
C PHE A 68 9.47 5.41 5.26
N CYS A 69 10.28 6.45 5.06
CA CYS A 69 10.27 7.18 3.80
C CYS A 69 10.51 6.22 2.64
N GLY A 70 11.20 5.13 2.94
CA GLY A 70 11.47 4.13 1.93
C GLY A 70 10.19 3.51 1.44
N ILE A 71 9.35 3.11 2.37
CA ILE A 71 8.08 2.51 2.03
C ILE A 71 7.11 3.57 1.54
N MET A 72 7.27 4.79 2.02
CA MET A 72 6.40 5.87 1.62
C MET A 72 6.54 6.04 0.13
N ALA A 73 7.78 6.24 -0.29
CA ALA A 73 8.13 6.40 -1.69
C ALA A 73 7.54 5.26 -2.51
N LYS A 74 7.67 4.06 -1.98
CA LYS A 74 7.16 2.86 -2.63
C LYS A 74 5.66 2.97 -2.87
N GLN A 75 4.92 3.41 -1.85
CA GLN A 75 3.47 3.55 -1.97
C GLN A 75 3.09 4.83 -2.71
N MET A 76 4.03 5.76 -2.83
CA MET A 76 3.77 7.02 -3.53
C MET A 76 3.52 6.75 -5.01
N ARG A 77 4.43 5.98 -5.61
CA ARG A 77 4.32 5.63 -7.03
C ARG A 77 3.33 4.50 -7.23
N GLU A 78 3.23 3.63 -6.23
CA GLU A 78 2.33 2.48 -6.29
C GLU A 78 1.04 2.75 -5.52
N THR A 79 -0.01 3.10 -6.25
CA THR A 79 -1.32 3.37 -5.66
C THR A 79 -1.28 4.59 -4.73
N ASP A 80 -2.05 5.62 -5.09
CA ASP A 80 -2.11 6.84 -4.29
C ASP A 80 -3.32 7.68 -4.69
N THR A 81 -4.37 7.00 -5.12
CA THR A 81 -5.61 7.67 -5.54
C THR A 81 -6.84 6.89 -5.11
N GLU A 82 -6.78 5.57 -5.24
CA GLU A 82 -7.88 4.70 -4.86
C GLU A 82 -8.23 4.84 -3.39
N GLU A 83 -7.24 5.25 -2.59
CA GLU A 83 -7.45 5.42 -1.16
C GLU A 83 -8.50 6.50 -0.89
N GLU A 84 -8.33 7.66 -1.53
CA GLU A 84 -9.26 8.76 -1.37
C GLU A 84 -10.68 8.34 -1.75
N MET A 85 -10.77 7.39 -2.68
CA MET A 85 -12.07 6.90 -3.14
C MET A 85 -12.74 6.11 -2.03
N ARG A 86 -11.95 5.34 -1.29
CA ARG A 86 -12.48 4.55 -0.19
C ARG A 86 -13.12 5.46 0.84
N GLU A 87 -12.45 6.58 1.13
CA GLU A 87 -12.96 7.54 2.08
C GLU A 87 -14.32 8.07 1.64
N ALA A 88 -14.44 8.35 0.34
CA ALA A 88 -15.69 8.85 -0.22
C ALA A 88 -16.80 7.83 0.00
N PHE A 89 -16.46 6.55 -0.19
CA PHE A 89 -17.42 5.47 -0.01
C PHE A 89 -17.97 5.49 1.42
N LYS A 90 -17.09 5.79 2.36
CA LYS A 90 -17.46 5.86 3.77
C LYS A 90 -18.47 6.97 4.01
N ILE A 91 -18.29 8.09 3.31
CA ILE A 91 -19.18 9.23 3.43
C ILE A 91 -20.61 8.86 3.06
N PHE A 92 -20.78 8.22 1.91
CA PHE A 92 -22.10 7.82 1.45
C PHE A 92 -22.66 6.70 2.32
N ASP A 93 -21.80 6.08 3.11
CA ASP A 93 -22.23 5.00 4.01
C ASP A 93 -22.24 5.48 5.46
N ARG A 94 -23.36 6.05 5.87
CA ARG A 94 -23.51 6.56 7.23
C ARG A 94 -23.60 5.42 8.24
N ASP A 95 -23.60 4.18 7.76
CA ASP A 95 -23.69 3.02 8.64
C ASP A 95 -22.38 2.23 8.64
N GLY A 96 -22.21 1.38 9.64
CA GLY A 96 -21.01 0.56 9.73
C GLY A 96 -21.20 -0.79 9.07
N ASP A 97 -22.36 -0.96 8.43
CA ASP A 97 -22.68 -2.21 7.74
C ASP A 97 -21.63 -2.57 6.70
N GLY A 98 -21.20 -1.58 5.94
CA GLY A 98 -20.19 -1.81 4.92
C GLY A 98 -20.76 -1.69 3.51
N PHE A 99 -22.03 -1.31 3.43
CA PHE A 99 -22.69 -1.16 2.14
C PHE A 99 -23.59 0.08 2.15
N ILE A 100 -23.87 0.63 0.97
CA ILE A 100 -24.69 1.82 0.85
C ILE A 100 -26.02 1.54 0.16
N SER A 101 -27.05 2.28 0.56
CA SER A 101 -28.38 2.12 -0.02
C SER A 101 -28.89 3.47 -0.55
N PRO A 102 -29.83 3.47 -1.51
CA PRO A 102 -30.38 4.70 -2.09
C PRO A 102 -30.67 5.76 -1.04
N ALA A 103 -31.11 5.32 0.14
CA ALA A 103 -31.43 6.24 1.23
C ALA A 103 -30.18 7.00 1.67
N GLU A 104 -29.08 6.28 1.82
CA GLU A 104 -27.82 6.87 2.25
C GLU A 104 -27.21 7.67 1.11
N LEU A 105 -27.27 7.11 -0.08
CA LEU A 105 -26.73 7.75 -1.26
C LEU A 105 -27.38 9.12 -1.45
N ARG A 106 -28.70 9.13 -1.51
CA ARG A 106 -29.47 10.35 -1.70
C ARG A 106 -29.08 11.43 -0.68
N PHE A 107 -29.17 11.09 0.61
CA PHE A 107 -28.87 12.02 1.68
C PHE A 107 -27.53 12.73 1.48
N VAL A 108 -26.49 11.96 1.13
CA VAL A 108 -25.16 12.54 0.96
C VAL A 108 -25.01 13.26 -0.39
N MET A 109 -25.45 12.62 -1.47
CA MET A 109 -25.36 13.22 -2.80
C MET A 109 -25.97 14.62 -2.80
N ILE A 110 -26.85 14.88 -1.85
CA ILE A 110 -27.49 16.19 -1.73
C ILE A 110 -26.61 17.12 -0.90
N ASN A 111 -25.94 16.54 0.08
CA ASN A 111 -25.04 17.30 0.96
C ASN A 111 -23.88 17.90 0.16
N LEU A 112 -23.49 17.20 -0.90
CA LEU A 112 -22.39 17.65 -1.74
C LEU A 112 -22.82 18.79 -2.65
N GLY A 113 -24.12 19.11 -2.61
CA GLY A 113 -24.65 20.18 -3.43
C GLY A 113 -24.83 19.77 -4.87
N GLU A 114 -24.91 18.46 -5.11
CA GLU A 114 -25.08 17.93 -6.45
C GLU A 114 -26.53 18.02 -6.89
N LYS A 115 -27.45 18.06 -5.92
CA LYS A 115 -28.87 18.14 -6.22
C LYS A 115 -29.28 17.05 -7.20
N VAL A 116 -29.58 15.86 -6.67
CA VAL A 116 -29.95 14.73 -7.50
C VAL A 116 -31.35 14.22 -7.16
N THR A 117 -31.98 13.57 -8.13
CA THR A 117 -33.31 13.00 -7.95
C THR A 117 -33.20 11.52 -7.64
N ASP A 118 -34.07 11.03 -6.77
CA ASP A 118 -34.07 9.63 -6.37
C ASP A 118 -34.03 8.69 -7.57
N GLU A 119 -34.39 9.20 -8.74
CA GLU A 119 -34.40 8.40 -9.96
C GLU A 119 -33.00 8.26 -10.56
N GLU A 120 -32.35 9.39 -10.83
CA GLU A 120 -31.02 9.39 -11.42
C GLU A 120 -30.00 8.65 -10.55
N ILE A 121 -30.12 8.79 -9.24
CA ILE A 121 -29.17 8.15 -8.33
C ILE A 121 -29.49 6.66 -8.15
N ASP A 122 -30.75 6.32 -7.93
CA ASP A 122 -31.13 4.93 -7.75
C ASP A 122 -30.62 4.11 -8.92
N GLU A 123 -30.60 4.72 -10.10
CA GLU A 123 -30.11 4.06 -11.30
C GLU A 123 -28.60 3.92 -11.22
N MET A 124 -27.93 4.98 -10.75
CA MET A 124 -26.49 4.98 -10.60
C MET A 124 -26.04 3.81 -9.73
N ILE A 125 -26.76 3.60 -8.63
CA ILE A 125 -26.46 2.51 -7.71
C ILE A 125 -26.67 1.16 -8.39
N ARG A 126 -27.73 1.07 -9.19
CA ARG A 126 -28.05 -0.16 -9.90
C ARG A 126 -26.99 -0.47 -10.95
N GLU A 127 -26.45 0.58 -11.57
CA GLU A 127 -25.43 0.43 -12.60
C GLU A 127 -24.11 -0.03 -11.98
N ALA A 128 -23.98 0.15 -10.68
CA ALA A 128 -22.77 -0.25 -9.97
C ALA A 128 -22.98 -1.52 -9.18
N ASP A 129 -24.23 -1.81 -8.87
CA ASP A 129 -24.57 -3.01 -8.10
C ASP A 129 -24.52 -4.26 -8.96
N PHE A 130 -23.38 -4.95 -8.92
CA PHE A 130 -23.20 -6.17 -9.70
C PHE A 130 -23.36 -7.41 -8.81
N ASP A 131 -23.68 -7.19 -7.54
CA ASP A 131 -23.84 -8.30 -6.60
C ASP A 131 -24.94 -8.01 -5.59
N GLY A 132 -26.09 -7.53 -6.06
CA GLY A 132 -27.18 -7.24 -5.14
C GLY A 132 -28.45 -6.80 -5.84
N ASP A 133 -28.82 -5.54 -5.62
CA ASP A 133 -30.03 -4.97 -6.21
C ASP A 133 -29.96 -3.45 -6.21
N GLY A 134 -29.55 -2.92 -5.07
CA GLY A 134 -29.43 -1.48 -4.91
C GLY A 134 -28.48 -1.18 -3.76
N MET A 135 -27.56 -2.10 -3.53
CA MET A 135 -26.58 -1.98 -2.46
C MET A 135 -25.18 -1.84 -3.04
N ILE A 136 -24.38 -0.93 -2.46
CA ILE A 136 -23.02 -0.69 -2.93
C ILE A 136 -21.98 -1.08 -1.89
N ASN A 137 -20.81 -1.47 -2.38
CA ASN A 137 -19.69 -1.86 -1.54
C ASN A 137 -18.43 -1.18 -2.07
N TYR A 138 -17.41 -1.02 -1.23
CA TYR A 138 -16.17 -0.37 -1.67
C TYR A 138 -15.78 -0.80 -3.09
N GLU A 139 -16.20 -2.00 -3.48
CA GLU A 139 -15.90 -2.51 -4.81
C GLU A 139 -16.84 -1.90 -5.85
N GLU A 140 -18.15 -2.05 -5.61
CA GLU A 140 -19.15 -1.51 -6.51
C GLU A 140 -19.00 0.01 -6.63
N PHE A 141 -18.51 0.61 -5.54
CA PHE A 141 -18.30 2.05 -5.48
C PHE A 141 -17.17 2.48 -6.40
N VAL A 142 -16.01 1.85 -6.21
CA VAL A 142 -14.83 2.16 -7.02
C VAL A 142 -15.15 2.12 -8.52
N TRP A 143 -16.00 1.18 -8.90
CA TRP A 143 -16.39 1.04 -10.30
C TRP A 143 -17.20 2.23 -10.80
N MET A 144 -18.21 2.63 -10.03
CA MET A 144 -19.08 3.74 -10.43
C MET A 144 -18.42 5.10 -10.27
N ILE A 145 -17.52 5.24 -9.32
CA ILE A 145 -16.85 6.51 -9.09
C ILE A 145 -15.85 6.80 -10.20
N SER A 146 -15.22 5.76 -10.72
CA SER A 146 -14.24 5.91 -11.79
C SER A 146 -14.91 6.47 -13.03
N GLN A 147 -16.24 6.44 -13.03
CA GLN A 147 -17.03 6.95 -14.14
C GLN A 147 -17.28 8.45 -13.99
N LYS A 148 -17.47 8.89 -12.75
CA LYS A 148 -17.71 10.30 -12.47
C LYS A 148 -16.55 11.16 -12.94
CA CA B . -25.09 1.47 5.07
CA CA C . -24.52 -4.85 -4.30
N SER A 2 1.56 11.09 -2.62
CA SER A 2 1.82 11.57 -4.01
C SER A 2 3.32 11.60 -4.30
N GLU A 3 4.05 12.40 -3.53
CA GLU A 3 5.49 12.52 -3.71
C GLU A 3 6.16 13.03 -2.44
N LEU A 4 7.49 13.10 -2.47
CA LEU A 4 8.26 13.57 -1.32
C LEU A 4 8.53 15.08 -1.43
N THR A 5 7.46 15.86 -1.49
CA THR A 5 7.57 17.32 -1.58
C THR A 5 7.90 17.91 -0.22
N GLU A 6 8.40 19.14 -0.21
CA GLU A 6 8.76 19.82 1.05
C GLU A 6 7.68 19.63 2.11
N GLU A 7 6.42 19.80 1.72
CA GLU A 7 5.30 19.65 2.65
C GLU A 7 5.09 18.20 3.04
N GLN A 8 5.05 17.31 2.05
CA GLN A 8 4.88 15.89 2.30
C GLN A 8 5.95 15.37 3.24
N ILE A 9 7.19 15.79 3.00
CA ILE A 9 8.31 15.38 3.82
C ILE A 9 8.05 15.72 5.28
N ALA A 10 7.68 16.98 5.52
CA ALA A 10 7.39 17.46 6.86
C ALA A 10 6.14 16.80 7.43
N GLU A 11 5.27 16.32 6.54
CA GLU A 11 4.02 15.68 6.96
C GLU A 11 4.27 14.36 7.69
N PHE A 12 4.95 13.43 7.04
CA PHE A 12 5.23 12.14 7.67
C PHE A 12 6.40 12.23 8.63
N LYS A 13 7.34 13.13 8.37
CA LYS A 13 8.48 13.32 9.24
C LYS A 13 7.97 13.75 10.61
N ASP A 14 6.84 14.46 10.61
CA ASP A 14 6.22 14.92 11.85
C ASP A 14 5.55 13.73 12.54
N ALA A 15 4.73 13.00 11.80
CA ALA A 15 4.05 11.83 12.34
C ALA A 15 5.07 10.77 12.76
N PHE A 16 6.30 10.94 12.29
CA PHE A 16 7.39 10.01 12.59
C PHE A 16 7.97 10.30 13.97
N VAL A 17 8.27 11.56 14.24
CA VAL A 17 8.85 11.95 15.52
C VAL A 17 7.83 11.79 16.64
N GLN A 18 6.56 11.75 16.27
CA GLN A 18 5.47 11.60 17.24
C GLN A 18 5.52 10.24 17.92
N PHE A 19 6.05 9.24 17.23
CA PHE A 19 6.14 7.89 17.79
C PHE A 19 7.54 7.58 18.30
N ASP A 20 8.42 8.58 18.26
CA ASP A 20 9.79 8.41 18.73
C ASP A 20 9.80 8.13 20.23
N LYS A 21 9.98 6.86 20.58
CA LYS A 21 10.00 6.45 21.99
C LYS A 21 11.43 6.28 22.52
N GLU A 22 12.17 5.35 21.92
CA GLU A 22 13.54 5.07 22.33
C GLU A 22 14.39 6.34 22.37
N GLY A 23 14.14 7.24 21.41
CA GLY A 23 14.90 8.49 21.36
C GLY A 23 16.13 8.38 20.48
N THR A 24 16.33 7.22 19.87
CA THR A 24 17.47 6.99 19.00
C THR A 24 17.20 7.52 17.60
N GLY A 25 16.35 8.54 17.50
CA GLY A 25 16.01 9.10 16.21
C GLY A 25 15.27 8.10 15.36
N LYS A 26 14.85 7.00 16.00
CA LYS A 26 14.13 5.93 15.33
C LYS A 26 12.87 5.59 16.12
N ILE A 27 11.87 5.01 15.44
CA ILE A 27 10.62 4.67 16.10
C ILE A 27 10.39 3.16 16.13
N ALA A 28 9.68 2.70 17.15
CA ALA A 28 9.38 1.29 17.30
C ALA A 28 8.52 0.77 16.15
N THR A 29 8.89 -0.38 15.61
CA THR A 29 8.16 -0.99 14.50
C THR A 29 6.72 -1.30 14.89
N ARG A 30 6.49 -1.50 16.17
CA ARG A 30 5.16 -1.80 16.68
C ARG A 30 4.24 -0.61 16.53
N GLU A 31 4.82 0.54 16.18
CA GLU A 31 4.07 1.77 16.00
C GLU A 31 3.97 2.14 14.52
N LEU A 32 4.74 1.44 13.69
CA LEU A 32 4.75 1.70 12.25
C LEU A 32 3.36 1.53 11.66
N GLY A 33 2.74 0.37 11.91
CA GLY A 33 1.41 0.12 11.37
C GLY A 33 0.46 1.28 11.62
N THR A 34 0.41 1.74 12.88
CA THR A 34 -0.45 2.86 13.23
C THR A 34 -0.04 4.11 12.47
N LEU A 35 1.27 4.21 12.21
CA LEU A 35 1.82 5.34 11.48
C LEU A 35 1.37 5.29 10.03
N MET A 36 1.25 4.07 9.52
CA MET A 36 0.84 3.84 8.14
C MET A 36 -0.67 3.97 7.98
N ARG A 37 -1.39 3.89 9.10
CA ARG A 37 -2.84 4.02 9.08
C ARG A 37 -3.25 5.49 8.97
N THR A 38 -2.61 6.33 9.79
CA THR A 38 -2.88 7.75 9.80
C THR A 38 -2.35 8.40 8.52
N LEU A 39 -1.53 7.66 7.79
CA LEU A 39 -0.95 8.15 6.54
C LEU A 39 -1.48 7.37 5.34
N GLY A 40 -1.43 7.99 4.16
CA GLY A 40 -1.92 7.36 2.95
C GLY A 40 -1.49 5.90 2.79
N GLN A 41 -0.38 5.52 3.42
CA GLN A 41 0.12 4.16 3.34
C GLN A 41 -0.96 3.16 3.78
N ASN A 42 -0.81 1.91 3.36
CA ASN A 42 -1.77 0.86 3.71
C ASN A 42 -1.28 -0.51 3.25
N PRO A 43 -0.24 -1.05 3.90
CA PRO A 43 0.31 -2.37 3.54
C PRO A 43 -0.59 -3.51 3.99
N THR A 44 -0.33 -4.70 3.46
CA THR A 44 -1.11 -5.89 3.82
C THR A 44 -0.73 -6.35 5.22
N GLU A 45 -1.73 -6.76 6.01
CA GLU A 45 -1.47 -7.21 7.38
C GLU A 45 -0.24 -8.09 7.46
N ALA A 46 -0.18 -9.11 6.61
CA ALA A 46 0.96 -10.03 6.59
C ALA A 46 2.27 -9.28 6.39
N GLU A 47 2.34 -8.48 5.33
CA GLU A 47 3.53 -7.71 5.01
C GLU A 47 3.98 -6.86 6.19
N LEU A 48 3.01 -6.18 6.82
CA LEU A 48 3.30 -5.33 7.96
C LEU A 48 3.91 -6.13 9.10
N GLN A 49 3.42 -7.35 9.28
CA GLN A 49 3.91 -8.24 10.33
C GLN A 49 5.27 -8.82 9.98
N ASP A 50 5.51 -9.01 8.68
CA ASP A 50 6.78 -9.57 8.21
C ASP A 50 7.91 -8.58 8.42
N LEU A 51 7.62 -7.31 8.21
CA LEU A 51 8.62 -6.26 8.39
C LEU A 51 8.94 -6.08 9.86
N ILE A 52 7.89 -6.11 10.69
CA ILE A 52 8.04 -5.95 12.12
C ILE A 52 8.76 -7.15 12.72
N ALA A 53 8.55 -8.31 12.11
CA ALA A 53 9.16 -9.55 12.60
C ALA A 53 10.66 -9.56 12.34
N GLU A 54 11.07 -9.02 11.19
CA GLU A 54 12.48 -8.98 10.83
C GLU A 54 13.27 -8.09 11.79
N ALA A 55 12.80 -6.86 11.96
CA ALA A 55 13.46 -5.91 12.84
C ALA A 55 13.09 -6.15 14.30
N GLU A 56 12.07 -6.98 14.51
CA GLU A 56 11.57 -7.29 15.86
C GLU A 56 12.72 -7.53 16.84
N ASN A 57 13.60 -8.46 16.49
CA ASN A 57 14.73 -8.80 17.37
C ASN A 57 16.06 -8.37 16.76
N ASN A 58 16.01 -7.45 15.81
CA ASN A 58 17.22 -6.97 15.16
C ASN A 58 17.76 -5.73 15.86
N ASN A 59 16.85 -5.00 16.50
CA ASN A 59 17.21 -3.78 17.23
C ASN A 59 15.99 -3.23 17.97
N ASN A 60 15.43 -4.05 18.86
CA ASN A 60 14.25 -3.68 19.63
C ASN A 60 13.12 -3.20 18.73
N GLY A 61 13.29 -3.45 17.43
CA GLY A 61 12.29 -3.03 16.47
C GLY A 61 12.24 -1.53 16.32
N GLN A 62 13.28 -0.96 15.69
CA GLN A 62 13.35 0.48 15.46
C GLN A 62 13.44 0.78 13.97
N LEU A 63 12.91 1.92 13.55
CA LEU A 63 12.91 2.31 12.14
C LEU A 63 13.56 3.67 11.95
N ASN A 64 14.13 3.91 10.78
CA ASN A 64 14.79 5.17 10.48
C ASN A 64 14.02 5.94 9.42
N PHE A 65 14.23 7.25 9.41
CA PHE A 65 13.56 8.14 8.48
C PHE A 65 13.66 7.62 7.03
N THR A 66 14.72 6.87 6.75
CA THR A 66 14.93 6.32 5.41
C THR A 66 14.04 5.11 5.15
N GLU A 67 13.90 4.26 6.17
CA GLU A 67 13.07 3.06 6.04
C GLU A 67 11.60 3.42 5.81
N PHE A 68 11.07 4.26 6.69
CA PHE A 68 9.67 4.69 6.58
C PHE A 68 9.43 5.39 5.26
N CYS A 69 10.21 6.44 5.00
CA CYS A 69 10.06 7.20 3.76
C CYS A 69 10.25 6.29 2.56
N GLY A 70 11.10 5.27 2.72
CA GLY A 70 11.35 4.34 1.64
C GLY A 70 10.07 3.69 1.16
N ILE A 71 9.30 3.18 2.09
CA ILE A 71 8.03 2.55 1.76
C ILE A 71 7.01 3.58 1.36
N MET A 72 7.12 4.78 1.95
CA MET A 72 6.19 5.84 1.65
C MET A 72 6.26 6.15 0.19
N ALA A 73 7.48 6.31 -0.28
CA ALA A 73 7.75 6.59 -1.69
C ALA A 73 7.12 5.51 -2.55
N LYS A 74 7.31 4.27 -2.12
CA LYS A 74 6.77 3.12 -2.82
C LYS A 74 5.25 3.23 -2.91
N GLN A 75 4.63 3.68 -1.81
CA GLN A 75 3.18 3.83 -1.77
C GLN A 75 2.73 5.12 -2.47
N MET A 76 3.66 6.07 -2.64
CA MET A 76 3.35 7.34 -3.29
C MET A 76 3.09 7.14 -4.78
N ARG A 77 3.86 6.24 -5.40
CA ARG A 77 3.74 5.98 -6.82
C ARG A 77 2.36 5.45 -7.19
N GLU A 78 1.95 4.34 -6.58
CA GLU A 78 0.64 3.74 -6.88
C GLU A 78 0.15 2.86 -5.72
N THR A 79 0.83 1.73 -5.51
CA THR A 79 0.48 0.77 -4.46
C THR A 79 -1.03 0.53 -4.38
N ASP A 80 -1.71 0.63 -5.51
CA ASP A 80 -3.15 0.42 -5.56
C ASP A 80 -3.51 -0.66 -6.57
N THR A 81 -2.58 -1.57 -6.80
CA THR A 81 -2.77 -2.67 -7.73
C THR A 81 -1.69 -3.73 -7.55
N GLU A 82 -0.47 -3.28 -7.24
CA GLU A 82 0.65 -4.18 -7.04
C GLU A 82 0.46 -5.03 -5.80
N GLU A 83 -0.41 -4.60 -4.90
CA GLU A 83 -0.69 -5.32 -3.67
C GLU A 83 -1.42 -6.64 -3.95
N GLU A 84 -2.42 -6.59 -4.82
CA GLU A 84 -3.19 -7.77 -5.17
C GLU A 84 -2.37 -8.73 -6.04
N MET A 85 -1.43 -8.16 -6.78
CA MET A 85 -0.58 -8.96 -7.67
C MET A 85 0.44 -9.73 -6.85
N ARG A 86 1.09 -9.03 -5.93
CA ARG A 86 2.09 -9.66 -5.07
C ARG A 86 1.44 -10.78 -4.27
N GLU A 87 0.19 -10.56 -3.87
CA GLU A 87 -0.56 -11.56 -3.12
C GLU A 87 -0.67 -12.84 -3.94
N ALA A 88 -1.04 -12.69 -5.20
CA ALA A 88 -1.17 -13.83 -6.10
C ALA A 88 0.15 -14.58 -6.22
N PHE A 89 1.25 -13.83 -6.15
CA PHE A 89 2.59 -14.41 -6.23
C PHE A 89 2.85 -15.30 -5.02
N LYS A 90 2.46 -14.81 -3.85
CA LYS A 90 2.64 -15.56 -2.61
C LYS A 90 1.93 -16.91 -2.69
N ILE A 91 0.76 -16.91 -3.30
CA ILE A 91 -0.02 -18.14 -3.46
C ILE A 91 0.73 -19.16 -4.29
N PHE A 92 1.27 -18.72 -5.42
CA PHE A 92 2.01 -19.60 -6.32
C PHE A 92 3.34 -20.05 -5.69
N ASP A 93 3.77 -19.33 -4.66
CA ASP A 93 5.03 -19.66 -3.98
C ASP A 93 4.77 -20.48 -2.72
N ARG A 94 5.17 -21.75 -2.76
CA ARG A 94 4.99 -22.66 -1.63
C ARG A 94 6.06 -22.44 -0.57
N ASP A 95 7.08 -21.65 -0.91
CA ASP A 95 8.17 -21.36 0.03
C ASP A 95 8.26 -19.87 0.32
N GLY A 96 9.04 -19.53 1.34
CA GLY A 96 9.21 -18.14 1.72
C GLY A 96 10.52 -17.58 1.21
N ASP A 97 11.24 -18.38 0.42
CA ASP A 97 12.53 -17.97 -0.13
C ASP A 97 12.41 -16.67 -0.92
N GLY A 98 11.31 -16.51 -1.65
CA GLY A 98 11.10 -15.31 -2.43
C GLY A 98 10.98 -15.58 -3.91
N PHE A 99 11.18 -16.85 -4.30
CA PHE A 99 11.10 -17.23 -5.70
C PHE A 99 10.30 -18.52 -5.84
N ILE A 100 9.74 -18.74 -7.03
CA ILE A 100 8.93 -19.94 -7.28
C ILE A 100 9.60 -20.84 -8.32
N SER A 101 9.38 -22.14 -8.18
CA SER A 101 9.94 -23.12 -9.10
C SER A 101 8.83 -23.82 -9.88
N PRO A 102 9.12 -24.32 -11.11
CA PRO A 102 8.11 -24.99 -11.93
C PRO A 102 7.32 -26.03 -11.14
N ALA A 103 7.98 -26.66 -10.18
CA ALA A 103 7.34 -27.67 -9.33
C ALA A 103 6.29 -27.03 -8.43
N GLU A 104 6.65 -25.90 -7.83
CA GLU A 104 5.76 -25.19 -6.94
C GLU A 104 4.61 -24.59 -7.74
N LEU A 105 4.94 -24.14 -8.94
CA LEU A 105 3.97 -23.54 -9.84
C LEU A 105 3.00 -24.60 -10.34
N ARG A 106 3.49 -25.83 -10.46
CA ARG A 106 2.68 -26.94 -10.94
C ARG A 106 1.61 -27.30 -9.92
N PHE A 107 1.97 -27.28 -8.64
CA PHE A 107 1.03 -27.60 -7.58
C PHE A 107 -0.09 -26.57 -7.49
N VAL A 108 0.27 -25.29 -7.44
CA VAL A 108 -0.71 -24.22 -7.35
C VAL A 108 -1.52 -24.07 -8.62
N MET A 109 -0.86 -24.10 -9.77
CA MET A 109 -1.56 -23.98 -11.05
C MET A 109 -2.83 -24.83 -11.07
N ILE A 110 -2.73 -26.07 -10.62
CA ILE A 110 -3.89 -26.95 -10.60
C ILE A 110 -5.08 -26.27 -9.95
N ASN A 111 -4.82 -25.51 -8.89
CA ASN A 111 -5.88 -24.79 -8.20
C ASN A 111 -6.58 -23.83 -9.18
N LEU A 112 -5.79 -23.23 -10.06
CA LEU A 112 -6.31 -22.33 -11.08
C LEU A 112 -6.57 -23.11 -12.37
N GLY A 113 -5.49 -23.53 -13.02
CA GLY A 113 -5.58 -24.31 -14.23
C GLY A 113 -5.25 -25.76 -13.96
N GLU A 114 -6.22 -26.46 -13.37
CA GLU A 114 -6.10 -27.85 -13.00
C GLU A 114 -4.99 -28.62 -13.71
N LYS A 115 -5.23 -29.01 -14.95
CA LYS A 115 -4.25 -29.80 -15.70
C LYS A 115 -3.29 -28.93 -16.49
N VAL A 116 -2.00 -29.03 -16.16
CA VAL A 116 -0.96 -28.29 -16.86
C VAL A 116 0.31 -29.12 -16.93
N THR A 117 0.91 -29.20 -18.11
CA THR A 117 2.14 -29.94 -18.27
C THR A 117 3.31 -29.13 -17.74
N ASP A 118 4.20 -29.79 -17.02
CA ASP A 118 5.37 -29.14 -16.44
C ASP A 118 6.09 -28.30 -17.50
N GLU A 119 5.85 -28.62 -18.76
CA GLU A 119 6.46 -27.91 -19.87
C GLU A 119 5.71 -26.60 -20.15
N GLU A 120 4.39 -26.67 -20.19
CA GLU A 120 3.57 -25.49 -20.48
C GLU A 120 3.78 -24.40 -19.44
N ILE A 121 3.86 -24.77 -18.16
CA ILE A 121 4.05 -23.78 -17.11
C ILE A 121 5.51 -23.37 -17.02
N ASP A 122 6.41 -24.32 -17.31
CA ASP A 122 7.84 -24.01 -17.28
C ASP A 122 8.16 -22.99 -18.36
N GLU A 123 7.36 -23.04 -19.43
CA GLU A 123 7.52 -22.12 -20.55
C GLU A 123 7.08 -20.72 -20.12
N MET A 124 5.95 -20.64 -19.43
CA MET A 124 5.44 -19.37 -18.95
C MET A 124 6.45 -18.74 -17.99
N ILE A 125 7.18 -19.58 -17.27
CA ILE A 125 8.18 -19.13 -16.32
C ILE A 125 9.42 -18.62 -17.05
N ARG A 126 9.84 -19.35 -18.07
CA ARG A 126 11.01 -19.00 -18.86
C ARG A 126 10.80 -17.65 -19.56
N GLU A 127 9.58 -17.42 -20.02
CA GLU A 127 9.24 -16.18 -20.70
C GLU A 127 9.25 -15.01 -19.73
N ALA A 128 9.06 -15.30 -18.46
CA ALA A 128 9.04 -14.28 -17.42
C ALA A 128 10.37 -14.22 -16.68
N ASP A 129 11.21 -15.23 -16.91
CA ASP A 129 12.51 -15.29 -16.26
C ASP A 129 13.56 -14.54 -17.06
N PHE A 130 13.98 -13.38 -16.57
CA PHE A 130 14.97 -12.56 -17.25
C PHE A 130 16.39 -12.93 -16.80
N ASP A 131 16.57 -13.08 -15.49
CA ASP A 131 17.87 -13.41 -14.93
C ASP A 131 18.41 -14.71 -15.51
N GLY A 132 17.78 -15.84 -15.17
CA GLY A 132 18.22 -17.12 -15.67
C GLY A 132 18.51 -18.12 -14.57
N ASP A 133 17.45 -18.65 -13.95
CA ASP A 133 17.60 -19.63 -12.88
C ASP A 133 16.36 -20.49 -12.74
N GLY A 134 15.43 -20.35 -13.67
CA GLY A 134 14.20 -21.14 -13.63
C GLY A 134 13.38 -20.85 -12.39
N MET A 135 13.39 -19.59 -11.95
CA MET A 135 12.64 -19.18 -10.77
C MET A 135 11.88 -17.89 -11.03
N ILE A 136 10.81 -17.67 -10.27
CA ILE A 136 10.00 -16.45 -10.44
C ILE A 136 10.03 -15.59 -9.18
N ASN A 137 10.28 -14.31 -9.37
CA ASN A 137 10.31 -13.35 -8.28
C ASN A 137 9.18 -12.35 -8.45
N TYR A 138 8.77 -11.69 -7.37
CA TYR A 138 7.69 -10.71 -7.44
C TYR A 138 7.78 -9.86 -8.71
N GLU A 139 8.99 -9.74 -9.25
CA GLU A 139 9.21 -8.96 -10.46
C GLU A 139 8.85 -9.79 -11.70
N GLU A 140 9.46 -10.96 -11.80
CA GLU A 140 9.21 -11.85 -12.92
C GLU A 140 7.72 -12.20 -12.99
N PHE A 141 7.10 -12.28 -11.81
CA PHE A 141 5.69 -12.61 -11.69
C PHE A 141 4.82 -11.49 -12.24
N VAL A 142 5.02 -10.28 -11.71
CA VAL A 142 4.26 -9.11 -12.14
C VAL A 142 4.24 -8.99 -13.66
N TRP A 143 5.36 -9.36 -14.29
CA TRP A 143 5.48 -9.27 -15.73
C TRP A 143 4.55 -10.26 -16.45
N MET A 144 4.67 -11.54 -16.11
CA MET A 144 3.86 -12.58 -16.75
C MET A 144 2.37 -12.48 -16.39
N ILE A 145 2.06 -12.05 -15.18
CA ILE A 145 0.67 -11.95 -14.75
C ILE A 145 -0.05 -10.84 -15.49
N SER A 146 0.64 -9.74 -15.78
CA SER A 146 0.05 -8.62 -16.49
C SER A 146 -0.33 -9.04 -17.90
N GLN A 147 0.20 -10.19 -18.33
CA GLN A 147 -0.09 -10.72 -19.65
C GLN A 147 -1.42 -11.45 -19.68
N LYS A 148 -1.80 -12.00 -18.53
CA LYS A 148 -3.06 -12.73 -18.41
C LYS A 148 -4.24 -11.78 -18.48
CA CA B . 9.61 -21.11 -3.50
CA CA C . 14.31 -16.13 -11.96
N SER A 2 1.00 13.11 -2.96
CA SER A 2 1.86 12.08 -3.58
C SER A 2 3.31 12.57 -3.68
N GLU A 3 4.21 11.67 -4.08
CA GLU A 3 5.63 12.02 -4.22
C GLU A 3 6.23 12.46 -2.89
N LEU A 4 7.55 12.65 -2.89
CA LEU A 4 8.25 13.08 -1.67
C LEU A 4 8.60 14.56 -1.78
N THR A 5 7.58 15.40 -1.75
CA THR A 5 7.76 16.84 -1.83
C THR A 5 8.18 17.40 -0.49
N GLU A 6 8.35 18.71 -0.38
CA GLU A 6 8.75 19.32 0.88
C GLU A 6 7.60 19.28 1.88
N GLU A 7 6.38 19.39 1.37
CA GLU A 7 5.21 19.35 2.22
C GLU A 7 4.90 17.92 2.64
N GLN A 8 5.05 17.00 1.69
CA GLN A 8 4.80 15.58 1.94
C GLN A 8 5.86 15.02 2.88
N ILE A 9 7.13 15.25 2.53
CA ILE A 9 8.24 14.78 3.33
C ILE A 9 8.11 15.24 4.78
N ALA A 10 7.79 16.51 4.96
CA ALA A 10 7.64 17.07 6.30
C ALA A 10 6.35 16.59 6.97
N GLU A 11 5.40 16.13 6.16
CA GLU A 11 4.12 15.66 6.68
C GLU A 11 4.27 14.37 7.49
N PHE A 12 4.82 13.33 6.87
CA PHE A 12 4.99 12.06 7.56
C PHE A 12 6.22 12.09 8.46
N LYS A 13 7.17 12.97 8.14
CA LYS A 13 8.36 13.11 8.97
C LYS A 13 7.96 13.62 10.34
N ASP A 14 6.94 14.47 10.36
CA ASP A 14 6.43 15.01 11.61
C ASP A 14 5.70 13.90 12.36
N ALA A 15 4.83 13.18 11.65
CA ALA A 15 4.09 12.07 12.23
C ALA A 15 5.05 10.95 12.64
N PHE A 16 6.29 11.04 12.16
CA PHE A 16 7.31 10.04 12.45
C PHE A 16 7.94 10.29 13.81
N VAL A 17 8.35 11.52 14.06
CA VAL A 17 8.97 11.89 15.32
C VAL A 17 7.96 11.76 16.47
N GLN A 18 6.68 11.87 16.12
CA GLN A 18 5.61 11.75 17.10
C GLN A 18 5.59 10.36 17.72
N PHE A 19 6.02 9.37 16.95
CA PHE A 19 6.04 7.99 17.41
C PHE A 19 7.38 7.64 18.05
N ASP A 20 8.38 8.47 17.82
CA ASP A 20 9.71 8.24 18.39
C ASP A 20 9.65 8.14 19.91
N LYS A 21 9.69 6.91 20.41
CA LYS A 21 9.63 6.67 21.84
C LYS A 21 11.01 6.45 22.45
N GLU A 22 11.77 5.53 21.85
CA GLU A 22 13.12 5.22 22.33
C GLU A 22 14.01 6.46 22.34
N GLY A 23 13.69 7.42 21.48
CA GLY A 23 14.47 8.63 21.40
C GLY A 23 15.76 8.44 20.64
N THR A 24 15.96 7.24 20.12
CA THR A 24 17.16 6.91 19.36
C THR A 24 17.01 7.29 17.89
N GLY A 25 16.20 8.32 17.64
CA GLY A 25 15.97 8.76 16.27
C GLY A 25 15.26 7.71 15.45
N LYS A 26 14.74 6.69 16.13
CA LYS A 26 14.02 5.61 15.46
C LYS A 26 12.72 5.32 16.19
N ILE A 27 11.75 4.74 15.47
CA ILE A 27 10.45 4.44 16.05
C ILE A 27 10.19 2.93 16.10
N ALA A 28 9.33 2.53 17.03
CA ALA A 28 9.00 1.12 17.22
C ALA A 28 8.25 0.54 16.01
N THR A 29 8.63 -0.68 15.63
CA THR A 29 8.00 -1.37 14.50
C THR A 29 6.56 -1.75 14.83
N ARG A 30 6.36 -2.22 16.06
CA ARG A 30 5.03 -2.63 16.52
C ARG A 30 4.07 -1.46 16.51
N GLU A 31 4.63 -0.25 16.41
CA GLU A 31 3.81 0.96 16.39
C GLU A 31 3.85 1.63 15.01
N LEU A 32 4.69 1.10 14.14
CA LEU A 32 4.82 1.64 12.79
C LEU A 32 3.49 1.59 12.05
N GLY A 33 2.77 0.48 12.20
CA GLY A 33 1.49 0.34 11.53
C GLY A 33 0.58 1.51 11.84
N THR A 34 0.43 1.82 13.13
CA THR A 34 -0.39 2.94 13.56
C THR A 34 0.04 4.22 12.86
N LEU A 35 1.34 4.35 12.61
CA LEU A 35 1.90 5.51 11.93
C LEU A 35 1.31 5.60 10.53
N MET A 36 1.19 4.45 9.88
CA MET A 36 0.66 4.37 8.54
C MET A 36 -0.86 4.55 8.52
N ARG A 37 -1.49 4.40 9.68
CA ARG A 37 -2.94 4.56 9.78
C ARG A 37 -3.31 6.04 9.70
N THR A 38 -2.65 6.84 10.52
CA THR A 38 -2.90 8.28 10.55
C THR A 38 -2.51 8.93 9.22
N LEU A 39 -1.79 8.17 8.40
CA LEU A 39 -1.35 8.64 7.10
C LEU A 39 -2.04 7.86 5.98
N GLY A 40 -2.12 8.45 4.80
CA GLY A 40 -2.77 7.81 3.67
C GLY A 40 -2.21 6.43 3.34
N GLN A 41 -1.16 6.03 4.04
CA GLN A 41 -0.53 4.72 3.80
C GLN A 41 -1.44 3.59 4.26
N ASN A 42 -1.28 2.42 3.65
CA ASN A 42 -2.07 1.25 3.98
C ASN A 42 -1.47 -0.02 3.38
N PRO A 43 -0.39 -0.55 3.96
CA PRO A 43 0.27 -1.76 3.48
C PRO A 43 -0.50 -3.01 3.81
N THR A 44 -0.09 -4.13 3.22
CA THR A 44 -0.73 -5.41 3.48
C THR A 44 -0.25 -5.97 4.82
N GLU A 45 -1.17 -6.60 5.55
CA GLU A 45 -0.83 -7.16 6.86
C GLU A 45 0.53 -7.87 6.83
N ALA A 46 0.77 -8.63 5.76
CA ALA A 46 2.02 -9.36 5.60
C ALA A 46 3.22 -8.41 5.59
N GLU A 47 3.11 -7.33 4.82
CA GLU A 47 4.19 -6.36 4.72
C GLU A 47 4.56 -5.82 6.10
N LEU A 48 3.57 -5.33 6.81
CA LEU A 48 3.77 -4.80 8.16
C LEU A 48 4.47 -5.83 9.03
N GLN A 49 4.13 -7.09 8.81
CA GLN A 49 4.72 -8.19 9.56
C GLN A 49 6.15 -8.46 9.11
N ASP A 50 6.43 -8.15 7.85
CA ASP A 50 7.75 -8.37 7.27
C ASP A 50 8.79 -7.51 7.97
N LEU A 51 8.50 -6.21 8.08
CA LEU A 51 9.42 -5.29 8.74
C LEU A 51 9.57 -5.67 10.21
N ILE A 52 8.44 -5.94 10.87
CA ILE A 52 8.48 -6.32 12.28
C ILE A 52 9.28 -7.61 12.46
N ALA A 53 9.23 -8.47 11.45
CA ALA A 53 9.95 -9.75 11.51
C ALA A 53 11.44 -9.56 11.29
N GLU A 54 11.79 -8.66 10.38
CA GLU A 54 13.19 -8.38 10.08
C GLU A 54 13.85 -7.67 11.26
N ALA A 55 13.19 -6.64 11.76
CA ALA A 55 13.71 -5.88 12.90
C ALA A 55 13.42 -6.59 14.21
N GLU A 56 12.55 -7.59 14.15
CA GLU A 56 12.16 -8.36 15.33
C GLU A 56 13.34 -8.68 16.24
N ASN A 57 14.37 -9.29 15.67
CA ASN A 57 15.55 -9.68 16.44
C ASN A 57 16.74 -8.77 16.14
N ASN A 58 16.75 -8.15 14.97
CA ASN A 58 17.84 -7.26 14.59
C ASN A 58 17.90 -6.05 15.52
N ASN A 59 16.81 -5.84 16.26
CA ASN A 59 16.72 -4.73 17.19
C ASN A 59 15.42 -4.83 17.99
N ASN A 60 15.25 -3.96 18.98
CA ASN A 60 14.04 -3.96 19.80
C ASN A 60 12.83 -3.69 18.93
N GLY A 61 13.08 -3.41 17.66
CA GLY A 61 12.02 -3.11 16.73
C GLY A 61 11.98 -1.62 16.44
N GLN A 62 13.08 -1.11 15.90
CA GLN A 62 13.18 0.31 15.60
C GLN A 62 13.49 0.53 14.12
N LEU A 63 13.13 1.71 13.61
CA LEU A 63 13.37 2.05 12.21
C LEU A 63 13.81 3.50 12.07
N ASN A 64 14.48 3.81 10.97
CA ASN A 64 14.98 5.15 10.73
C ASN A 64 14.19 5.80 9.60
N PHE A 65 14.21 7.12 9.56
CA PHE A 65 13.48 7.87 8.54
C PHE A 65 13.56 7.20 7.17
N THR A 66 14.70 6.61 6.85
CA THR A 66 14.89 5.93 5.57
C THR A 66 13.92 4.77 5.40
N GLU A 67 13.73 4.00 6.46
CA GLU A 67 12.83 2.85 6.43
C GLU A 67 11.41 3.27 6.09
N PHE A 68 10.85 4.20 6.88
CA PHE A 68 9.49 4.66 6.66
C PHE A 68 9.37 5.41 5.33
N CYS A 69 10.19 6.44 5.14
CA CYS A 69 10.15 7.22 3.92
C CYS A 69 10.28 6.29 2.72
N GLY A 70 11.06 5.23 2.90
CA GLY A 70 11.25 4.27 1.84
C GLY A 70 9.92 3.70 1.39
N ILE A 71 9.16 3.22 2.36
CA ILE A 71 7.85 2.64 2.08
C ILE A 71 6.90 3.71 1.58
N MET A 72 7.07 4.93 2.08
CA MET A 72 6.21 6.01 1.68
C MET A 72 6.34 6.20 0.19
N ALA A 73 7.58 6.30 -0.25
CA ALA A 73 7.91 6.46 -1.65
C ALA A 73 7.20 5.41 -2.51
N LYS A 74 7.27 4.16 -2.06
CA LYS A 74 6.62 3.06 -2.79
C LYS A 74 5.14 3.34 -2.95
N GLN A 75 4.46 3.58 -1.84
CA GLN A 75 3.03 3.86 -1.86
C GLN A 75 2.72 5.13 -2.64
N MET A 76 3.64 6.10 -2.61
CA MET A 76 3.46 7.35 -3.34
C MET A 76 3.31 7.04 -4.82
N ARG A 77 3.98 5.97 -5.24
CA ARG A 77 3.95 5.50 -6.61
C ARG A 77 2.68 4.71 -6.87
N GLU A 78 2.45 3.69 -6.05
CA GLU A 78 1.26 2.84 -6.18
C GLU A 78 1.24 1.80 -5.06
N THR A 79 1.95 0.69 -5.26
CA THR A 79 2.02 -0.39 -4.28
C THR A 79 0.63 -0.92 -3.92
N ASP A 80 0.28 -2.07 -4.50
CA ASP A 80 -1.02 -2.69 -4.23
C ASP A 80 -0.98 -4.18 -4.51
N THR A 81 0.21 -4.66 -4.88
CA THR A 81 0.39 -6.08 -5.18
C THR A 81 1.88 -6.44 -5.07
N GLU A 82 2.40 -6.31 -3.85
CA GLU A 82 3.80 -6.62 -3.59
C GLU A 82 4.09 -8.11 -3.76
N GLU A 83 3.05 -8.93 -3.59
CA GLU A 83 3.20 -10.38 -3.74
C GLU A 83 3.71 -10.73 -5.14
N GLU A 84 3.19 -10.05 -6.15
CA GLU A 84 3.59 -10.28 -7.52
C GLU A 84 5.05 -9.90 -7.73
N MET A 85 5.53 -8.95 -6.93
CA MET A 85 6.91 -8.50 -7.01
C MET A 85 7.85 -9.59 -6.56
N ARG A 86 7.45 -10.32 -5.51
CA ARG A 86 8.26 -11.41 -4.99
C ARG A 86 8.39 -12.50 -6.04
N GLU A 87 7.27 -12.86 -6.65
CA GLU A 87 7.26 -13.88 -7.69
C GLU A 87 8.25 -13.52 -8.80
N ALA A 88 8.35 -12.24 -9.09
CA ALA A 88 9.27 -11.75 -10.11
C ALA A 88 10.71 -11.98 -9.69
N PHE A 89 10.97 -11.82 -8.38
CA PHE A 89 12.30 -12.03 -7.83
C PHE A 89 12.65 -13.51 -7.87
N LYS A 90 11.62 -14.33 -7.95
CA LYS A 90 11.76 -15.75 -8.00
C LYS A 90 12.14 -16.21 -9.40
N ILE A 91 11.43 -15.65 -10.38
CA ILE A 91 11.68 -15.97 -11.78
C ILE A 91 13.13 -15.67 -12.17
N PHE A 92 13.63 -14.51 -11.76
CA PHE A 92 15.00 -14.12 -12.07
C PHE A 92 16.01 -14.91 -11.23
N ASP A 93 15.52 -15.55 -10.18
CA ASP A 93 16.39 -16.35 -9.31
C ASP A 93 16.27 -17.83 -9.64
N ARG A 94 17.27 -18.35 -10.35
CA ARG A 94 17.28 -19.76 -10.75
C ARG A 94 17.33 -20.67 -9.53
N ASP A 95 18.27 -20.41 -8.62
CA ASP A 95 18.41 -21.22 -7.41
C ASP A 95 17.46 -20.76 -6.33
N GLY A 96 17.35 -21.55 -5.27
CA GLY A 96 16.47 -21.22 -4.17
C GLY A 96 17.23 -20.62 -2.99
N ASP A 97 18.54 -20.39 -3.20
CA ASP A 97 19.39 -19.83 -2.16
C ASP A 97 18.77 -18.58 -1.53
N GLY A 98 18.20 -17.73 -2.37
CA GLY A 98 17.57 -16.52 -1.87
C GLY A 98 18.21 -15.25 -2.44
N PHE A 99 19.16 -15.43 -3.35
CA PHE A 99 19.83 -14.30 -3.98
C PHE A 99 20.08 -14.58 -5.45
N ILE A 100 20.20 -13.52 -6.25
CA ILE A 100 20.44 -13.66 -7.68
C ILE A 100 21.82 -13.13 -8.07
N SER A 101 22.43 -13.78 -9.05
CA SER A 101 23.75 -13.38 -9.53
C SER A 101 23.67 -12.90 -10.98
N PRO A 102 24.62 -12.06 -11.42
CA PRO A 102 24.62 -11.53 -12.79
C PRO A 102 24.34 -12.62 -13.82
N ALA A 103 24.85 -13.82 -13.57
CA ALA A 103 24.65 -14.94 -14.47
C ALA A 103 23.17 -15.32 -14.57
N GLU A 104 22.54 -15.53 -13.42
CA GLU A 104 21.14 -15.90 -13.37
C GLU A 104 20.25 -14.78 -13.91
N LEU A 105 20.63 -13.53 -13.62
CA LEU A 105 19.87 -12.37 -14.05
C LEU A 105 19.75 -12.29 -15.56
N ARG A 106 20.88 -12.39 -16.26
CA ARG A 106 20.87 -12.32 -17.72
C ARG A 106 20.12 -13.48 -18.35
N PHE A 107 20.45 -14.71 -17.94
CA PHE A 107 19.80 -15.89 -18.48
C PHE A 107 18.28 -15.74 -18.50
N VAL A 108 17.72 -15.15 -17.45
CA VAL A 108 16.28 -14.96 -17.36
C VAL A 108 15.81 -13.75 -18.17
N MET A 109 16.53 -12.63 -18.04
CA MET A 109 16.20 -11.41 -18.75
C MET A 109 16.04 -11.62 -20.25
N ILE A 110 16.90 -12.45 -20.83
CA ILE A 110 16.84 -12.70 -22.27
C ILE A 110 15.63 -13.56 -22.61
N ASN A 111 15.12 -14.28 -21.61
CA ASN A 111 13.94 -15.12 -21.80
C ASN A 111 12.67 -14.30 -21.75
N LEU A 112 12.62 -13.37 -20.79
CA LEU A 112 11.47 -12.50 -20.61
C LEU A 112 11.59 -11.29 -21.54
N GLY A 113 12.66 -10.53 -21.33
CA GLY A 113 12.88 -9.34 -22.14
C GLY A 113 13.70 -9.65 -23.39
N GLU A 114 14.85 -9.00 -23.52
CA GLU A 114 15.71 -9.19 -24.66
C GLU A 114 17.15 -9.45 -24.20
N LYS A 115 17.98 -9.96 -25.11
CA LYS A 115 19.38 -10.23 -24.82
C LYS A 115 20.08 -9.02 -24.18
N VAL A 116 20.52 -9.19 -22.93
CA VAL A 116 21.21 -8.12 -22.22
C VAL A 116 22.65 -8.49 -21.94
N THR A 117 23.52 -7.49 -21.92
CA THR A 117 24.92 -7.70 -21.64
C THR A 117 25.15 -7.78 -20.14
N ASP A 118 26.03 -8.67 -19.71
CA ASP A 118 26.33 -8.84 -18.29
C ASP A 118 26.72 -7.51 -17.65
N GLU A 119 27.05 -6.53 -18.49
CA GLU A 119 27.46 -5.21 -18.00
C GLU A 119 26.26 -4.36 -17.59
N GLU A 120 25.32 -4.18 -18.52
CA GLU A 120 24.14 -3.36 -18.25
C GLU A 120 23.37 -3.86 -17.04
N ILE A 121 23.19 -5.18 -16.94
CA ILE A 121 22.46 -5.75 -15.82
C ILE A 121 23.30 -5.70 -14.54
N ASP A 122 24.61 -5.87 -14.67
CA ASP A 122 25.49 -5.81 -13.51
C ASP A 122 25.32 -4.47 -12.83
N GLU A 123 25.15 -3.43 -13.63
CA GLU A 123 24.94 -2.08 -13.12
C GLU A 123 23.63 -2.03 -12.34
N MET A 124 22.59 -2.59 -12.94
CA MET A 124 21.28 -2.64 -12.31
C MET A 124 21.37 -3.33 -10.95
N ILE A 125 22.27 -4.30 -10.85
CA ILE A 125 22.48 -5.04 -9.62
C ILE A 125 23.17 -4.18 -8.57
N ARG A 126 24.21 -3.47 -8.99
CA ARG A 126 24.95 -2.59 -8.10
C ARG A 126 24.06 -1.46 -7.59
N GLU A 127 23.15 -1.00 -8.44
CA GLU A 127 22.23 0.08 -8.08
C GLU A 127 21.27 -0.37 -6.99
N ALA A 128 20.98 -1.67 -6.95
CA ALA A 128 20.06 -2.22 -5.95
C ALA A 128 20.82 -2.85 -4.80
N ASP A 129 22.09 -3.17 -5.03
CA ASP A 129 22.92 -3.79 -4.00
C ASP A 129 23.44 -2.76 -3.01
N PHE A 130 22.89 -2.78 -1.80
CA PHE A 130 23.30 -1.85 -0.76
C PHE A 130 24.40 -2.44 0.11
N ASP A 131 24.18 -3.66 0.61
CA ASP A 131 25.16 -4.33 1.45
C ASP A 131 26.51 -4.46 0.75
N GLY A 132 26.54 -5.24 -0.34
CA GLY A 132 27.78 -5.43 -1.08
C GLY A 132 28.25 -6.87 -1.06
N ASP A 133 27.64 -7.70 -1.91
CA ASP A 133 28.00 -9.11 -2.00
C ASP A 133 27.83 -9.63 -3.43
N GLY A 134 27.45 -8.73 -4.34
CA GLY A 134 27.26 -9.11 -5.73
C GLY A 134 26.05 -10.01 -5.92
N MET A 135 25.09 -9.92 -5.02
CA MET A 135 23.87 -10.73 -5.10
C MET A 135 22.64 -9.89 -4.82
N ILE A 136 21.49 -10.30 -5.35
CA ILE A 136 20.24 -9.58 -5.14
C ILE A 136 19.24 -10.40 -4.35
N ASN A 137 18.68 -9.77 -3.32
CA ASN A 137 17.68 -10.41 -2.47
C ASN A 137 16.34 -9.72 -2.63
N TYR A 138 15.26 -10.43 -2.29
CA TYR A 138 13.91 -9.87 -2.40
C TYR A 138 13.84 -8.39 -2.00
N GLU A 139 14.80 -7.94 -1.20
CA GLU A 139 14.83 -6.55 -0.75
C GLU A 139 15.42 -5.66 -1.84
N GLU A 140 16.63 -5.99 -2.27
CA GLU A 140 17.30 -5.22 -3.31
C GLU A 140 16.47 -5.22 -4.59
N PHE A 141 15.80 -6.34 -4.82
CA PHE A 141 14.96 -6.50 -6.01
C PHE A 141 13.79 -5.53 -5.97
N VAL A 142 13.02 -5.57 -4.89
CA VAL A 142 11.87 -4.68 -4.72
C VAL A 142 12.24 -3.23 -5.00
N TRP A 143 13.45 -2.85 -4.62
CA TRP A 143 13.92 -1.48 -4.82
C TRP A 143 14.11 -1.15 -6.31
N MET A 144 14.85 -2.00 -7.01
CA MET A 144 15.13 -1.75 -8.43
C MET A 144 13.92 -1.99 -9.34
N ILE A 145 12.99 -2.83 -8.90
CA ILE A 145 11.81 -3.11 -9.71
C ILE A 145 10.80 -1.96 -9.64
N SER A 146 10.72 -1.33 -8.48
CA SER A 146 9.79 -0.21 -8.28
C SER A 146 10.17 0.95 -9.18
N GLN A 147 11.38 0.88 -9.73
CA GLN A 147 11.90 1.92 -10.61
C GLN A 147 11.41 1.71 -12.04
N LYS A 148 11.38 0.44 -12.46
CA LYS A 148 10.94 0.10 -13.81
C LYS A 148 9.48 0.48 -14.02
CA CA B . 20.35 -17.73 -7.11
CA CA C . 23.27 -7.55 -2.26
N SER A 2 1.03 13.67 -2.51
CA SER A 2 1.54 13.09 -3.77
C SER A 2 3.04 13.32 -3.93
N GLU A 3 3.79 12.23 -4.08
CA GLU A 3 5.24 12.31 -4.22
C GLU A 3 5.90 12.92 -2.99
N LEU A 4 7.21 12.77 -2.89
CA LEU A 4 7.96 13.30 -1.76
C LEU A 4 8.16 14.82 -1.90
N THR A 5 7.08 15.57 -1.74
CA THR A 5 7.14 17.02 -1.84
C THR A 5 7.35 17.65 -0.48
N GLU A 6 7.84 18.88 -0.45
CA GLU A 6 8.10 19.61 0.80
C GLU A 6 7.00 19.38 1.83
N GLU A 7 5.75 19.46 1.39
CA GLU A 7 4.60 19.28 2.27
C GLU A 7 4.52 17.84 2.78
N GLN A 8 4.56 16.88 1.85
CA GLN A 8 4.49 15.48 2.20
C GLN A 8 5.62 15.09 3.16
N ILE A 9 6.84 15.47 2.79
CA ILE A 9 8.01 15.19 3.60
C ILE A 9 7.80 15.62 5.04
N ALA A 10 7.32 16.85 5.21
CA ALA A 10 7.07 17.40 6.53
C ALA A 10 5.88 16.73 7.21
N GLU A 11 4.96 16.21 6.40
CA GLU A 11 3.76 15.57 6.91
C GLU A 11 4.07 14.28 7.67
N PHE A 12 4.74 13.33 7.01
CA PHE A 12 5.05 12.06 7.66
C PHE A 12 6.25 12.20 8.59
N LYS A 13 7.15 13.13 8.28
CA LYS A 13 8.31 13.35 9.12
C LYS A 13 7.85 13.76 10.52
N ASP A 14 6.74 14.52 10.56
CA ASP A 14 6.16 14.95 11.81
C ASP A 14 5.55 13.77 12.55
N ALA A 15 4.69 13.04 11.85
CA ALA A 15 4.04 11.87 12.42
C ALA A 15 5.07 10.81 12.80
N PHE A 16 6.29 10.98 12.30
CA PHE A 16 7.38 10.03 12.57
C PHE A 16 7.99 10.30 13.94
N VAL A 17 8.34 11.56 14.20
CA VAL A 17 8.93 11.93 15.48
C VAL A 17 7.93 11.78 16.61
N GLN A 18 6.65 11.77 16.26
CA GLN A 18 5.59 11.62 17.23
C GLN A 18 5.64 10.25 17.90
N PHE A 19 6.26 9.27 17.23
CA PHE A 19 6.36 7.92 17.76
C PHE A 19 7.77 7.63 18.27
N ASP A 20 8.65 8.63 18.20
CA ASP A 20 10.03 8.45 18.66
C ASP A 20 10.07 8.19 20.15
N LYS A 21 10.22 6.93 20.53
CA LYS A 21 10.26 6.55 21.94
C LYS A 21 11.69 6.33 22.43
N GLU A 22 12.35 5.32 21.87
CA GLU A 22 13.73 4.99 22.25
C GLU A 22 14.63 6.22 22.20
N GLY A 23 14.43 7.06 21.19
CA GLY A 23 15.23 8.27 21.06
C GLY A 23 16.47 8.04 20.22
N THR A 24 16.65 6.82 19.73
CA THR A 24 17.81 6.48 18.91
C THR A 24 17.60 6.93 17.46
N GLY A 25 16.84 8.01 17.28
CA GLY A 25 16.57 8.49 15.94
C GLY A 25 15.69 7.54 15.17
N LYS A 26 15.23 6.50 15.87
CA LYS A 26 14.37 5.49 15.27
C LYS A 26 13.12 5.28 16.12
N ILE A 27 12.06 4.80 15.49
CA ILE A 27 10.81 4.55 16.21
C ILE A 27 10.49 3.07 16.23
N ALA A 28 9.71 2.66 17.23
CA ALA A 28 9.33 1.26 17.37
C ALA A 28 8.50 0.78 16.18
N THR A 29 8.90 -0.37 15.64
CA THR A 29 8.22 -0.96 14.49
C THR A 29 6.76 -1.26 14.80
N ARG A 30 6.46 -1.52 16.08
CA ARG A 30 5.11 -1.82 16.49
C ARG A 30 4.21 -0.60 16.35
N GLU A 31 4.83 0.56 16.14
CA GLU A 31 4.09 1.81 15.97
C GLU A 31 4.01 2.20 14.49
N LEU A 32 4.76 1.49 13.66
CA LEU A 32 4.77 1.77 12.23
C LEU A 32 3.39 1.52 11.62
N GLY A 33 2.79 0.37 11.98
CA GLY A 33 1.47 0.04 11.46
C GLY A 33 0.46 1.12 11.80
N THR A 34 0.52 1.63 13.03
CA THR A 34 -0.38 2.68 13.47
C THR A 34 -0.04 3.98 12.74
N LEU A 35 1.26 4.16 12.48
CA LEU A 35 1.75 5.34 11.79
C LEU A 35 1.28 5.32 10.34
N MET A 36 0.89 4.13 9.87
CA MET A 36 0.42 3.95 8.51
C MET A 36 -1.04 4.36 8.38
N ARG A 37 -1.88 3.82 9.26
CA ARG A 37 -3.31 4.12 9.24
C ARG A 37 -3.55 5.62 9.36
N THR A 38 -2.76 6.30 10.17
CA THR A 38 -2.91 7.75 10.35
C THR A 38 -2.50 8.51 9.09
N LEU A 39 -1.81 7.81 8.19
CA LEU A 39 -1.36 8.40 6.94
C LEU A 39 -2.04 7.72 5.75
N GLY A 40 -2.12 8.43 4.63
CA GLY A 40 -2.75 7.87 3.45
C GLY A 40 -2.12 6.56 3.01
N GLN A 41 -0.96 6.25 3.58
CA GLN A 41 -0.25 5.02 3.27
C GLN A 41 -1.06 3.80 3.69
N ASN A 42 -0.69 2.64 3.16
CA ASN A 42 -1.38 1.39 3.49
C ASN A 42 -0.59 0.19 2.98
N PRO A 43 0.46 -0.20 3.70
CA PRO A 43 1.30 -1.35 3.32
C PRO A 43 0.56 -2.67 3.45
N THR A 44 1.09 -3.71 2.82
CA THR A 44 0.47 -5.03 2.89
C THR A 44 0.57 -5.57 4.31
N GLU A 45 -0.54 -6.10 4.82
CA GLU A 45 -0.59 -6.65 6.17
C GLU A 45 0.63 -7.52 6.44
N ALA A 46 0.93 -8.44 5.53
CA ALA A 46 2.07 -9.33 5.68
C ALA A 46 3.38 -8.55 5.78
N GLU A 47 3.54 -7.55 4.91
CA GLU A 47 4.75 -6.74 4.91
C GLU A 47 4.95 -6.06 6.26
N LEU A 48 3.93 -5.37 6.74
CA LEU A 48 3.98 -4.67 8.02
C LEU A 48 4.40 -5.66 9.13
N GLN A 49 3.89 -6.87 9.03
CA GLN A 49 4.20 -7.91 10.01
C GLN A 49 5.61 -8.45 9.80
N ASP A 50 6.09 -8.36 8.56
CA ASP A 50 7.43 -8.85 8.23
C ASP A 50 8.50 -8.03 8.94
N LEU A 51 8.37 -6.70 8.87
CA LEU A 51 9.33 -5.83 9.53
C LEU A 51 9.26 -6.00 11.03
N ILE A 52 8.05 -6.01 11.57
CA ILE A 52 7.85 -6.19 13.00
C ILE A 52 8.30 -7.57 13.45
N ALA A 53 8.31 -8.52 12.53
CA ALA A 53 8.72 -9.89 12.85
C ALA A 53 10.22 -9.99 12.97
N GLU A 54 10.93 -9.55 11.94
CA GLU A 54 12.39 -9.58 11.94
C GLU A 54 12.92 -8.65 13.02
N ALA A 55 12.26 -7.50 13.17
CA ALA A 55 12.64 -6.51 14.17
C ALA A 55 12.11 -6.88 15.55
N GLU A 56 11.17 -7.83 15.58
CA GLU A 56 10.55 -8.26 16.84
C GLU A 56 11.60 -8.56 17.90
N ASN A 57 12.53 -9.44 17.56
CA ASN A 57 13.60 -9.82 18.48
C ASN A 57 14.97 -9.61 17.86
N ASN A 58 15.48 -8.38 17.97
CA ASN A 58 16.79 -8.05 17.43
C ASN A 58 17.27 -6.70 17.95
N ASN A 59 16.31 -5.82 18.25
CA ASN A 59 16.61 -4.50 18.75
C ASN A 59 15.35 -3.78 19.21
N ASN A 60 14.43 -4.54 19.81
CA ASN A 60 13.16 -3.98 20.30
C ASN A 60 12.29 -3.51 19.14
N GLY A 61 12.83 -3.61 17.93
CA GLY A 61 12.11 -3.17 16.75
C GLY A 61 12.24 -1.67 16.54
N GLN A 62 13.19 -1.28 15.71
CA GLN A 62 13.43 0.13 15.45
C GLN A 62 13.74 0.37 13.97
N LEU A 63 13.25 1.49 13.44
CA LEU A 63 13.50 1.85 12.04
C LEU A 63 13.82 3.33 11.91
N ASN A 64 14.47 3.70 10.82
CA ASN A 64 14.86 5.08 10.60
C ASN A 64 14.02 5.72 9.52
N PHE A 65 14.01 7.03 9.54
CA PHE A 65 13.25 7.84 8.59
C PHE A 65 13.32 7.26 7.18
N THR A 66 14.43 6.61 6.84
CA THR A 66 14.58 6.02 5.51
C THR A 66 13.71 4.80 5.31
N GLU A 67 13.53 4.00 6.36
CA GLU A 67 12.70 2.80 6.27
C GLU A 67 11.27 3.18 5.93
N PHE A 68 10.68 4.05 6.74
CA PHE A 68 9.32 4.50 6.52
C PHE A 68 9.21 5.27 5.21
N CYS A 69 10.01 6.32 5.09
CA CYS A 69 10.00 7.15 3.89
C CYS A 69 10.24 6.28 2.65
N GLY A 70 10.95 5.18 2.86
CA GLY A 70 11.23 4.27 1.78
C GLY A 70 9.96 3.70 1.18
N ILE A 71 9.15 3.08 2.04
CA ILE A 71 7.89 2.51 1.61
C ILE A 71 6.95 3.60 1.13
N MET A 72 7.07 4.77 1.73
CA MET A 72 6.23 5.90 1.37
C MET A 72 6.57 6.34 -0.03
N ALA A 73 7.83 6.23 -0.37
CA ALA A 73 8.32 6.59 -1.69
C ALA A 73 7.68 5.68 -2.73
N LYS A 74 7.55 4.41 -2.37
CA LYS A 74 6.96 3.42 -3.26
C LYS A 74 5.48 3.70 -3.47
N GLN A 75 4.74 3.80 -2.38
CA GLN A 75 3.30 4.06 -2.45
C GLN A 75 3.00 5.43 -3.06
N MET A 76 3.56 6.49 -2.48
CA MET A 76 3.35 7.85 -2.97
C MET A 76 3.74 7.98 -4.43
N ARG A 77 4.66 7.14 -4.89
CA ARG A 77 5.12 7.17 -6.27
C ARG A 77 3.94 7.12 -7.25
N GLU A 78 2.93 6.32 -6.91
CA GLU A 78 1.75 6.18 -7.77
C GLU A 78 0.47 6.20 -6.95
N THR A 79 0.13 5.06 -6.35
CA THR A 79 -1.09 4.94 -5.56
C THR A 79 -0.84 4.18 -4.26
N ASP A 80 -1.86 4.09 -3.43
CA ASP A 80 -1.76 3.40 -2.15
C ASP A 80 -2.76 2.24 -2.08
N THR A 81 -2.34 1.08 -2.59
CA THR A 81 -3.18 -0.11 -2.58
C THR A 81 -4.49 0.13 -3.33
N GLU A 82 -4.45 1.01 -4.32
CA GLU A 82 -5.63 1.33 -5.11
C GLU A 82 -5.88 0.25 -6.16
N GLU A 83 -4.83 -0.51 -6.48
CA GLU A 83 -4.93 -1.58 -7.46
C GLU A 83 -5.90 -2.66 -7.00
N GLU A 84 -6.03 -2.80 -5.68
CA GLU A 84 -6.93 -3.78 -5.10
C GLU A 84 -8.37 -3.49 -5.49
N MET A 85 -8.73 -2.21 -5.47
CA MET A 85 -10.08 -1.80 -5.82
C MET A 85 -10.34 -2.03 -7.30
N ARG A 86 -9.34 -1.69 -8.12
CA ARG A 86 -9.45 -1.89 -9.56
C ARG A 86 -9.75 -3.34 -9.88
N GLU A 87 -9.08 -4.23 -9.16
CA GLU A 87 -9.27 -5.67 -9.33
C GLU A 87 -10.72 -6.05 -9.09
N ALA A 88 -11.27 -5.57 -7.97
CA ALA A 88 -12.66 -5.85 -7.63
C ALA A 88 -13.58 -5.49 -8.78
N PHE A 89 -13.29 -4.36 -9.43
CA PHE A 89 -14.08 -3.90 -10.57
C PHE A 89 -14.07 -4.94 -11.68
N LYS A 90 -12.90 -5.51 -11.93
CA LYS A 90 -12.74 -6.52 -12.97
C LYS A 90 -13.58 -7.76 -12.66
N ILE A 91 -13.59 -8.15 -11.38
CA ILE A 91 -14.36 -9.30 -10.95
C ILE A 91 -15.84 -9.15 -11.30
N PHE A 92 -16.37 -7.95 -11.09
CA PHE A 92 -17.77 -7.67 -11.38
C PHE A 92 -17.98 -7.43 -12.87
N ASP A 93 -16.89 -7.15 -13.59
CA ASP A 93 -16.97 -6.92 -15.02
C ASP A 93 -16.75 -8.22 -15.79
N ARG A 94 -17.84 -8.91 -16.11
CA ARG A 94 -17.80 -10.17 -16.82
C ARG A 94 -17.00 -10.04 -18.13
N ASP A 95 -17.15 -8.91 -18.80
CA ASP A 95 -16.46 -8.66 -20.06
C ASP A 95 -15.25 -7.76 -19.87
N GLY A 96 -14.48 -7.58 -20.94
CA GLY A 96 -13.31 -6.73 -20.88
C GLY A 96 -13.58 -5.35 -21.48
N ASP A 97 -14.85 -5.12 -21.83
CA ASP A 97 -15.27 -3.86 -22.42
C ASP A 97 -14.75 -2.66 -21.62
N GLY A 98 -14.70 -2.80 -20.30
CA GLY A 98 -14.23 -1.72 -19.45
C GLY A 98 -15.33 -1.13 -18.61
N PHE A 99 -16.55 -1.65 -18.79
CA PHE A 99 -17.70 -1.17 -18.04
C PHE A 99 -18.55 -2.35 -17.57
N ILE A 100 -19.33 -2.15 -16.51
CA ILE A 100 -20.17 -3.21 -15.95
C ILE A 100 -21.66 -2.90 -16.13
N SER A 101 -22.45 -3.96 -16.29
CA SER A 101 -23.89 -3.84 -16.46
C SER A 101 -24.63 -4.48 -15.28
N PRO A 102 -25.87 -4.06 -15.00
CA PRO A 102 -26.66 -4.63 -13.90
C PRO A 102 -26.67 -6.16 -13.93
N ALA A 103 -26.76 -6.72 -15.13
CA ALA A 103 -26.77 -8.17 -15.31
C ALA A 103 -25.46 -8.78 -14.83
N GLU A 104 -24.35 -8.29 -15.36
CA GLU A 104 -23.03 -8.76 -14.98
C GLU A 104 -22.85 -8.67 -13.48
N LEU A 105 -23.28 -7.54 -12.91
CA LEU A 105 -23.19 -7.30 -11.49
C LEU A 105 -24.06 -8.30 -10.73
N ARG A 106 -25.14 -8.71 -11.38
CA ARG A 106 -26.09 -9.65 -10.78
C ARG A 106 -25.53 -11.07 -10.73
N PHE A 107 -24.80 -11.48 -11.76
CA PHE A 107 -24.25 -12.82 -11.83
C PHE A 107 -22.97 -12.97 -11.00
N VAL A 108 -22.22 -11.88 -10.82
CA VAL A 108 -20.98 -11.93 -10.06
C VAL A 108 -21.21 -11.91 -8.55
N MET A 109 -22.08 -11.02 -8.08
CA MET A 109 -22.35 -10.91 -6.64
C MET A 109 -22.68 -12.28 -6.04
N ILE A 110 -23.23 -13.17 -6.85
CA ILE A 110 -23.54 -14.51 -6.38
C ILE A 110 -22.30 -15.38 -6.39
N ASN A 111 -21.45 -15.18 -7.40
CA ASN A 111 -20.21 -15.90 -7.53
C ASN A 111 -19.32 -15.66 -6.33
N LEU A 112 -19.58 -14.56 -5.63
CA LEU A 112 -18.80 -14.20 -4.45
C LEU A 112 -19.47 -14.71 -3.18
N GLY A 113 -20.80 -14.73 -3.16
CA GLY A 113 -21.50 -15.19 -1.99
C GLY A 113 -22.99 -15.39 -2.18
N GLU A 114 -23.75 -14.34 -1.91
CA GLU A 114 -25.19 -14.40 -1.99
C GLU A 114 -25.74 -13.75 -3.26
N LYS A 115 -27.05 -13.87 -3.44
CA LYS A 115 -27.73 -13.32 -4.60
C LYS A 115 -28.38 -11.97 -4.27
N VAL A 116 -28.53 -11.13 -5.29
CA VAL A 116 -29.13 -9.82 -5.12
C VAL A 116 -30.19 -9.56 -6.18
N THR A 117 -31.15 -8.70 -5.84
CA THR A 117 -32.20 -8.35 -6.77
C THR A 117 -31.69 -7.33 -7.77
N ASP A 118 -31.97 -7.56 -9.05
CA ASP A 118 -31.52 -6.66 -10.11
C ASP A 118 -31.87 -5.20 -9.79
N GLU A 119 -32.81 -5.01 -8.87
CA GLU A 119 -33.24 -3.68 -8.48
C GLU A 119 -32.26 -3.02 -7.51
N GLU A 120 -31.94 -3.73 -6.42
CA GLU A 120 -31.03 -3.19 -5.41
C GLU A 120 -29.67 -2.83 -6.00
N ILE A 121 -29.14 -3.70 -6.84
CA ILE A 121 -27.84 -3.45 -7.45
C ILE A 121 -27.93 -2.39 -8.55
N ASP A 122 -29.06 -2.38 -9.27
CA ASP A 122 -29.26 -1.39 -10.32
C ASP A 122 -29.20 0.01 -9.71
N GLU A 123 -29.63 0.10 -8.46
CA GLU A 123 -29.63 1.36 -7.73
C GLU A 123 -28.20 1.77 -7.39
N MET A 124 -27.41 0.81 -6.91
CA MET A 124 -26.02 1.08 -6.57
C MET A 124 -25.26 1.54 -7.80
N ILE A 125 -25.68 1.06 -8.97
CA ILE A 125 -25.06 1.43 -10.23
C ILE A 125 -25.40 2.85 -10.61
N ARG A 126 -26.65 3.24 -10.39
CA ARG A 126 -27.10 4.59 -10.71
C ARG A 126 -26.42 5.62 -9.81
N GLU A 127 -26.31 5.30 -8.53
CA GLU A 127 -25.68 6.20 -7.56
C GLU A 127 -24.24 6.49 -7.97
N ALA A 128 -23.57 5.50 -8.54
CA ALA A 128 -22.19 5.65 -8.97
C ALA A 128 -22.13 6.20 -10.40
N ASP A 129 -23.19 5.97 -11.16
CA ASP A 129 -23.26 6.42 -12.53
C ASP A 129 -23.48 7.93 -12.59
N PHE A 130 -22.44 8.66 -12.96
CA PHE A 130 -22.51 10.12 -13.05
C PHE A 130 -22.84 10.57 -14.48
N ASP A 131 -22.13 10.00 -15.45
CA ASP A 131 -22.33 10.35 -16.85
C ASP A 131 -23.77 10.09 -17.28
N GLY A 132 -24.32 8.96 -16.87
CA GLY A 132 -25.68 8.61 -17.23
C GLY A 132 -25.77 7.71 -18.44
N ASP A 133 -25.56 6.42 -18.23
CA ASP A 133 -25.61 5.45 -19.33
C ASP A 133 -26.05 4.08 -18.85
N GLY A 134 -25.90 3.81 -17.55
CA GLY A 134 -26.28 2.52 -17.00
C GLY A 134 -25.12 1.57 -16.88
N MET A 135 -23.92 2.08 -17.11
CA MET A 135 -22.70 1.28 -17.03
C MET A 135 -21.77 1.81 -15.95
N ILE A 136 -20.90 0.93 -15.43
CA ILE A 136 -19.96 1.32 -14.39
C ILE A 136 -18.54 1.27 -14.89
N ASN A 137 -17.79 2.31 -14.58
CA ASN A 137 -16.40 2.42 -14.98
C ASN A 137 -15.51 2.39 -13.74
N TYR A 138 -14.24 2.01 -13.90
CA TYR A 138 -13.31 1.96 -12.77
C TYR A 138 -13.44 3.22 -11.91
N GLU A 139 -13.98 4.29 -12.49
CA GLU A 139 -14.16 5.54 -11.77
C GLU A 139 -15.39 5.48 -10.87
N GLU A 140 -16.54 5.17 -11.47
CA GLU A 140 -17.79 5.06 -10.72
C GLU A 140 -17.65 3.99 -9.66
N PHE A 141 -16.90 2.96 -9.99
CA PHE A 141 -16.68 1.85 -9.07
C PHE A 141 -15.92 2.31 -7.84
N VAL A 142 -14.75 2.92 -8.07
CA VAL A 142 -13.92 3.43 -6.97
C VAL A 142 -14.77 4.19 -5.95
N TRP A 143 -15.68 5.00 -6.46
CA TRP A 143 -16.55 5.81 -5.60
C TRP A 143 -17.49 4.95 -4.76
N MET A 144 -18.11 3.95 -5.38
CA MET A 144 -19.07 3.09 -4.69
C MET A 144 -18.41 2.01 -3.83
N ILE A 145 -17.17 1.66 -4.13
CA ILE A 145 -16.47 0.64 -3.35
C ILE A 145 -15.98 1.21 -2.03
N SER A 146 -15.56 2.47 -2.06
CA SER A 146 -15.08 3.14 -0.86
C SER A 146 -16.21 3.25 0.15
N GLN A 147 -17.43 3.02 -0.33
CA GLN A 147 -18.62 3.08 0.52
C GLN A 147 -18.78 1.80 1.31
N LYS A 148 -18.28 0.69 0.75
CA LYS A 148 -18.37 -0.61 1.40
C LYS A 148 -17.36 -0.71 2.54
CA CA B . -18.90 -5.56 -19.07
CA CA C . -21.89 5.27 -15.91
N SER A 2 0.48 11.88 -3.97
CA SER A 2 1.23 12.07 -2.71
C SER A 2 2.65 12.55 -2.98
N GLU A 3 3.54 11.61 -3.31
CA GLU A 3 4.94 11.93 -3.59
C GLU A 3 5.63 12.53 -2.37
N LEU A 4 6.96 12.49 -2.36
CA LEU A 4 7.74 13.04 -1.26
C LEU A 4 7.94 14.54 -1.44
N THR A 5 6.84 15.26 -1.59
CA THR A 5 6.89 16.71 -1.77
C THR A 5 7.28 17.40 -0.47
N GLU A 6 7.85 18.59 -0.57
CA GLU A 6 8.28 19.36 0.60
C GLU A 6 7.29 19.27 1.76
N GLU A 7 6.02 19.51 1.48
CA GLU A 7 4.97 19.47 2.50
C GLU A 7 4.73 18.04 2.97
N GLN A 8 4.60 17.13 2.01
CA GLN A 8 4.38 15.72 2.32
C GLN A 8 5.47 15.21 3.25
N ILE A 9 6.71 15.52 2.91
CA ILE A 9 7.85 15.11 3.72
C ILE A 9 7.64 15.52 5.17
N ALA A 10 7.34 16.80 5.36
CA ALA A 10 7.11 17.34 6.68
C ALA A 10 5.87 16.74 7.34
N GLU A 11 4.98 16.18 6.53
CA GLU A 11 3.75 15.59 7.02
C GLU A 11 4.00 14.27 7.76
N PHE A 12 4.62 13.31 7.10
CA PHE A 12 4.90 12.02 7.72
C PHE A 12 6.14 12.11 8.61
N LYS A 13 7.04 13.04 8.28
CA LYS A 13 8.24 13.22 9.08
C LYS A 13 7.84 13.67 10.48
N ASP A 14 6.80 14.51 10.54
CA ASP A 14 6.29 15.00 11.81
C ASP A 14 5.65 13.83 12.57
N ALA A 15 4.82 13.09 11.85
CA ALA A 15 4.14 11.93 12.43
C ALA A 15 5.16 10.86 12.81
N PHE A 16 6.39 11.00 12.29
CA PHE A 16 7.45 10.04 12.57
C PHE A 16 8.09 10.31 13.92
N VAL A 17 8.43 11.57 14.17
CA VAL A 17 9.05 11.96 15.43
C VAL A 17 8.06 11.82 16.58
N GLN A 18 6.77 11.84 16.24
CA GLN A 18 5.72 11.70 17.25
C GLN A 18 5.73 10.31 17.89
N PHE A 19 6.35 9.35 17.21
CA PHE A 19 6.40 7.98 17.73
C PHE A 19 7.81 7.59 18.17
N ASP A 20 8.72 8.55 18.16
CA ASP A 20 10.10 8.29 18.57
C ASP A 20 10.17 8.04 20.08
N LYS A 21 10.20 6.76 20.46
CA LYS A 21 10.25 6.38 21.86
C LYS A 21 11.69 6.24 22.36
N GLU A 22 12.40 5.23 21.83
CA GLU A 22 13.78 4.97 22.24
C GLU A 22 14.64 6.23 22.21
N GLY A 23 14.32 7.15 21.31
CA GLY A 23 15.06 8.38 21.20
C GLY A 23 16.28 8.25 20.30
N THR A 24 16.46 7.06 19.74
CA THR A 24 17.58 6.79 18.85
C THR A 24 17.29 7.30 17.43
N GLY A 25 16.42 8.29 17.33
CA GLY A 25 16.05 8.83 16.03
C GLY A 25 15.24 7.82 15.24
N LYS A 26 14.87 6.73 15.90
CA LYS A 26 14.10 5.67 15.29
C LYS A 26 12.83 5.38 16.08
N ILE A 27 11.83 4.83 15.43
CA ILE A 27 10.57 4.51 16.09
C ILE A 27 10.31 3.02 16.09
N ALA A 28 9.53 2.56 17.05
CA ALA A 28 9.22 1.15 17.18
C ALA A 28 8.29 0.67 16.08
N THR A 29 8.61 -0.50 15.51
CA THR A 29 7.81 -1.10 14.44
C THR A 29 6.37 -1.30 14.90
N ARG A 30 6.19 -1.46 16.21
CA ARG A 30 4.86 -1.66 16.78
C ARG A 30 4.01 -0.40 16.62
N GLU A 31 4.67 0.70 16.29
CA GLU A 31 3.98 1.97 16.11
C GLU A 31 3.82 2.28 14.62
N LEU A 32 4.47 1.47 13.79
CA LEU A 32 4.41 1.64 12.34
C LEU A 32 2.97 1.52 11.84
N GLY A 33 2.27 0.47 12.29
CA GLY A 33 0.90 0.27 11.88
C GLY A 33 0.02 1.47 12.20
N THR A 34 0.28 2.10 13.35
CA THR A 34 -0.48 3.27 13.76
C THR A 34 -0.04 4.49 12.96
N LEU A 35 1.25 4.53 12.63
CA LEU A 35 1.82 5.62 11.85
C LEU A 35 1.30 5.56 10.42
N MET A 36 0.92 4.37 10.00
CA MET A 36 0.41 4.15 8.65
C MET A 36 -1.05 4.57 8.54
N ARG A 37 -1.87 4.10 9.47
CA ARG A 37 -3.29 4.42 9.48
C ARG A 37 -3.53 5.94 9.58
N THR A 38 -2.67 6.63 10.32
CA THR A 38 -2.80 8.07 10.48
C THR A 38 -2.36 8.81 9.23
N LEU A 39 -1.66 8.11 8.35
CA LEU A 39 -1.17 8.69 7.10
C LEU A 39 -1.84 8.02 5.90
N GLY A 40 -1.87 8.72 4.78
CA GLY A 40 -2.50 8.18 3.58
C GLY A 40 -1.89 6.86 3.14
N GLN A 41 -0.86 6.42 3.84
CA GLN A 41 -0.19 5.16 3.52
C GLN A 41 -1.03 3.95 3.92
N ASN A 42 -0.65 2.78 3.42
CA ASN A 42 -1.38 1.54 3.72
C ASN A 42 -0.58 0.33 3.24
N PRO A 43 0.42 -0.11 4.03
CA PRO A 43 1.26 -1.27 3.70
C PRO A 43 0.47 -2.57 3.69
N THR A 44 0.80 -3.46 2.77
CA THR A 44 0.13 -4.75 2.67
C THR A 44 0.35 -5.53 3.96
N GLU A 45 -0.62 -6.38 4.32
CA GLU A 45 -0.52 -7.17 5.54
C GLU A 45 0.88 -7.79 5.69
N ALA A 46 1.35 -8.41 4.61
CA ALA A 46 2.67 -9.04 4.62
C ALA A 46 3.77 -8.05 4.95
N GLU A 47 3.68 -6.85 4.39
CA GLU A 47 4.68 -5.82 4.62
C GLU A 47 4.86 -5.54 6.11
N LEU A 48 3.77 -5.21 6.78
CA LEU A 48 3.82 -4.91 8.21
C LEU A 48 4.34 -6.12 8.98
N GLN A 49 4.10 -7.30 8.45
CA GLN A 49 4.55 -8.53 9.08
C GLN A 49 6.03 -8.76 8.77
N ASP A 50 6.49 -8.13 7.71
CA ASP A 50 7.87 -8.27 7.28
C ASP A 50 8.82 -7.58 8.23
N LEU A 51 8.61 -6.29 8.51
CA LEU A 51 9.49 -5.60 9.42
C LEU A 51 9.18 -5.89 10.88
N ILE A 52 7.96 -6.34 11.19
CA ILE A 52 7.64 -6.65 12.58
C ILE A 52 8.28 -7.97 12.97
N ALA A 53 8.31 -8.91 12.03
CA ALA A 53 8.91 -10.22 12.27
C ALA A 53 10.43 -10.12 12.26
N GLU A 54 10.96 -9.26 11.39
CA GLU A 54 12.40 -9.07 11.30
C GLU A 54 12.90 -8.23 12.46
N ALA A 55 12.34 -7.04 12.62
CA ALA A 55 12.71 -6.15 13.71
C ALA A 55 12.20 -6.68 15.05
N GLU A 56 11.33 -7.70 14.99
CA GLU A 56 10.74 -8.31 16.18
C GLU A 56 11.73 -8.40 17.34
N ASN A 57 12.87 -9.04 17.09
CA ASN A 57 13.89 -9.21 18.12
C ASN A 57 15.30 -9.03 17.56
N ASN A 58 15.84 -7.84 17.73
CA ASN A 58 17.18 -7.53 17.25
C ASN A 58 17.60 -6.13 17.67
N ASN A 59 16.61 -5.26 17.88
CA ASN A 59 16.88 -3.88 18.28
C ASN A 59 15.59 -3.20 18.76
N ASN A 60 14.78 -3.92 19.53
CA ASN A 60 13.52 -3.39 20.04
C ASN A 60 12.60 -3.04 18.89
N GLY A 61 12.97 -3.46 17.69
CA GLY A 61 12.18 -3.16 16.52
C GLY A 61 12.10 -1.68 16.27
N GLN A 62 13.16 -1.12 15.69
CA GLN A 62 13.22 0.31 15.42
C GLN A 62 13.51 0.57 13.93
N LEU A 63 13.09 1.74 13.45
CA LEU A 63 13.30 2.11 12.05
C LEU A 63 13.73 3.57 11.93
N ASN A 64 14.37 3.89 10.81
CA ASN A 64 14.85 5.24 10.55
C ASN A 64 14.05 5.89 9.43
N PHE A 65 14.07 7.21 9.39
CA PHE A 65 13.34 7.95 8.36
C PHE A 65 13.43 7.25 7.00
N THR A 66 14.59 6.64 6.72
CA THR A 66 14.81 5.93 5.47
C THR A 66 13.90 4.72 5.36
N GLU A 67 13.76 4.00 6.47
CA GLU A 67 12.93 2.80 6.51
C GLU A 67 11.49 3.13 6.13
N PHE A 68 10.89 4.09 6.84
CA PHE A 68 9.52 4.47 6.57
C PHE A 68 9.38 5.17 5.23
N CYS A 69 10.12 6.26 5.04
CA CYS A 69 10.06 7.01 3.79
C CYS A 69 10.34 6.09 2.61
N GLY A 70 11.19 5.09 2.84
CA GLY A 70 11.51 4.13 1.81
C GLY A 70 10.26 3.46 1.30
N ILE A 71 9.52 2.87 2.23
CA ILE A 71 8.27 2.20 1.89
C ILE A 71 7.26 3.18 1.34
N MET A 72 7.38 4.44 1.76
CA MET A 72 6.45 5.46 1.31
C MET A 72 6.71 5.75 -0.15
N ALA A 73 7.98 5.71 -0.52
CA ALA A 73 8.37 5.94 -1.89
C ALA A 73 7.72 4.92 -2.80
N LYS A 74 7.72 3.67 -2.34
CA LYS A 74 7.11 2.58 -3.09
C LYS A 74 5.59 2.74 -3.17
N GLN A 75 4.97 2.86 -2.00
CA GLN A 75 3.52 3.01 -1.91
C GLN A 75 3.01 4.21 -2.70
N MET A 76 3.66 5.36 -2.53
CA MET A 76 3.27 6.57 -3.24
C MET A 76 3.20 6.34 -4.75
N ARG A 77 4.28 5.80 -5.32
CA ARG A 77 4.34 5.53 -6.75
C ARG A 77 3.50 4.31 -7.11
N GLU A 78 3.19 3.48 -6.12
CA GLU A 78 2.40 2.28 -6.34
C GLU A 78 1.78 1.81 -5.03
N THR A 79 0.49 2.08 -4.86
CA THR A 79 -0.20 1.67 -3.65
C THR A 79 -0.32 0.16 -3.56
N ASP A 80 -1.17 -0.41 -4.41
CA ASP A 80 -1.38 -1.85 -4.44
C ASP A 80 -2.40 -2.24 -5.50
N THR A 81 -2.55 -1.37 -6.49
CA THR A 81 -3.48 -1.61 -7.59
C THR A 81 -4.84 -2.08 -7.06
N GLU A 82 -5.21 -1.57 -5.90
CA GLU A 82 -6.48 -1.92 -5.27
C GLU A 82 -7.66 -1.58 -6.16
N GLU A 83 -7.67 -0.36 -6.68
CA GLU A 83 -8.75 0.10 -7.55
C GLU A 83 -8.71 -0.61 -8.91
N GLU A 84 -7.53 -1.10 -9.29
CA GLU A 84 -7.35 -1.79 -10.55
C GLU A 84 -8.03 -3.16 -10.52
N MET A 85 -7.70 -3.96 -9.49
CA MET A 85 -8.28 -5.29 -9.37
C MET A 85 -9.77 -5.22 -9.06
N ARG A 86 -10.14 -4.24 -8.23
CA ARG A 86 -11.54 -4.06 -7.87
C ARG A 86 -12.36 -3.77 -9.12
N GLU A 87 -11.77 -3.02 -10.04
CA GLU A 87 -12.43 -2.69 -11.30
C GLU A 87 -12.71 -3.97 -12.08
N ALA A 88 -11.71 -4.83 -12.18
CA ALA A 88 -11.85 -6.09 -12.89
C ALA A 88 -12.95 -6.93 -12.26
N PHE A 89 -13.09 -6.82 -10.94
CA PHE A 89 -14.12 -7.55 -10.22
C PHE A 89 -15.50 -7.10 -10.66
N LYS A 90 -15.63 -5.81 -10.94
CA LYS A 90 -16.91 -5.25 -11.39
C LYS A 90 -17.23 -5.69 -12.80
N ILE A 91 -16.21 -5.73 -13.66
CA ILE A 91 -16.39 -6.14 -15.05
C ILE A 91 -17.02 -7.52 -15.14
N PHE A 92 -16.44 -8.49 -14.44
CA PHE A 92 -16.95 -9.86 -14.44
C PHE A 92 -18.29 -9.94 -13.72
N ASP A 93 -18.63 -8.89 -12.98
CA ASP A 93 -19.91 -8.85 -12.25
C ASP A 93 -20.97 -8.10 -13.05
N ARG A 94 -22.09 -8.77 -13.30
CA ARG A 94 -23.19 -8.17 -14.06
C ARG A 94 -24.09 -7.34 -13.16
N ASP A 95 -24.61 -7.96 -12.11
CA ASP A 95 -25.50 -7.27 -11.17
C ASP A 95 -24.71 -6.47 -10.14
N GLY A 96 -25.32 -5.39 -9.66
CA GLY A 96 -24.67 -4.56 -8.67
C GLY A 96 -24.78 -5.14 -7.28
N ASP A 97 -25.33 -6.35 -7.19
CA ASP A 97 -25.50 -7.04 -5.91
C ASP A 97 -24.23 -7.00 -5.08
N GLY A 98 -23.08 -7.11 -5.75
CA GLY A 98 -21.81 -7.09 -5.07
C GLY A 98 -21.11 -8.44 -5.11
N PHE A 99 -21.76 -9.41 -5.74
CA PHE A 99 -21.19 -10.75 -5.85
C PHE A 99 -21.30 -11.26 -7.29
N ILE A 100 -20.44 -12.20 -7.66
CA ILE A 100 -20.45 -12.75 -9.01
C ILE A 100 -20.86 -14.21 -9.03
N SER A 101 -21.53 -14.61 -10.09
CA SER A 101 -22.00 -15.99 -10.26
C SER A 101 -21.34 -16.63 -11.48
N PRO A 102 -21.23 -17.96 -11.53
CA PRO A 102 -20.62 -18.65 -12.67
C PRO A 102 -21.27 -18.27 -14.00
N ALA A 103 -22.59 -18.06 -13.97
CA ALA A 103 -23.32 -17.68 -15.17
C ALA A 103 -22.88 -16.32 -15.71
N GLU A 104 -22.85 -15.33 -14.82
CA GLU A 104 -22.45 -13.99 -15.20
C GLU A 104 -20.96 -13.95 -15.48
N LEU A 105 -20.20 -14.71 -14.70
CA LEU A 105 -18.76 -14.78 -14.86
C LEU A 105 -18.42 -15.16 -16.29
N ARG A 106 -18.97 -16.28 -16.73
CA ARG A 106 -18.74 -16.77 -18.09
C ARG A 106 -19.10 -15.72 -19.13
N PHE A 107 -20.30 -15.16 -19.04
CA PHE A 107 -20.76 -14.16 -19.98
C PHE A 107 -19.73 -13.06 -20.20
N VAL A 108 -18.96 -12.72 -19.17
CA VAL A 108 -17.96 -11.66 -19.29
C VAL A 108 -16.66 -12.10 -19.96
N MET A 109 -16.01 -13.14 -19.43
CA MET A 109 -14.75 -13.63 -19.99
C MET A 109 -14.80 -13.71 -21.51
N ILE A 110 -15.86 -14.32 -22.03
CA ILE A 110 -16.05 -14.45 -23.47
C ILE A 110 -15.91 -13.10 -24.17
N ASN A 111 -16.40 -12.06 -23.51
CA ASN A 111 -16.32 -10.71 -24.05
C ASN A 111 -14.87 -10.25 -24.16
N LEU A 112 -14.10 -10.52 -23.10
CA LEU A 112 -12.70 -10.15 -23.07
C LEU A 112 -11.92 -10.85 -24.18
N GLY A 113 -12.35 -12.07 -24.50
CA GLY A 113 -11.69 -12.85 -25.53
C GLY A 113 -10.88 -13.99 -24.97
N GLU A 114 -11.21 -14.39 -23.74
CA GLU A 114 -10.52 -15.47 -23.07
C GLU A 114 -11.01 -16.83 -23.55
N LYS A 115 -12.32 -16.94 -23.78
CA LYS A 115 -12.92 -18.18 -24.24
C LYS A 115 -12.47 -19.36 -23.39
N VAL A 116 -13.06 -19.48 -22.20
CA VAL A 116 -12.72 -20.56 -21.28
C VAL A 116 -13.87 -21.51 -21.06
N THR A 117 -13.54 -22.72 -20.66
CA THR A 117 -14.55 -23.71 -20.36
C THR A 117 -15.18 -23.41 -19.02
N ASP A 118 -16.50 -23.56 -18.93
CA ASP A 118 -17.22 -23.30 -17.68
C ASP A 118 -16.59 -24.04 -16.51
N GLU A 119 -15.71 -24.98 -16.82
CA GLU A 119 -15.03 -25.78 -15.80
C GLU A 119 -13.90 -25.01 -15.13
N GLU A 120 -13.04 -24.37 -15.94
CA GLU A 120 -11.90 -23.63 -15.40
C GLU A 120 -12.36 -22.52 -14.45
N ILE A 121 -13.44 -21.84 -14.80
CA ILE A 121 -13.97 -20.76 -13.98
C ILE A 121 -14.79 -21.30 -12.81
N ASP A 122 -15.44 -22.44 -13.02
CA ASP A 122 -16.24 -23.05 -11.96
C ASP A 122 -15.34 -23.42 -10.79
N GLU A 123 -14.12 -23.85 -11.11
CA GLU A 123 -13.14 -24.22 -10.10
C GLU A 123 -12.57 -22.97 -9.45
N MET A 124 -12.39 -21.92 -10.25
CA MET A 124 -11.86 -20.66 -9.75
C MET A 124 -12.81 -20.05 -8.71
N ILE A 125 -14.11 -20.22 -8.95
CA ILE A 125 -15.12 -19.70 -8.03
C ILE A 125 -15.15 -20.53 -6.76
N ARG A 126 -15.00 -21.84 -6.90
CA ARG A 126 -15.01 -22.74 -5.75
C ARG A 126 -13.78 -22.53 -4.87
N GLU A 127 -12.66 -22.17 -5.49
CA GLU A 127 -11.42 -21.94 -4.76
C GLU A 127 -11.44 -20.59 -4.04
N ALA A 128 -12.08 -19.60 -4.65
CA ALA A 128 -12.17 -18.27 -4.07
C ALA A 128 -13.27 -18.20 -3.02
N ASP A 129 -14.35 -18.94 -3.26
CA ASP A 129 -15.49 -18.97 -2.34
C ASP A 129 -15.14 -19.71 -1.06
N PHE A 130 -14.93 -18.96 0.02
CA PHE A 130 -14.59 -19.56 1.31
C PHE A 130 -15.84 -19.73 2.18
N ASP A 131 -16.70 -18.73 2.19
CA ASP A 131 -17.93 -18.77 2.98
C ASP A 131 -18.83 -19.93 2.55
N GLY A 132 -19.00 -20.09 1.24
CA GLY A 132 -19.84 -21.15 0.73
C GLY A 132 -21.23 -20.68 0.35
N ASP A 133 -21.32 -19.97 -0.78
CA ASP A 133 -22.60 -19.45 -1.26
C ASP A 133 -22.64 -19.43 -2.79
N GLY A 134 -21.57 -19.91 -3.41
CA GLY A 134 -21.51 -19.93 -4.86
C GLY A 134 -21.42 -18.54 -5.46
N MET A 135 -20.94 -17.59 -4.66
CA MET A 135 -20.80 -16.22 -5.12
C MET A 135 -19.40 -15.69 -4.81
N ILE A 136 -18.94 -14.72 -5.59
CA ILE A 136 -17.62 -14.13 -5.39
C ILE A 136 -17.72 -12.68 -4.98
N ASN A 137 -16.92 -12.31 -3.98
CA ASN A 137 -16.89 -10.94 -3.48
C ASN A 137 -15.53 -10.32 -3.77
N TYR A 138 -15.46 -8.99 -3.82
CA TYR A 138 -14.18 -8.32 -4.08
C TYR A 138 -13.04 -8.98 -3.32
N GLU A 139 -13.37 -9.62 -2.20
CA GLU A 139 -12.38 -10.30 -1.38
C GLU A 139 -11.97 -11.63 -2.02
N GLU A 140 -12.96 -12.47 -2.30
CA GLU A 140 -12.71 -13.76 -2.93
C GLU A 140 -12.03 -13.55 -4.28
N PHE A 141 -12.34 -12.42 -4.91
CA PHE A 141 -11.77 -12.08 -6.21
C PHE A 141 -10.27 -11.82 -6.08
N VAL A 142 -9.91 -10.90 -5.19
CA VAL A 142 -8.51 -10.56 -4.96
C VAL A 142 -7.65 -11.80 -4.73
N TRP A 143 -8.22 -12.77 -4.02
CA TRP A 143 -7.51 -14.00 -3.72
C TRP A 143 -7.26 -14.87 -4.95
N MET A 144 -8.28 -15.02 -5.79
CA MET A 144 -8.17 -15.86 -6.99
C MET A 144 -7.40 -15.17 -8.12
N ILE A 145 -7.48 -13.85 -8.17
CA ILE A 145 -6.79 -13.09 -9.22
C ILE A 145 -5.29 -13.06 -8.96
N SER A 146 -4.92 -13.03 -7.69
CA SER A 146 -3.51 -12.99 -7.30
C SER A 146 -2.81 -14.29 -7.70
N GLN A 147 -3.61 -15.30 -8.01
CA GLN A 147 -3.08 -16.60 -8.41
C GLN A 147 -2.65 -16.59 -9.86
N LYS A 148 -3.27 -15.71 -10.65
CA LYS A 148 -2.95 -15.59 -12.08
C LYS A 148 -1.52 -15.12 -12.28
CA CA B . -23.69 -10.41 -9.79
CA CA C . -18.46 -16.71 -1.63
N SER A 2 1.23 12.06 -1.73
CA SER A 2 1.82 11.61 -3.01
C SER A 2 3.17 12.27 -3.26
N GLU A 3 4.16 11.47 -3.62
CA GLU A 3 5.51 11.96 -3.88
C GLU A 3 6.13 12.58 -2.63
N LEU A 4 7.44 12.77 -2.65
CA LEU A 4 8.15 13.35 -1.52
C LEU A 4 8.20 14.87 -1.64
N THR A 5 7.03 15.48 -1.72
CA THR A 5 6.91 16.93 -1.83
C THR A 5 7.25 17.60 -0.50
N GLU A 6 7.43 18.91 -0.51
CA GLU A 6 7.75 19.65 0.71
C GLU A 6 6.76 19.35 1.83
N GLU A 7 5.48 19.36 1.50
CA GLU A 7 4.43 19.10 2.47
C GLU A 7 4.42 17.63 2.90
N GLN A 8 4.56 16.73 1.93
CA GLN A 8 4.57 15.31 2.20
C GLN A 8 5.73 14.95 3.13
N ILE A 9 6.91 15.45 2.81
CA ILE A 9 8.10 15.18 3.61
C ILE A 9 7.88 15.60 5.06
N ALA A 10 7.32 16.79 5.24
CA ALA A 10 7.06 17.31 6.57
C ALA A 10 5.87 16.60 7.21
N GLU A 11 5.04 15.98 6.39
CA GLU A 11 3.85 15.27 6.87
C GLU A 11 4.23 14.03 7.66
N PHE A 12 5.00 13.14 7.04
CA PHE A 12 5.41 11.90 7.72
C PHE A 12 6.56 12.15 8.68
N LYS A 13 7.39 13.15 8.37
CA LYS A 13 8.51 13.48 9.24
C LYS A 13 7.98 13.91 10.61
N ASP A 14 6.84 14.59 10.59
CA ASP A 14 6.20 15.05 11.82
C ASP A 14 5.61 13.85 12.56
N ALA A 15 4.85 13.03 11.82
CA ALA A 15 4.25 11.84 12.39
C ALA A 15 5.32 10.86 12.84
N PHE A 16 6.55 11.08 12.39
CA PHE A 16 7.67 10.23 12.74
C PHE A 16 8.18 10.54 14.14
N VAL A 17 8.47 11.82 14.39
CA VAL A 17 8.96 12.25 15.69
C VAL A 17 7.88 12.06 16.75
N GLN A 18 6.63 11.98 16.30
CA GLN A 18 5.51 11.80 17.20
C GLN A 18 5.52 10.41 17.84
N PHE A 19 6.29 9.49 17.26
CA PHE A 19 6.36 8.13 17.78
C PHE A 19 7.78 7.76 18.22
N ASP A 20 8.63 8.76 18.37
CA ASP A 20 10.01 8.53 18.81
C ASP A 20 10.07 8.23 20.31
N LYS A 21 10.23 6.96 20.66
CA LYS A 21 10.29 6.55 22.06
C LYS A 21 11.72 6.41 22.56
N GLU A 22 12.40 5.35 22.12
CA GLU A 22 13.78 5.10 22.54
C GLU A 22 14.63 6.36 22.46
N GLY A 23 14.52 7.07 21.34
CA GLY A 23 15.28 8.29 21.17
C GLY A 23 16.50 8.10 20.29
N THR A 24 16.69 6.87 19.81
CA THR A 24 17.82 6.55 18.95
C THR A 24 17.56 6.98 17.51
N GLY A 25 16.87 8.09 17.35
CA GLY A 25 16.56 8.58 16.02
C GLY A 25 15.65 7.62 15.28
N LYS A 26 15.06 6.69 16.02
CA LYS A 26 14.17 5.70 15.45
C LYS A 26 12.93 5.50 16.31
N ILE A 27 11.87 5.02 15.70
CA ILE A 27 10.62 4.75 16.39
C ILE A 27 10.31 3.26 16.36
N ALA A 28 9.79 2.74 17.46
CA ALA A 28 9.48 1.32 17.54
C ALA A 28 8.50 0.91 16.43
N THR A 29 8.89 -0.11 15.67
CA THR A 29 8.07 -0.62 14.58
C THR A 29 6.72 -1.11 15.08
N ARG A 30 6.62 -1.32 16.39
CA ARG A 30 5.37 -1.78 16.98
C ARG A 30 4.27 -0.74 16.80
N GLU A 31 4.68 0.45 16.35
CA GLU A 31 3.74 1.54 16.13
C GLU A 31 3.76 1.96 14.66
N LEU A 32 4.68 1.36 13.90
CA LEU A 32 4.81 1.65 12.47
C LEU A 32 3.47 1.52 11.76
N GLY A 33 2.83 0.36 11.90
CA GLY A 33 1.54 0.15 11.25
C GLY A 33 0.56 1.26 11.57
N THR A 34 0.41 1.56 12.87
CA THR A 34 -0.50 2.62 13.29
C THR A 34 -0.15 3.93 12.60
N LEU A 35 1.14 4.11 12.34
CA LEU A 35 1.63 5.30 11.66
C LEU A 35 1.15 5.32 10.21
N MET A 36 1.21 4.15 9.59
CA MET A 36 0.79 3.99 8.20
C MET A 36 -0.72 4.17 8.08
N ARG A 37 -1.42 4.08 9.20
CA ARG A 37 -2.86 4.24 9.22
C ARG A 37 -3.22 5.72 9.18
N THR A 38 -2.63 6.50 10.09
CA THR A 38 -2.87 7.94 10.14
C THR A 38 -2.39 8.62 8.87
N LEU A 39 -1.62 7.89 8.06
CA LEU A 39 -1.10 8.40 6.80
C LEU A 39 -1.73 7.66 5.63
N GLY A 40 -1.74 8.31 4.47
CA GLY A 40 -2.33 7.72 3.28
C GLY A 40 -1.71 6.39 2.86
N GLN A 41 -0.74 5.90 3.62
CA GLN A 41 -0.08 4.64 3.30
C GLN A 41 -1.04 3.46 3.56
N ASN A 42 -0.76 2.34 2.91
CA ASN A 42 -1.62 1.16 3.07
C ASN A 42 -0.93 -0.11 2.56
N PRO A 43 0.09 -0.62 3.30
CA PRO A 43 0.82 -1.83 2.92
C PRO A 43 -0.02 -3.08 3.16
N THR A 44 0.39 -4.19 2.56
CA THR A 44 -0.32 -5.45 2.75
C THR A 44 -0.20 -5.92 4.20
N GLU A 45 -1.32 -6.31 4.79
CA GLU A 45 -1.35 -6.76 6.18
C GLU A 45 -0.17 -7.70 6.46
N ALA A 46 0.13 -8.56 5.49
CA ALA A 46 1.23 -9.51 5.63
C ALA A 46 2.58 -8.79 5.67
N GLU A 47 2.80 -7.91 4.71
CA GLU A 47 4.05 -7.16 4.63
C GLU A 47 4.32 -6.41 5.93
N LEU A 48 3.27 -5.77 6.47
CA LEU A 48 3.40 -5.02 7.71
C LEU A 48 3.87 -5.93 8.84
N GLN A 49 3.33 -7.15 8.88
CA GLN A 49 3.69 -8.11 9.90
C GLN A 49 5.10 -8.67 9.67
N ASP A 50 5.48 -8.78 8.40
CA ASP A 50 6.79 -9.31 8.04
C ASP A 50 7.90 -8.33 8.42
N LEU A 51 7.65 -7.05 8.21
CA LEU A 51 8.61 -6.02 8.54
C LEU A 51 8.80 -5.94 10.06
N ILE A 52 7.69 -6.05 10.78
CA ILE A 52 7.73 -6.00 12.23
C ILE A 52 8.40 -7.23 12.79
N ALA A 53 8.27 -8.34 12.07
CA ALA A 53 8.87 -9.60 12.50
C ALA A 53 10.39 -9.57 12.37
N GLU A 54 10.87 -8.91 11.32
CA GLU A 54 12.30 -8.80 11.08
C GLU A 54 12.99 -8.00 12.18
N ALA A 55 12.46 -6.81 12.45
CA ALA A 55 13.00 -5.94 13.48
C ALA A 55 12.52 -6.36 14.87
N GLU A 56 11.51 -7.23 14.89
CA GLU A 56 10.92 -7.73 16.14
C GLU A 56 11.98 -8.00 17.20
N ASN A 57 12.96 -8.84 16.86
CA ASN A 57 14.02 -9.19 17.79
C ASN A 57 15.39 -9.21 17.10
N ASN A 58 15.90 -8.02 16.79
CA ASN A 58 17.19 -7.88 16.13
C ASN A 58 17.54 -6.41 15.97
N ASN A 59 16.71 -5.55 16.56
CA ASN A 59 16.90 -4.11 16.48
C ASN A 59 15.94 -3.41 17.43
N ASN A 60 15.46 -4.15 18.44
CA ASN A 60 14.50 -3.59 19.41
C ASN A 60 13.23 -3.17 18.68
N GLY A 61 13.19 -3.50 17.39
CA GLY A 61 12.05 -3.12 16.58
C GLY A 61 12.04 -1.62 16.37
N GLN A 62 13.05 -1.11 15.68
CA GLN A 62 13.16 0.32 15.42
C GLN A 62 13.05 0.65 13.94
N LEU A 63 12.65 1.87 13.65
CA LEU A 63 12.51 2.34 12.28
C LEU A 63 13.22 3.67 12.10
N ASN A 64 13.83 3.86 10.94
CA ASN A 64 14.57 5.10 10.65
C ASN A 64 13.86 5.93 9.60
N PHE A 65 14.12 7.23 9.61
CA PHE A 65 13.51 8.14 8.65
C PHE A 65 13.58 7.58 7.24
N THR A 66 14.74 7.05 6.87
CA THR A 66 14.93 6.48 5.54
C THR A 66 14.15 5.18 5.40
N GLU A 67 14.04 4.42 6.48
CA GLU A 67 13.31 3.16 6.47
C GLU A 67 11.85 3.41 6.12
N PHE A 68 11.21 4.28 6.90
CA PHE A 68 9.80 4.61 6.69
C PHE A 68 9.62 5.33 5.36
N CYS A 69 10.36 6.42 5.18
CA CYS A 69 10.27 7.21 3.96
C CYS A 69 10.49 6.32 2.75
N GLY A 70 11.27 5.26 2.92
CA GLY A 70 11.53 4.35 1.83
C GLY A 70 10.27 3.67 1.37
N ILE A 71 9.61 3.02 2.32
CA ILE A 71 8.37 2.35 2.03
C ILE A 71 7.32 3.34 1.58
N MET A 72 7.43 4.56 2.09
CA MET A 72 6.48 5.60 1.74
C MET A 72 6.65 5.96 0.28
N ALA A 73 7.89 5.98 -0.15
CA ALA A 73 8.20 6.29 -1.53
C ALA A 73 7.44 5.33 -2.43
N LYS A 74 7.43 4.05 -2.03
CA LYS A 74 6.72 3.02 -2.79
C LYS A 74 5.22 3.30 -2.76
N GLN A 75 4.68 3.41 -1.55
CA GLN A 75 3.25 3.68 -1.36
C GLN A 75 2.79 4.87 -2.20
N MET A 76 3.58 5.95 -2.17
CA MET A 76 3.27 7.15 -2.92
C MET A 76 3.09 6.87 -4.41
N ARG A 77 3.96 6.03 -4.96
CA ARG A 77 3.88 5.67 -6.37
C ARG A 77 2.49 5.14 -6.72
N GLU A 78 1.77 4.67 -5.71
CA GLU A 78 0.42 4.15 -5.89
C GLU A 78 0.39 3.02 -6.92
N THR A 79 0.48 1.79 -6.41
CA THR A 79 0.47 0.61 -7.27
C THR A 79 0.49 -0.67 -6.43
N ASP A 80 -0.01 -0.55 -5.20
CA ASP A 80 -0.05 -1.69 -4.29
C ASP A 80 -1.44 -1.87 -3.70
N THR A 81 -1.86 -3.12 -3.59
CA THR A 81 -3.17 -3.47 -3.03
C THR A 81 -4.30 -3.17 -4.02
N GLU A 82 -4.08 -2.21 -4.90
CA GLU A 82 -5.08 -1.84 -5.89
C GLU A 82 -5.42 -3.01 -6.79
N GLU A 83 -4.40 -3.61 -7.40
CA GLU A 83 -4.59 -4.76 -8.28
C GLU A 83 -5.09 -5.97 -7.51
N GLU A 84 -4.87 -5.96 -6.19
CA GLU A 84 -5.31 -7.06 -5.34
C GLU A 84 -6.81 -7.02 -5.12
N MET A 85 -7.35 -5.82 -4.88
CA MET A 85 -8.77 -5.67 -4.66
C MET A 85 -9.53 -5.84 -5.97
N ARG A 86 -8.85 -5.53 -7.07
CA ARG A 86 -9.45 -5.68 -8.40
C ARG A 86 -9.71 -7.15 -8.70
N GLU A 87 -8.70 -7.98 -8.43
CA GLU A 87 -8.81 -9.41 -8.64
C GLU A 87 -9.97 -9.96 -7.81
N ALA A 88 -10.07 -9.50 -6.57
CA ALA A 88 -11.14 -9.93 -5.68
C ALA A 88 -12.49 -9.56 -6.27
N PHE A 89 -12.56 -8.38 -6.88
CA PHE A 89 -13.79 -7.90 -7.49
C PHE A 89 -14.24 -8.87 -8.57
N LYS A 90 -13.27 -9.45 -9.27
CA LYS A 90 -13.54 -10.42 -10.32
C LYS A 90 -14.16 -11.69 -9.75
N ILE A 91 -13.62 -12.13 -8.61
CA ILE A 91 -14.12 -13.34 -7.96
C ILE A 91 -15.60 -13.24 -7.66
N PHE A 92 -16.02 -12.09 -7.11
CA PHE A 92 -17.42 -11.87 -6.79
C PHE A 92 -18.24 -11.62 -8.06
N ASP A 93 -17.55 -11.35 -9.16
CA ASP A 93 -18.21 -11.09 -10.44
C ASP A 93 -18.21 -12.36 -11.28
N ARG A 94 -19.40 -12.94 -11.48
CA ARG A 94 -19.53 -14.17 -12.26
C ARG A 94 -19.43 -13.91 -13.76
N ASP A 95 -19.86 -12.73 -14.19
CA ASP A 95 -19.81 -12.38 -15.62
C ASP A 95 -18.64 -11.46 -15.91
N GLY A 96 -18.39 -11.23 -17.19
CA GLY A 96 -17.31 -10.36 -17.61
C GLY A 96 -17.81 -8.98 -17.99
N ASP A 97 -19.10 -8.74 -17.78
CA ASP A 97 -19.72 -7.47 -18.11
C ASP A 97 -18.96 -6.31 -17.47
N GLY A 98 -18.49 -6.52 -16.24
CA GLY A 98 -17.74 -5.49 -15.54
C GLY A 98 -18.46 -4.99 -14.30
N PHE A 99 -19.62 -5.59 -14.02
CA PHE A 99 -20.39 -5.21 -12.84
C PHE A 99 -20.97 -6.44 -12.15
N ILE A 100 -21.25 -6.31 -10.85
CA ILE A 100 -21.79 -7.42 -10.07
C ILE A 100 -23.21 -7.12 -9.59
N SER A 101 -24.07 -8.14 -9.63
CA SER A 101 -25.45 -8.00 -9.19
C SER A 101 -25.70 -8.89 -7.96
N PRO A 102 -26.69 -8.54 -7.12
CA PRO A 102 -27.01 -9.33 -5.92
C PRO A 102 -27.15 -10.82 -6.20
N ALA A 103 -27.48 -11.16 -7.44
CA ALA A 103 -27.63 -12.55 -7.83
C ALA A 103 -26.29 -13.26 -7.83
N GLU A 104 -25.31 -12.62 -8.47
CA GLU A 104 -23.97 -13.15 -8.56
C GLU A 104 -23.29 -12.98 -7.22
N LEU A 105 -23.74 -11.96 -6.52
CA LEU A 105 -23.22 -11.63 -5.21
C LEU A 105 -23.51 -12.76 -4.24
N ARG A 106 -24.78 -13.09 -4.08
CA ARG A 106 -25.17 -14.16 -3.18
C ARG A 106 -24.47 -15.47 -3.54
N PHE A 107 -24.37 -15.75 -4.82
CA PHE A 107 -23.73 -16.98 -5.28
C PHE A 107 -22.28 -17.11 -4.80
N VAL A 108 -21.54 -16.01 -4.80
CA VAL A 108 -20.13 -16.05 -4.41
C VAL A 108 -19.87 -16.07 -2.90
N MET A 109 -20.49 -15.15 -2.14
CA MET A 109 -20.27 -15.09 -0.68
C MET A 109 -20.27 -16.48 -0.06
N ILE A 110 -21.22 -17.29 -0.48
CA ILE A 110 -21.36 -18.65 0.02
C ILE A 110 -20.13 -19.50 -0.29
N ASN A 111 -19.52 -19.26 -1.45
CA ASN A 111 -18.32 -20.00 -1.83
C ASN A 111 -17.19 -19.74 -0.84
N LEU A 112 -17.03 -18.48 -0.45
CA LEU A 112 -16.01 -18.08 0.50
C LEU A 112 -16.13 -18.88 1.79
N GLY A 113 -17.36 -19.22 2.14
CA GLY A 113 -17.62 -19.97 3.35
C GLY A 113 -18.23 -19.11 4.44
N GLU A 114 -18.70 -17.94 4.05
CA GLU A 114 -19.31 -17.01 4.99
C GLU A 114 -20.80 -16.85 4.73
N LYS A 115 -21.57 -17.86 5.14
CA LYS A 115 -23.02 -17.84 4.96
C LYS A 115 -23.60 -16.52 5.46
N VAL A 116 -23.97 -15.65 4.51
CA VAL A 116 -24.52 -14.34 4.85
C VAL A 116 -25.97 -14.25 4.40
N THR A 117 -26.72 -13.38 5.06
CA THR A 117 -28.11 -13.17 4.71
C THR A 117 -28.22 -12.28 3.49
N ASP A 118 -29.09 -12.66 2.56
CA ASP A 118 -29.28 -11.91 1.32
C ASP A 118 -29.52 -10.42 1.63
N GLU A 119 -29.87 -10.13 2.87
CA GLU A 119 -30.14 -8.77 3.31
C GLU A 119 -28.84 -7.99 3.56
N GLU A 120 -27.91 -8.58 4.31
CA GLU A 120 -26.65 -7.92 4.63
C GLU A 120 -25.83 -7.61 3.37
N ILE A 121 -25.84 -8.54 2.41
CA ILE A 121 -25.08 -8.32 1.18
C ILE A 121 -25.85 -7.41 0.23
N ASP A 122 -27.18 -7.43 0.30
CA ASP A 122 -28.00 -6.56 -0.53
C ASP A 122 -27.78 -5.12 -0.12
N GLU A 123 -27.58 -4.91 1.18
CA GLU A 123 -27.34 -3.59 1.73
C GLU A 123 -25.96 -3.11 1.33
N MET A 124 -25.00 -4.03 1.28
CA MET A 124 -23.63 -3.70 0.90
C MET A 124 -23.61 -3.12 -0.52
N ILE A 125 -24.31 -3.80 -1.43
CA ILE A 125 -24.38 -3.35 -2.81
C ILE A 125 -25.03 -1.97 -2.89
N ARG A 126 -26.03 -1.74 -2.05
CA ARG A 126 -26.73 -0.47 -2.02
C ARG A 126 -25.81 0.65 -1.55
N GLU A 127 -25.04 0.39 -0.51
CA GLU A 127 -24.11 1.37 0.04
C GLU A 127 -22.97 1.68 -0.92
N ALA A 128 -22.60 0.69 -1.74
CA ALA A 128 -21.53 0.87 -2.71
C ALA A 128 -22.04 1.52 -3.99
N ASP A 129 -23.26 1.19 -4.35
CA ASP A 129 -23.88 1.74 -5.57
C ASP A 129 -24.25 3.21 -5.37
N PHE A 130 -23.48 4.09 -5.98
CA PHE A 130 -23.73 5.53 -5.88
C PHE A 130 -24.51 6.04 -7.09
N ASP A 131 -24.23 5.47 -8.26
CA ASP A 131 -24.91 5.89 -9.49
C ASP A 131 -26.38 5.50 -9.46
N GLY A 132 -26.65 4.21 -9.29
CA GLY A 132 -28.03 3.73 -9.25
C GLY A 132 -28.35 2.80 -10.41
N ASP A 133 -27.79 1.60 -10.36
CA ASP A 133 -28.04 0.60 -11.41
C ASP A 133 -28.11 -0.80 -10.82
N GLY A 134 -27.96 -0.90 -9.50
CA GLY A 134 -28.03 -2.19 -8.84
C GLY A 134 -26.87 -3.09 -9.19
N MET A 135 -25.77 -2.49 -9.63
CA MET A 135 -24.58 -3.24 -10.02
C MET A 135 -23.33 -2.63 -9.38
N ILE A 136 -22.29 -3.44 -9.20
CA ILE A 136 -21.05 -2.96 -8.59
C ILE A 136 -19.88 -2.99 -9.57
N ASN A 137 -19.16 -1.89 -9.62
CA ASN A 137 -18.00 -1.77 -10.50
C ASN A 137 -16.74 -1.62 -9.65
N TYR A 138 -15.58 -1.92 -10.24
CA TYR A 138 -14.30 -1.84 -9.52
C TYR A 138 -14.24 -0.64 -8.57
N GLU A 139 -15.01 0.41 -8.87
CA GLU A 139 -15.01 1.60 -8.03
C GLU A 139 -15.87 1.39 -6.79
N GLU A 140 -17.13 1.01 -6.99
CA GLU A 140 -18.04 0.77 -5.89
C GLU A 140 -17.52 -0.35 -5.00
N PHE A 141 -16.84 -1.31 -5.63
CA PHE A 141 -16.28 -2.44 -4.90
C PHE A 141 -15.15 -2.01 -3.98
N VAL A 142 -14.16 -1.34 -4.57
CA VAL A 142 -13.00 -0.85 -3.83
C VAL A 142 -13.41 -0.12 -2.55
N TRP A 143 -14.48 0.66 -2.63
CA TRP A 143 -14.95 1.41 -1.48
C TRP A 143 -15.58 0.51 -0.42
N MET A 144 -16.59 -0.27 -0.82
CA MET A 144 -17.29 -1.15 0.12
C MET A 144 -16.38 -2.21 0.73
N ILE A 145 -15.31 -2.56 0.02
CA ILE A 145 -14.39 -3.57 0.52
C ILE A 145 -13.43 -2.98 1.54
N SER A 146 -13.05 -1.74 1.34
CA SER A 146 -12.13 -1.05 2.25
C SER A 146 -12.79 -0.87 3.62
N GLN A 147 -14.10 -1.04 3.66
CA GLN A 147 -14.86 -0.89 4.89
C GLN A 147 -14.63 -2.08 5.81
N LYS A 148 -14.37 -3.24 5.21
CA LYS A 148 -14.13 -4.47 5.98
C LYS A 148 -12.96 -4.28 6.94
CA CA B . -21.59 -9.68 -13.51
CA CA C . -23.60 0.84 -9.37
N SER A 2 0.97 11.38 -2.33
CA SER A 2 1.23 10.81 -3.68
C SER A 2 2.70 10.94 -4.06
N GLU A 3 3.40 11.84 -3.38
CA GLU A 3 4.82 12.06 -3.64
C GLU A 3 5.53 12.55 -2.37
N LEU A 4 6.85 12.72 -2.47
CA LEU A 4 7.63 13.19 -1.33
C LEU A 4 8.03 14.66 -1.52
N THR A 5 7.08 15.57 -1.31
CA THR A 5 7.33 16.99 -1.44
C THR A 5 7.76 17.59 -0.11
N GLU A 6 8.30 18.80 -0.12
CA GLU A 6 8.75 19.47 1.10
C GLU A 6 7.70 19.37 2.21
N GLU A 7 6.44 19.60 1.85
CA GLU A 7 5.35 19.55 2.81
C GLU A 7 5.01 18.13 3.22
N GLN A 8 4.80 17.28 2.23
CA GLN A 8 4.46 15.88 2.48
C GLN A 8 5.54 15.20 3.33
N ILE A 9 6.80 15.40 2.94
CA ILE A 9 7.92 14.82 3.68
C ILE A 9 7.87 15.23 5.15
N ALA A 10 7.74 16.53 5.38
CA ALA A 10 7.68 17.06 6.74
C ALA A 10 6.38 16.64 7.44
N GLU A 11 5.39 16.22 6.64
CA GLU A 11 4.10 15.82 7.18
C GLU A 11 4.18 14.47 7.89
N PHE A 12 4.65 13.44 7.19
CA PHE A 12 4.76 12.12 7.79
C PHE A 12 6.00 12.01 8.66
N LYS A 13 7.02 12.80 8.35
CA LYS A 13 8.24 12.78 9.15
C LYS A 13 7.91 13.30 10.54
N ASP A 14 7.04 14.30 10.61
CA ASP A 14 6.60 14.84 11.88
C ASP A 14 5.80 13.79 12.63
N ALA A 15 4.90 13.12 11.89
CA ALA A 15 4.09 12.06 12.45
C ALA A 15 4.97 10.90 12.91
N PHE A 16 6.15 10.82 12.30
CA PHE A 16 7.12 9.78 12.60
C PHE A 16 7.88 10.12 13.89
N VAL A 17 8.12 11.41 14.10
CA VAL A 17 8.82 11.86 15.28
C VAL A 17 7.95 11.69 16.51
N GLN A 18 6.64 11.77 16.31
CA GLN A 18 5.67 11.61 17.39
C GLN A 18 5.68 10.18 17.90
N PHE A 19 6.28 9.28 17.11
CA PHE A 19 6.36 7.88 17.46
C PHE A 19 7.72 7.56 18.09
N ASP A 20 8.67 8.48 17.95
CA ASP A 20 10.00 8.28 18.52
C ASP A 20 9.92 8.05 20.03
N LYS A 21 10.03 6.79 20.43
CA LYS A 21 9.96 6.44 21.85
C LYS A 21 11.34 6.23 22.45
N GLU A 22 12.08 5.26 21.92
CA GLU A 22 13.42 4.94 22.41
C GLU A 22 14.28 6.20 22.52
N GLY A 23 14.27 7.00 21.46
CA GLY A 23 15.05 8.23 21.46
C GLY A 23 16.26 8.16 20.55
N THR A 24 16.47 7.00 19.94
CA THR A 24 17.60 6.80 19.04
C THR A 24 17.28 7.34 17.65
N GLY A 25 16.43 8.38 17.59
CA GLY A 25 16.05 8.94 16.32
C GLY A 25 15.25 7.97 15.49
N LYS A 26 14.88 6.85 16.11
CA LYS A 26 14.11 5.81 15.46
C LYS A 26 12.87 5.45 16.27
N ILE A 27 11.86 4.90 15.60
CA ILE A 27 10.63 4.51 16.27
C ILE A 27 10.43 3.01 16.25
N ALA A 28 9.70 2.49 17.22
CA ALA A 28 9.45 1.06 17.32
C ALA A 28 8.63 0.55 16.14
N THR A 29 9.05 -0.59 15.61
CA THR A 29 8.37 -1.22 14.47
C THR A 29 6.93 -1.57 14.81
N ARG A 30 6.67 -1.82 16.09
CA ARG A 30 5.32 -2.17 16.54
C ARG A 30 4.39 -0.98 16.46
N GLU A 31 4.91 0.13 15.94
CA GLU A 31 4.11 1.35 15.81
C GLU A 31 4.02 1.80 14.36
N LEU A 32 4.86 1.22 13.50
CA LEU A 32 4.86 1.56 12.08
C LEU A 32 3.46 1.46 11.50
N GLY A 33 2.77 0.37 11.79
CA GLY A 33 1.42 0.17 11.29
C GLY A 33 0.51 1.36 11.56
N THR A 34 0.52 1.83 12.80
CA THR A 34 -0.31 2.98 13.17
C THR A 34 0.17 4.25 12.47
N LEU A 35 1.45 4.25 12.12
CA LEU A 35 2.05 5.40 11.43
C LEU A 35 1.53 5.51 10.00
N MET A 36 1.40 4.38 9.34
CA MET A 36 0.93 4.34 7.95
C MET A 36 -0.59 4.46 7.86
N ARG A 37 -1.28 4.10 8.94
CA ARG A 37 -2.74 4.19 8.93
C ARG A 37 -3.21 5.63 9.09
N THR A 38 -2.50 6.40 9.91
CA THR A 38 -2.84 7.80 10.12
C THR A 38 -2.45 8.63 8.90
N LEU A 39 -1.65 8.04 8.02
CA LEU A 39 -1.20 8.71 6.81
C LEU A 39 -1.77 8.01 5.57
N GLY A 40 -1.85 8.72 4.45
CA GLY A 40 -2.38 8.16 3.23
C GLY A 40 -1.89 6.75 2.94
N GLN A 41 -0.67 6.45 3.39
CA GLN A 41 -0.08 5.12 3.17
C GLN A 41 -0.98 4.00 3.67
N ASN A 42 -0.69 2.78 3.21
CA ASN A 42 -1.47 1.61 3.61
C ASN A 42 -0.89 0.33 3.00
N PRO A 43 0.13 -0.27 3.66
CA PRO A 43 0.76 -1.51 3.16
C PRO A 43 -0.13 -2.72 3.33
N THR A 44 0.45 -3.90 3.22
CA THR A 44 -0.28 -5.15 3.38
C THR A 44 -0.02 -5.74 4.76
N GLU A 45 -1.07 -6.25 5.39
CA GLU A 45 -0.96 -6.82 6.73
C GLU A 45 0.30 -7.67 6.87
N ALA A 46 0.53 -8.57 5.91
CA ALA A 46 1.69 -9.44 5.94
C ALA A 46 2.99 -8.64 5.99
N GLU A 47 3.10 -7.63 5.13
CA GLU A 47 4.30 -6.79 5.07
C GLU A 47 4.58 -6.15 6.42
N LEU A 48 3.57 -5.48 6.97
CA LEU A 48 3.70 -4.82 8.27
C LEU A 48 4.20 -5.81 9.32
N GLN A 49 3.74 -7.05 9.22
CA GLN A 49 4.12 -8.11 10.15
C GLN A 49 5.54 -8.60 9.85
N ASP A 50 5.93 -8.51 8.58
CA ASP A 50 7.25 -8.94 8.15
C ASP A 50 8.34 -8.13 8.81
N LEU A 51 8.17 -6.81 8.82
CA LEU A 51 9.14 -5.92 9.43
C LEU A 51 9.15 -6.09 10.94
N ILE A 52 7.96 -6.11 11.54
CA ILE A 52 7.85 -6.26 12.99
C ILE A 52 8.39 -7.60 13.45
N ALA A 53 8.30 -8.61 12.60
CA ALA A 53 8.77 -9.95 12.95
C ALA A 53 10.29 -10.04 12.84
N GLU A 54 10.83 -9.57 11.73
CA GLU A 54 12.28 -9.59 11.53
C GLU A 54 12.97 -8.69 12.54
N ALA A 55 12.40 -7.50 12.74
CA ALA A 55 12.96 -6.53 13.69
C ALA A 55 12.53 -6.85 15.12
N GLU A 56 11.55 -7.74 15.27
CA GLU A 56 11.03 -8.12 16.58
C GLU A 56 12.13 -8.26 17.61
N ASN A 57 13.10 -9.10 17.30
CA ASN A 57 14.21 -9.34 18.21
C ASN A 57 15.56 -9.26 17.49
N ASN A 58 16.08 -8.05 17.37
CA ASN A 58 17.34 -7.81 16.70
C ASN A 58 17.87 -6.42 17.03
N ASN A 59 16.96 -5.56 17.49
CA ASN A 59 17.32 -4.18 17.84
C ASN A 59 16.14 -3.48 18.49
N ASN A 60 15.34 -4.23 19.25
CA ASN A 60 14.16 -3.68 19.92
C ASN A 60 13.12 -3.24 18.89
N GLY A 61 13.47 -3.43 17.61
CA GLY A 61 12.57 -3.04 16.54
C GLY A 61 12.49 -1.53 16.42
N GLN A 62 13.39 -0.94 15.65
CA GLN A 62 13.42 0.50 15.45
C GLN A 62 13.53 0.83 13.97
N LEU A 63 13.05 2.03 13.58
CA LEU A 63 13.07 2.45 12.18
C LEU A 63 13.54 3.88 12.01
N ASN A 64 14.06 4.19 10.84
CA ASN A 64 14.55 5.53 10.52
C ASN A 64 13.65 6.21 9.49
N PHE A 65 13.66 7.53 9.47
CA PHE A 65 12.85 8.30 8.53
C PHE A 65 12.95 7.73 7.11
N THR A 66 14.15 7.33 6.71
CA THR A 66 14.36 6.78 5.37
C THR A 66 13.66 5.43 5.19
N GLU A 67 13.56 4.66 6.26
CA GLU A 67 12.89 3.36 6.18
C GLU A 67 11.44 3.55 5.80
N PHE A 68 10.75 4.36 6.59
CA PHE A 68 9.34 4.66 6.34
C PHE A 68 9.19 5.33 4.98
N CYS A 69 9.91 6.43 4.79
CA CYS A 69 9.86 7.18 3.55
C CYS A 69 10.01 6.24 2.38
N GLY A 70 11.04 5.44 2.46
CA GLY A 70 11.33 4.46 1.43
C GLY A 70 10.09 3.73 0.98
N ILE A 71 9.37 3.14 1.91
CA ILE A 71 8.16 2.42 1.58
C ILE A 71 7.08 3.37 1.10
N MET A 72 7.12 4.61 1.59
CA MET A 72 6.12 5.59 1.20
C MET A 72 6.30 5.91 -0.27
N ALA A 73 7.54 5.85 -0.72
CA ALA A 73 7.87 6.11 -2.10
C ALA A 73 7.33 4.99 -2.97
N LYS A 74 7.41 3.78 -2.42
CA LYS A 74 6.93 2.59 -3.11
C LYS A 74 5.40 2.62 -3.25
N GLN A 75 4.72 3.02 -2.18
CA GLN A 75 3.26 3.09 -2.19
C GLN A 75 2.75 4.29 -2.99
N MET A 76 3.32 5.46 -2.73
CA MET A 76 2.94 6.68 -3.43
C MET A 76 2.90 6.49 -4.95
N ARG A 77 3.98 5.93 -5.49
CA ARG A 77 4.08 5.71 -6.94
C ARG A 77 3.03 4.70 -7.42
N GLU A 78 2.47 3.94 -6.48
CA GLU A 78 1.45 2.94 -6.82
C GLU A 78 0.05 3.55 -6.88
N THR A 79 -0.55 3.76 -5.71
CA THR A 79 -1.89 4.33 -5.65
C THR A 79 -2.08 5.16 -4.38
N ASP A 80 -3.24 5.81 -4.27
CA ASP A 80 -3.54 6.63 -3.11
C ASP A 80 -4.65 5.99 -2.26
N THR A 81 -4.45 4.71 -1.93
CA THR A 81 -5.41 3.96 -1.12
C THR A 81 -6.70 3.68 -1.87
N GLU A 82 -6.84 4.26 -3.06
CA GLU A 82 -8.03 4.07 -3.88
C GLU A 82 -8.30 2.59 -4.12
N GLU A 83 -7.25 1.84 -4.45
CA GLU A 83 -7.39 0.41 -4.71
C GLU A 83 -7.81 -0.34 -3.45
N GLU A 84 -7.16 -0.01 -2.33
CA GLU A 84 -7.47 -0.66 -1.06
C GLU A 84 -8.93 -0.46 -0.69
N MET A 85 -9.54 0.60 -1.22
CA MET A 85 -10.93 0.90 -0.95
C MET A 85 -11.84 0.03 -1.80
N ARG A 86 -11.44 -0.19 -3.05
CA ARG A 86 -12.21 -1.00 -3.97
C ARG A 86 -12.17 -2.46 -3.54
N GLU A 87 -10.98 -2.94 -3.19
CA GLU A 87 -10.81 -4.32 -2.75
C GLU A 87 -11.65 -4.59 -1.51
N ALA A 88 -11.58 -3.67 -0.54
CA ALA A 88 -12.33 -3.81 0.69
C ALA A 88 -13.82 -3.95 0.40
N PHE A 89 -14.29 -3.19 -0.58
CA PHE A 89 -15.69 -3.23 -0.98
C PHE A 89 -16.07 -4.63 -1.45
N LYS A 90 -15.19 -5.24 -2.23
CA LYS A 90 -15.42 -6.58 -2.76
C LYS A 90 -15.52 -7.60 -1.63
N ILE A 91 -14.68 -7.43 -0.62
CA ILE A 91 -14.68 -8.34 0.53
C ILE A 91 -16.05 -8.39 1.20
N PHE A 92 -16.60 -7.21 1.51
CA PHE A 92 -17.92 -7.14 2.16
C PHE A 92 -19.00 -7.69 1.23
N ASP A 93 -18.67 -7.85 -0.05
CA ASP A 93 -19.61 -8.37 -1.03
C ASP A 93 -19.38 -9.87 -1.26
N ARG A 94 -20.35 -10.70 -0.85
CA ARG A 94 -20.24 -12.14 -1.02
C ARG A 94 -20.48 -12.54 -2.47
N ASP A 95 -21.36 -11.80 -3.15
CA ASP A 95 -21.67 -12.08 -4.55
C ASP A 95 -20.86 -11.20 -5.49
N GLY A 96 -20.91 -11.53 -6.78
CA GLY A 96 -20.19 -10.75 -7.77
C GLY A 96 -21.08 -9.78 -8.52
N ASP A 97 -22.35 -9.68 -8.09
CA ASP A 97 -23.31 -8.80 -8.72
C ASP A 97 -22.77 -7.37 -8.83
N GLY A 98 -22.09 -6.92 -7.77
CA GLY A 98 -21.53 -5.58 -7.77
C GLY A 98 -22.10 -4.72 -6.66
N PHE A 99 -22.93 -5.32 -5.81
CA PHE A 99 -23.53 -4.60 -4.70
C PHE A 99 -23.55 -5.47 -3.43
N ILE A 100 -23.60 -4.82 -2.27
CA ILE A 100 -23.58 -5.53 -1.00
C ILE A 100 -24.90 -5.36 -0.25
N SER A 101 -25.28 -6.39 0.50
CA SER A 101 -26.49 -6.37 1.29
C SER A 101 -26.17 -6.55 2.77
N PRO A 102 -27.02 -6.04 3.68
CA PRO A 102 -26.80 -6.16 5.12
C PRO A 102 -26.40 -7.57 5.54
N ALA A 103 -27.02 -8.57 4.91
CA ALA A 103 -26.71 -9.96 5.21
C ALA A 103 -25.25 -10.26 4.91
N GLU A 104 -24.84 -9.96 3.68
CA GLU A 104 -23.48 -10.18 3.23
C GLU A 104 -22.51 -9.51 4.18
N LEU A 105 -22.82 -8.27 4.55
CA LEU A 105 -21.99 -7.49 5.45
C LEU A 105 -21.87 -8.22 6.78
N ARG A 106 -23.02 -8.59 7.33
CA ARG A 106 -23.09 -9.28 8.61
C ARG A 106 -22.14 -10.47 8.67
N PHE A 107 -21.93 -11.14 7.55
CA PHE A 107 -21.04 -12.28 7.51
C PHE A 107 -19.58 -11.85 7.38
N VAL A 108 -19.35 -10.69 6.76
CA VAL A 108 -17.99 -10.20 6.54
C VAL A 108 -17.37 -9.48 7.75
N MET A 109 -18.08 -8.51 8.33
CA MET A 109 -17.51 -7.76 9.47
C MET A 109 -16.93 -8.71 10.52
N ILE A 110 -17.57 -9.85 10.69
CA ILE A 110 -17.12 -10.85 11.65
C ILE A 110 -15.77 -11.43 11.23
N ASN A 111 -15.57 -11.51 9.91
CA ASN A 111 -14.33 -12.03 9.34
C ASN A 111 -13.16 -11.13 9.72
N LEU A 112 -13.40 -9.82 9.65
CA LEU A 112 -12.39 -8.82 9.99
C LEU A 112 -11.89 -9.02 11.42
N GLY A 113 -12.82 -9.38 12.28
CA GLY A 113 -12.51 -9.58 13.69
C GLY A 113 -13.28 -8.63 14.57
N GLU A 114 -14.21 -7.91 13.96
CA GLU A 114 -15.03 -6.93 14.67
C GLU A 114 -16.50 -7.34 14.61
N LYS A 115 -17.11 -7.53 15.78
CA LYS A 115 -18.51 -7.91 15.88
C LYS A 115 -19.42 -6.69 15.90
N VAL A 116 -20.53 -6.78 15.17
CA VAL A 116 -21.49 -5.69 15.10
C VAL A 116 -22.92 -6.22 15.04
N THR A 117 -23.86 -5.40 15.47
CA THR A 117 -25.27 -5.75 15.43
C THR A 117 -25.85 -5.40 14.07
N ASP A 118 -26.76 -6.24 13.59
CA ASP A 118 -27.38 -6.02 12.28
C ASP A 118 -28.01 -4.62 12.20
N GLU A 119 -28.16 -3.97 13.34
CA GLU A 119 -28.76 -2.64 13.39
C GLU A 119 -27.73 -1.56 13.04
N GLU A 120 -26.60 -1.55 13.74
CA GLU A 120 -25.56 -0.56 13.50
C GLU A 120 -25.06 -0.58 12.06
N ILE A 121 -24.96 -1.77 11.46
CA ILE A 121 -24.47 -1.88 10.10
C ILE A 121 -25.57 -1.53 9.09
N ASP A 122 -26.79 -1.98 9.35
CA ASP A 122 -27.91 -1.67 8.46
C ASP A 122 -28.05 -0.17 8.31
N GLU A 123 -27.70 0.56 9.37
CA GLU A 123 -27.76 2.02 9.36
C GLU A 123 -26.63 2.59 8.53
N MET A 124 -25.44 2.00 8.68
CA MET A 124 -24.28 2.46 7.93
C MET A 124 -24.51 2.29 6.43
N ILE A 125 -25.35 1.32 6.09
CA ILE A 125 -25.67 1.05 4.69
C ILE A 125 -26.66 2.07 4.15
N ARG A 126 -27.66 2.42 4.96
CA ARG A 126 -28.67 3.38 4.56
C ARG A 126 -28.07 4.79 4.45
N GLU A 127 -27.10 5.08 5.30
CA GLU A 127 -26.45 6.38 5.30
C GLU A 127 -25.56 6.54 4.07
N ALA A 128 -25.14 5.42 3.50
CA ALA A 128 -24.28 5.45 2.31
C ALA A 128 -25.11 5.22 1.05
N ASP A 129 -26.26 4.57 1.21
CA ASP A 129 -27.14 4.28 0.09
C ASP A 129 -27.95 5.50 -0.32
N PHE A 130 -27.59 6.09 -1.45
CA PHE A 130 -28.28 7.27 -1.96
C PHE A 130 -29.42 6.89 -2.90
N ASP A 131 -29.13 6.03 -3.87
CA ASP A 131 -30.13 5.59 -4.83
C ASP A 131 -31.34 4.97 -4.15
N GLY A 132 -31.14 4.48 -2.93
CA GLY A 132 -32.22 3.87 -2.19
C GLY A 132 -32.63 2.52 -2.72
N ASP A 133 -31.76 1.52 -2.54
CA ASP A 133 -32.05 0.17 -3.01
C ASP A 133 -31.71 -0.86 -1.95
N GLY A 134 -31.07 -0.40 -0.86
CA GLY A 134 -30.71 -1.30 0.21
C GLY A 134 -29.43 -2.06 -0.07
N MET A 135 -28.68 -1.60 -1.07
CA MET A 135 -27.42 -2.24 -1.45
C MET A 135 -26.32 -1.20 -1.59
N ILE A 136 -25.07 -1.65 -1.46
CA ILE A 136 -23.92 -0.74 -1.55
C ILE A 136 -23.07 -1.05 -2.77
N ASN A 137 -22.66 0.02 -3.45
CA ASN A 137 -21.83 -0.08 -4.63
C ASN A 137 -20.50 0.61 -4.37
N TYR A 138 -19.46 0.25 -5.13
CA TYR A 138 -18.13 0.86 -4.96
C TYR A 138 -18.22 2.36 -4.68
N GLU A 139 -19.29 2.99 -5.14
CA GLU A 139 -19.47 4.43 -4.94
C GLU A 139 -19.93 4.73 -3.51
N GLU A 140 -21.04 4.11 -3.10
CA GLU A 140 -21.56 4.32 -1.76
C GLU A 140 -20.53 3.88 -0.74
N PHE A 141 -19.82 2.81 -1.06
CA PHE A 141 -18.81 2.27 -0.17
C PHE A 141 -17.70 3.29 0.06
N VAL A 142 -17.10 3.78 -1.02
CA VAL A 142 -16.03 4.76 -0.93
C VAL A 142 -16.41 5.89 0.02
N TRP A 143 -17.66 6.32 -0.05
CA TRP A 143 -18.15 7.40 0.80
C TRP A 143 -18.19 7.00 2.28
N MET A 144 -18.71 5.81 2.57
CA MET A 144 -18.84 5.36 3.95
C MET A 144 -17.51 4.88 4.54
N ILE A 145 -16.59 4.43 3.71
CA ILE A 145 -15.30 3.96 4.20
C ILE A 145 -14.42 5.14 4.56
N SER A 146 -14.59 6.25 3.84
CA SER A 146 -13.82 7.45 4.12
C SER A 146 -14.16 7.97 5.52
N GLN A 147 -15.25 7.44 6.07
CA GLN A 147 -15.71 7.82 7.40
C GLN A 147 -15.17 6.87 8.45
N LYS A 148 -15.59 5.60 8.39
CA LYS A 148 -15.15 4.58 9.33
C LYS A 148 -15.33 5.06 10.78
CA CA B . -23.82 -9.00 -3.33
CA CA C . -27.26 1.68 -3.29
N SER A 2 2.01 12.38 -5.21
CA SER A 2 2.43 12.83 -3.86
C SER A 2 3.95 13.02 -3.80
N GLU A 3 4.67 11.90 -3.81
CA GLU A 3 6.13 11.94 -3.76
C GLU A 3 6.62 12.63 -2.49
N LEU A 4 7.93 12.78 -2.36
CA LEU A 4 8.52 13.43 -1.20
C LEU A 4 8.56 14.94 -1.39
N THR A 5 7.37 15.56 -1.45
CA THR A 5 7.27 17.00 -1.62
C THR A 5 7.39 17.70 -0.28
N GLU A 6 7.80 18.97 -0.29
CA GLU A 6 7.98 19.74 0.95
C GLU A 6 6.87 19.45 1.97
N GLU A 7 5.63 19.36 1.50
CA GLU A 7 4.50 19.10 2.38
C GLU A 7 4.45 17.63 2.79
N GLN A 8 4.64 16.74 1.81
CA GLN A 8 4.64 15.31 2.08
C GLN A 8 5.74 14.95 3.07
N ILE A 9 6.94 15.43 2.79
CA ILE A 9 8.09 15.17 3.66
C ILE A 9 7.77 15.55 5.09
N ALA A 10 7.30 16.78 5.28
CA ALA A 10 6.95 17.27 6.61
C ALA A 10 5.75 16.53 7.19
N GLU A 11 4.96 15.90 6.32
CA GLU A 11 3.76 15.18 6.75
C GLU A 11 4.10 13.91 7.52
N PHE A 12 4.87 13.01 6.90
CA PHE A 12 5.24 11.76 7.56
C PHE A 12 6.39 11.99 8.54
N LYS A 13 7.24 12.97 8.24
CA LYS A 13 8.35 13.29 9.13
C LYS A 13 7.81 13.71 10.49
N ASP A 14 6.69 14.42 10.46
CA ASP A 14 6.04 14.86 11.69
C ASP A 14 5.47 13.66 12.42
N ALA A 15 4.66 12.87 11.72
CA ALA A 15 4.07 11.68 12.31
C ALA A 15 5.13 10.68 12.76
N PHE A 16 6.37 10.89 12.29
CA PHE A 16 7.48 10.02 12.62
C PHE A 16 8.01 10.32 14.02
N VAL A 17 8.35 11.58 14.27
CA VAL A 17 8.86 12.00 15.56
C VAL A 17 7.81 11.79 16.65
N GLN A 18 6.55 11.85 16.25
CA GLN A 18 5.44 11.67 17.18
C GLN A 18 5.45 10.28 17.80
N PHE A 19 6.20 9.36 17.19
CA PHE A 19 6.29 7.99 17.71
C PHE A 19 7.73 7.63 18.09
N ASP A 20 8.55 8.65 18.33
CA ASP A 20 9.94 8.43 18.72
C ASP A 20 10.07 8.34 20.24
N LYS A 21 10.19 7.12 20.76
CA LYS A 21 10.30 6.91 22.20
C LYS A 21 11.76 6.67 22.62
N GLU A 22 12.35 5.60 22.09
CA GLU A 22 13.72 5.23 22.41
C GLU A 22 14.65 6.45 22.39
N GLY A 23 14.47 7.31 21.39
CA GLY A 23 15.30 8.49 21.29
C GLY A 23 16.55 8.24 20.48
N THR A 24 16.69 7.02 19.99
CA THR A 24 17.85 6.63 19.19
C THR A 24 17.70 7.10 17.74
N GLY A 25 16.94 8.17 17.54
CA GLY A 25 16.72 8.67 16.20
C GLY A 25 15.85 7.71 15.40
N LYS A 26 15.43 6.65 16.08
CA LYS A 26 14.59 5.63 15.47
C LYS A 26 13.31 5.44 16.28
N ILE A 27 12.26 4.94 15.62
CA ILE A 27 10.98 4.73 16.30
C ILE A 27 10.63 3.25 16.37
N ALA A 28 9.91 2.87 17.42
CA ALA A 28 9.51 1.49 17.60
C ALA A 28 8.60 1.03 16.45
N THR A 29 9.02 -0.03 15.77
CA THR A 29 8.25 -0.58 14.65
C THR A 29 6.86 -1.03 15.10
N ARG A 30 6.72 -1.27 16.40
CA ARG A 30 5.45 -1.70 16.95
C ARG A 30 4.41 -0.59 16.80
N GLU A 31 4.89 0.60 16.43
CA GLU A 31 4.03 1.75 16.24
C GLU A 31 3.96 2.13 14.77
N LEU A 32 4.79 1.49 13.96
CA LEU A 32 4.82 1.76 12.52
C LEU A 32 3.44 1.60 11.90
N GLY A 33 2.81 0.44 12.13
CA GLY A 33 1.50 0.20 11.57
C GLY A 33 0.53 1.31 11.92
N THR A 34 0.66 1.86 13.12
CA THR A 34 -0.19 2.95 13.56
C THR A 34 0.11 4.21 12.75
N LEU A 35 1.36 4.31 12.32
CA LEU A 35 1.81 5.44 11.50
C LEU A 35 1.33 5.29 10.07
N MET A 36 1.32 4.06 9.59
CA MET A 36 0.92 3.75 8.24
C MET A 36 -0.60 3.84 8.07
N ARG A 37 -1.33 3.68 9.18
CA ARG A 37 -2.80 3.78 9.13
C ARG A 37 -3.23 5.24 9.12
N THR A 38 -2.58 6.05 9.95
CA THR A 38 -2.90 7.49 10.01
C THR A 38 -2.46 8.19 8.73
N LEU A 39 -1.65 7.48 7.93
CA LEU A 39 -1.15 8.00 6.66
C LEU A 39 -1.75 7.21 5.50
N GLY A 40 -1.80 7.84 4.32
CA GLY A 40 -2.37 7.21 3.14
C GLY A 40 -1.68 5.91 2.73
N GLN A 41 -0.65 5.51 3.47
CA GLN A 41 0.07 4.28 3.17
C GLN A 41 -0.80 3.06 3.44
N ASN A 42 -0.85 2.14 2.47
CA ASN A 42 -1.66 0.94 2.60
C ASN A 42 -0.82 -0.33 2.41
N PRO A 43 0.10 -0.64 3.35
CA PRO A 43 0.94 -1.84 3.25
C PRO A 43 0.12 -3.11 3.43
N THR A 44 0.48 -4.16 2.70
CA THR A 44 -0.23 -5.42 2.81
C THR A 44 -0.24 -5.91 4.25
N GLU A 45 -1.41 -6.38 4.72
CA GLU A 45 -1.54 -6.86 6.09
C GLU A 45 -0.35 -7.74 6.47
N ALA A 46 -0.06 -8.73 5.64
CA ALA A 46 1.05 -9.65 5.88
C ALA A 46 2.37 -8.90 5.86
N GLU A 47 2.49 -7.93 4.95
CA GLU A 47 3.72 -7.15 4.82
C GLU A 47 4.04 -6.41 6.12
N LEU A 48 3.07 -5.69 6.65
CA LEU A 48 3.24 -4.93 7.88
C LEU A 48 3.70 -5.85 9.02
N GLN A 49 3.03 -6.98 9.17
CA GLN A 49 3.35 -7.94 10.22
C GLN A 49 4.71 -8.61 9.97
N ASP A 50 5.04 -8.78 8.70
CA ASP A 50 6.30 -9.42 8.32
C ASP A 50 7.50 -8.51 8.57
N LEU A 51 7.31 -7.21 8.32
CA LEU A 51 8.38 -6.25 8.52
C LEU A 51 8.70 -6.09 10.00
N ILE A 52 7.66 -6.02 10.83
CA ILE A 52 7.87 -5.87 12.26
C ILE A 52 8.52 -7.10 12.84
N ALA A 53 8.09 -8.27 12.36
CA ALA A 53 8.62 -9.53 12.84
C ALA A 53 10.08 -9.69 12.45
N GLU A 54 10.46 -9.12 11.31
CA GLU A 54 11.83 -9.19 10.84
C GLU A 54 12.76 -8.50 11.82
N ALA A 55 12.47 -7.24 12.13
CA ALA A 55 13.27 -6.46 13.08
C ALA A 55 12.91 -6.80 14.52
N GLU A 56 11.78 -7.48 14.69
CA GLU A 56 11.28 -7.86 16.02
C GLU A 56 12.37 -8.47 16.89
N ASN A 57 13.07 -9.47 16.34
CA ASN A 57 14.13 -10.15 17.08
C ASN A 57 15.49 -9.49 16.86
N ASN A 58 15.71 -8.97 15.66
CA ASN A 58 16.98 -8.31 15.33
C ASN A 58 17.30 -7.22 16.35
N ASN A 59 16.41 -6.25 16.47
CA ASN A 59 16.59 -5.15 17.40
C ASN A 59 15.34 -5.00 18.27
N ASN A 60 15.27 -3.90 19.03
CA ASN A 60 14.12 -3.65 19.88
C ASN A 60 12.95 -3.13 19.05
N GLY A 61 12.93 -3.51 17.77
CA GLY A 61 11.88 -3.04 16.89
C GLY A 61 12.01 -1.55 16.67
N GLN A 62 13.03 -1.14 15.93
CA GLN A 62 13.27 0.27 15.64
C GLN A 62 13.24 0.53 14.13
N LEU A 63 12.95 1.77 13.75
CA LEU A 63 12.87 2.16 12.34
C LEU A 63 13.63 3.45 12.10
N ASN A 64 14.10 3.63 10.86
CA ASN A 64 14.85 4.84 10.49
C ASN A 64 14.04 5.67 9.50
N PHE A 65 14.28 6.97 9.52
CA PHE A 65 13.59 7.89 8.62
C PHE A 65 13.62 7.37 7.19
N THR A 66 14.78 6.90 6.77
CA THR A 66 14.97 6.37 5.43
C THR A 66 14.09 5.16 5.17
N GLU A 67 13.91 4.33 6.20
CA GLU A 67 13.09 3.13 6.07
C GLU A 67 11.63 3.47 5.78
N PHE A 68 11.04 4.29 6.65
CA PHE A 68 9.65 4.69 6.47
C PHE A 68 9.49 5.53 5.20
N CYS A 69 10.36 6.51 5.03
CA CYS A 69 10.31 7.38 3.86
C CYS A 69 10.41 6.55 2.60
N GLY A 70 11.23 5.50 2.66
CA GLY A 70 11.40 4.63 1.52
C GLY A 70 10.10 4.03 1.07
N ILE A 71 9.33 3.53 2.03
CA ILE A 71 8.04 2.94 1.73
C ILE A 71 7.01 4.01 1.39
N MET A 72 7.18 5.19 1.96
CA MET A 72 6.25 6.27 1.71
C MET A 72 6.34 6.66 0.25
N ALA A 73 7.56 6.70 -0.23
CA ALA A 73 7.83 7.03 -1.61
C ALA A 73 7.25 5.96 -2.52
N LYS A 74 7.34 4.72 -2.08
CA LYS A 74 6.84 3.58 -2.83
C LYS A 74 5.31 3.57 -2.92
N GLN A 75 4.65 3.81 -1.79
CA GLN A 75 3.19 3.81 -1.75
C GLN A 75 2.58 5.12 -2.28
N MET A 76 3.10 6.25 -1.80
CA MET A 76 2.60 7.54 -2.24
C MET A 76 2.63 7.64 -3.76
N ARG A 77 3.70 7.13 -4.36
CA ARG A 77 3.85 7.13 -5.81
C ARG A 77 3.06 5.98 -6.44
N GLU A 78 2.79 4.96 -5.63
CA GLU A 78 2.05 3.79 -6.11
C GLU A 78 0.69 4.19 -6.67
N THR A 79 -0.20 4.66 -5.80
CA THR A 79 -1.55 5.06 -6.21
C THR A 79 -2.26 3.89 -6.86
N ASP A 80 -2.31 2.77 -6.15
CA ASP A 80 -2.95 1.56 -6.66
C ASP A 80 -2.56 1.33 -8.11
N THR A 81 -1.43 0.67 -8.28
CA THR A 81 -0.88 0.37 -9.60
C THR A 81 -1.88 -0.36 -10.48
N GLU A 82 -2.86 0.36 -10.97
CA GLU A 82 -3.90 -0.19 -11.84
C GLU A 82 -3.29 -0.90 -13.05
N GLU A 83 -2.47 -0.17 -13.79
CA GLU A 83 -1.82 -0.71 -14.98
C GLU A 83 -1.00 -1.96 -14.64
N GLU A 84 -0.39 -1.94 -13.45
CA GLU A 84 0.44 -3.06 -13.02
C GLU A 84 -0.42 -4.21 -12.50
N MET A 85 -1.70 -3.93 -12.23
CA MET A 85 -2.61 -4.95 -11.73
C MET A 85 -3.01 -5.88 -12.86
N ARG A 86 -3.30 -5.30 -14.02
CA ARG A 86 -3.69 -6.07 -15.18
C ARG A 86 -2.48 -6.81 -15.74
N GLU A 87 -1.36 -6.10 -15.84
CA GLU A 87 -0.12 -6.68 -16.35
C GLU A 87 0.35 -7.83 -15.47
N ALA A 88 0.45 -7.56 -14.15
CA ALA A 88 0.88 -8.58 -13.20
C ALA A 88 0.05 -9.86 -13.36
N PHE A 89 -1.26 -9.67 -13.47
CA PHE A 89 -2.17 -10.80 -13.65
C PHE A 89 -1.72 -11.68 -14.80
N LYS A 90 -1.39 -11.05 -15.92
CA LYS A 90 -0.94 -11.78 -17.10
C LYS A 90 0.40 -12.45 -16.85
N ILE A 91 1.29 -11.77 -16.14
CA ILE A 91 2.61 -12.30 -15.83
C ILE A 91 2.50 -13.57 -14.99
N PHE A 92 1.47 -13.63 -14.13
CA PHE A 92 1.26 -14.78 -13.27
C PHE A 92 0.66 -15.94 -14.05
N ASP A 93 0.16 -15.64 -15.25
CA ASP A 93 -0.45 -16.66 -16.10
C ASP A 93 0.55 -17.14 -17.15
N ARG A 94 0.86 -18.43 -17.15
CA ARG A 94 1.80 -19.00 -18.10
C ARG A 94 1.19 -19.12 -19.48
N ASP A 95 -0.11 -19.47 -19.52
CA ASP A 95 -0.81 -19.63 -20.79
C ASP A 95 -1.56 -18.35 -21.17
N GLY A 96 -2.14 -18.36 -22.37
CA GLY A 96 -2.89 -17.21 -22.84
C GLY A 96 -4.38 -17.42 -22.67
N ASP A 97 -4.75 -18.52 -22.03
CA ASP A 97 -6.14 -18.86 -21.79
C ASP A 97 -6.91 -17.69 -21.18
N GLY A 98 -6.25 -16.93 -20.32
CA GLY A 98 -6.89 -15.81 -19.68
C GLY A 98 -7.18 -16.06 -18.22
N PHE A 99 -6.71 -17.20 -17.72
CA PHE A 99 -6.91 -17.57 -16.32
C PHE A 99 -5.65 -18.20 -15.75
N ILE A 100 -5.49 -18.11 -14.43
CA ILE A 100 -4.33 -18.66 -13.76
C ILE A 100 -4.68 -19.83 -12.85
N SER A 101 -3.70 -20.70 -12.63
CA SER A 101 -3.89 -21.87 -11.76
C SER A 101 -2.86 -21.86 -10.64
N PRO A 102 -3.14 -22.51 -9.50
CA PRO A 102 -2.23 -22.57 -8.36
C PRO A 102 -0.82 -23.02 -8.76
N ALA A 103 -0.74 -23.88 -9.77
CA ALA A 103 0.54 -24.38 -10.25
C ALA A 103 1.27 -23.32 -11.05
N GLU A 104 0.51 -22.60 -11.88
CA GLU A 104 1.08 -21.56 -12.72
C GLU A 104 1.52 -20.41 -11.83
N LEU A 105 0.77 -20.22 -10.76
CA LEU A 105 1.04 -19.18 -9.80
C LEU A 105 2.31 -19.49 -9.01
N ARG A 106 2.35 -20.70 -8.46
CA ARG A 106 3.49 -21.13 -7.67
C ARG A 106 4.78 -21.12 -8.50
N PHE A 107 4.62 -21.21 -9.81
CA PHE A 107 5.77 -21.21 -10.71
C PHE A 107 6.28 -19.79 -10.99
N VAL A 108 5.36 -18.83 -11.06
CA VAL A 108 5.71 -17.45 -11.38
C VAL A 108 6.26 -16.63 -10.19
N MET A 109 5.54 -16.60 -9.06
CA MET A 109 6.00 -15.79 -7.92
C MET A 109 7.48 -16.00 -7.64
N ILE A 110 7.96 -17.21 -7.87
CA ILE A 110 9.36 -17.54 -7.65
C ILE A 110 10.26 -16.66 -8.52
N ASN A 111 9.81 -16.45 -9.76
CA ASN A 111 10.53 -15.62 -10.72
C ASN A 111 10.79 -14.22 -10.16
N LEU A 112 9.86 -13.75 -9.34
CA LEU A 112 9.96 -12.43 -8.76
C LEU A 112 10.53 -12.49 -7.35
N GLY A 113 11.21 -13.59 -7.04
CA GLY A 113 11.81 -13.77 -5.73
C GLY A 113 10.80 -13.68 -4.60
N GLU A 114 9.51 -13.80 -4.93
CA GLU A 114 8.46 -13.74 -3.93
C GLU A 114 8.62 -14.87 -2.90
N LYS A 115 8.80 -16.09 -3.39
CA LYS A 115 8.95 -17.25 -2.53
C LYS A 115 7.78 -17.37 -1.56
N VAL A 116 6.81 -18.20 -1.92
CA VAL A 116 5.61 -18.39 -1.10
C VAL A 116 5.26 -19.86 -0.97
N THR A 117 4.53 -20.18 0.10
CA THR A 117 4.08 -21.54 0.32
C THR A 117 2.84 -21.82 -0.53
N ASP A 118 2.74 -23.02 -1.05
CA ASP A 118 1.61 -23.40 -1.90
C ASP A 118 0.28 -23.09 -1.24
N GLU A 119 0.30 -22.89 0.08
CA GLU A 119 -0.92 -22.61 0.84
C GLU A 119 -1.37 -21.16 0.72
N GLU A 120 -0.49 -20.22 1.05
CA GLU A 120 -0.83 -18.79 1.00
C GLU A 120 -1.39 -18.37 -0.36
N ILE A 121 -0.81 -18.89 -1.45
CA ILE A 121 -1.30 -18.52 -2.78
C ILE A 121 -2.54 -19.32 -3.15
N ASP A 122 -2.61 -20.58 -2.72
CA ASP A 122 -3.78 -21.40 -3.00
C ASP A 122 -5.01 -20.78 -2.36
N GLU A 123 -4.79 -20.09 -1.24
CA GLU A 123 -5.87 -19.44 -0.51
C GLU A 123 -6.29 -18.17 -1.23
N MET A 124 -5.32 -17.42 -1.74
CA MET A 124 -5.59 -16.18 -2.46
C MET A 124 -6.46 -16.47 -3.69
N ILE A 125 -6.30 -17.66 -4.24
CA ILE A 125 -7.06 -18.09 -5.41
C ILE A 125 -8.47 -18.49 -5.00
N ARG A 126 -8.59 -19.16 -3.86
CA ARG A 126 -9.88 -19.60 -3.35
C ARG A 126 -10.74 -18.41 -2.93
N GLU A 127 -10.09 -17.36 -2.45
CA GLU A 127 -10.80 -16.17 -1.99
C GLU A 127 -11.28 -15.32 -3.17
N ALA A 128 -10.50 -15.30 -4.25
CA ALA A 128 -10.84 -14.52 -5.43
C ALA A 128 -11.80 -15.28 -6.35
N ASP A 129 -11.65 -16.59 -6.40
CA ASP A 129 -12.49 -17.42 -7.24
C ASP A 129 -13.94 -17.43 -6.73
N PHE A 130 -14.79 -16.66 -7.40
CA PHE A 130 -16.19 -16.56 -7.01
C PHE A 130 -17.04 -17.61 -7.73
N ASP A 131 -16.88 -17.71 -9.04
CA ASP A 131 -17.63 -18.68 -9.84
C ASP A 131 -17.40 -20.10 -9.34
N GLY A 132 -16.23 -20.35 -8.77
CA GLY A 132 -15.91 -21.68 -8.27
C GLY A 132 -15.47 -22.62 -9.37
N ASP A 133 -14.18 -22.59 -9.70
CA ASP A 133 -13.65 -23.45 -10.75
C ASP A 133 -12.18 -23.76 -10.50
N GLY A 134 -11.45 -22.80 -9.94
CA GLY A 134 -10.04 -23.00 -9.66
C GLY A 134 -9.14 -22.19 -10.57
N MET A 135 -9.71 -21.15 -11.18
CA MET A 135 -8.94 -20.30 -12.09
C MET A 135 -9.14 -18.82 -11.73
N ILE A 136 -8.14 -18.00 -12.02
CA ILE A 136 -8.22 -16.57 -11.72
C ILE A 136 -8.23 -15.74 -12.99
N ASN A 137 -9.16 -14.80 -13.05
CA ASN A 137 -9.30 -13.90 -14.18
C ASN A 137 -9.00 -12.47 -13.74
N TYR A 138 -8.62 -11.61 -14.68
CA TYR A 138 -8.32 -10.21 -14.37
C TYR A 138 -9.32 -9.63 -13.35
N GLU A 139 -10.50 -10.23 -13.27
CA GLU A 139 -11.53 -9.77 -12.35
C GLU A 139 -11.25 -10.26 -10.93
N GLU A 140 -11.11 -11.58 -10.76
CA GLU A 140 -10.83 -12.14 -9.46
C GLU A 140 -9.49 -11.62 -8.94
N PHE A 141 -8.56 -11.43 -9.88
CA PHE A 141 -7.23 -10.95 -9.54
C PHE A 141 -7.31 -9.56 -8.93
N VAL A 142 -7.92 -8.63 -9.67
CA VAL A 142 -8.06 -7.25 -9.21
C VAL A 142 -8.64 -7.20 -7.80
N TRP A 143 -9.57 -8.11 -7.52
CA TRP A 143 -10.21 -8.15 -6.22
C TRP A 143 -9.26 -8.63 -5.13
N MET A 144 -8.53 -9.71 -5.40
CA MET A 144 -7.61 -10.28 -4.41
C MET A 144 -6.34 -9.44 -4.23
N ILE A 145 -5.97 -8.67 -5.24
CA ILE A 145 -4.78 -7.84 -5.15
C ILE A 145 -5.08 -6.56 -4.38
N SER A 146 -6.31 -6.08 -4.50
CA SER A 146 -6.73 -4.87 -3.80
C SER A 146 -6.71 -5.11 -2.29
N GLN A 147 -6.63 -6.39 -1.92
CA GLN A 147 -6.59 -6.78 -0.52
C GLN A 147 -5.17 -6.65 0.03
N LYS A 148 -4.21 -6.64 -0.89
CA LYS A 148 -2.80 -6.52 -0.52
C LYS A 148 -2.44 -5.07 -0.21
CA CA B . -3.40 -20.39 -17.39
CA CA C . -12.49 -18.40 -10.85
#